data_7R8M
#
_entry.id   7R8M
#
_cell.length_a   1.00
_cell.length_b   1.00
_cell.length_c   1.00
_cell.angle_alpha   90.00
_cell.angle_beta   90.00
_cell.angle_gamma   90.00
#
_symmetry.space_group_name_H-M   'P 1'
#
loop_
_entity.id
_entity.type
_entity.pdbx_description
1 polymer 'Spike glycoprotein'
2 polymer 'C032 Fab Heavy Chain'
3 polymer 'C032 Fab Light Chain'
4 branched 2-acetamido-2-deoxy-beta-D-glucopyranose-(1-4)-2-acetamido-2-deoxy-beta-D-glucopyranose
5 branched 2-acetamido-2-deoxy-beta-D-glucopyranose-(1-4)-[alpha-L-fucopyranose-(1-6)]2-acetamido-2-deoxy-beta-D-glucopyranose
6 non-polymer 2-acetamido-2-deoxy-beta-D-glucopyranose
#
loop_
_entity_poly.entity_id
_entity_poly.type
_entity_poly.pdbx_seq_one_letter_code
_entity_poly.pdbx_strand_id
1 'polypeptide(L)'
;MFVFLVLLPLVSSQCVNLTTRTQLPPAYTNSFTRGVYYPDKVFRSSVLHSTQDLFLPFFSNVTWFHAIHVSGTNGTKRFD
NPVLPFNDGVYFASTEKSNIIRGWIFGTTLDSKTQSLLIVNNATNVVIKVCEFQFCNDPFLGVYYHKNNKSWMESEFRVY
SSANNCTFEYVSQPFLMDLEGKQGNFKNLREFVFKNIDGYFKIYSKHTPINLVRDLPQGFSALEPLVDLPIGINITRFQT
LLALHRSYLTPGDSSSGWTAGAAAYYVGYLQPRTFLLKYNENGTITDAVDCALDPLSETKCTLKSFTVEKGIYQTSNFRV
QPTESIVRFPNITNLCPFGEVFNATRFASVYAWNRKRISNCVADYSVLYNSASFSTFKCYGVSPTKLNDLCFTNVYADSF
VIRGDEVRQIAPGQTGKIADYNYKLPDDFTGCVIAWNSNNLDSKVGGNYNYLYRLFRKSNLKPFERDISTEIYQAGSTPC
NGVEGFNCYFPLQSYGFQPTNGVGYQPYRVVVLSFELLHAPATVCGPKKSTNLVKNKCVNFNFNGLTGTGVLTESNKKFL
PFQQFGRDIADTTDAVRDPQTLEILDITPCSFGGVSVITPGTNTSNQVAVLYQDVNCTEVPVAIHADQLTPTWRVYSTGS
NVFQTRAGCLIGAEHVNNSYECDIPIGAGICASYQTQTNSPASVASQSIIAYTMSLGAENSVAYSNNSIAIPTNFTISVT
TEILPVSMTKTSVDCTMYICGDSTECSNLLLQYGSFCTQLNRALTGIAVEQDKNTQEVFAQVKQIYKTPPIKDFGGFNFS
QILPDPSKPSKRSPIEDLLFNKVTLADAGFIKQYGDCLGDIAARDLICAQKFNGLTVLPPLLTDEMIAQYTSALLAGTIT
SGWTFGAGPALQIPFPMQMAYRFNGIGVTQNVLYENQKLIANQFNSAIGKIQDSLSSTPSALGKLQDVVNQNAQALNTLV
KQLSSNFGAISSVLNDILSRLDPPEAEVQIDRLITGRLQSLQTYVTQQLIRAAEIRASANLAATKMSECVLGQSKRVDFC
GKGYHLMSFPQSAPHGVVFLHVTYVPAQEKNFTTAPAICHDGKAHFPREGVFVSNGTHWFVTQRNFYEPQIITTDNTFVS
GNCDVVIGIVNNTVYDPLQPELDSFKEELDKYFKNHTSPDVDLGDISGINASVVNIQKEIDRLNEVAKNLNESLIDLQEL
GKYEQYIKWPSGRLVPRGSPGSGYIPEAPRDGQAYVRKDGEWVLLSTFLGHHHHHHGLNDIFEAQKIEWHE
;
A,B,C
2 'polypeptide(L)'
;EVQLVQSGAEVKKPGESLKISCKGSGYSFTSYWIGWVRQMPGKGLEWMGIIYPGDSDTRYSPSFQGQVTISADKSISTAY
LQWSSLKASDTAMYYCARGVAVDWYFDLWGRGTLVTVSSASTKGPSVFPLAPSSKSTSGGTAALGCLVKDYFPEPVTVSW
NSGALTSGVHTFPAVLQSSGLYSLSSVVTVPSSSLGTQTYICNVNHKPSNTKVDKRVEPKSCDKT
;
D,H
3 'polypeptide(L)'
;QSVLTQPPSVSGAPGQRVTISCTGSSSNIGAGYDVHWYQQLPGTAPKLLIYGNSNRPSGVPDRFSGSKSGTSASLAITGL
QAEDEADYYCQSYDSSLSALYVFGTGTKVTVLGQPKAAPSVTLFPPSSEELQANKATLVCLISDFYPGAVTVAWKADSSP
VKAGVETTTPSKQSNNKYAASSYLSLTPEQWKSHRSYSCQVTHEGSTVEKTVAPTECS
;
E,L
#
# COMPACT_ATOMS: atom_id res chain seq x y z
N ALA A 27 20.48 50.58 11.01
CA ALA A 27 21.61 49.97 11.69
C ALA A 27 21.94 48.61 11.09
N TYR A 28 23.19 48.44 10.63
CA TYR A 28 23.65 47.20 10.03
C TYR A 28 24.83 46.66 10.82
N THR A 29 24.79 45.36 11.11
CA THR A 29 25.85 44.68 11.84
C THR A 29 25.77 43.21 11.46
N ASN A 30 26.77 42.44 11.87
CA ASN A 30 26.85 41.00 11.56
C ASN A 30 26.48 40.21 12.81
N SER A 31 25.26 39.67 12.83
CA SER A 31 24.81 38.77 13.90
C SER A 31 25.24 37.36 13.50
N PHE A 32 26.44 36.96 13.93
CA PHE A 32 27.09 35.77 13.41
C PHE A 32 26.35 34.48 13.69
N THR A 33 26.25 34.09 14.97
CA THR A 33 25.71 32.78 15.33
C THR A 33 24.87 32.89 16.59
N ARG A 34 23.96 33.87 16.64
CA ARG A 34 23.12 34.08 17.81
C ARG A 34 21.73 33.51 17.55
N GLY A 35 21.10 33.03 18.63
CA GLY A 35 19.73 32.55 18.58
C GLY A 35 19.56 31.05 18.64
N VAL A 36 20.65 30.28 18.55
CA VAL A 36 20.56 28.82 18.56
C VAL A 36 20.05 28.37 19.92
N TYR A 37 19.08 27.44 19.90
CA TYR A 37 18.53 26.93 21.15
C TYR A 37 17.95 25.55 20.91
N TYR A 38 17.70 24.85 22.01
CA TYR A 38 17.22 23.47 21.96
C TYR A 38 15.76 23.44 21.50
N PRO A 39 15.42 22.68 20.45
CA PRO A 39 14.07 22.78 19.88
C PRO A 39 12.96 22.29 20.81
N ASP A 40 13.06 21.05 21.33
CA ASP A 40 11.91 20.47 22.01
C ASP A 40 12.27 19.71 23.28
N LYS A 41 13.41 20.01 23.90
CA LYS A 41 13.80 19.40 25.18
C LYS A 41 13.84 17.87 25.05
N VAL A 42 14.31 17.39 23.91
CA VAL A 42 14.50 15.96 23.66
C VAL A 42 15.97 15.71 23.41
N PHE A 43 16.56 14.79 24.16
CA PHE A 43 18.00 14.59 24.09
C PHE A 43 18.37 13.83 22.81
N ARG A 44 19.32 14.39 22.07
CA ARG A 44 19.86 13.77 20.87
C ARG A 44 21.37 13.89 20.92
N SER A 45 22.08 12.77 20.76
CA SER A 45 23.52 12.73 20.95
C SER A 45 24.20 12.34 19.64
N SER A 46 25.13 13.20 19.21
CA SER A 46 25.99 12.92 18.05
C SER A 46 25.17 12.56 16.81
N VAL A 47 24.09 13.31 16.58
CA VAL A 47 23.24 13.12 15.41
C VAL A 47 22.94 14.48 14.78
N LEU A 48 22.53 14.44 13.53
CA LEU A 48 22.14 15.63 12.77
C LEU A 48 20.63 15.63 12.63
N HIS A 49 19.99 16.68 13.12
CA HIS A 49 18.54 16.79 13.10
C HIS A 49 18.13 18.10 12.46
N SER A 50 17.19 18.03 11.53
CA SER A 50 16.68 19.21 10.84
C SER A 50 15.29 19.54 11.37
N THR A 51 15.06 20.81 11.69
CA THR A 51 13.78 21.25 12.22
C THR A 51 13.36 22.55 11.55
N GLN A 52 12.05 22.79 11.54
CA GLN A 52 11.48 24.04 11.04
C GLN A 52 11.09 24.85 12.27
N ASP A 53 11.99 25.71 12.72
CA ASP A 53 11.82 26.39 13.99
C ASP A 53 12.24 27.85 13.87
N LEU A 54 11.68 28.67 14.75
CA LEU A 54 12.01 30.09 14.81
C LEU A 54 13.46 30.28 15.26
N PHE A 55 14.21 31.07 14.50
CA PHE A 55 15.62 31.30 14.80
C PHE A 55 16.05 32.63 14.23
N LEU A 56 17.17 33.14 14.75
CA LEU A 56 17.82 34.31 14.17
C LEU A 56 18.73 33.85 13.04
N PRO A 57 18.54 34.33 11.81
CA PRO A 57 19.38 33.88 10.70
C PRO A 57 20.84 34.28 10.91
N PHE A 58 21.73 33.41 10.45
CA PHE A 58 23.18 33.70 10.61
C PHE A 58 23.50 34.94 9.78
N PHE A 59 24.42 35.77 10.27
CA PHE A 59 24.81 37.00 9.54
C PHE A 59 23.58 37.88 9.33
N SER A 60 22.82 38.18 10.39
CA SER A 60 21.68 39.13 10.29
C SER A 60 22.12 40.47 10.88
N ASN A 61 21.21 41.41 11.14
CA ASN A 61 21.64 42.76 11.61
C ASN A 61 21.11 43.09 13.01
N VAL A 62 21.68 44.10 13.66
CA VAL A 62 21.26 44.49 15.05
C VAL A 62 20.67 45.90 15.07
N THR A 63 19.99 46.29 16.15
CA THR A 63 19.46 47.68 16.30
C THR A 63 20.15 48.30 17.52
N TRP A 64 21.44 48.62 17.41
CA TRP A 64 22.23 49.16 18.55
C TRP A 64 21.50 50.30 19.25
N PHE A 65 21.30 50.18 20.57
CA PHE A 65 20.62 51.20 21.36
C PHE A 65 21.44 51.53 22.59
N HIS A 66 21.28 52.73 23.11
CA HIS A 66 21.75 53.03 24.45
C HIS A 66 20.57 53.25 25.42
N PHE A 79 21.20 57.61 28.81
CA PHE A 79 20.88 56.54 27.87
C PHE A 79 19.39 56.53 27.55
N ASP A 80 19.06 56.62 26.26
CA ASP A 80 17.69 56.61 25.79
C ASP A 80 17.34 55.21 25.30
N ASN A 81 16.20 54.69 25.75
CA ASN A 81 15.76 53.33 25.43
C ASN A 81 14.36 53.40 24.83
N PRO A 82 14.25 53.78 23.55
CA PRO A 82 12.92 53.88 22.93
C PRO A 82 12.24 52.53 22.87
N VAL A 83 10.90 52.57 22.92
CA VAL A 83 10.10 51.34 22.95
C VAL A 83 9.93 50.86 21.52
N LEU A 84 10.41 49.65 21.24
CA LEU A 84 10.44 49.11 19.88
C LEU A 84 9.53 47.89 19.77
N PRO A 85 8.91 47.68 18.60
CA PRO A 85 7.88 46.64 18.48
C PRO A 85 8.46 45.23 18.50
N PHE A 86 7.58 44.28 18.82
CA PHE A 86 7.85 42.84 18.77
C PHE A 86 6.73 42.23 17.93
N ASN A 87 7.01 41.95 16.65
CA ASN A 87 5.93 41.66 15.71
C ASN A 87 5.43 40.22 15.84
N ASP A 88 6.26 39.25 15.49
CA ASP A 88 5.88 37.85 15.58
C ASP A 88 6.97 37.07 16.32
N GLY A 89 8.22 37.52 16.16
CA GLY A 89 9.34 36.96 16.87
C GLY A 89 10.53 37.90 16.83
N VAL A 90 11.12 38.16 17.98
CA VAL A 90 12.21 39.14 18.09
C VAL A 90 13.22 38.60 19.10
N TYR A 91 14.50 38.69 18.74
CA TYR A 91 15.57 38.39 19.68
C TYR A 91 15.96 39.66 20.44
N PHE A 92 16.45 39.49 21.66
CA PHE A 92 16.95 40.59 22.47
C PHE A 92 18.30 40.21 23.06
N ALA A 93 19.24 41.14 23.03
CA ALA A 93 20.56 40.93 23.60
C ALA A 93 20.90 42.07 24.55
N SER A 94 22.04 41.94 25.22
CA SER A 94 22.51 42.95 26.16
C SER A 94 24.00 42.73 26.42
N THR A 95 24.56 43.59 27.27
CA THR A 95 25.96 43.49 27.65
C THR A 95 26.08 43.20 29.14
N ASN A 99 24.33 44.05 37.32
CA ASN A 99 22.97 44.56 37.37
C ASN A 99 22.83 45.83 36.54
N ILE A 100 23.10 45.71 35.24
CA ILE A 100 23.00 46.83 34.32
C ILE A 100 21.74 46.78 33.46
N ILE A 101 21.17 45.61 33.24
CA ILE A 101 19.83 45.47 32.67
C ILE A 101 18.97 44.71 33.68
N ARG A 102 17.81 45.26 34.00
CA ARG A 102 17.00 44.74 35.09
C ARG A 102 15.76 43.98 34.62
N GLY A 103 15.04 44.49 33.62
CA GLY A 103 13.80 43.84 33.25
C GLY A 103 13.27 44.33 31.91
N TRP A 104 12.01 43.96 31.66
CA TRP A 104 11.34 44.24 30.40
C TRP A 104 9.87 44.54 30.65
N ILE A 105 9.26 45.23 29.69
CA ILE A 105 7.83 45.50 29.68
C ILE A 105 7.28 45.04 28.34
N PHE A 106 6.36 44.08 28.35
CA PHE A 106 5.78 43.51 27.15
C PHE A 106 4.31 43.90 27.11
N GLY A 107 4.02 45.09 26.57
CA GLY A 107 2.67 45.61 26.61
C GLY A 107 2.14 46.14 25.29
N THR A 108 1.04 45.56 24.81
CA THR A 108 0.39 46.09 23.61
C THR A 108 -0.13 47.50 23.83
N THR A 109 -0.78 47.74 24.97
CA THR A 109 -1.25 49.08 25.33
C THR A 109 -1.10 49.25 26.82
N LEU A 110 -0.24 50.18 27.23
CA LEU A 110 0.08 50.40 28.63
C LEU A 110 -1.01 51.24 29.29
N ASP A 111 -0.71 51.75 30.48
CA ASP A 111 -1.63 52.59 31.25
C ASP A 111 -2.88 51.82 31.67
N SER A 112 -2.67 50.59 32.15
CA SER A 112 -3.73 49.74 32.68
C SER A 112 -4.85 49.54 31.65
N LYS A 113 -4.46 49.10 30.47
CA LYS A 113 -5.41 48.83 29.39
C LYS A 113 -5.37 47.39 28.89
N THR A 114 -4.18 46.79 28.83
CA THR A 114 -4.03 45.44 28.31
C THR A 114 -3.09 44.66 29.21
N GLN A 115 -3.31 43.35 29.30
CA GLN A 115 -2.43 42.48 30.06
C GLN A 115 -1.02 42.53 29.49
N SER A 116 -0.03 42.68 30.37
CA SER A 116 1.35 42.85 29.96
C SER A 116 2.26 42.01 30.84
N LEU A 117 3.45 41.70 30.32
CA LEU A 117 4.47 40.96 31.04
C LEU A 117 5.48 41.95 31.61
N LEU A 118 5.56 42.03 32.93
CA LEU A 118 6.59 42.80 33.62
C LEU A 118 7.55 41.81 34.24
N ILE A 119 8.52 41.36 33.46
CA ILE A 119 9.55 40.42 33.89
C ILE A 119 10.78 41.23 34.31
N VAL A 120 11.16 41.10 35.58
CA VAL A 120 12.31 41.81 36.13
C VAL A 120 13.08 40.86 37.04
N ASN A 121 14.40 40.90 36.94
CA ASN A 121 15.29 39.99 37.66
C ASN A 121 16.09 40.80 38.68
N ASN A 122 15.60 40.81 39.92
CA ASN A 122 16.29 41.47 41.02
C ASN A 122 15.58 41.08 42.32
N ALA A 123 16.03 41.69 43.42
CA ALA A 123 15.43 41.54 44.75
C ALA A 123 15.51 40.11 45.28
N THR A 124 16.39 39.29 44.70
CA THR A 124 16.66 37.92 45.14
C THR A 124 15.47 37.02 44.82
N ASN A 125 14.37 37.58 44.33
CA ASN A 125 13.22 36.80 43.89
C ASN A 125 12.73 37.36 42.56
N VAL A 126 12.81 36.56 41.50
CA VAL A 126 12.35 37.00 40.20
C VAL A 126 10.84 36.89 40.12
N VAL A 127 10.21 37.84 39.45
CA VAL A 127 8.75 37.92 39.36
C VAL A 127 8.35 38.09 37.90
N ILE A 128 7.42 37.26 37.44
CA ILE A 128 6.89 37.32 36.08
C ILE A 128 5.38 37.35 36.18
N LYS A 129 4.79 38.50 35.88
CA LYS A 129 3.36 38.71 36.06
C LYS A 129 2.69 38.99 34.72
N VAL A 130 1.39 38.74 34.65
CA VAL A 130 0.60 39.09 33.48
C VAL A 130 -0.49 40.04 34.00
N CYS A 131 -0.17 40.75 35.08
CA CYS A 131 -1.12 41.69 35.67
C CYS A 131 -1.41 42.82 34.69
N GLU A 132 -2.60 43.41 34.82
CA GLU A 132 -2.96 44.57 34.00
C GLU A 132 -2.23 45.80 34.54
N PHE A 133 -0.90 45.76 34.40
CA PHE A 133 -0.06 46.80 34.95
C PHE A 133 -0.36 48.15 34.31
N GLN A 134 -0.36 49.19 35.13
CA GLN A 134 -0.38 50.56 34.62
C GLN A 134 1.07 50.98 34.40
N PHE A 135 1.65 50.44 33.32
CA PHE A 135 3.04 50.72 32.99
C PHE A 135 3.16 52.18 32.58
N CYS A 136 3.85 52.96 33.41
CA CYS A 136 3.99 54.40 33.18
C CYS A 136 4.96 54.63 32.04
N ASN A 137 5.30 55.91 31.80
CA ASN A 137 6.24 56.24 30.74
C ASN A 137 7.60 55.58 30.97
N ASP A 138 8.00 55.43 32.24
CA ASP A 138 9.24 54.73 32.55
C ASP A 138 9.26 54.26 34.01
N PRO A 139 8.53 53.20 34.35
CA PRO A 139 8.73 52.58 35.66
C PRO A 139 10.16 52.07 35.78
N PHE A 140 10.70 52.16 37.00
CA PHE A 140 12.09 51.76 37.20
C PHE A 140 12.29 51.34 38.65
N LEU A 141 13.37 50.59 38.87
CA LEU A 141 13.73 50.13 40.19
C LEU A 141 14.44 51.25 40.97
N GLY A 142 14.52 51.06 42.28
CA GLY A 142 15.17 52.02 43.15
C GLY A 142 14.30 53.22 43.45
N GLU A 156 14.62 50.46 48.32
CA GLU A 156 14.43 51.28 47.13
C GLU A 156 13.86 50.44 45.98
N PHE A 157 12.57 50.63 45.69
CA PHE A 157 11.92 49.89 44.63
C PHE A 157 10.67 50.65 44.21
N ARG A 158 10.56 50.95 42.90
CA ARG A 158 9.42 51.70 42.40
C ARG A 158 8.91 51.16 41.06
N VAL A 159 9.22 49.91 40.73
CA VAL A 159 8.81 49.36 39.44
C VAL A 159 7.31 49.15 39.39
N TYR A 160 6.71 48.71 40.49
CA TYR A 160 5.29 48.41 40.51
C TYR A 160 4.47 49.67 40.31
N SER A 161 3.40 49.55 39.51
CA SER A 161 2.50 50.67 39.24
C SER A 161 1.11 50.10 38.96
N SER A 162 0.26 50.11 39.98
CA SER A 162 -1.12 49.62 39.89
C SER A 162 -1.15 48.15 39.45
N ALA A 163 -0.57 47.31 40.30
CA ALA A 163 -0.49 45.87 40.04
C ALA A 163 -1.71 45.19 40.63
N ASN A 164 -2.64 44.78 39.77
CA ASN A 164 -3.85 44.09 40.20
C ASN A 164 -4.44 43.35 39.00
N ASN A 165 -5.42 42.50 39.28
CA ASN A 165 -6.14 41.73 38.26
C ASN A 165 -5.16 40.98 37.36
N CYS A 166 -4.44 40.06 37.99
CA CYS A 166 -3.34 39.36 37.34
C CYS A 166 -3.85 38.09 36.67
N THR A 167 -3.75 38.05 35.34
CA THR A 167 -4.22 36.89 34.59
C THR A 167 -3.36 35.66 34.88
N PHE A 168 -2.04 35.84 34.92
CA PHE A 168 -1.12 34.77 35.25
C PHE A 168 -0.11 35.26 36.28
N GLU A 169 0.42 34.33 37.08
CA GLU A 169 1.34 34.65 38.16
C GLU A 169 2.51 33.68 38.13
N TYR A 170 3.71 34.22 38.34
CA TYR A 170 4.91 33.39 38.44
C TYR A 170 5.92 34.08 39.35
N VAL A 171 6.25 33.42 40.47
CA VAL A 171 7.33 33.82 41.35
C VAL A 171 8.15 32.59 41.69
N SER A 172 9.46 32.65 41.48
CA SER A 172 10.33 31.51 41.72
C SER A 172 11.75 32.01 41.98
N GLN A 173 12.70 31.08 42.00
CA GLN A 173 14.09 31.43 42.24
C GLN A 173 14.62 32.29 41.08
N PRO A 174 15.46 33.28 41.37
CA PRO A 174 15.94 34.17 40.31
C PRO A 174 16.78 33.43 39.28
N PHE A 175 16.71 33.88 38.03
CA PHE A 175 17.51 33.35 36.94
C PHE A 175 18.48 34.42 36.45
N LEU A 176 19.65 33.99 36.01
CA LEU A 176 20.66 34.90 35.50
C LEU A 176 21.40 34.29 34.31
N LYS A 187 33.05 43.25 30.90
CA LYS A 187 33.32 42.31 29.82
C LYS A 187 32.47 41.06 29.96
N ASN A 188 31.21 41.24 30.35
CA ASN A 188 30.26 40.15 30.51
C ASN A 188 29.04 40.41 29.66
N LEU A 189 28.55 39.36 28.99
CA LEU A 189 27.45 39.47 28.04
C LEU A 189 26.31 38.56 28.46
N ARG A 190 25.08 39.04 28.29
CA ARG A 190 23.88 38.30 28.66
C ARG A 190 22.95 38.18 27.46
N GLU A 191 22.21 37.08 27.42
CA GLU A 191 21.33 36.76 26.30
C GLU A 191 19.93 36.45 26.82
N PHE A 192 18.93 36.74 26.00
CA PHE A 192 17.53 36.51 26.37
C PHE A 192 16.70 36.28 25.12
N VAL A 193 15.75 35.37 25.20
CA VAL A 193 14.84 35.06 24.11
C VAL A 193 13.42 35.06 24.64
N PHE A 194 12.50 35.68 23.90
CA PHE A 194 11.09 35.76 24.28
C PHE A 194 10.24 35.24 23.14
N LYS A 195 9.65 34.06 23.32
CA LYS A 195 8.83 33.43 22.29
C LYS A 195 7.51 32.96 22.88
N ASN A 196 6.42 33.22 22.16
CA ASN A 196 5.08 32.80 22.53
C ASN A 196 4.56 31.94 21.39
N ILE A 197 4.77 30.64 21.47
CA ILE A 197 4.43 29.70 20.40
C ILE A 197 3.35 28.75 20.91
N ASP A 198 2.23 28.68 20.18
CA ASP A 198 1.13 27.77 20.49
C ASP A 198 0.64 27.93 21.92
N GLY A 199 0.62 29.16 22.42
CA GLY A 199 0.19 29.42 23.78
C GLY A 199 1.25 29.16 24.84
N TYR A 200 2.42 28.68 24.46
CA TYR A 200 3.49 28.46 25.42
C TYR A 200 4.24 29.76 25.67
N PHE A 201 4.86 29.84 26.85
CA PHE A 201 5.70 30.97 27.22
C PHE A 201 7.06 30.40 27.58
N LYS A 202 8.06 30.64 26.74
CA LYS A 202 9.36 30.00 26.87
C LYS A 202 10.44 31.06 26.77
N ILE A 203 11.30 31.13 27.78
CA ILE A 203 12.35 32.13 27.87
C ILE A 203 13.70 31.42 27.92
N TYR A 204 14.73 32.09 27.42
CA TYR A 204 16.08 31.53 27.38
C TYR A 204 17.04 32.58 27.92
N SER A 205 18.08 32.14 28.62
CA SER A 205 19.06 33.08 29.19
C SER A 205 20.37 32.36 29.48
N LYS A 206 21.39 32.61 28.65
CA LYS A 206 22.76 32.20 28.94
C LYS A 206 23.67 33.42 28.83
N HIS A 207 24.81 33.34 29.52
CA HIS A 207 25.75 34.45 29.61
C HIS A 207 27.13 34.02 29.11
N THR A 208 27.83 34.95 28.49
CA THR A 208 29.14 34.69 27.89
C THR A 208 30.15 35.73 28.39
N PRO A 209 31.34 35.30 28.82
CA PRO A 209 32.31 36.25 29.38
C PRO A 209 33.20 36.91 28.33
N ILE A 210 32.78 36.88 27.06
CA ILE A 210 33.62 37.39 25.98
C ILE A 210 33.96 38.86 26.22
N ASN A 211 35.09 39.29 25.65
CA ASN A 211 35.59 40.65 25.86
C ASN A 211 34.75 41.65 25.08
N LEU A 212 34.88 42.92 25.47
CA LEU A 212 34.11 44.01 24.88
C LEU A 212 34.74 44.57 23.62
N VAL A 213 35.91 44.07 23.21
CA VAL A 213 36.55 44.57 22.00
C VAL A 213 35.68 44.29 20.78
N ARG A 214 35.11 43.09 20.70
CA ARG A 214 34.24 42.70 19.60
C ARG A 214 32.78 42.82 20.02
N ASP A 215 31.94 43.25 19.07
CA ASP A 215 30.53 43.44 19.37
C ASP A 215 29.85 42.13 19.76
N LEU A 216 30.09 41.07 19.00
CA LEU A 216 29.57 39.75 19.29
C LEU A 216 30.63 38.71 18.94
N PRO A 217 30.67 37.60 19.66
CA PRO A 217 31.71 36.59 19.41
C PRO A 217 31.44 35.80 18.14
N GLN A 218 32.45 35.03 17.74
CA GLN A 218 32.36 34.16 16.59
C GLN A 218 31.96 32.74 16.95
N GLY A 219 32.16 32.33 18.21
CA GLY A 219 31.83 30.98 18.61
C GLY A 219 30.34 30.74 18.71
N PHE A 220 29.98 29.46 18.68
CA PHE A 220 28.58 29.05 18.73
C PHE A 220 28.15 28.89 20.19
N SER A 221 26.96 29.40 20.50
CA SER A 221 26.42 29.36 21.86
C SER A 221 25.00 28.83 21.82
N ALA A 222 24.71 27.85 22.67
CA ALA A 222 23.37 27.30 22.79
C ALA A 222 22.58 28.03 23.85
N LEU A 223 21.26 27.92 23.76
CA LEU A 223 20.33 28.52 24.71
C LEU A 223 19.43 27.44 25.27
N GLU A 224 19.28 27.41 26.60
CA GLU A 224 18.47 26.41 27.26
C GLU A 224 17.12 26.99 27.67
N PRO A 225 16.08 26.16 27.77
CA PRO A 225 14.77 26.68 28.17
C PRO A 225 14.73 27.10 29.63
N LEU A 226 14.72 28.42 29.85
CA LEU A 226 14.72 28.94 31.21
C LEU A 226 13.43 28.61 31.94
N VAL A 227 12.29 28.89 31.31
CA VAL A 227 10.98 28.54 31.85
C VAL A 227 10.14 27.94 30.73
N ASP A 228 9.49 26.83 31.04
CA ASP A 228 8.60 26.17 30.08
C ASP A 228 7.14 26.35 30.44
N LEU A 229 6.83 27.19 31.42
CA LEU A 229 5.44 27.38 31.85
C LEU A 229 4.71 28.26 30.83
N PRO A 230 3.59 27.81 30.29
CA PRO A 230 2.93 28.55 29.21
C PRO A 230 1.99 29.63 29.72
N ILE A 231 1.83 30.66 28.88
CA ILE A 231 0.93 31.77 29.17
C ILE A 231 -0.12 31.88 28.08
N GLY A 232 0.33 32.18 26.85
CA GLY A 232 -0.59 32.42 25.76
C GLY A 232 -1.21 33.80 25.80
N ILE A 233 -0.39 34.83 25.63
CA ILE A 233 -0.81 36.22 25.74
C ILE A 233 -0.42 36.95 24.44
N ASN A 234 -0.95 38.15 24.29
CA ASN A 234 -0.68 39.00 23.13
C ASN A 234 0.35 40.05 23.49
N ILE A 235 1.48 40.05 22.79
CA ILE A 235 2.54 41.03 22.96
C ILE A 235 2.92 41.56 21.59
N THR A 236 3.03 42.89 21.48
CA THR A 236 3.38 43.51 20.21
C THR A 236 4.54 44.50 20.30
N ARG A 237 4.95 44.91 21.49
CA ARG A 237 6.02 45.91 21.62
C ARG A 237 6.71 45.68 22.96
N PHE A 238 8.03 45.89 22.99
CA PHE A 238 8.83 45.57 24.15
C PHE A 238 9.84 46.67 24.44
N GLN A 239 10.00 46.98 25.73
CA GLN A 239 11.02 47.90 26.21
C GLN A 239 11.77 47.24 27.35
N THR A 240 13.10 47.27 27.30
CA THR A 240 13.92 46.74 28.37
C THR A 240 14.12 47.79 29.47
N LEU A 241 14.50 47.33 30.65
CA LEU A 241 14.70 48.19 31.80
C LEU A 241 16.19 48.43 32.00
N LEU A 242 16.60 49.70 31.93
CA LEU A 242 17.99 50.07 32.13
C LEU A 242 18.28 50.15 33.63
N ALA A 243 19.50 50.56 33.98
CA ALA A 243 19.92 50.69 35.37
C ALA A 243 20.56 52.07 35.56
N LEU A 244 19.76 53.02 36.05
CA LEU A 244 20.26 54.36 36.34
C LEU A 244 21.03 54.31 37.65
N HIS A 245 22.30 53.89 37.57
CA HIS A 245 23.14 53.74 38.74
C HIS A 245 23.78 55.09 39.08
N ARG A 246 23.66 55.49 40.35
CA ARG A 246 24.17 56.78 40.79
C ARG A 246 24.55 56.74 42.28
N GLY A 261 27.90 54.97 34.34
CA GLY A 261 27.68 53.55 34.45
C GLY A 261 26.62 53.05 33.49
N ALA A 262 26.31 53.88 32.48
CA ALA A 262 25.34 53.51 31.47
C ALA A 262 25.86 52.36 30.62
N ALA A 263 24.93 51.56 30.11
CA ALA A 263 25.24 50.41 29.25
C ALA A 263 24.36 50.45 28.00
N ALA A 264 24.53 49.43 27.16
CA ALA A 264 23.86 49.37 25.87
C ALA A 264 23.54 47.92 25.53
N TYR A 265 22.68 47.73 24.52
CA TYR A 265 22.15 46.41 24.21
C TYR A 265 21.83 46.29 22.72
N TYR A 266 21.67 45.04 22.28
CA TYR A 266 21.32 44.73 20.90
C TYR A 266 19.86 44.29 20.82
N VAL A 267 19.32 44.32 19.60
CA VAL A 267 18.00 43.78 19.29
C VAL A 267 18.11 42.96 18.01
N GLY A 268 17.55 41.74 18.04
CA GLY A 268 17.57 40.89 16.86
C GLY A 268 16.18 40.52 16.38
N TYR A 269 16.07 39.46 15.58
CA TYR A 269 14.78 39.03 15.05
C TYR A 269 14.79 37.52 14.84
N LEU A 270 13.64 36.90 15.09
CA LEU A 270 13.47 35.46 14.92
C LEU A 270 12.60 35.17 13.71
N GLN A 271 13.04 34.25 12.86
CA GLN A 271 12.31 33.87 11.66
C GLN A 271 12.20 32.36 11.61
N PRO A 272 11.08 31.82 11.08
CA PRO A 272 10.86 30.37 11.13
C PRO A 272 11.68 29.59 10.10
N ARG A 273 12.69 30.21 9.52
CA ARG A 273 13.55 29.51 8.56
C ARG A 273 14.16 28.28 9.18
N THR A 274 14.15 27.18 8.43
CA THR A 274 14.59 25.89 8.97
C THR A 274 16.08 25.87 9.20
N PHE A 275 16.48 25.21 10.29
CA PHE A 275 17.89 25.00 10.62
C PHE A 275 18.16 23.51 10.76
N LEU A 276 19.43 23.15 10.60
CA LEU A 276 19.91 21.80 10.89
C LEU A 276 20.80 21.89 12.12
N LEU A 277 20.46 21.15 13.17
CA LEU A 277 21.13 21.27 14.46
C LEU A 277 22.11 20.11 14.62
N LYS A 278 23.40 20.44 14.78
CA LYS A 278 24.43 19.43 15.00
C LYS A 278 24.63 19.25 16.50
N TYR A 279 24.15 18.12 17.02
CA TYR A 279 24.36 17.77 18.41
C TYR A 279 25.71 17.09 18.57
N ASN A 280 26.38 17.38 19.68
CA ASN A 280 27.67 16.77 19.97
C ASN A 280 27.48 15.43 20.67
N GLU A 281 28.54 14.65 20.80
CA GLU A 281 28.46 13.38 21.57
C GLU A 281 28.04 13.70 23.01
N ASN A 282 28.50 14.83 23.56
CA ASN A 282 28.15 15.19 24.95
C ASN A 282 26.72 15.74 24.96
N GLY A 283 26.13 15.94 23.79
CA GLY A 283 24.73 16.40 23.71
C GLY A 283 24.65 17.91 23.53
N THR A 284 25.81 18.57 23.43
CA THR A 284 25.81 20.00 23.21
C THR A 284 25.58 20.32 21.74
N ILE A 285 24.97 21.48 21.48
CA ILE A 285 24.76 21.94 20.11
C ILE A 285 26.05 22.60 19.61
N THR A 286 26.80 21.89 18.77
CA THR A 286 28.10 22.37 18.35
C THR A 286 27.97 23.38 17.21
N ASP A 287 27.41 22.97 16.09
CA ASP A 287 27.32 23.80 14.90
C ASP A 287 25.90 23.77 14.36
N ALA A 288 25.65 24.62 13.36
CA ALA A 288 24.34 24.70 12.72
C ALA A 288 24.51 25.38 11.37
N VAL A 289 23.53 25.13 10.49
CA VAL A 289 23.49 25.75 9.17
C VAL A 289 22.07 26.27 8.94
N ASP A 290 21.97 27.49 8.40
CA ASP A 290 20.68 28.11 8.12
C ASP A 290 20.24 27.73 6.72
N CYS A 291 19.15 26.96 6.60
CA CYS A 291 18.73 26.45 5.30
C CYS A 291 18.19 27.57 4.40
N ALA A 292 17.99 28.76 4.93
CA ALA A 292 17.54 29.91 4.16
C ALA A 292 18.67 30.92 3.93
N LEU A 293 19.86 30.40 3.65
CA LEU A 293 21.06 31.21 3.45
C LEU A 293 21.62 30.88 2.08
N ASP A 294 22.86 31.30 1.80
CA ASP A 294 23.54 31.02 0.55
C ASP A 294 23.42 29.54 0.18
N PRO A 295 23.40 29.23 -1.12
CA PRO A 295 23.13 27.86 -1.56
C PRO A 295 24.01 26.80 -0.94
N LEU A 296 25.19 27.17 -0.44
CA LEU A 296 26.00 26.21 0.32
C LEU A 296 25.21 25.68 1.51
N SER A 297 24.56 26.59 2.24
CA SER A 297 23.76 26.17 3.40
C SER A 297 22.54 25.38 2.98
N GLU A 298 21.93 25.70 1.83
CA GLU A 298 20.81 24.90 1.35
C GLU A 298 21.26 23.47 1.01
N THR A 299 22.42 23.34 0.38
CA THR A 299 22.95 22.01 0.11
C THR A 299 23.27 21.26 1.40
N LYS A 300 23.82 21.97 2.39
CA LYS A 300 24.09 21.34 3.68
C LYS A 300 22.79 20.87 4.33
N CYS A 301 21.73 21.66 4.22
CA CYS A 301 20.43 21.25 4.74
C CYS A 301 19.90 20.02 4.00
N THR A 302 20.07 19.99 2.67
CA THR A 302 19.52 18.89 1.88
C THR A 302 20.26 17.59 2.15
N LEU A 303 21.58 17.58 1.92
CA LEU A 303 22.36 16.37 2.14
C LEU A 303 22.50 16.01 3.61
N LYS A 304 22.12 16.91 4.53
CA LYS A 304 22.22 16.67 5.96
C LYS A 304 23.65 16.34 6.38
N SER A 305 24.60 16.99 5.72
CA SER A 305 26.02 16.81 6.02
C SER A 305 26.70 18.16 6.00
N PHE A 306 27.56 18.40 6.98
CA PHE A 306 28.23 19.69 7.10
C PHE A 306 29.41 19.84 6.15
N THR A 307 29.83 18.76 5.49
CA THR A 307 30.94 18.77 4.53
C THR A 307 30.45 18.11 3.24
N VAL A 308 29.82 18.90 2.38
CA VAL A 308 29.31 18.40 1.11
C VAL A 308 30.45 18.34 0.11
N GLU A 309 30.55 17.22 -0.61
CA GLU A 309 31.61 17.04 -1.57
C GLU A 309 31.39 17.92 -2.80
N LYS A 310 32.45 18.05 -3.60
CA LYS A 310 32.39 18.88 -4.79
C LYS A 310 31.47 18.25 -5.83
N GLY A 311 30.48 19.00 -6.28
CA GLY A 311 29.54 18.50 -7.25
C GLY A 311 28.32 19.39 -7.35
N ILE A 312 27.27 18.84 -7.96
CA ILE A 312 26.01 19.53 -8.18
C ILE A 312 24.91 18.76 -7.45
N TYR A 313 24.08 19.46 -6.69
CA TYR A 313 23.09 18.84 -5.83
C TYR A 313 21.76 19.59 -5.97
N GLN A 314 20.74 18.90 -6.48
CA GLN A 314 19.41 19.47 -6.55
C GLN A 314 18.90 19.78 -5.15
N THR A 315 18.39 21.00 -4.96
CA THR A 315 17.89 21.42 -3.66
C THR A 315 16.39 21.64 -3.68
N SER A 316 15.91 22.48 -4.58
CA SER A 316 14.48 22.82 -4.60
C SER A 316 14.02 23.17 -6.00
N ASN A 317 12.86 23.84 -6.11
CA ASN A 317 12.29 24.22 -7.38
C ASN A 317 12.18 25.72 -7.47
N PHE A 318 12.51 26.27 -8.64
CA PHE A 318 12.29 27.69 -8.93
C PHE A 318 10.88 27.90 -9.47
N ARG A 319 9.90 27.63 -8.60
CA ARG A 319 8.50 27.74 -8.98
C ARG A 319 8.08 29.20 -8.91
N VAL A 320 7.79 29.79 -10.07
CA VAL A 320 7.41 31.20 -10.12
C VAL A 320 5.98 31.34 -9.63
N GLN A 321 5.80 32.07 -8.54
CA GLN A 321 4.48 32.29 -7.99
C GLN A 321 3.66 33.18 -8.91
N PRO A 322 2.34 33.01 -8.93
CA PRO A 322 1.49 33.88 -9.76
C PRO A 322 1.51 35.30 -9.24
N THR A 323 1.62 36.25 -10.18
CA THR A 323 1.69 37.66 -9.80
C THR A 323 0.40 38.11 -9.11
N GLU A 324 -0.74 37.77 -9.71
CA GLU A 324 -2.03 38.18 -9.17
C GLU A 324 -3.12 37.32 -9.78
N SER A 325 -4.33 37.45 -9.25
CA SER A 325 -5.45 36.61 -9.62
C SER A 325 -6.39 37.36 -10.55
N ILE A 326 -6.67 36.75 -11.70
CA ILE A 326 -7.64 37.28 -12.67
C ILE A 326 -8.62 36.17 -13.01
N VAL A 327 -9.91 36.48 -12.96
CA VAL A 327 -10.96 35.51 -13.22
C VAL A 327 -11.84 36.04 -14.35
N ARG A 328 -12.00 35.25 -15.40
CA ARG A 328 -12.76 35.70 -16.60
C ARG A 328 -13.71 34.57 -17.06
N PHE A 329 -15.01 34.81 -16.94
CA PHE A 329 -16.04 33.76 -17.02
C PHE A 329 -16.78 33.95 -18.35
N PRO A 330 -17.79 33.13 -18.77
CA PRO A 330 -18.65 33.48 -19.93
C PRO A 330 -19.31 34.86 -19.86
N ASN A 331 -19.53 35.45 -21.03
CA ASN A 331 -20.23 36.77 -21.17
C ASN A 331 -21.49 36.75 -20.32
N ILE A 332 -21.60 37.71 -19.39
CA ILE A 332 -22.65 37.68 -18.32
C ILE A 332 -24.04 37.68 -18.97
N THR A 333 -24.84 36.67 -18.62
CA THR A 333 -26.21 36.44 -19.18
C THR A 333 -27.16 37.47 -18.58
N ASN A 334 -28.26 37.78 -19.28
CA ASN A 334 -29.22 38.77 -18.73
C ASN A 334 -29.70 38.30 -17.35
N LEU A 335 -29.78 39.24 -16.42
CA LEU A 335 -30.12 39.00 -15.02
C LEU A 335 -31.57 38.57 -14.87
N CYS A 336 -31.83 37.80 -13.83
CA CYS A 336 -33.20 37.45 -13.49
C CYS A 336 -33.95 38.70 -13.05
N PRO A 337 -35.11 39.00 -13.63
CA PRO A 337 -35.79 40.26 -13.33
C PRO A 337 -36.37 40.31 -11.93
N PHE A 338 -35.50 40.33 -10.92
CA PHE A 338 -35.96 40.41 -9.53
C PHE A 338 -36.46 41.80 -9.17
N GLY A 339 -36.18 42.81 -9.99
CA GLY A 339 -36.74 44.13 -9.78
C GLY A 339 -38.08 44.37 -10.41
N GLU A 340 -38.58 43.41 -11.20
CA GLU A 340 -39.86 43.54 -11.86
C GLU A 340 -41.01 42.99 -11.04
N VAL A 341 -40.75 42.10 -10.08
CA VAL A 341 -41.82 41.59 -9.24
C VAL A 341 -42.39 42.69 -8.35
N PHE A 342 -41.54 43.60 -7.90
CA PHE A 342 -41.98 44.75 -7.13
C PHE A 342 -42.55 45.86 -8.00
N ASN A 343 -42.39 45.77 -9.32
CA ASN A 343 -42.77 46.85 -10.23
C ASN A 343 -44.15 46.64 -10.84
N ALA A 344 -45.04 45.95 -10.13
CA ALA A 344 -46.40 45.72 -10.60
C ALA A 344 -47.34 46.68 -9.88
N THR A 345 -48.00 47.55 -10.64
CA THR A 345 -48.94 48.50 -10.04
C THR A 345 -50.10 47.77 -9.37
N ARG A 346 -50.65 46.76 -10.03
CA ARG A 346 -51.66 45.89 -9.44
C ARG A 346 -50.92 44.78 -8.71
N PHE A 347 -50.52 45.07 -7.48
CA PHE A 347 -49.69 44.15 -6.70
C PHE A 347 -50.45 42.87 -6.37
N ALA A 348 -49.71 41.77 -6.32
CA ALA A 348 -50.30 40.47 -6.03
C ALA A 348 -50.72 40.39 -4.56
N SER A 349 -51.70 39.52 -4.29
CA SER A 349 -52.23 39.37 -2.95
C SER A 349 -51.50 38.27 -2.20
N VAL A 350 -51.82 38.15 -0.91
CA VAL A 350 -51.18 37.14 -0.06
C VAL A 350 -51.64 35.73 -0.45
N TYR A 351 -52.94 35.57 -0.73
CA TYR A 351 -53.45 34.27 -1.15
C TYR A 351 -53.16 33.98 -2.62
N ALA A 352 -52.79 34.99 -3.40
CA ALA A 352 -52.48 34.85 -4.81
C ALA A 352 -50.98 34.77 -5.05
N TRP A 353 -50.26 34.10 -4.15
CA TRP A 353 -48.81 33.96 -4.23
C TRP A 353 -48.40 33.44 -5.60
N ASN A 354 -47.74 34.28 -6.38
CA ASN A 354 -47.38 33.93 -7.76
C ASN A 354 -46.03 33.22 -7.77
N ARG A 355 -46.03 32.02 -7.19
CA ARG A 355 -44.82 31.21 -7.08
C ARG A 355 -44.27 30.92 -8.47
N LYS A 356 -43.14 31.54 -8.80
CA LYS A 356 -42.63 31.55 -10.17
C LYS A 356 -41.28 30.83 -10.24
N ARG A 357 -41.16 29.92 -11.20
CA ARG A 357 -39.95 29.14 -11.42
C ARG A 357 -38.97 30.02 -12.18
N ILE A 358 -37.99 30.56 -11.46
CA ILE A 358 -36.94 31.37 -12.09
C ILE A 358 -35.84 30.45 -12.60
N SER A 359 -35.53 30.54 -13.89
CA SER A 359 -34.57 29.64 -14.50
C SER A 359 -33.84 30.35 -15.64
N ASN A 360 -32.68 29.79 -15.99
CA ASN A 360 -31.90 30.22 -17.15
C ASN A 360 -31.56 31.70 -17.10
N CYS A 361 -31.13 32.16 -15.94
CA CYS A 361 -30.64 33.52 -15.79
C CYS A 361 -29.72 33.58 -14.58
N VAL A 362 -28.74 34.49 -14.65
CA VAL A 362 -27.83 34.73 -13.55
C VAL A 362 -28.30 36.00 -12.85
N ALA A 363 -28.99 35.83 -11.73
CA ALA A 363 -29.48 36.97 -10.97
C ALA A 363 -28.29 37.71 -10.34
N ASP A 364 -28.25 39.02 -10.51
CA ASP A 364 -27.16 39.85 -9.99
C ASP A 364 -27.30 40.01 -8.48
N TYR A 365 -26.57 39.20 -7.73
CA TYR A 365 -26.65 39.21 -6.27
C TYR A 365 -26.20 40.54 -5.67
N SER A 366 -25.28 41.25 -6.33
CA SER A 366 -24.69 42.45 -5.74
C SER A 366 -25.76 43.49 -5.42
N VAL A 367 -26.59 43.84 -6.40
CA VAL A 367 -27.57 44.89 -6.19
C VAL A 367 -28.67 44.44 -5.24
N LEU A 368 -29.12 43.19 -5.38
CA LEU A 368 -30.22 42.72 -4.54
C LEU A 368 -29.81 42.65 -3.07
N TYR A 369 -28.56 42.25 -2.79
CA TYR A 369 -28.09 42.33 -1.41
C TYR A 369 -27.89 43.79 -1.00
N ASN A 370 -27.40 44.63 -1.91
CA ASN A 370 -27.25 46.05 -1.66
C ASN A 370 -28.58 46.80 -1.69
N SER A 371 -29.68 46.14 -2.03
CA SER A 371 -30.97 46.80 -2.14
C SER A 371 -31.53 47.12 -0.76
N ALA A 372 -30.88 48.04 -0.05
CA ALA A 372 -31.35 48.49 1.25
C ALA A 372 -32.42 49.57 1.14
N SER A 373 -32.76 50.01 -0.07
CA SER A 373 -33.85 50.95 -0.24
C SER A 373 -35.16 50.36 0.25
N PHE A 374 -35.40 49.08 -0.04
CA PHE A 374 -36.52 48.37 0.56
C PHE A 374 -36.24 48.16 2.05
N SER A 375 -37.32 48.03 2.82
CA SER A 375 -37.20 48.08 4.28
C SER A 375 -36.30 46.99 4.81
N THR A 376 -36.56 45.74 4.45
CA THR A 376 -35.79 44.61 4.95
C THR A 376 -35.36 43.72 3.80
N PHE A 377 -34.11 43.24 3.85
CA PHE A 377 -33.62 42.20 2.97
C PHE A 377 -33.17 41.03 3.82
N LYS A 378 -33.86 39.91 3.71
CA LYS A 378 -33.59 38.74 4.53
C LYS A 378 -33.56 37.50 3.66
N CYS A 379 -32.72 36.54 4.04
CA CYS A 379 -32.60 35.28 3.33
C CYS A 379 -32.59 34.14 4.33
N TYR A 380 -33.38 33.11 4.06
CA TYR A 380 -33.49 31.96 4.95
C TYR A 380 -32.69 30.78 4.38
N GLY A 381 -32.44 29.81 5.24
CA GLY A 381 -31.63 28.66 4.88
C GLY A 381 -30.15 28.95 5.00
N VAL A 382 -29.64 29.83 4.15
CA VAL A 382 -28.24 30.24 4.17
C VAL A 382 -28.20 31.76 4.29
N SER A 383 -27.27 32.27 5.09
CA SER A 383 -27.15 33.70 5.27
C SER A 383 -26.83 34.38 3.94
N PRO A 384 -27.45 35.52 3.63
CA PRO A 384 -27.28 36.11 2.29
C PRO A 384 -25.85 36.43 1.94
N THR A 385 -25.00 36.76 2.92
CA THR A 385 -23.60 37.01 2.65
C THR A 385 -22.90 35.78 2.09
N LYS A 386 -23.42 34.58 2.35
CA LYS A 386 -22.86 33.34 1.84
C LYS A 386 -23.53 32.89 0.54
N LEU A 387 -24.52 33.62 0.05
CA LEU A 387 -25.14 33.30 -1.23
C LEU A 387 -24.40 33.89 -2.42
N ASN A 388 -23.34 34.68 -2.19
CA ASN A 388 -22.61 35.27 -3.29
C ASN A 388 -22.00 34.21 -4.20
N ASP A 389 -21.69 33.04 -3.66
CA ASP A 389 -21.19 31.91 -4.44
C ASP A 389 -22.16 30.73 -4.50
N LEU A 390 -23.09 30.64 -3.55
CA LEU A 390 -24.00 29.51 -3.49
C LEU A 390 -24.98 29.55 -4.66
N CYS A 391 -25.04 28.48 -5.42
CA CYS A 391 -25.98 28.36 -6.53
C CYS A 391 -27.28 27.71 -6.06
N PHE A 392 -28.29 27.79 -6.91
CA PHE A 392 -29.58 27.14 -6.67
C PHE A 392 -29.95 26.27 -7.86
N THR A 393 -30.50 25.09 -7.57
CA THR A 393 -31.09 24.29 -8.63
C THR A 393 -32.30 25.00 -9.24
N ASN A 394 -33.17 25.54 -8.40
CA ASN A 394 -34.39 26.17 -8.85
C ASN A 394 -34.85 27.18 -7.82
N VAL A 395 -35.35 28.32 -8.29
CA VAL A 395 -35.88 29.37 -7.43
C VAL A 395 -37.37 29.53 -7.73
N TYR A 396 -38.20 29.33 -6.71
CA TYR A 396 -39.63 29.59 -6.81
C TYR A 396 -39.90 30.94 -6.17
N ALA A 397 -40.16 31.95 -7.02
CA ALA A 397 -40.33 33.31 -6.56
C ALA A 397 -41.79 33.53 -6.17
N ASP A 398 -42.07 33.56 -4.87
CA ASP A 398 -43.41 33.76 -4.35
C ASP A 398 -43.59 35.23 -3.99
N SER A 399 -44.56 35.87 -4.63
CA SER A 399 -44.85 37.28 -4.41
C SER A 399 -46.22 37.41 -3.75
N PHE A 400 -46.25 38.05 -2.59
CA PHE A 400 -47.49 38.22 -1.84
C PHE A 400 -47.32 39.45 -0.94
N VAL A 401 -48.25 39.65 -0.02
CA VAL A 401 -48.25 40.83 0.85
C VAL A 401 -48.51 40.39 2.28
N ILE A 402 -48.16 41.24 3.24
CA ILE A 402 -48.34 40.93 4.64
C ILE A 402 -49.12 42.05 5.33
N ARG A 403 -49.34 41.90 6.64
CA ARG A 403 -50.15 42.83 7.40
C ARG A 403 -49.29 43.92 8.03
N GLY A 404 -49.88 44.73 8.91
CA GLY A 404 -49.19 45.87 9.50
C GLY A 404 -48.04 45.49 10.40
N ASP A 405 -48.15 44.38 11.13
CA ASP A 405 -47.08 43.90 12.00
C ASP A 405 -46.73 42.46 11.67
N GLU A 406 -46.84 42.09 10.39
CA GLU A 406 -46.57 40.74 9.93
C GLU A 406 -45.19 40.61 9.29
N VAL A 407 -44.23 41.44 9.71
CA VAL A 407 -42.87 41.33 9.18
C VAL A 407 -42.27 39.98 9.54
N ARG A 408 -42.62 39.45 10.71
CA ARG A 408 -42.15 38.14 11.14
C ARG A 408 -43.20 37.06 10.93
N GLN A 409 -44.18 37.29 10.05
CA GLN A 409 -45.24 36.31 9.80
C GLN A 409 -44.76 35.11 9.01
N ILE A 410 -43.52 35.12 8.50
CA ILE A 410 -43.02 33.99 7.74
C ILE A 410 -42.51 32.95 8.72
N ALA A 411 -43.42 32.10 9.20
CA ALA A 411 -43.15 31.06 10.18
C ALA A 411 -44.37 30.17 10.31
N PRO A 412 -44.20 28.88 10.61
CA PRO A 412 -45.36 28.01 10.78
C PRO A 412 -46.16 28.39 12.02
N GLY A 413 -47.45 28.09 11.96
CA GLY A 413 -48.34 28.37 13.09
C GLY A 413 -48.94 29.76 13.06
N GLN A 414 -49.65 30.08 11.98
CA GLN A 414 -50.36 31.36 11.88
C GLN A 414 -51.83 31.16 12.25
N THR A 415 -52.44 32.23 12.76
CA THR A 415 -53.81 32.19 13.27
C THR A 415 -54.62 33.32 12.65
N GLY A 416 -55.89 33.39 13.04
CA GLY A 416 -56.79 34.40 12.53
C GLY A 416 -57.24 34.11 11.11
N LYS A 417 -57.85 35.13 10.50
CA LYS A 417 -58.26 35.04 9.11
C LYS A 417 -57.08 35.05 8.15
N ILE A 418 -55.89 35.43 8.62
CA ILE A 418 -54.69 35.37 7.80
C ILE A 418 -54.23 33.93 7.58
N ALA A 419 -54.84 32.97 8.27
CA ALA A 419 -54.51 31.56 8.10
C ALA A 419 -55.74 30.67 8.06
N ASP A 420 -56.93 31.24 7.84
CA ASP A 420 -58.16 30.46 7.80
C ASP A 420 -58.46 30.00 6.38
N TYR A 421 -58.65 30.94 5.46
CA TYR A 421 -58.78 30.66 4.04
C TYR A 421 -57.55 31.10 3.26
N ASN A 422 -56.51 31.55 3.96
CA ASN A 422 -55.38 32.23 3.36
C ASN A 422 -54.20 31.27 3.20
N TYR A 423 -53.06 31.82 2.80
CA TYR A 423 -51.85 31.04 2.58
C TYR A 423 -51.05 30.95 3.88
N LYS A 424 -50.81 29.73 4.35
CA LYS A 424 -49.92 29.49 5.47
C LYS A 424 -48.56 29.05 4.96
N LEU A 425 -47.52 29.42 5.70
CA LEU A 425 -46.15 29.09 5.29
C LEU A 425 -45.90 27.60 5.48
N PRO A 426 -45.52 26.87 4.45
CA PRO A 426 -45.32 25.43 4.55
C PRO A 426 -44.01 25.10 5.29
N ASP A 427 -43.73 23.82 5.40
CA ASP A 427 -42.54 23.33 6.07
C ASP A 427 -41.38 23.07 5.11
N ASP A 428 -41.54 23.37 3.83
CA ASP A 428 -40.50 23.14 2.84
C ASP A 428 -39.45 24.25 2.94
N PHE A 429 -38.51 24.26 2.01
CA PHE A 429 -37.43 25.23 2.02
C PHE A 429 -37.94 26.60 1.57
N THR A 430 -37.65 27.62 2.38
CA THR A 430 -37.98 29.01 2.06
C THR A 430 -36.68 29.79 1.93
N GLY A 431 -36.60 30.63 0.89
CA GLY A 431 -35.37 31.34 0.61
C GLY A 431 -35.36 32.80 1.03
N CYS A 432 -34.90 33.67 0.13
CA CYS A 432 -34.75 35.07 0.47
C CYS A 432 -36.11 35.77 0.55
N VAL A 433 -36.23 36.70 1.49
CA VAL A 433 -37.43 37.50 1.68
C VAL A 433 -37.04 38.97 1.59
N ILE A 434 -37.72 39.71 0.72
CA ILE A 434 -37.47 41.14 0.55
C ILE A 434 -38.76 41.88 0.88
N ALA A 435 -38.73 42.69 1.93
CA ALA A 435 -39.90 43.41 2.41
C ALA A 435 -39.61 44.91 2.41
N TRP A 436 -40.57 45.69 1.90
CA TRP A 436 -40.49 47.14 1.88
C TRP A 436 -41.75 47.70 2.53
N ASN A 437 -41.59 48.75 3.34
CA ASN A 437 -42.73 49.33 4.04
C ASN A 437 -43.73 49.91 3.05
N SER A 438 -45.00 49.60 3.25
CA SER A 438 -46.05 50.03 2.32
C SER A 438 -47.07 50.91 3.02
N ASN A 439 -46.59 51.89 3.79
CA ASN A 439 -47.48 52.78 4.51
C ASN A 439 -48.38 53.56 3.56
N ASN A 440 -47.80 54.09 2.48
CA ASN A 440 -48.55 54.85 1.47
C ASN A 440 -48.83 54.04 0.21
N LEU A 441 -48.40 52.77 0.17
CA LEU A 441 -48.63 51.93 -0.99
C LEU A 441 -49.87 51.06 -0.84
N ASP A 442 -49.97 50.33 0.27
CA ASP A 442 -51.12 49.46 0.51
C ASP A 442 -52.20 50.16 1.33
N SER A 443 -51.85 50.64 2.52
CA SER A 443 -52.82 51.32 3.38
C SER A 443 -52.52 52.80 3.50
N TYR A 449 -59.39 49.08 2.26
CA TYR A 449 -60.60 48.54 1.65
C TYR A 449 -60.39 48.25 0.16
N ASN A 450 -59.12 48.18 -0.25
CA ASN A 450 -58.77 47.95 -1.64
C ASN A 450 -58.25 46.55 -1.92
N TYR A 451 -57.22 46.11 -1.18
CA TYR A 451 -56.67 44.78 -1.38
C TYR A 451 -57.43 43.76 -0.53
N LEU A 452 -57.00 42.50 -0.59
CA LEU A 452 -57.73 41.40 0.01
C LEU A 452 -56.76 40.42 0.65
N TYR A 453 -57.26 39.68 1.64
CA TYR A 453 -56.55 38.53 2.19
C TYR A 453 -57.57 37.45 2.51
N ARG A 454 -57.31 36.23 2.05
CA ARG A 454 -58.25 35.14 2.24
C ARG A 454 -58.17 34.58 3.65
N PRO A 491 -66.19 32.28 0.90
CA PRO A 491 -65.99 32.95 2.19
C PRO A 491 -64.53 33.30 2.45
N LEU A 492 -64.22 34.58 2.55
CA LEU A 492 -62.86 35.05 2.78
C LEU A 492 -62.91 36.32 3.60
N GLN A 493 -61.77 36.99 3.73
CA GLN A 493 -61.65 38.23 4.48
C GLN A 493 -61.18 39.34 3.52
N SER A 494 -60.88 40.51 4.09
CA SER A 494 -60.46 41.65 3.29
C SER A 494 -59.60 42.59 4.14
N TYR A 495 -58.54 43.11 3.52
CA TYR A 495 -57.74 44.17 4.14
C TYR A 495 -58.59 45.40 4.43
N GLY A 496 -58.55 45.83 5.69
CA GLY A 496 -59.18 47.09 6.07
C GLY A 496 -58.21 48.24 5.98
N PHE A 497 -57.83 48.60 4.76
CA PHE A 497 -56.79 49.60 4.52
C PHE A 497 -57.42 50.99 4.52
N GLN A 498 -57.44 51.62 5.69
CA GLN A 498 -57.86 53.01 5.78
C GLN A 498 -56.67 53.92 5.49
N PRO A 499 -56.80 54.87 4.57
CA PRO A 499 -55.67 55.73 4.17
C PRO A 499 -55.34 56.84 5.16
N THR A 500 -55.09 56.46 6.40
CA THR A 500 -54.68 57.43 7.44
C THR A 500 -54.05 56.71 8.62
N VAL A 503 -52.37 54.62 12.63
CA VAL A 503 -51.13 55.08 12.04
C VAL A 503 -50.07 53.97 12.10
N GLY A 504 -50.25 53.06 13.05
CA GLY A 504 -49.37 51.92 13.21
C GLY A 504 -49.78 50.67 12.47
N TYR A 505 -50.83 50.73 11.64
CA TYR A 505 -51.33 49.58 10.90
C TYR A 505 -50.83 49.58 9.46
N GLN A 506 -49.63 50.10 9.22
CA GLN A 506 -49.08 50.14 7.88
C GLN A 506 -48.46 48.78 7.54
N PRO A 507 -48.95 48.09 6.51
CA PRO A 507 -48.36 46.81 6.11
C PRO A 507 -47.04 47.01 5.37
N TYR A 508 -46.50 45.91 4.87
CA TYR A 508 -45.21 45.92 4.18
C TYR A 508 -45.36 45.23 2.82
N ARG A 509 -44.49 45.60 1.89
CA ARG A 509 -44.51 45.11 0.53
C ARG A 509 -43.43 44.05 0.39
N VAL A 510 -43.84 42.81 0.11
CA VAL A 510 -42.99 41.65 0.29
C VAL A 510 -42.88 40.88 -1.03
N VAL A 511 -41.67 40.43 -1.35
CA VAL A 511 -41.45 39.41 -2.37
C VAL A 511 -40.47 38.39 -1.80
N VAL A 512 -40.82 37.12 -1.88
CA VAL A 512 -40.03 36.03 -1.29
C VAL A 512 -39.46 35.18 -2.41
N LEU A 513 -38.16 34.90 -2.33
CA LEU A 513 -37.45 34.11 -3.33
C LEU A 513 -37.10 32.77 -2.70
N SER A 514 -38.03 31.82 -2.76
CA SER A 514 -37.79 30.49 -2.21
C SER A 514 -36.87 29.69 -3.12
N PHE A 515 -36.01 28.89 -2.51
CA PHE A 515 -34.93 28.20 -3.20
C PHE A 515 -35.10 26.69 -3.13
N GLU A 516 -34.60 26.00 -4.15
CA GLU A 516 -34.54 24.55 -4.18
C GLU A 516 -33.16 24.12 -4.66
N LEU A 517 -32.74 22.93 -4.25
CA LEU A 517 -31.40 22.46 -4.60
C LEU A 517 -31.34 20.98 -4.98
N LEU A 518 -32.49 20.31 -5.17
CA LEU A 518 -32.44 18.89 -5.53
C LEU A 518 -33.50 18.51 -6.57
N HIS A 519 -33.97 19.46 -7.37
CA HIS A 519 -35.04 19.17 -8.33
C HIS A 519 -34.54 18.81 -9.72
N ALA A 520 -33.37 19.31 -10.12
CA ALA A 520 -32.87 19.16 -11.48
C ALA A 520 -31.40 19.55 -11.53
N PRO A 521 -30.73 19.47 -12.68
CA PRO A 521 -29.44 20.15 -12.82
C PRO A 521 -29.59 21.65 -12.61
N ALA A 522 -28.55 22.25 -12.05
CA ALA A 522 -28.59 23.66 -11.69
C ALA A 522 -28.83 24.54 -12.92
N THR A 523 -29.73 25.51 -12.77
CA THR A 523 -30.07 26.41 -13.86
C THR A 523 -29.93 27.89 -13.51
N VAL A 524 -29.72 28.25 -12.26
CA VAL A 524 -29.56 29.63 -11.84
C VAL A 524 -28.37 29.76 -10.90
N CYS A 525 -27.59 30.82 -11.11
CA CYS A 525 -26.46 31.17 -10.24
C CYS A 525 -26.35 32.69 -10.23
N GLY A 526 -25.22 33.20 -9.77
CA GLY A 526 -24.97 34.61 -9.75
C GLY A 526 -23.85 35.02 -10.68
N PRO A 527 -23.75 36.31 -10.97
CA PRO A 527 -22.69 36.77 -11.87
C PRO A 527 -21.33 36.59 -11.24
N LYS A 528 -20.34 36.35 -12.10
CA LYS A 528 -18.95 36.20 -11.67
C LYS A 528 -18.14 37.33 -12.27
N LYS A 529 -17.32 37.97 -11.43
CA LYS A 529 -16.57 39.16 -11.83
C LYS A 529 -15.68 38.89 -13.03
N SER A 530 -15.97 39.55 -14.16
CA SER A 530 -15.21 39.38 -15.39
C SER A 530 -13.95 40.23 -15.30
N THR A 531 -13.00 39.76 -14.51
CA THR A 531 -11.72 40.45 -14.37
C THR A 531 -10.95 40.39 -15.67
N ASN A 532 -10.28 41.49 -16.01
CA ASN A 532 -9.56 41.58 -17.28
C ASN A 532 -8.46 40.54 -17.35
N LEU A 533 -8.32 39.93 -18.53
CA LEU A 533 -7.25 38.96 -18.75
C LEU A 533 -5.91 39.66 -18.82
N VAL A 534 -4.86 38.95 -18.41
CA VAL A 534 -3.49 39.46 -18.39
C VAL A 534 -2.62 38.51 -19.19
N LYS A 535 -1.81 39.05 -20.08
CA LYS A 535 -0.96 38.28 -20.97
C LYS A 535 0.50 38.38 -20.56
N ASN A 536 1.25 37.33 -20.88
CA ASN A 536 2.71 37.23 -20.82
C ASN A 536 3.29 37.15 -19.41
N LYS A 537 2.48 37.16 -18.36
CA LYS A 537 2.99 36.96 -17.01
C LYS A 537 2.10 35.95 -16.27
N CYS A 538 2.75 35.16 -15.42
CA CYS A 538 2.05 34.10 -14.71
C CYS A 538 0.96 34.67 -13.83
N VAL A 539 -0.25 34.10 -13.93
CA VAL A 539 -1.42 34.60 -13.23
C VAL A 539 -2.23 33.41 -12.70
N ASN A 540 -3.20 33.73 -11.85
CA ASN A 540 -4.14 32.74 -11.34
C ASN A 540 -5.46 32.94 -12.09
N PHE A 541 -5.70 32.08 -13.07
CA PHE A 541 -6.83 32.22 -13.97
C PHE A 541 -7.91 31.18 -13.65
N ASN A 542 -9.15 31.52 -13.99
CA ASN A 542 -10.29 30.62 -13.85
C ASN A 542 -11.23 30.91 -15.02
N PHE A 543 -11.15 30.07 -16.06
CA PHE A 543 -11.91 30.28 -17.29
C PHE A 543 -12.97 29.20 -17.42
N ASN A 544 -14.23 29.62 -17.54
CA ASN A 544 -15.36 28.71 -17.75
C ASN A 544 -15.45 27.65 -16.65
N GLY A 545 -14.97 27.97 -15.46
CA GLY A 545 -14.91 27.03 -14.36
C GLY A 545 -13.63 26.23 -14.28
N LEU A 546 -12.84 26.20 -15.34
CA LEU A 546 -11.55 25.52 -15.32
C LEU A 546 -10.55 26.38 -14.56
N THR A 547 -9.87 25.77 -13.59
CA THR A 547 -8.96 26.47 -12.69
C THR A 547 -7.53 26.02 -12.93
N GLY A 548 -6.61 26.98 -12.94
CA GLY A 548 -5.20 26.66 -13.12
C GLY A 548 -4.38 27.93 -13.06
N THR A 549 -3.06 27.72 -13.11
CA THR A 549 -2.09 28.81 -13.12
C THR A 549 -1.19 28.67 -14.34
N GLY A 550 -0.92 29.79 -14.99
CA GLY A 550 -0.08 29.77 -16.17
C GLY A 550 0.00 31.14 -16.82
N VAL A 551 0.60 31.17 -18.00
CA VAL A 551 0.77 32.38 -18.78
C VAL A 551 -0.22 32.34 -19.94
N LEU A 552 -1.14 33.31 -19.96
CA LEU A 552 -2.15 33.38 -21.01
C LEU A 552 -1.61 34.18 -22.19
N THR A 553 -0.66 33.57 -22.90
CA THR A 553 -0.08 34.18 -24.07
C THR A 553 -1.07 34.18 -25.23
N GLU A 554 -0.95 35.19 -26.09
CA GLU A 554 -1.90 35.35 -27.20
C GLU A 554 -1.77 34.21 -28.19
N SER A 555 -2.92 33.74 -28.68
CA SER A 555 -2.97 32.70 -29.69
C SER A 555 -4.17 32.95 -30.60
N ASN A 556 -4.12 32.37 -31.80
CA ASN A 556 -5.16 32.54 -32.80
C ASN A 556 -5.68 31.20 -33.28
N LYS A 557 -5.95 30.28 -32.35
CA LYS A 557 -6.44 28.96 -32.72
C LYS A 557 -7.86 29.06 -33.27
N LYS A 558 -8.18 28.16 -34.19
CA LYS A 558 -9.47 28.18 -34.89
C LYS A 558 -10.48 27.29 -34.14
N PHE A 559 -10.90 27.79 -32.98
CA PHE A 559 -11.89 27.07 -32.19
C PHE A 559 -13.27 27.18 -32.84
N LEU A 560 -13.95 26.05 -32.98
CA LEU A 560 -15.30 26.07 -33.49
C LEU A 560 -16.24 26.69 -32.46
N PRO A 561 -17.38 27.25 -32.91
CA PRO A 561 -18.24 28.00 -31.98
C PRO A 561 -18.68 27.21 -30.76
N PHE A 562 -18.97 25.91 -30.91
CA PHE A 562 -19.40 25.11 -29.77
C PHE A 562 -18.24 24.72 -28.86
N GLN A 563 -17.00 24.90 -29.29
CA GLN A 563 -15.83 24.51 -28.51
C GLN A 563 -15.64 25.52 -27.39
N GLN A 564 -16.18 25.19 -26.22
CA GLN A 564 -16.09 26.10 -25.08
C GLN A 564 -14.63 26.32 -24.66
N PHE A 565 -13.84 25.26 -24.66
CA PHE A 565 -12.41 25.37 -24.38
C PHE A 565 -11.68 24.33 -25.21
N GLY A 566 -10.39 24.18 -24.97
CA GLY A 566 -9.58 23.24 -25.73
C GLY A 566 -8.61 22.51 -24.83
N ARG A 567 -7.93 21.53 -25.42
CA ARG A 567 -6.92 20.75 -24.73
C ARG A 567 -5.89 20.29 -25.76
N ASP A 568 -5.05 19.34 -25.37
CA ASP A 568 -4.05 18.76 -26.24
C ASP A 568 -3.95 17.28 -25.92
N ILE A 569 -2.90 16.63 -26.44
CA ILE A 569 -2.66 15.24 -26.09
C ILE A 569 -2.38 15.14 -24.59
N ALA A 570 -2.54 13.93 -24.05
CA ALA A 570 -2.23 13.62 -22.66
C ALA A 570 -3.17 14.34 -21.68
N ASP A 571 -4.31 14.81 -22.18
CA ASP A 571 -5.34 15.45 -21.37
C ASP A 571 -4.78 16.65 -20.59
N THR A 572 -4.28 17.62 -21.34
CA THR A 572 -3.75 18.86 -20.78
C THR A 572 -4.47 20.04 -21.43
N THR A 573 -4.95 20.96 -20.60
CA THR A 573 -5.67 22.14 -21.08
C THR A 573 -4.68 23.14 -21.67
N ASP A 574 -4.11 22.75 -22.82
CA ASP A 574 -3.11 23.59 -23.47
C ASP A 574 -3.69 24.92 -23.93
N ALA A 575 -4.90 24.90 -24.48
CA ALA A 575 -5.54 26.10 -24.99
C ALA A 575 -6.89 26.28 -24.32
N VAL A 576 -7.42 27.49 -24.42
CA VAL A 576 -8.72 27.81 -23.82
C VAL A 576 -9.31 28.99 -24.58
N ARG A 577 -10.64 29.04 -24.64
CA ARG A 577 -11.35 30.15 -25.27
C ARG A 577 -11.70 31.17 -24.19
N ASP A 578 -11.08 32.35 -24.27
CA ASP A 578 -11.38 33.42 -23.33
C ASP A 578 -12.68 34.09 -23.73
N PRO A 579 -13.70 34.12 -22.89
CA PRO A 579 -15.01 34.63 -23.29
C PRO A 579 -15.02 36.16 -23.34
N GLN A 580 -16.19 36.70 -23.69
CA GLN A 580 -16.45 38.11 -23.90
C GLN A 580 -15.73 38.62 -25.15
N THR A 581 -14.90 37.77 -25.75
CA THR A 581 -14.17 38.15 -26.96
C THR A 581 -14.00 37.00 -27.95
N LEU A 582 -14.48 35.79 -27.62
CA LEU A 582 -14.29 34.58 -28.43
C LEU A 582 -12.84 34.38 -28.87
N GLU A 583 -11.89 34.94 -28.12
CA GLU A 583 -10.49 34.83 -28.44
C GLU A 583 -9.88 33.59 -27.76
N ILE A 584 -8.83 33.06 -28.36
CA ILE A 584 -8.16 31.85 -27.88
C ILE A 584 -6.85 32.27 -27.22
N LEU A 585 -6.65 31.81 -25.99
CA LEU A 585 -5.43 32.09 -25.25
C LEU A 585 -4.71 30.79 -24.94
N ASP A 586 -3.43 30.71 -25.33
CA ASP A 586 -2.62 29.52 -25.08
C ASP A 586 -2.11 29.53 -23.65
N ILE A 587 -2.45 28.48 -22.89
CA ILE A 587 -2.06 28.40 -21.48
C ILE A 587 -0.70 27.71 -21.44
N THR A 588 0.35 28.51 -21.62
CA THR A 588 1.70 27.99 -21.41
C THR A 588 1.94 27.82 -19.91
N PRO A 589 2.55 26.71 -19.49
CA PRO A 589 2.80 26.52 -18.05
C PRO A 589 3.74 27.59 -17.52
N CYS A 590 3.56 27.93 -16.25
CA CYS A 590 4.44 28.92 -15.62
C CYS A 590 5.87 28.40 -15.62
N SER A 591 6.82 29.33 -15.74
CA SER A 591 8.21 28.97 -15.97
C SER A 591 8.79 28.36 -14.70
N PHE A 592 8.53 27.06 -14.54
CA PHE A 592 9.02 26.30 -13.40
C PHE A 592 10.43 25.78 -13.70
N GLY A 593 10.92 24.89 -12.84
CA GLY A 593 12.24 24.30 -13.01
C GLY A 593 12.94 24.25 -11.68
N GLY A 594 13.76 23.22 -11.49
CA GLY A 594 14.49 23.07 -10.26
C GLY A 594 15.67 24.01 -10.16
N VAL A 595 16.32 23.96 -9.00
CA VAL A 595 17.51 24.76 -8.74
C VAL A 595 18.62 23.83 -8.26
N SER A 596 19.84 24.07 -8.75
CA SER A 596 20.99 23.24 -8.42
C SER A 596 22.11 24.12 -7.89
N VAL A 597 22.90 23.54 -6.99
CA VAL A 597 24.00 24.24 -6.33
C VAL A 597 25.31 23.64 -6.79
N ILE A 598 26.23 24.50 -7.23
CA ILE A 598 27.52 24.06 -7.74
C ILE A 598 28.53 24.37 -6.64
N THR A 599 28.76 23.39 -5.77
CA THR A 599 29.67 23.56 -4.63
C THR A 599 31.01 22.92 -4.96
N PRO A 600 32.11 23.68 -4.92
CA PRO A 600 33.43 23.08 -5.13
C PRO A 600 33.96 22.31 -3.94
N GLY A 601 33.26 22.32 -2.81
CA GLY A 601 33.71 21.60 -1.62
C GLY A 601 33.89 22.55 -0.46
N THR A 602 33.24 22.23 0.66
CA THR A 602 33.35 23.06 1.85
C THR A 602 34.79 23.12 2.35
N ASN A 603 35.49 21.99 2.33
CA ASN A 603 36.90 21.97 2.71
C ASN A 603 37.76 22.80 1.76
N THR A 604 37.25 23.13 0.58
CA THR A 604 37.98 23.93 -0.39
C THR A 604 37.61 25.40 -0.32
N SER A 605 36.32 25.72 -0.46
CA SER A 605 35.86 27.10 -0.40
C SER A 605 34.37 27.11 -0.08
N ASN A 606 33.79 28.30 -0.10
CA ASN A 606 32.37 28.49 0.15
C ASN A 606 31.64 29.20 -0.98
N GLN A 607 32.34 29.61 -2.03
CA GLN A 607 31.70 30.23 -3.17
C GLN A 607 30.85 29.21 -3.91
N VAL A 608 29.59 29.58 -4.20
CA VAL A 608 28.66 28.69 -4.86
C VAL A 608 28.05 29.39 -6.06
N ALA A 609 27.56 28.58 -7.01
CA ALA A 609 26.89 29.06 -8.20
C ALA A 609 25.51 28.44 -8.28
N VAL A 610 24.51 29.25 -8.63
CA VAL A 610 23.12 28.80 -8.66
C VAL A 610 22.74 28.48 -10.09
N LEU A 611 22.08 27.34 -10.29
CA LEU A 611 21.68 26.89 -11.62
C LEU A 611 20.16 26.90 -11.71
N TYR A 612 19.64 27.34 -12.84
CA TYR A 612 18.21 27.30 -13.14
C TYR A 612 18.01 26.56 -14.46
N GLN A 613 17.25 25.47 -14.42
CA GLN A 613 17.15 24.59 -15.58
C GLN A 613 16.10 25.08 -16.58
N ASP A 614 14.84 25.13 -16.17
CA ASP A 614 13.72 25.32 -17.10
C ASP A 614 13.22 26.75 -17.15
N VAL A 615 14.13 27.68 -16.82
CA VAL A 615 13.78 29.14 -16.84
C VAL A 615 14.87 29.87 -17.63
N ASN A 616 14.57 31.09 -18.08
CA ASN A 616 15.61 31.89 -18.75
C ASN A 616 16.09 32.95 -17.77
N CYS A 617 17.00 33.82 -18.20
CA CYS A 617 17.59 34.79 -17.26
C CYS A 617 16.65 35.97 -17.04
N THR A 618 15.65 36.13 -17.91
CA THR A 618 14.81 37.32 -17.75
C THR A 618 13.73 37.11 -16.71
N GLU A 619 14.02 36.33 -15.68
CA GLU A 619 13.07 36.01 -14.62
C GLU A 619 13.66 36.45 -13.28
N VAL A 620 12.82 36.47 -12.25
CA VAL A 620 13.22 36.89 -10.91
C VAL A 620 14.33 36.02 -10.36
N SER A 640 29.96 36.86 -11.19
CA SER A 640 28.95 37.90 -11.10
C SER A 640 28.07 37.91 -12.36
N ASN A 641 28.70 37.72 -13.51
CA ASN A 641 27.97 37.69 -14.77
C ASN A 641 27.02 36.50 -14.80
N VAL A 642 25.83 36.72 -15.36
CA VAL A 642 24.78 35.72 -15.42
C VAL A 642 24.82 35.07 -16.79
N PHE A 643 24.96 33.74 -16.81
CA PHE A 643 25.14 32.99 -18.05
C PHE A 643 23.84 32.32 -18.46
N GLN A 644 23.65 32.19 -19.77
CA GLN A 644 22.47 31.56 -20.34
C GLN A 644 22.91 30.50 -21.35
N THR A 645 22.20 29.37 -21.37
CA THR A 645 22.56 28.26 -22.24
C THR A 645 21.33 27.38 -22.45
N ARG A 646 21.52 26.30 -23.19
CA ARG A 646 20.44 25.33 -23.40
C ARG A 646 19.99 24.71 -22.08
N ALA A 647 20.95 24.41 -21.19
CA ALA A 647 20.61 23.85 -19.90
C ALA A 647 19.75 24.81 -19.09
N GLY A 648 20.05 26.09 -19.16
CA GLY A 648 19.25 27.09 -18.49
C GLY A 648 20.10 28.28 -18.09
N CYS A 649 19.53 29.08 -17.19
CA CYS A 649 20.15 30.32 -16.74
C CYS A 649 21.01 30.04 -15.51
N LEU A 650 22.29 30.39 -15.60
CA LEU A 650 23.27 30.12 -14.56
C LEU A 650 23.63 31.43 -13.85
N ILE A 651 23.50 31.44 -12.53
CA ILE A 651 23.78 32.61 -11.71
C ILE A 651 24.85 32.23 -10.70
N GLY A 652 25.94 32.98 -10.68
CA GLY A 652 27.01 32.76 -9.72
C GLY A 652 28.32 32.29 -10.31
N ALA A 653 28.43 32.16 -11.63
CA ALA A 653 29.68 31.73 -12.26
C ALA A 653 29.98 32.63 -13.46
N GLU A 654 31.26 32.72 -13.79
CA GLU A 654 31.72 33.53 -14.90
C GLU A 654 32.24 32.64 -16.01
N HIS A 655 31.69 32.81 -17.21
CA HIS A 655 32.09 32.00 -18.35
C HIS A 655 33.51 32.32 -18.77
N VAL A 656 34.23 31.29 -19.23
CA VAL A 656 35.55 31.45 -19.81
C VAL A 656 35.55 30.78 -21.18
N ASN A 657 36.17 31.46 -22.15
CA ASN A 657 36.08 31.07 -23.58
C ASN A 657 36.90 29.81 -23.86
N ASN A 658 37.87 29.48 -23.00
CA ASN A 658 38.81 28.41 -23.28
C ASN A 658 38.19 27.07 -22.87
N SER A 659 38.98 26.00 -22.96
CA SER A 659 38.50 24.64 -22.73
C SER A 659 39.26 24.01 -21.57
N TYR A 660 38.52 23.41 -20.64
CA TYR A 660 39.10 22.73 -19.49
C TYR A 660 38.43 21.38 -19.29
N GLU A 661 39.23 20.37 -18.94
CA GLU A 661 38.68 19.09 -18.54
C GLU A 661 37.84 19.30 -17.29
N CYS A 662 36.54 19.07 -17.39
CA CYS A 662 35.61 19.63 -16.43
C CYS A 662 35.21 18.62 -15.36
N ASP A 663 34.91 19.12 -14.17
CA ASP A 663 34.63 18.31 -12.99
C ASP A 663 33.14 18.19 -12.69
N ILE A 664 32.42 19.30 -12.60
CA ILE A 664 31.00 19.26 -12.23
C ILE A 664 30.16 19.51 -13.47
N PRO A 665 29.54 18.48 -14.06
CA PRO A 665 28.69 18.70 -15.24
C PRO A 665 27.53 19.62 -14.92
N ILE A 666 27.50 20.77 -15.60
CA ILE A 666 26.46 21.76 -15.41
C ILE A 666 25.20 21.41 -16.18
N GLY A 667 25.35 20.96 -17.42
CA GLY A 667 24.23 20.66 -18.27
C GLY A 667 24.41 21.24 -19.66
N ALA A 668 24.02 20.47 -20.67
CA ALA A 668 24.09 20.90 -22.07
C ALA A 668 25.50 21.30 -22.47
N GLY A 669 26.50 20.61 -21.93
CA GLY A 669 27.88 20.82 -22.35
C GLY A 669 28.62 21.92 -21.62
N ILE A 670 28.39 22.02 -20.31
CA ILE A 670 29.05 23.01 -19.47
C ILE A 670 29.49 22.33 -18.17
N CYS A 671 30.65 22.73 -17.65
CA CYS A 671 31.09 22.24 -16.35
C CYS A 671 31.84 23.34 -15.63
N ALA A 672 31.95 23.19 -14.31
CA ALA A 672 32.73 24.11 -13.50
C ALA A 672 34.14 23.58 -13.29
N VAL A 684 36.32 25.06 -8.93
CA VAL A 684 36.78 26.40 -8.56
C VAL A 684 38.11 26.68 -9.25
N ALA A 685 38.34 27.95 -9.58
CA ALA A 685 39.58 28.37 -10.23
C ALA A 685 39.80 29.83 -9.90
N SER A 686 40.93 30.13 -9.26
CA SER A 686 41.29 31.50 -8.85
C SER A 686 40.17 32.10 -7.98
N GLN A 687 39.93 31.44 -6.85
CA GLN A 687 38.93 31.83 -5.85
C GLN A 687 37.59 32.21 -6.46
N SER A 688 37.23 31.59 -7.59
CA SER A 688 35.98 31.90 -8.26
C SER A 688 35.48 30.66 -8.98
N ILE A 689 34.18 30.63 -9.25
CA ILE A 689 33.53 29.52 -9.91
C ILE A 689 33.38 29.84 -11.38
N ILE A 690 33.95 29.01 -12.25
CA ILE A 690 33.89 29.21 -13.68
C ILE A 690 32.86 28.25 -14.27
N ALA A 691 32.47 28.52 -15.52
CA ALA A 691 31.50 27.69 -16.22
C ALA A 691 31.76 27.83 -17.71
N TYR A 692 32.39 26.83 -18.30
CA TYR A 692 32.90 26.92 -19.65
C TYR A 692 32.25 25.87 -20.54
N THR A 693 32.48 26.02 -21.85
CA THR A 693 32.15 24.97 -22.79
C THR A 693 32.98 23.73 -22.48
N MET A 694 32.33 22.57 -22.46
CA MET A 694 33.01 21.33 -22.11
C MET A 694 34.18 21.08 -23.06
N SER A 695 35.31 20.70 -22.49
CA SER A 695 36.48 20.32 -23.28
C SER A 695 36.38 18.84 -23.55
N LEU A 696 36.01 18.48 -24.77
CA LEU A 696 35.91 17.07 -25.14
C LEU A 696 37.26 16.38 -25.14
N GLY A 697 38.34 17.14 -25.09
CA GLY A 697 39.67 16.57 -25.00
C GLY A 697 40.68 17.49 -25.65
N ALA A 698 41.93 17.05 -25.62
CA ALA A 698 43.01 17.77 -26.28
C ALA A 698 42.89 17.52 -27.78
N GLU A 699 42.07 18.36 -28.42
CA GLU A 699 41.78 18.22 -29.84
C GLU A 699 43.04 18.33 -30.68
N ASN A 700 43.45 17.23 -31.31
CA ASN A 700 44.63 17.20 -32.16
C ASN A 700 44.29 16.54 -33.49
N SER A 701 44.63 17.22 -34.58
CA SER A 701 44.43 16.65 -35.90
C SER A 701 45.52 15.62 -36.16
N VAL A 702 45.14 14.33 -36.16
CA VAL A 702 46.10 13.27 -36.38
C VAL A 702 46.58 13.31 -37.82
N ALA A 703 47.89 13.22 -38.01
CA ALA A 703 48.52 13.43 -39.31
C ALA A 703 48.30 12.19 -40.18
N TYR A 704 47.18 12.17 -40.89
CA TYR A 704 46.86 11.05 -41.77
C TYR A 704 47.39 11.27 -43.17
N SER A 705 47.78 10.18 -43.81
CA SER A 705 48.11 10.17 -45.23
C SER A 705 48.07 8.72 -45.71
N ASN A 706 48.08 8.55 -47.03
CA ASN A 706 48.13 7.22 -47.60
C ASN A 706 49.46 6.52 -47.38
N ASN A 707 50.42 7.16 -46.70
CA ASN A 707 51.69 6.52 -46.39
C ASN A 707 52.19 6.88 -44.99
N SER A 708 51.32 7.37 -44.11
CA SER A 708 51.72 7.80 -42.77
C SER A 708 51.57 6.63 -41.79
N ILE A 709 52.66 6.33 -41.09
CA ILE A 709 52.66 5.27 -40.09
C ILE A 709 53.30 5.80 -38.82
N ALA A 710 52.75 5.41 -37.67
CA ALA A 710 53.31 5.71 -36.37
C ALA A 710 53.57 4.41 -35.64
N ILE A 711 54.77 4.27 -35.08
CA ILE A 711 55.15 3.05 -34.37
C ILE A 711 55.76 3.47 -33.03
N PRO A 712 55.28 2.94 -31.91
CA PRO A 712 55.82 3.37 -30.60
C PRO A 712 57.22 2.80 -30.38
N THR A 713 58.17 3.67 -30.04
CA THR A 713 59.57 3.24 -29.82
C THR A 713 59.76 2.77 -28.38
N ASN A 714 58.81 3.08 -27.50
CA ASN A 714 58.94 2.72 -26.06
C ASN A 714 57.55 2.36 -25.53
N PHE A 715 57.45 2.04 -24.25
CA PHE A 715 56.16 1.57 -23.70
C PHE A 715 56.10 1.82 -22.20
N THR A 716 54.95 2.28 -21.71
CA THR A 716 54.79 2.42 -20.28
C THR A 716 53.86 1.32 -19.79
N ILE A 717 54.34 0.53 -18.83
CA ILE A 717 53.56 -0.57 -18.28
C ILE A 717 52.82 -0.02 -17.07
N SER A 718 51.67 0.58 -17.32
CA SER A 718 50.86 1.12 -16.24
C SER A 718 50.06 0.01 -15.59
N VAL A 719 49.35 0.36 -14.52
CA VAL A 719 48.41 -0.54 -13.86
C VAL A 719 47.13 0.23 -13.61
N THR A 720 46.18 0.13 -14.55
CA THR A 720 44.85 0.67 -14.29
C THR A 720 44.22 -0.12 -13.15
N THR A 721 43.38 0.56 -12.37
CA THR A 721 42.85 0.01 -11.13
C THR A 721 41.33 -0.02 -11.21
N GLU A 722 40.80 -1.09 -11.77
CA GLU A 722 39.35 -1.27 -11.81
C GLU A 722 38.81 -1.59 -10.43
N ILE A 723 37.64 -1.05 -10.13
CA ILE A 723 37.06 -1.10 -8.78
C ILE A 723 35.65 -1.65 -8.93
N LEU A 724 35.49 -2.96 -8.79
CA LEU A 724 34.20 -3.61 -9.01
C LEU A 724 33.62 -4.12 -7.71
N PRO A 725 32.39 -3.76 -7.36
CA PRO A 725 31.76 -4.30 -6.15
C PRO A 725 31.22 -5.71 -6.36
N VAL A 726 31.93 -6.72 -5.84
CA VAL A 726 31.50 -8.09 -6.04
C VAL A 726 30.28 -8.42 -5.18
N SER A 727 30.28 -7.99 -3.93
CA SER A 727 29.21 -8.32 -3.00
C SER A 727 28.65 -7.05 -2.38
N MET A 728 27.64 -7.23 -1.53
CA MET A 728 27.06 -6.15 -0.75
C MET A 728 26.97 -6.58 0.70
N THR A 729 26.46 -5.70 1.54
CA THR A 729 26.15 -6.09 2.91
C THR A 729 25.04 -7.13 2.90
N LYS A 730 25.28 -8.28 3.51
CA LYS A 730 24.30 -9.36 3.48
C LYS A 730 23.13 -9.03 4.39
N THR A 731 22.38 -7.99 4.04
CA THR A 731 21.23 -7.60 4.85
C THR A 731 20.16 -8.69 4.78
N SER A 732 19.60 -9.02 5.94
CA SER A 732 18.56 -10.04 6.06
C SER A 732 17.45 -9.53 6.96
N VAL A 733 16.93 -8.35 6.65
CA VAL A 733 15.88 -7.69 7.43
C VAL A 733 14.80 -8.68 7.81
N ASP A 734 14.50 -8.75 9.10
CA ASP A 734 13.40 -9.57 9.60
C ASP A 734 12.11 -8.79 9.48
N CYS A 735 11.22 -9.24 8.60
CA CYS A 735 9.99 -8.50 8.34
C CYS A 735 9.16 -8.37 9.60
N THR A 736 9.11 -9.43 10.42
CA THR A 736 8.33 -9.37 11.65
C THR A 736 8.89 -8.31 12.60
N MET A 737 10.21 -8.25 12.77
CA MET A 737 10.77 -7.27 13.69
C MET A 737 10.74 -5.86 13.10
N TYR A 738 11.02 -5.72 11.80
CA TYR A 738 10.94 -4.43 11.16
C TYR A 738 9.53 -3.85 11.27
N ILE A 739 8.56 -4.53 10.67
CA ILE A 739 7.20 -4.00 10.64
C ILE A 739 6.60 -3.97 12.04
N CYS A 740 6.92 -4.96 12.87
CA CYS A 740 6.23 -5.10 14.14
C CYS A 740 7.14 -5.08 15.36
N GLY A 741 8.28 -5.76 15.32
CA GLY A 741 9.13 -5.80 16.50
C GLY A 741 8.54 -6.71 17.57
N ASP A 742 8.66 -6.26 18.83
CA ASP A 742 8.20 -7.08 19.95
C ASP A 742 6.68 -7.20 20.00
N SER A 743 5.95 -6.38 19.24
CA SER A 743 4.50 -6.45 19.24
C SER A 743 4.02 -7.75 18.60
N THR A 744 2.88 -8.23 19.08
CA THR A 744 2.31 -9.48 18.59
C THR A 744 0.95 -9.33 17.92
N GLU A 745 0.19 -8.27 18.23
CA GLU A 745 -1.10 -8.08 17.57
C GLU A 745 -0.92 -7.75 16.10
N CYS A 746 -0.02 -6.81 15.78
CA CYS A 746 0.29 -6.55 14.39
C CYS A 746 1.07 -7.70 13.77
N SER A 747 1.75 -8.51 14.58
CA SER A 747 2.34 -9.73 14.05
C SER A 747 1.25 -10.66 13.51
N ASN A 748 0.14 -10.77 14.24
CA ASN A 748 -1.01 -11.50 13.71
C ASN A 748 -1.58 -10.81 12.47
N LEU A 749 -1.66 -9.48 12.49
CA LEU A 749 -2.23 -8.76 11.35
C LEU A 749 -1.37 -8.93 10.10
N LEU A 750 -0.07 -9.13 10.26
CA LEU A 750 0.82 -9.23 9.11
C LEU A 750 0.60 -10.53 8.35
N LEU A 751 0.19 -11.60 9.03
CA LEU A 751 -0.19 -12.81 8.32
C LEU A 751 -1.39 -12.57 7.43
N GLN A 752 -2.27 -11.65 7.83
CA GLN A 752 -3.46 -11.35 7.05
C GLN A 752 -3.11 -10.67 5.72
N TYR A 753 -1.97 -10.00 5.65
CA TYR A 753 -1.50 -9.46 4.37
C TYR A 753 -0.77 -10.52 3.56
N GLY A 754 -1.39 -11.67 3.39
CA GLY A 754 -0.79 -12.72 2.57
C GLY A 754 0.52 -13.21 3.15
N SER A 755 1.39 -13.66 2.26
CA SER A 755 2.72 -14.14 2.64
C SER A 755 3.81 -13.13 2.29
N PHE A 756 3.48 -11.83 2.38
CA PHE A 756 4.47 -10.80 2.07
C PHE A 756 5.68 -10.91 2.97
N CYS A 757 5.48 -11.23 4.25
CA CYS A 757 6.60 -11.48 5.14
C CYS A 757 7.49 -12.60 4.59
N THR A 758 6.88 -13.74 4.25
CA THR A 758 7.65 -14.86 3.72
C THR A 758 8.29 -14.52 2.39
N GLN A 759 7.57 -13.82 1.50
CA GLN A 759 8.13 -13.48 0.21
C GLN A 759 9.33 -12.56 0.35
N LEU A 760 9.22 -11.54 1.19
CA LEU A 760 10.33 -10.61 1.39
C LEU A 760 11.52 -11.29 2.05
N ASN A 761 11.27 -12.13 3.06
CA ASN A 761 12.37 -12.82 3.71
C ASN A 761 13.04 -13.78 2.75
N ARG A 762 12.26 -14.44 1.90
CA ARG A 762 12.85 -15.33 0.90
C ARG A 762 13.66 -14.55 -0.12
N ALA A 763 13.19 -13.36 -0.51
CA ALA A 763 13.96 -12.54 -1.43
C ALA A 763 15.28 -12.09 -0.81
N LEU A 764 15.24 -11.69 0.48
CA LEU A 764 16.47 -11.29 1.16
C LEU A 764 17.44 -12.47 1.30
N THR A 765 16.92 -13.65 1.64
CA THR A 765 17.78 -14.82 1.73
C THR A 765 18.35 -15.18 0.37
N GLY A 766 17.54 -15.04 -0.69
CA GLY A 766 18.02 -15.31 -2.03
C GLY A 766 19.13 -14.38 -2.44
N ILE A 767 18.98 -13.08 -2.15
CA ILE A 767 20.04 -12.16 -2.51
C ILE A 767 21.26 -12.32 -1.61
N ALA A 768 21.07 -12.76 -0.37
CA ALA A 768 22.22 -13.04 0.50
C ALA A 768 23.02 -14.22 -0.03
N VAL A 769 22.34 -15.32 -0.37
CA VAL A 769 23.01 -16.43 -1.03
C VAL A 769 23.58 -15.99 -2.36
N GLU A 770 22.95 -15.00 -3.00
CA GLU A 770 23.46 -14.45 -4.24
C GLU A 770 24.83 -13.82 -4.02
N GLN A 771 24.96 -13.00 -2.97
CA GLN A 771 26.27 -12.42 -2.68
C GLN A 771 27.28 -13.50 -2.30
N ASP A 772 26.83 -14.51 -1.55
CA ASP A 772 27.73 -15.61 -1.20
C ASP A 772 28.27 -16.29 -2.44
N LYS A 773 27.41 -16.60 -3.40
CA LYS A 773 27.86 -17.26 -4.61
C LYS A 773 28.59 -16.31 -5.54
N ASN A 774 28.31 -15.01 -5.49
CA ASN A 774 29.13 -14.04 -6.20
C ASN A 774 30.56 -14.08 -5.69
N THR A 775 30.74 -14.08 -4.38
CA THR A 775 32.07 -14.13 -3.80
C THR A 775 32.74 -15.48 -4.10
N GLN A 776 31.95 -16.56 -4.13
CA GLN A 776 32.53 -17.87 -4.44
C GLN A 776 32.94 -17.98 -5.90
N GLU A 777 32.16 -17.37 -6.81
CA GLU A 777 32.48 -17.39 -8.23
C GLU A 777 33.61 -16.45 -8.59
N VAL A 778 33.78 -15.36 -7.84
CA VAL A 778 34.88 -14.43 -8.08
C VAL A 778 36.17 -14.97 -7.46
N PHE A 779 36.17 -15.18 -6.15
CA PHE A 779 37.36 -15.62 -5.44
C PHE A 779 37.49 -17.14 -5.40
N ALA A 780 36.48 -17.84 -4.87
CA ALA A 780 36.57 -19.26 -4.57
C ALA A 780 36.59 -20.14 -5.81
N GLN A 781 36.68 -19.56 -7.00
CA GLN A 781 36.77 -20.37 -8.21
C GLN A 781 38.06 -21.18 -8.27
N VAL A 782 39.05 -20.82 -7.46
CA VAL A 782 40.24 -21.65 -7.33
C VAL A 782 39.90 -22.90 -6.54
N LYS A 783 40.31 -24.06 -7.05
CA LYS A 783 39.93 -25.32 -6.43
C LYS A 783 40.63 -25.52 -5.08
N GLN A 784 41.92 -25.21 -5.00
CA GLN A 784 42.69 -25.46 -3.80
C GLN A 784 43.58 -24.25 -3.48
N ILE A 785 43.68 -23.94 -2.19
CA ILE A 785 44.50 -22.81 -1.76
C ILE A 785 45.96 -23.09 -2.07
N TYR A 786 46.63 -22.10 -2.65
CA TYR A 786 48.06 -22.15 -2.89
C TYR A 786 48.76 -21.12 -2.02
N LYS A 787 49.88 -21.52 -1.43
CA LYS A 787 50.67 -20.61 -0.60
C LYS A 787 51.95 -20.25 -1.37
N THR A 788 52.28 -18.97 -1.37
CA THR A 788 53.49 -18.52 -2.00
C THR A 788 54.70 -19.02 -1.21
N PRO A 789 55.83 -19.27 -1.89
CA PRO A 789 57.03 -19.64 -1.16
C PRO A 789 57.49 -18.49 -0.28
N PRO A 790 58.10 -18.80 0.87
CA PRO A 790 58.62 -17.71 1.72
C PRO A 790 59.64 -16.84 1.01
N ILE A 791 60.46 -17.42 0.13
CA ILE A 791 61.42 -16.65 -0.65
C ILE A 791 60.78 -16.27 -1.98
N LYS A 792 60.89 -14.99 -2.34
CA LYS A 792 60.23 -14.45 -3.52
C LYS A 792 61.28 -13.87 -4.46
N ASP A 793 61.85 -14.74 -5.29
CA ASP A 793 62.78 -14.32 -6.33
C ASP A 793 62.02 -14.19 -7.66
N PHE A 794 61.08 -13.25 -7.69
CA PHE A 794 60.23 -13.05 -8.85
C PHE A 794 60.88 -12.17 -9.91
N GLY A 795 62.10 -12.52 -10.30
CA GLY A 795 62.77 -11.84 -11.40
C GLY A 795 62.89 -10.34 -11.25
N GLY A 796 62.82 -9.82 -10.03
CA GLY A 796 62.82 -8.40 -9.79
C GLY A 796 61.45 -7.78 -9.62
N PHE A 797 60.39 -8.51 -9.94
CA PHE A 797 59.04 -7.97 -9.79
C PHE A 797 58.67 -7.93 -8.32
N ASN A 798 59.04 -6.84 -7.65
CA ASN A 798 58.84 -6.75 -6.19
C ASN A 798 57.35 -6.91 -5.90
N PHE A 799 57.01 -7.99 -5.22
CA PHE A 799 55.63 -8.28 -4.85
C PHE A 799 55.37 -8.04 -3.37
N SER A 800 56.12 -7.13 -2.75
CA SER A 800 56.02 -6.95 -1.30
C SER A 800 54.63 -6.49 -0.89
N GLN A 801 54.05 -5.54 -1.62
CA GLN A 801 52.78 -4.96 -1.23
C GLN A 801 51.57 -5.78 -1.68
N ILE A 802 51.77 -6.81 -2.50
CA ILE A 802 50.67 -7.57 -3.07
C ILE A 802 50.43 -8.87 -2.32
N LEU A 803 51.49 -9.56 -1.92
CA LEU A 803 51.35 -10.78 -1.15
C LEU A 803 50.84 -10.44 0.25
N PRO A 804 50.22 -11.43 0.95
CA PRO A 804 49.50 -11.10 2.19
C PRO A 804 50.38 -10.59 3.33
N ASP A 805 51.67 -10.37 3.09
CA ASP A 805 52.55 -9.76 4.08
C ASP A 805 52.61 -10.60 5.34
N PRO A 806 53.33 -11.73 5.34
CA PRO A 806 53.33 -12.65 6.48
C PRO A 806 53.45 -11.98 7.84
N SER A 807 54.24 -10.91 7.93
CA SER A 807 54.39 -10.15 9.17
C SER A 807 53.36 -9.03 9.22
N LYS A 808 52.09 -9.43 9.30
CA LYS A 808 50.98 -8.50 9.39
C LYS A 808 49.98 -9.02 10.42
N PRO A 809 49.48 -8.16 11.31
CA PRO A 809 48.48 -8.62 12.29
C PRO A 809 47.23 -9.21 11.64
N SER A 810 46.80 -8.66 10.51
CA SER A 810 45.59 -9.13 9.83
C SER A 810 45.90 -10.04 8.66
N LYS A 811 47.17 -10.41 8.46
CA LYS A 811 47.58 -11.34 7.41
C LYS A 811 47.08 -10.88 6.03
N ARG A 812 47.15 -9.58 5.78
CA ARG A 812 46.69 -9.00 4.53
C ARG A 812 47.82 -8.22 3.87
N SER A 813 47.68 -8.05 2.56
CA SER A 813 48.69 -7.33 1.80
C SER A 813 48.67 -5.84 2.17
N PRO A 814 49.82 -5.17 2.08
CA PRO A 814 49.82 -3.71 2.29
C PRO A 814 48.86 -2.98 1.37
N ILE A 815 48.79 -3.38 0.09
CA ILE A 815 47.77 -2.81 -0.78
C ILE A 815 46.39 -3.12 -0.22
N GLU A 816 46.15 -4.37 0.17
CA GLU A 816 44.87 -4.73 0.77
C GLU A 816 44.64 -3.97 2.08
N ASP A 817 45.71 -3.70 2.83
CA ASP A 817 45.57 -2.94 4.07
C ASP A 817 45.06 -1.53 3.78
N LEU A 818 45.70 -0.84 2.83
CA LEU A 818 45.21 0.49 2.46
C LEU A 818 43.80 0.43 1.92
N LEU A 819 43.50 -0.58 1.07
CA LEU A 819 42.14 -0.67 0.52
C LEU A 819 41.11 -0.85 1.63
N PHE A 820 41.46 -1.59 2.68
CA PHE A 820 40.61 -1.67 3.86
C PHE A 820 40.51 -0.31 4.56
N ASN A 821 41.58 0.49 4.50
CA ASN A 821 41.61 1.71 5.31
C ASN A 821 40.54 2.72 4.89
N LYS A 822 40.28 2.86 3.58
CA LYS A 822 39.32 3.89 3.16
C LYS A 822 37.88 3.49 3.50
N VAL A 823 37.51 2.25 3.24
CA VAL A 823 36.11 1.82 3.34
C VAL A 823 35.69 1.90 4.81
N THR A 824 34.76 2.79 5.12
CA THR A 824 34.22 2.93 6.47
C THR A 824 33.10 1.89 6.64
N LEU A 825 33.52 0.63 6.79
CA LEU A 825 32.59 -0.48 6.92
C LEU A 825 31.77 -0.36 8.20
N GLN A 850 24.23 -2.24 14.40
CA GLN A 850 24.07 -0.94 15.02
C GLN A 850 22.65 -0.41 14.84
N LYS A 851 21.74 -1.32 14.48
CA LYS A 851 20.34 -0.98 14.23
C LYS A 851 19.41 -1.46 15.34
N PHE A 852 19.51 -2.73 15.73
CA PHE A 852 18.79 -3.32 16.86
C PHE A 852 17.28 -3.39 16.64
N ASN A 853 16.80 -3.07 15.44
CA ASN A 853 15.37 -3.17 15.12
C ASN A 853 15.27 -3.77 13.71
N GLY A 854 15.19 -5.09 13.65
CA GLY A 854 15.34 -5.72 12.36
C GLY A 854 16.74 -5.44 11.83
N LEU A 855 16.84 -5.33 10.50
CA LEU A 855 18.06 -4.89 9.85
C LEU A 855 19.27 -5.72 10.27
N THR A 856 19.03 -6.98 10.60
CA THR A 856 20.09 -7.84 11.12
C THR A 856 21.05 -8.17 9.98
N VAL A 857 22.19 -7.47 9.95
CA VAL A 857 23.22 -7.78 8.97
C VAL A 857 23.85 -9.12 9.31
N LEU A 858 24.03 -9.95 8.29
CA LEU A 858 24.64 -11.26 8.48
C LEU A 858 26.08 -11.25 7.99
N PRO A 859 26.98 -11.91 8.73
CA PRO A 859 28.36 -12.00 8.28
C PRO A 859 28.45 -12.82 7.01
N PRO A 860 29.39 -12.52 6.12
CA PRO A 860 29.58 -13.35 4.95
C PRO A 860 30.06 -14.74 5.34
N LEU A 861 29.66 -15.73 4.55
CA LEU A 861 30.16 -17.09 4.78
C LEU A 861 31.69 -17.11 4.73
N LEU A 862 32.27 -16.35 3.81
CA LEU A 862 33.70 -16.15 3.76
C LEU A 862 34.01 -14.83 4.47
N THR A 863 34.63 -14.93 5.65
CA THR A 863 34.98 -13.74 6.39
C THR A 863 36.04 -12.94 5.64
N ASP A 864 36.22 -11.68 6.06
CA ASP A 864 37.24 -10.83 5.45
C ASP A 864 38.59 -11.52 5.48
N GLU A 865 38.89 -12.24 6.56
CA GLU A 865 40.11 -13.02 6.61
C GLU A 865 40.11 -14.14 5.57
N MET A 866 38.97 -14.82 5.39
CA MET A 866 38.94 -15.89 4.39
C MET A 866 38.83 -15.33 2.97
N ILE A 867 38.18 -14.18 2.79
CA ILE A 867 38.22 -13.53 1.49
C ILE A 867 39.66 -13.17 1.14
N ALA A 868 40.41 -12.64 2.11
CA ALA A 868 41.83 -12.41 1.89
C ALA A 868 42.59 -13.71 1.69
N GLN A 869 42.09 -14.81 2.25
CA GLN A 869 42.74 -16.10 2.05
C GLN A 869 42.57 -16.58 0.60
N TYR A 870 41.35 -16.51 0.08
CA TYR A 870 41.14 -16.74 -1.35
C TYR A 870 42.00 -15.81 -2.19
N THR A 871 42.08 -14.53 -1.80
CA THR A 871 42.89 -13.59 -2.57
C THR A 871 44.36 -13.99 -2.56
N SER A 872 44.89 -14.40 -1.41
CA SER A 872 46.27 -14.84 -1.33
C SER A 872 46.50 -16.09 -2.16
N ALA A 873 45.57 -17.03 -2.12
CA ALA A 873 45.69 -18.24 -2.93
C ALA A 873 45.67 -17.90 -4.41
N LEU A 874 44.77 -17.00 -4.81
CA LEU A 874 44.64 -16.59 -6.20
C LEU A 874 45.89 -15.88 -6.68
N LEU A 875 46.45 -15.00 -5.85
CA LEU A 875 47.69 -14.32 -6.21
C LEU A 875 48.84 -15.31 -6.31
N ALA A 876 48.92 -16.25 -5.37
CA ALA A 876 49.99 -17.24 -5.42
C ALA A 876 49.89 -18.10 -6.67
N GLY A 877 48.68 -18.50 -7.04
CA GLY A 877 48.50 -19.25 -8.26
C GLY A 877 48.83 -18.44 -9.50
N THR A 878 48.40 -17.18 -9.52
CA THR A 878 48.67 -16.32 -10.67
C THR A 878 50.17 -16.10 -10.84
N ILE A 879 50.88 -15.82 -9.74
CA ILE A 879 52.31 -15.56 -9.81
C ILE A 879 53.08 -16.82 -10.13
N THR A 880 52.76 -17.93 -9.46
CA THR A 880 53.55 -19.15 -9.56
C THR A 880 53.07 -20.07 -10.68
N SER A 881 51.76 -20.21 -10.86
CA SER A 881 51.24 -21.13 -11.86
C SER A 881 50.77 -20.45 -13.14
N GLY A 882 50.43 -19.17 -13.09
CA GLY A 882 50.00 -18.47 -14.29
C GLY A 882 48.52 -18.64 -14.53
N TRP A 883 48.14 -19.00 -15.75
CA TRP A 883 46.75 -19.25 -16.07
C TRP A 883 46.35 -20.70 -15.96
N THR A 884 47.30 -21.62 -15.80
CA THR A 884 46.96 -23.03 -15.86
C THR A 884 46.17 -23.48 -14.65
N PHE A 885 46.30 -22.77 -13.51
CA PHE A 885 45.60 -23.21 -12.31
C PHE A 885 44.10 -23.00 -12.39
N GLY A 886 43.59 -22.42 -13.48
CA GLY A 886 42.16 -22.32 -13.66
C GLY A 886 41.64 -23.22 -14.76
N ALA A 887 42.54 -23.63 -15.67
CA ALA A 887 42.16 -24.60 -16.68
C ALA A 887 42.10 -26.00 -16.10
N GLY A 888 43.23 -26.49 -15.59
CA GLY A 888 43.26 -27.74 -14.87
C GLY A 888 43.76 -27.51 -13.46
N PRO A 889 44.86 -28.16 -13.10
CA PRO A 889 45.53 -27.88 -11.83
C PRO A 889 46.60 -26.83 -11.99
N ALA A 890 47.18 -26.44 -10.86
CA ALA A 890 48.25 -25.44 -10.87
C ALA A 890 49.53 -26.04 -11.46
N LEU A 891 50.09 -25.37 -12.46
CA LEU A 891 51.32 -25.80 -13.11
C LEU A 891 52.31 -24.65 -12.97
N GLN A 892 53.35 -24.85 -12.16
CA GLN A 892 54.21 -23.76 -11.75
C GLN A 892 54.91 -23.12 -12.94
N ILE A 893 54.94 -21.78 -12.95
CA ILE A 893 55.62 -20.99 -13.97
C ILE A 893 56.37 -19.85 -13.28
N PRO A 894 57.68 -19.73 -13.48
CA PRO A 894 58.39 -18.55 -13.00
C PRO A 894 57.82 -17.29 -13.63
N PHE A 895 57.78 -16.23 -12.83
CA PHE A 895 57.15 -14.99 -13.27
C PHE A 895 57.76 -14.40 -14.55
N PRO A 896 59.09 -14.40 -14.75
CA PRO A 896 59.62 -13.91 -16.03
C PRO A 896 58.93 -14.49 -17.25
N MET A 897 58.87 -15.83 -17.37
CA MET A 897 58.26 -16.39 -18.57
C MET A 897 56.75 -16.21 -18.59
N GLN A 898 56.09 -16.18 -17.43
CA GLN A 898 54.65 -15.92 -17.45
C GLN A 898 54.36 -14.54 -18.01
N MET A 899 55.10 -13.53 -17.59
CA MET A 899 54.86 -12.20 -18.15
C MET A 899 55.37 -12.09 -19.58
N ALA A 900 56.38 -12.89 -19.94
CA ALA A 900 56.79 -12.96 -21.34
C ALA A 900 55.66 -13.47 -22.22
N TYR A 901 54.98 -14.52 -21.77
CA TYR A 901 53.83 -15.02 -22.51
C TYR A 901 52.65 -14.08 -22.45
N ARG A 902 52.53 -13.29 -21.38
CA ARG A 902 51.46 -12.31 -21.34
C ARG A 902 51.74 -11.13 -22.26
N PHE A 903 53.01 -10.89 -22.61
CA PHE A 903 53.29 -10.08 -23.80
C PHE A 903 52.92 -10.83 -25.07
N ASN A 904 53.34 -12.10 -25.19
CA ASN A 904 53.17 -12.82 -26.43
C ASN A 904 51.70 -12.95 -26.82
N GLY A 905 50.81 -12.93 -25.84
CA GLY A 905 49.40 -13.07 -26.11
C GLY A 905 48.67 -11.81 -26.50
N ILE A 906 49.36 -10.67 -26.65
CA ILE A 906 48.73 -9.43 -27.05
C ILE A 906 49.46 -8.83 -28.24
N GLY A 907 50.18 -9.66 -28.99
CA GLY A 907 50.88 -9.21 -30.16
C GLY A 907 52.20 -8.51 -29.89
N VAL A 908 52.64 -8.46 -28.64
CA VAL A 908 53.95 -7.92 -28.30
C VAL A 908 54.90 -9.09 -28.11
N THR A 909 55.95 -9.15 -28.93
CA THR A 909 56.85 -10.28 -28.92
C THR A 909 57.55 -10.38 -27.56
N GLN A 910 57.81 -11.61 -27.13
CA GLN A 910 58.41 -11.86 -25.82
C GLN A 910 59.78 -11.21 -25.67
N ASN A 911 60.47 -10.91 -26.77
CA ASN A 911 61.81 -10.36 -26.67
C ASN A 911 61.86 -9.01 -25.98
N VAL A 912 60.72 -8.32 -25.90
CA VAL A 912 60.68 -7.03 -25.20
C VAL A 912 61.01 -7.23 -23.73
N LEU A 913 60.37 -8.22 -23.09
CA LEU A 913 60.52 -8.40 -21.66
C LEU A 913 61.92 -8.85 -21.28
N TYR A 914 62.45 -9.82 -22.01
CA TYR A 914 63.71 -10.43 -21.60
C TYR A 914 64.86 -9.45 -21.66
N GLU A 915 64.67 -8.32 -22.36
CA GLU A 915 65.64 -7.25 -22.41
C GLU A 915 65.26 -6.06 -21.55
N ASN A 916 63.97 -5.87 -21.25
CA ASN A 916 63.52 -4.74 -20.46
C ASN A 916 63.15 -5.09 -19.03
N GLN A 917 63.46 -6.32 -18.58
CA GLN A 917 62.95 -6.83 -17.31
C GLN A 917 63.17 -5.87 -16.15
N LYS A 918 64.35 -5.26 -16.06
CA LYS A 918 64.63 -4.37 -14.93
C LYS A 918 63.71 -3.15 -14.97
N LEU A 919 63.60 -2.50 -16.13
CA LEU A 919 62.72 -1.36 -16.25
C LEU A 919 61.27 -1.75 -16.03
N ILE A 920 60.88 -2.94 -16.50
CA ILE A 920 59.51 -3.41 -16.31
C ILE A 920 59.20 -3.57 -14.84
N ALA A 921 60.10 -4.20 -14.09
CA ALA A 921 59.89 -4.38 -12.66
C ALA A 921 59.87 -3.05 -11.94
N ASN A 922 60.77 -2.12 -12.32
CA ASN A 922 60.80 -0.82 -11.67
C ASN A 922 59.51 -0.04 -11.93
N GLN A 923 59.03 -0.07 -13.17
CA GLN A 923 57.76 0.59 -13.49
C GLN A 923 56.60 -0.08 -12.76
N PHE A 924 56.64 -1.40 -12.66
CA PHE A 924 55.62 -2.14 -11.90
C PHE A 924 55.55 -1.66 -10.47
N ASN A 925 56.69 -1.65 -9.78
CA ASN A 925 56.71 -1.27 -8.37
C ASN A 925 56.41 0.21 -8.19
N SER A 926 56.90 1.06 -9.11
CA SER A 926 56.61 2.48 -9.03
C SER A 926 55.13 2.75 -9.21
N ALA A 927 54.48 2.01 -10.11
CA ALA A 927 53.04 2.18 -10.31
C ALA A 927 52.25 1.64 -9.13
N ILE A 928 52.72 0.57 -8.49
CA ILE A 928 52.10 0.14 -7.24
C ILE A 928 52.23 1.24 -6.18
N GLY A 929 53.40 1.88 -6.11
CA GLY A 929 53.56 3.00 -5.19
C GLY A 929 52.66 4.17 -5.52
N LYS A 930 52.46 4.42 -6.82
CA LYS A 930 51.51 5.46 -7.22
C LYS A 930 50.11 5.13 -6.78
N ILE A 931 49.72 3.85 -6.88
CA ILE A 931 48.44 3.42 -6.34
C ILE A 931 48.38 3.69 -4.85
N GLN A 932 49.46 3.37 -4.13
CA GLN A 932 49.49 3.59 -2.69
C GLN A 932 49.32 5.06 -2.33
N ASP A 933 49.99 5.95 -3.08
CA ASP A 933 49.87 7.37 -2.82
C ASP A 933 48.47 7.88 -3.17
N SER A 934 47.88 7.37 -4.24
CA SER A 934 46.51 7.73 -4.57
C SER A 934 45.55 7.27 -3.49
N LEU A 935 45.83 6.14 -2.86
CA LEU A 935 44.99 5.67 -1.77
C LEU A 935 45.20 6.44 -0.48
N SER A 936 46.42 6.92 -0.24
CA SER A 936 46.72 7.59 1.03
C SER A 936 46.08 8.97 1.10
N SER A 937 46.11 9.73 0.01
CA SER A 937 45.65 11.11 0.07
C SER A 937 44.49 11.41 -0.87
N THR A 938 44.50 10.88 -2.08
CA THR A 938 43.46 11.20 -3.04
C THR A 938 42.13 10.62 -2.58
N PRO A 939 41.08 11.42 -2.45
CA PRO A 939 39.78 10.90 -2.06
C PRO A 939 38.87 10.52 -3.22
N SER A 940 38.01 9.53 -2.94
CA SER A 940 37.13 8.89 -3.92
C SER A 940 37.92 8.17 -5.02
N ALA A 941 39.23 7.98 -4.82
CA ALA A 941 39.99 7.16 -5.74
C ALA A 941 39.51 5.71 -5.69
N LEU A 942 39.13 5.24 -4.51
CA LEU A 942 38.41 3.98 -4.33
C LEU A 942 36.92 4.23 -4.20
N GLY A 943 36.43 5.21 -4.95
CA GLY A 943 35.07 5.68 -4.80
C GLY A 943 34.00 4.75 -5.30
N LYS A 944 34.35 3.62 -5.92
CA LYS A 944 33.32 2.71 -6.43
C LYS A 944 32.81 1.76 -5.35
N LEU A 945 33.70 1.02 -4.69
CA LEU A 945 33.28 0.24 -3.53
C LEU A 945 32.81 1.16 -2.41
N GLN A 946 33.49 2.30 -2.22
CA GLN A 946 33.01 3.28 -1.27
C GLN A 946 31.62 3.77 -1.64
N ASP A 947 31.37 3.94 -2.94
CA ASP A 947 30.05 4.37 -3.41
C ASP A 947 28.99 3.33 -3.12
N VAL A 948 29.28 2.06 -3.38
CA VAL A 948 28.27 1.02 -3.14
C VAL A 948 28.04 0.83 -1.64
N VAL A 949 29.09 0.96 -0.83
CA VAL A 949 28.93 0.88 0.62
C VAL A 949 28.09 2.04 1.12
N ASN A 950 28.34 3.24 0.60
CA ASN A 950 27.53 4.40 0.97
C ASN A 950 26.10 4.23 0.50
N GLN A 951 25.90 3.63 -0.68
CA GLN A 951 24.54 3.37 -1.17
C GLN A 951 23.80 2.41 -0.26
N ASN A 952 24.47 1.33 0.16
CA ASN A 952 23.84 0.38 1.06
C ASN A 952 23.54 1.02 2.42
N ALA A 953 24.49 1.80 2.94
CA ALA A 953 24.26 2.46 4.22
C ALA A 953 23.12 3.47 4.11
N GLN A 954 23.05 4.19 2.98
CA GLN A 954 21.96 5.14 2.76
C GLN A 954 20.63 4.44 2.65
N ALA A 955 20.58 3.29 1.97
CA ALA A 955 19.34 2.53 1.89
C ALA A 955 18.90 2.03 3.26
N LEU A 956 19.85 1.51 4.05
CA LEU A 956 19.51 1.03 5.39
C LEU A 956 19.04 2.18 6.28
N ASN A 957 19.74 3.31 6.23
CA ASN A 957 19.32 4.47 7.00
C ASN A 957 18.00 5.04 6.51
N THR A 958 17.72 4.90 5.21
CA THR A 958 16.42 5.28 4.68
C THR A 958 15.32 4.41 5.26
N LEU A 959 15.57 3.10 5.35
CA LEU A 959 14.62 2.21 6.02
C LEU A 959 14.43 2.64 7.47
N VAL A 960 15.53 2.91 8.16
CA VAL A 960 15.48 3.26 9.57
C VAL A 960 14.69 4.56 9.77
N LYS A 961 14.90 5.55 8.91
CA LYS A 961 14.11 6.77 8.98
C LYS A 961 12.66 6.53 8.60
N GLN A 962 12.40 5.61 7.68
CA GLN A 962 11.02 5.25 7.35
C GLN A 962 10.30 4.66 8.55
N LEU A 963 11.05 4.01 9.44
CA LEU A 963 10.46 3.66 10.74
C LEU A 963 9.93 4.91 11.45
N SER A 964 10.62 6.04 11.29
CA SER A 964 10.22 7.30 11.90
C SER A 964 9.27 8.10 11.02
N SER A 965 8.54 7.44 10.13
CA SER A 965 7.59 8.10 9.25
C SER A 965 6.17 7.82 9.71
N ASN A 966 5.27 8.74 9.37
CA ASN A 966 3.89 8.63 9.84
C ASN A 966 3.05 7.73 8.94
N PHE A 967 3.06 7.99 7.63
CA PHE A 967 2.09 7.39 6.71
C PHE A 967 0.68 7.62 7.21
N GLY A 968 0.45 8.74 7.87
CA GLY A 968 -0.74 8.90 8.70
C GLY A 968 -0.50 8.38 10.11
N ALA A 969 -1.20 7.30 10.47
CA ALA A 969 -0.97 6.58 11.72
C ALA A 969 -1.09 7.51 12.93
N ILE A 970 -2.29 8.07 13.09
CA ILE A 970 -2.70 8.95 14.19
C ILE A 970 -1.55 9.89 14.59
N SER A 971 -0.82 10.38 13.58
CA SER A 971 0.32 11.27 13.78
C SER A 971 1.35 10.65 14.74
N SER A 972 1.43 9.33 14.75
CA SER A 972 2.33 8.60 15.63
C SER A 972 3.27 7.75 14.79
N VAL A 973 4.56 7.86 15.06
CA VAL A 973 5.57 7.06 14.37
C VAL A 973 5.99 5.84 15.18
N LEU A 974 5.85 5.88 16.50
CA LEU A 974 6.14 4.70 17.32
C LEU A 974 5.19 3.57 16.96
N ASN A 975 5.75 2.37 16.79
CA ASN A 975 4.92 1.20 16.54
C ASN A 975 4.01 0.94 17.73
N ASP A 976 4.41 1.38 18.92
CA ASP A 976 3.60 1.21 20.13
C ASP A 976 2.45 2.22 20.14
N ILE A 977 1.65 2.16 19.06
CA ILE A 977 0.41 2.93 19.01
C ILE A 977 -0.54 2.46 20.09
N LEU A 978 -0.45 1.19 20.48
CA LEU A 978 -1.24 0.69 21.60
C LEU A 978 -0.78 1.36 22.89
N SER A 979 -1.47 1.02 23.98
CA SER A 979 -1.44 1.77 25.23
C SER A 979 -1.98 3.18 25.00
N ARG A 980 -2.50 3.42 23.80
CA ARG A 980 -3.19 4.66 23.46
C ARG A 980 -4.48 4.45 22.68
N LEU A 981 -4.66 3.31 22.02
CA LEU A 981 -5.82 3.07 21.17
C LEU A 981 -6.40 1.69 21.42
N ASP A 982 -7.71 1.59 21.32
CA ASP A 982 -8.39 0.31 21.48
C ASP A 982 -8.16 -0.57 20.24
N PRO A 983 -8.35 -1.87 20.35
CA PRO A 983 -7.99 -2.79 19.26
C PRO A 983 -8.58 -2.41 17.90
N PRO A 984 -9.83 -1.91 17.82
CA PRO A 984 -10.34 -1.48 16.50
C PRO A 984 -9.59 -0.30 15.88
N GLU A 985 -9.54 0.82 16.60
CA GLU A 985 -8.87 2.00 16.06
C GLU A 985 -7.37 1.82 15.99
N ALA A 986 -6.79 1.15 17.00
CA ALA A 986 -5.38 0.77 16.90
C ALA A 986 -5.16 -0.11 15.68
N GLU A 987 -6.12 -1.00 15.40
CA GLU A 987 -5.99 -1.89 14.25
C GLU A 987 -5.96 -1.10 12.95
N VAL A 988 -6.87 -0.13 12.79
CA VAL A 988 -6.91 0.59 11.52
C VAL A 988 -5.69 1.49 11.37
N GLN A 989 -5.29 2.19 12.45
CA GLN A 989 -4.11 3.05 12.36
C GLN A 989 -2.85 2.23 12.11
N ILE A 990 -2.69 1.13 12.85
CA ILE A 990 -1.54 0.27 12.64
C ILE A 990 -1.60 -0.41 11.30
N ASP A 991 -2.80 -0.62 10.72
CA ASP A 991 -2.89 -1.20 9.39
C ASP A 991 -2.40 -0.21 8.35
N ARG A 992 -2.75 1.07 8.52
CA ARG A 992 -2.16 2.10 7.67
C ARG A 992 -0.64 2.12 7.83
N LEU A 993 -0.16 1.96 9.07
CA LEU A 993 1.28 1.95 9.30
C LEU A 993 1.95 0.73 8.68
N ILE A 994 1.30 -0.44 8.71
CA ILE A 994 1.86 -1.61 8.06
C ILE A 994 1.84 -1.45 6.55
N THR A 995 0.79 -0.82 6.00
CA THR A 995 0.81 -0.55 4.57
C THR A 995 1.99 0.33 4.21
N GLY A 996 2.22 1.39 4.99
CA GLY A 996 3.34 2.28 4.71
C GLY A 996 4.69 1.59 4.87
N ARG A 997 4.88 0.86 5.97
CA ARG A 997 6.15 0.22 6.21
C ARG A 997 6.40 -0.95 5.26
N LEU A 998 5.35 -1.67 4.88
CA LEU A 998 5.47 -2.73 3.90
C LEU A 998 5.79 -2.15 2.53
N GLN A 999 5.19 -1.01 2.18
CA GLN A 999 5.54 -0.36 0.93
C GLN A 999 7.00 0.09 0.94
N SER A 1000 7.45 0.65 2.06
CA SER A 1000 8.85 1.07 2.17
C SER A 1000 9.79 -0.12 2.10
N LEU A 1001 9.44 -1.21 2.78
CA LEU A 1001 10.28 -2.40 2.77
C LEU A 1001 10.28 -3.05 1.39
N GLN A 1002 9.14 -3.05 0.70
CA GLN A 1002 9.08 -3.58 -0.64
C GLN A 1002 9.87 -2.72 -1.62
N THR A 1003 9.84 -1.40 -1.42
CA THR A 1003 10.70 -0.52 -2.20
C THR A 1003 12.16 -0.83 -1.94
N TYR A 1004 12.51 -1.06 -0.68
CA TYR A 1004 13.89 -1.42 -0.35
C TYR A 1004 14.28 -2.75 -0.98
N VAL A 1005 13.37 -3.73 -0.96
CA VAL A 1005 13.67 -5.04 -1.53
C VAL A 1005 13.78 -4.96 -3.03
N THR A 1006 12.92 -4.18 -3.69
CA THR A 1006 13.00 -4.01 -5.13
C THR A 1006 14.27 -3.27 -5.52
N GLN A 1007 14.63 -2.21 -4.79
CA GLN A 1007 15.86 -1.50 -5.07
C GLN A 1007 17.07 -2.38 -4.79
N GLN A 1008 16.99 -3.23 -3.78
CA GLN A 1008 18.06 -4.16 -3.49
C GLN A 1008 18.16 -5.25 -4.54
N LEU A 1009 17.03 -5.66 -5.12
CA LEU A 1009 17.06 -6.65 -6.19
C LEU A 1009 17.65 -6.06 -7.47
N ILE A 1010 17.28 -4.82 -7.79
CA ILE A 1010 17.87 -4.15 -8.96
C ILE A 1010 19.35 -3.88 -8.71
N ARG A 1011 19.70 -3.42 -7.52
CA ARG A 1011 21.09 -3.17 -7.18
C ARG A 1011 21.88 -4.47 -7.14
N ALA A 1012 21.25 -5.57 -6.74
CA ALA A 1012 21.92 -6.86 -6.73
C ALA A 1012 22.04 -7.42 -8.15
N ALA A 1013 21.12 -7.06 -9.04
CA ALA A 1013 21.31 -7.38 -10.45
C ALA A 1013 22.51 -6.62 -11.01
N GLU A 1014 22.65 -5.35 -10.62
CA GLU A 1014 23.84 -4.60 -11.02
C GLU A 1014 25.10 -5.18 -10.42
N ILE A 1015 25.05 -5.55 -9.14
CA ILE A 1015 26.20 -6.14 -8.45
C ILE A 1015 26.53 -7.50 -9.05
N ARG A 1016 25.51 -8.25 -9.48
CA ARG A 1016 25.74 -9.55 -10.10
C ARG A 1016 26.29 -9.40 -11.50
N ALA A 1017 25.87 -8.36 -12.22
CA ALA A 1017 26.51 -8.06 -13.50
C ALA A 1017 27.98 -7.73 -13.30
N SER A 1018 28.28 -6.92 -12.29
CA SER A 1018 29.69 -6.61 -11.99
C SER A 1018 30.43 -7.83 -11.45
N ALA A 1019 29.74 -8.73 -10.77
CA ALA A 1019 30.38 -9.91 -10.22
C ALA A 1019 30.65 -10.96 -11.29
N ASN A 1020 29.77 -11.07 -12.27
CA ASN A 1020 30.02 -11.89 -13.45
C ASN A 1020 30.96 -11.21 -14.42
N LEU A 1021 31.16 -9.91 -14.27
CA LEU A 1021 32.21 -9.19 -14.98
C LEU A 1021 33.57 -9.39 -14.34
N ALA A 1022 33.64 -9.44 -13.01
CA ALA A 1022 34.86 -9.75 -12.29
C ALA A 1022 35.23 -11.21 -12.39
N ALA A 1023 34.26 -12.11 -12.31
CA ALA A 1023 34.46 -13.52 -12.58
C ALA A 1023 34.81 -13.78 -14.04
N THR A 1024 34.60 -12.81 -14.93
CA THR A 1024 35.14 -12.88 -16.27
C THR A 1024 36.26 -11.87 -16.49
N LYS A 1025 36.47 -10.93 -15.56
CA LYS A 1025 37.76 -10.26 -15.43
C LYS A 1025 38.71 -11.05 -14.53
N MET A 1026 38.20 -12.06 -13.83
CA MET A 1026 39.03 -13.14 -13.34
C MET A 1026 38.80 -14.35 -14.22
N SER A 1027 39.74 -15.29 -14.15
CA SER A 1027 39.65 -16.53 -14.94
C SER A 1027 39.70 -16.25 -16.43
N GLU A 1028 39.78 -14.98 -16.81
CA GLU A 1028 39.97 -14.61 -18.21
C GLU A 1028 40.96 -13.45 -18.31
N CYS A 1029 41.08 -12.70 -17.23
CA CYS A 1029 42.01 -11.58 -17.15
C CYS A 1029 42.97 -11.70 -15.98
N VAL A 1030 42.53 -12.23 -14.84
CA VAL A 1030 43.45 -12.56 -13.76
C VAL A 1030 44.22 -13.83 -14.09
N LEU A 1031 43.50 -14.92 -14.28
CA LEU A 1031 44.13 -16.21 -14.54
C LEU A 1031 44.74 -16.20 -15.93
N GLY A 1032 43.90 -16.15 -16.96
CA GLY A 1032 44.37 -16.04 -18.32
C GLY A 1032 44.57 -14.59 -18.71
N GLN A 1033 44.96 -14.40 -19.96
CA GLN A 1033 45.12 -13.07 -20.53
C GLN A 1033 43.99 -12.84 -21.52
N SER A 1034 43.29 -11.72 -21.37
CA SER A 1034 42.12 -11.41 -22.20
C SER A 1034 42.58 -10.67 -23.45
N LYS A 1035 42.20 -11.19 -24.61
CA LYS A 1035 42.42 -10.52 -25.88
C LYS A 1035 41.32 -9.52 -26.21
N ARG A 1036 40.34 -9.39 -25.33
CA ARG A 1036 39.28 -8.41 -25.50
C ARG A 1036 39.87 -7.00 -25.41
N VAL A 1037 39.88 -6.29 -26.53
CA VAL A 1037 40.56 -4.99 -26.59
C VAL A 1037 39.85 -4.00 -25.69
N ASP A 1038 40.64 -3.29 -24.88
CA ASP A 1038 40.14 -2.28 -23.94
C ASP A 1038 39.10 -2.88 -22.99
N PHE A 1039 39.38 -4.10 -22.52
CA PHE A 1039 38.58 -4.74 -21.48
C PHE A 1039 39.32 -4.87 -20.16
N CYS A 1040 40.65 -4.78 -20.17
CA CYS A 1040 41.45 -4.95 -18.97
C CYS A 1040 42.43 -3.81 -18.77
N GLY A 1041 41.95 -2.57 -18.84
CA GLY A 1041 42.74 -1.44 -18.42
C GLY A 1041 43.21 -0.45 -19.47
N LYS A 1042 42.37 -0.15 -20.46
CA LYS A 1042 42.64 0.91 -21.43
C LYS A 1042 44.02 0.69 -22.09
N GLY A 1043 44.11 -0.44 -22.77
CA GLY A 1043 45.31 -0.80 -23.48
C GLY A 1043 45.48 -2.30 -23.53
N TYR A 1044 46.63 -2.71 -24.06
CA TYR A 1044 46.94 -4.14 -24.17
C TYR A 1044 47.19 -4.71 -22.78
N HIS A 1045 46.53 -5.82 -22.47
CA HIS A 1045 46.47 -6.36 -21.13
C HIS A 1045 47.62 -7.31 -20.86
N LEU A 1046 48.07 -7.35 -19.60
CA LEU A 1046 49.14 -8.23 -19.18
C LEU A 1046 48.65 -9.29 -18.19
N MET A 1047 48.10 -8.87 -17.06
CA MET A 1047 47.64 -9.77 -16.01
C MET A 1047 46.78 -8.94 -15.07
N SER A 1048 46.22 -9.60 -14.05
CA SER A 1048 45.37 -8.93 -13.11
C SER A 1048 45.57 -9.50 -11.72
N PHE A 1049 45.28 -8.70 -10.71
CA PHE A 1049 45.47 -9.06 -9.31
C PHE A 1049 44.18 -8.78 -8.56
N PRO A 1050 43.54 -9.77 -7.98
CA PRO A 1050 42.26 -9.54 -7.28
C PRO A 1050 42.46 -9.14 -5.82
N GLN A 1051 43.04 -7.97 -5.60
CA GLN A 1051 43.26 -7.47 -4.24
C GLN A 1051 41.94 -7.37 -3.51
N SER A 1052 41.78 -8.17 -2.45
CA SER A 1052 40.55 -8.18 -1.69
C SER A 1052 40.30 -6.80 -1.07
N ALA A 1053 39.05 -6.36 -1.17
CA ALA A 1053 38.65 -5.09 -0.60
C ALA A 1053 37.25 -5.26 -0.03
N PRO A 1054 36.87 -4.46 0.96
CA PRO A 1054 35.60 -4.71 1.66
C PRO A 1054 34.41 -4.63 0.72
N HIS A 1055 33.61 -5.70 0.70
CA HIS A 1055 32.37 -5.77 -0.08
C HIS A 1055 32.64 -5.47 -1.56
N GLY A 1056 33.66 -6.10 -2.09
CA GLY A 1056 34.01 -5.91 -3.49
C GLY A 1056 35.35 -6.52 -3.80
N VAL A 1057 35.93 -6.09 -4.92
CA VAL A 1057 37.26 -6.52 -5.31
C VAL A 1057 37.90 -5.37 -6.10
N VAL A 1058 39.22 -5.27 -6.01
CA VAL A 1058 39.98 -4.25 -6.69
C VAL A 1058 41.04 -4.95 -7.52
N PHE A 1059 41.00 -4.75 -8.83
CA PHE A 1059 41.93 -5.38 -9.75
C PHE A 1059 43.08 -4.42 -10.01
N LEU A 1060 44.27 -4.75 -9.50
CA LEU A 1060 45.49 -4.06 -9.90
C LEU A 1060 45.95 -4.61 -11.25
N HIS A 1061 45.01 -4.60 -12.20
CA HIS A 1061 45.21 -5.31 -13.45
C HIS A 1061 46.12 -4.52 -14.38
N VAL A 1062 47.32 -5.07 -14.59
CA VAL A 1062 48.37 -4.39 -15.33
C VAL A 1062 47.95 -4.19 -16.78
N THR A 1063 48.55 -3.20 -17.43
CA THR A 1063 48.26 -2.90 -18.83
C THR A 1063 49.54 -2.44 -19.53
N TYR A 1064 49.75 -2.94 -20.74
CA TYR A 1064 50.81 -2.47 -21.61
C TYR A 1064 50.33 -1.27 -22.41
N VAL A 1065 51.05 -0.16 -22.35
CA VAL A 1065 50.65 1.06 -23.04
C VAL A 1065 51.84 1.66 -23.79
N PRO A 1066 51.71 1.92 -25.09
CA PRO A 1066 52.80 2.54 -25.83
C PRO A 1066 53.06 3.97 -25.36
N ALA A 1067 54.31 4.41 -25.52
CA ALA A 1067 54.75 5.68 -24.96
C ALA A 1067 55.14 6.71 -26.01
N GLN A 1068 56.12 6.42 -26.87
CA GLN A 1068 56.68 7.42 -27.77
C GLN A 1068 56.62 6.94 -29.21
N GLU A 1069 55.94 7.70 -30.07
CA GLU A 1069 55.84 7.39 -31.48
C GLU A 1069 57.07 7.89 -32.22
N LYS A 1070 57.14 7.59 -33.53
CA LYS A 1070 58.27 7.99 -34.34
C LYS A 1070 57.89 8.62 -35.68
N ASN A 1071 56.67 8.43 -36.18
CA ASN A 1071 56.19 9.04 -37.41
C ASN A 1071 57.05 8.65 -38.61
N PHE A 1072 57.01 7.36 -38.94
CA PHE A 1072 57.74 6.84 -40.10
C PHE A 1072 56.90 6.98 -41.36
N THR A 1073 57.36 6.36 -42.44
CA THR A 1073 56.63 6.30 -43.70
C THR A 1073 56.44 4.85 -44.09
N THR A 1074 55.30 4.53 -44.71
CA THR A 1074 54.91 3.15 -44.95
C THR A 1074 54.25 3.01 -46.31
N ALA A 1075 53.96 1.76 -46.68
CA ALA A 1075 53.28 1.43 -47.93
C ALA A 1075 52.77 -0.01 -47.89
N PRO A 1076 51.53 -0.26 -48.30
CA PRO A 1076 50.96 -1.61 -48.19
C PRO A 1076 51.70 -2.60 -49.07
N ALA A 1077 52.21 -3.65 -48.45
CA ALA A 1077 52.95 -4.71 -49.14
C ALA A 1077 54.21 -4.21 -49.81
N ILE A 1078 55.04 -5.12 -50.30
CA ILE A 1078 56.28 -4.78 -51.00
C ILE A 1078 56.37 -5.65 -52.25
N CYS A 1079 56.58 -5.03 -53.40
CA CYS A 1079 56.71 -5.75 -54.66
C CYS A 1079 58.18 -6.00 -54.94
N HIS A 1080 58.61 -7.25 -54.79
CA HIS A 1080 59.95 -7.67 -55.15
C HIS A 1080 59.87 -8.77 -56.19
N ASP A 1081 60.74 -8.69 -57.19
CA ASP A 1081 60.75 -9.63 -58.31
C ASP A 1081 59.41 -9.67 -59.02
N GLY A 1082 58.69 -8.55 -59.00
CA GLY A 1082 57.35 -8.50 -59.54
C GLY A 1082 56.32 -9.25 -58.74
N LYS A 1083 56.70 -9.81 -57.60
CA LYS A 1083 55.83 -10.62 -56.77
C LYS A 1083 55.59 -9.90 -55.44
N ALA A 1084 54.33 -9.67 -55.11
CA ALA A 1084 54.01 -8.94 -53.89
C ALA A 1084 54.48 -9.70 -52.66
N HIS A 1085 54.90 -8.96 -51.65
CA HIS A 1085 55.37 -9.52 -50.39
C HIS A 1085 54.67 -8.81 -49.24
N PHE A 1086 53.74 -9.47 -48.63
CA PHE A 1086 53.02 -8.97 -47.48
C PHE A 1086 53.68 -9.47 -46.20
N PRO A 1087 53.65 -8.70 -45.11
CA PRO A 1087 54.38 -9.12 -43.91
C PRO A 1087 53.67 -10.25 -43.19
N ARG A 1088 54.43 -11.29 -42.84
CA ARG A 1088 53.86 -12.45 -42.17
C ARG A 1088 53.27 -12.07 -40.83
N GLU A 1089 54.00 -11.27 -40.04
CA GLU A 1089 53.49 -10.77 -38.76
C GLU A 1089 54.21 -9.46 -38.48
N GLY A 1090 53.52 -8.35 -38.74
CA GLY A 1090 54.11 -7.05 -38.57
C GLY A 1090 53.51 -6.07 -39.56
N VAL A 1091 53.98 -4.83 -39.48
CA VAL A 1091 53.54 -3.76 -40.37
C VAL A 1091 54.76 -3.23 -41.10
N PHE A 1092 54.69 -3.17 -42.42
CA PHE A 1092 55.80 -2.65 -43.21
C PHE A 1092 56.02 -1.18 -42.90
N VAL A 1093 57.26 -0.81 -42.63
CA VAL A 1093 57.62 0.53 -42.16
C VAL A 1093 58.96 0.91 -42.76
N SER A 1094 59.07 2.16 -43.24
CA SER A 1094 60.29 2.67 -43.84
C SER A 1094 60.86 3.78 -42.98
N ASN A 1095 62.20 3.87 -43.02
CA ASN A 1095 63.08 4.84 -42.34
C ASN A 1095 62.99 6.17 -43.09
N GLY A 1096 62.59 6.10 -44.36
CA GLY A 1096 62.82 7.15 -45.32
C GLY A 1096 63.99 6.88 -46.25
N THR A 1097 64.86 5.95 -45.89
CA THR A 1097 65.96 5.54 -46.75
C THR A 1097 66.01 4.02 -46.84
N HIS A 1098 65.51 3.35 -45.80
CA HIS A 1098 65.49 1.89 -45.75
C HIS A 1098 64.12 1.44 -45.25
N TRP A 1099 63.76 0.21 -45.63
CA TRP A 1099 62.48 -0.39 -45.27
C TRP A 1099 62.68 -1.47 -44.21
N PHE A 1100 61.69 -1.60 -43.34
CA PHE A 1100 61.79 -2.53 -42.22
C PHE A 1100 60.41 -3.11 -41.92
N VAL A 1101 60.42 -4.30 -41.32
CA VAL A 1101 59.21 -4.93 -40.80
C VAL A 1101 59.31 -4.86 -39.28
N THR A 1102 58.59 -3.93 -38.68
CA THR A 1102 58.54 -3.83 -37.23
C THR A 1102 57.26 -4.46 -36.72
N GLN A 1103 57.28 -4.85 -35.45
CA GLN A 1103 56.09 -5.40 -34.83
C GLN A 1103 54.98 -4.35 -34.79
N ARG A 1104 53.74 -4.82 -34.89
CA ARG A 1104 52.62 -3.92 -35.05
C ARG A 1104 52.36 -3.04 -33.83
N ASN A 1105 52.99 -3.33 -32.69
CA ASN A 1105 52.69 -2.55 -31.49
C ASN A 1105 53.93 -2.22 -30.67
N PHE A 1106 55.12 -2.34 -31.24
CA PHE A 1106 56.35 -1.95 -30.57
C PHE A 1106 57.45 -1.84 -31.62
N TYR A 1107 58.13 -0.71 -31.66
CA TYR A 1107 59.11 -0.47 -32.72
C TYR A 1107 60.34 -1.36 -32.51
N GLU A 1108 60.53 -2.33 -33.40
CA GLU A 1108 61.75 -3.11 -33.45
C GLU A 1108 62.01 -3.50 -34.89
N PRO A 1109 62.72 -2.65 -35.63
CA PRO A 1109 62.92 -2.93 -37.06
C PRO A 1109 63.86 -4.10 -37.27
N GLN A 1110 63.63 -4.84 -38.35
CA GLN A 1110 64.51 -5.92 -38.78
C GLN A 1110 64.59 -5.94 -40.29
N ILE A 1111 65.67 -6.53 -40.81
CA ILE A 1111 65.82 -6.68 -42.24
C ILE A 1111 64.71 -7.60 -42.76
N ILE A 1112 64.02 -7.16 -43.80
CA ILE A 1112 62.88 -7.89 -44.31
C ILE A 1112 63.36 -9.17 -44.98
N THR A 1113 62.77 -10.30 -44.59
CA THR A 1113 63.21 -11.61 -45.06
C THR A 1113 61.99 -12.46 -45.39
N THR A 1114 62.26 -13.60 -46.02
CA THR A 1114 61.18 -14.49 -46.47
C THR A 1114 60.38 -15.02 -45.28
N ASP A 1115 61.07 -15.44 -44.22
CA ASP A 1115 60.38 -15.97 -43.05
C ASP A 1115 59.54 -14.93 -42.33
N ASN A 1116 59.71 -13.65 -42.67
CA ASN A 1116 58.93 -12.57 -42.09
C ASN A 1116 57.82 -12.09 -43.02
N THR A 1117 57.57 -12.80 -44.11
CA THR A 1117 56.61 -12.35 -45.12
C THR A 1117 56.06 -13.56 -45.86
N PHE A 1118 55.13 -13.28 -46.78
CA PHE A 1118 54.64 -14.29 -47.71
C PHE A 1118 54.35 -13.61 -49.05
N VAL A 1119 54.03 -14.43 -50.05
CA VAL A 1119 53.88 -13.94 -51.41
C VAL A 1119 52.47 -14.25 -51.89
N SER A 1120 52.00 -13.43 -52.85
CA SER A 1120 50.68 -13.63 -53.44
C SER A 1120 50.66 -12.96 -54.82
N GLY A 1121 50.81 -13.76 -55.87
CA GLY A 1121 50.66 -13.25 -57.22
C GLY A 1121 51.64 -12.15 -57.55
N ASN A 1122 51.18 -11.17 -58.31
CA ASN A 1122 51.99 -10.05 -58.76
C ASN A 1122 51.56 -8.76 -58.09
N CYS A 1123 52.39 -7.74 -58.24
CA CYS A 1123 52.16 -6.44 -57.61
C CYS A 1123 51.41 -5.46 -58.50
N ASP A 1124 50.88 -5.91 -59.64
CA ASP A 1124 50.16 -5.00 -60.52
C ASP A 1124 48.77 -4.69 -59.99
N VAL A 1125 48.11 -5.68 -59.40
CA VAL A 1125 46.74 -5.48 -58.92
C VAL A 1125 46.70 -4.48 -57.77
N VAL A 1126 47.63 -4.61 -56.83
CA VAL A 1126 47.68 -3.71 -55.67
C VAL A 1126 48.00 -2.30 -56.13
N ILE A 1127 47.49 -1.31 -55.38
CA ILE A 1127 47.61 0.08 -55.79
C ILE A 1127 48.62 0.82 -54.92
N GLY A 1128 48.77 0.39 -53.67
CA GLY A 1128 49.61 1.12 -52.74
C GLY A 1128 50.98 0.53 -52.54
N ILE A 1129 51.35 -0.44 -53.36
CA ILE A 1129 52.61 -1.14 -53.19
C ILE A 1129 53.76 -0.23 -53.61
N VAL A 1130 54.95 -0.53 -53.10
CA VAL A 1130 56.17 0.16 -53.49
C VAL A 1130 57.25 -0.87 -53.77
N ASN A 1131 58.39 -0.39 -54.25
CA ASN A 1131 59.51 -1.22 -54.66
C ASN A 1131 60.57 -1.15 -53.57
N ASN A 1132 60.97 -2.32 -53.07
CA ASN A 1132 62.01 -2.41 -52.06
C ASN A 1132 62.55 -3.83 -52.05
N THR A 1133 63.87 -3.97 -52.12
CA THR A 1133 64.46 -5.30 -52.17
C THR A 1133 64.29 -6.02 -50.82
N VAL A 1134 63.97 -7.30 -50.90
CA VAL A 1134 63.84 -8.16 -49.73
C VAL A 1134 64.81 -9.32 -49.89
N TYR A 1135 65.58 -9.60 -48.84
CA TYR A 1135 66.61 -10.62 -48.90
C TYR A 1135 66.07 -11.91 -48.29
N ASP A 1136 66.12 -12.99 -49.07
CA ASP A 1136 65.73 -14.29 -48.55
C ASP A 1136 66.77 -14.73 -47.53
N PRO A 1137 66.38 -15.02 -46.28
CA PRO A 1137 67.40 -15.33 -45.26
C PRO A 1137 68.20 -16.58 -45.55
N LEU A 1138 67.65 -17.51 -46.33
CA LEU A 1138 68.38 -18.71 -46.68
C LEU A 1138 69.47 -18.45 -47.72
N GLN A 1139 69.28 -17.43 -48.55
CA GLN A 1139 70.20 -17.19 -49.66
C GLN A 1139 71.63 -16.88 -49.22
N PRO A 1140 71.89 -15.96 -48.29
CA PRO A 1140 73.29 -15.72 -47.89
C PRO A 1140 73.96 -16.96 -47.29
N GLU A 1141 73.20 -17.76 -46.54
CA GLU A 1141 73.77 -18.99 -46.00
C GLU A 1141 74.09 -19.99 -47.11
N LEU A 1142 73.19 -20.13 -48.09
CA LEU A 1142 73.42 -21.06 -49.18
C LEU A 1142 74.57 -20.61 -50.06
N ASP A 1143 74.65 -19.32 -50.36
CA ASP A 1143 75.72 -18.79 -51.20
C ASP A 1143 76.54 -17.75 -50.47
N ALA B 27 -35.81 -1.03 -47.55
CA ALA B 27 -36.26 -1.44 -46.22
C ALA B 27 -35.10 -1.40 -45.23
N TYR B 28 -34.73 -2.56 -44.72
CA TYR B 28 -33.63 -2.67 -43.78
C TYR B 28 -32.31 -2.35 -44.49
N THR B 29 -31.73 -1.20 -44.16
CA THR B 29 -30.47 -0.77 -44.74
C THR B 29 -29.47 -0.46 -43.62
N ASN B 30 -28.19 -0.52 -43.96
CA ASN B 30 -27.12 -0.31 -43.01
C ASN B 30 -26.72 1.16 -43.01
N SER B 31 -26.66 1.75 -41.81
CA SER B 31 -26.08 3.08 -41.65
C SER B 31 -24.57 2.93 -41.55
N PHE B 32 -23.87 3.28 -42.62
CA PHE B 32 -22.45 2.98 -42.73
C PHE B 32 -21.65 3.65 -41.61
N THR B 33 -21.65 4.98 -41.58
CA THR B 33 -20.96 5.76 -40.54
C THR B 33 -21.86 6.95 -40.21
N ARG B 34 -22.66 6.82 -39.15
CA ARG B 34 -23.60 7.85 -38.79
C ARG B 34 -23.73 7.91 -37.27
N GLY B 35 -24.23 9.04 -36.78
CA GLY B 35 -24.49 9.22 -35.36
C GLY B 35 -23.29 9.63 -34.54
N VAL B 36 -22.19 10.05 -35.16
CA VAL B 36 -20.97 10.42 -34.45
C VAL B 36 -21.04 11.91 -34.16
N TYR B 37 -21.36 12.26 -32.92
CA TYR B 37 -21.43 13.65 -32.49
C TYR B 37 -20.22 13.99 -31.64
N TYR B 38 -20.18 15.24 -31.16
CA TYR B 38 -19.05 15.74 -30.38
C TYR B 38 -19.36 15.60 -28.90
N PRO B 39 -18.74 14.66 -28.19
CA PRO B 39 -18.95 14.58 -26.74
C PRO B 39 -17.96 15.44 -25.97
N ASP B 40 -16.79 15.70 -26.57
CA ASP B 40 -15.70 16.36 -25.85
C ASP B 40 -15.96 17.84 -25.65
N LYS B 41 -16.47 18.52 -26.68
CA LYS B 41 -16.55 19.99 -26.68
C LYS B 41 -15.17 20.60 -26.45
N VAL B 42 -14.15 19.97 -27.01
CA VAL B 42 -12.76 20.33 -26.79
C VAL B 42 -12.06 20.39 -28.14
N PHE B 43 -11.47 21.54 -28.44
CA PHE B 43 -10.64 21.65 -29.64
C PHE B 43 -9.39 20.78 -29.49
N ARG B 44 -9.00 20.13 -30.57
CA ARG B 44 -7.89 19.19 -30.56
C ARG B 44 -7.16 19.26 -31.88
N SER B 45 -5.89 18.86 -31.87
CA SER B 45 -5.02 18.92 -33.03
C SER B 45 -4.67 17.49 -33.46
N SER B 46 -5.56 16.89 -34.24
CA SER B 46 -5.33 15.58 -34.86
C SER B 46 -4.92 14.52 -33.83
N VAL B 47 -5.66 14.47 -32.73
CA VAL B 47 -5.45 13.46 -31.69
C VAL B 47 -6.48 12.37 -31.85
N LEU B 48 -6.09 11.13 -31.58
CA LEU B 48 -6.98 9.97 -31.69
C LEU B 48 -7.56 9.62 -30.32
N HIS B 49 -8.33 10.55 -29.78
CA HIS B 49 -8.88 10.41 -28.43
C HIS B 49 -10.09 9.51 -28.46
N SER B 50 -9.89 8.24 -28.10
CA SER B 50 -11.00 7.30 -28.02
C SER B 50 -11.85 7.59 -26.79
N THR B 51 -13.16 7.52 -26.95
CA THR B 51 -14.09 7.77 -25.86
C THR B 51 -15.24 6.78 -25.93
N GLN B 52 -15.88 6.58 -24.78
CA GLN B 52 -17.01 5.67 -24.66
C GLN B 52 -18.24 6.45 -24.21
N ASP B 53 -19.32 6.32 -24.95
CA ASP B 53 -20.61 6.90 -24.60
C ASP B 53 -21.68 6.20 -25.44
N LEU B 54 -22.91 6.71 -25.36
CA LEU B 54 -24.02 6.11 -26.09
C LEU B 54 -23.93 6.55 -27.55
N PHE B 55 -23.61 5.62 -28.43
CA PHE B 55 -23.35 5.91 -29.84
C PHE B 55 -24.08 4.91 -30.72
N LEU B 56 -24.37 5.34 -31.95
CA LEU B 56 -24.97 4.44 -32.93
C LEU B 56 -23.91 3.48 -33.45
N PRO B 57 -24.09 2.17 -33.29
CA PRO B 57 -23.11 1.23 -33.81
C PRO B 57 -22.97 1.34 -35.32
N PHE B 58 -21.76 1.15 -35.81
CA PHE B 58 -21.51 1.24 -37.25
C PHE B 58 -22.19 0.08 -37.96
N PHE B 59 -22.69 0.35 -39.17
CA PHE B 59 -23.34 -0.65 -40.01
C PHE B 59 -24.53 -1.29 -39.30
N SER B 60 -25.14 -0.57 -38.37
CA SER B 60 -26.33 -1.06 -37.71
C SER B 60 -27.51 -1.07 -38.67
N ASN B 61 -28.46 -1.98 -38.43
CA ASN B 61 -29.62 -2.11 -39.29
C ASN B 61 -30.58 -0.95 -39.04
N VAL B 62 -30.77 -0.10 -40.05
CA VAL B 62 -31.61 1.07 -39.94
C VAL B 62 -32.72 0.95 -40.98
N THR B 63 -33.96 1.13 -40.54
CA THR B 63 -35.13 0.90 -41.38
C THR B 63 -35.50 2.17 -42.12
N TRP B 64 -35.78 2.04 -43.42
CA TRP B 64 -36.26 3.16 -44.22
C TRP B 64 -37.76 3.33 -44.00
N PHE B 65 -38.16 4.47 -43.44
CA PHE B 65 -39.55 4.76 -43.15
C PHE B 65 -40.08 5.78 -44.15
N HIS B 66 -41.22 5.47 -44.77
CA HIS B 66 -41.82 6.34 -45.76
C HIS B 66 -43.07 7.02 -45.21
N ASN B 81 -45.90 7.39 -42.06
CA ASN B 81 -44.86 7.44 -41.05
C ASN B 81 -45.42 7.12 -39.67
N PRO B 82 -45.49 5.84 -39.33
CA PRO B 82 -46.03 5.44 -38.02
C PRO B 82 -45.08 5.84 -36.88
N VAL B 83 -45.55 5.56 -35.66
CA VAL B 83 -44.79 5.89 -34.46
C VAL B 83 -43.58 4.96 -34.34
N LEU B 84 -42.51 5.47 -33.71
CA LEU B 84 -41.25 4.74 -33.62
C LEU B 84 -40.65 4.82 -32.22
N PRO B 85 -40.23 3.69 -31.64
CA PRO B 85 -39.73 3.69 -30.26
C PRO B 85 -38.40 4.43 -30.12
N PHE B 86 -37.94 4.50 -28.86
CA PHE B 86 -36.75 5.25 -28.49
C PHE B 86 -36.10 4.54 -27.31
N ASN B 87 -35.07 3.73 -27.58
CA ASN B 87 -34.49 2.96 -26.48
C ASN B 87 -33.52 3.80 -25.65
N ASP B 88 -32.44 4.29 -26.28
CA ASP B 88 -31.42 5.03 -25.54
C ASP B 88 -30.79 6.14 -26.38
N GLY B 89 -31.50 6.63 -27.39
CA GLY B 89 -30.93 7.58 -28.32
C GLY B 89 -31.16 7.14 -29.75
N VAL B 90 -31.54 8.07 -30.63
CA VAL B 90 -31.95 7.73 -31.98
C VAL B 90 -31.36 8.73 -32.97
N TYR B 91 -30.86 8.21 -34.09
CA TYR B 91 -30.36 9.02 -35.19
C TYR B 91 -31.47 9.27 -36.20
N PHE B 92 -31.56 10.50 -36.68
CA PHE B 92 -32.55 10.89 -37.68
C PHE B 92 -31.86 11.32 -38.96
N ALA B 93 -32.29 10.75 -40.08
CA ALA B 93 -31.83 11.14 -41.41
C ALA B 93 -33.06 11.32 -42.29
N SER B 94 -33.46 12.57 -42.49
CA SER B 94 -34.70 12.88 -43.19
C SER B 94 -34.39 13.60 -44.49
N THR B 95 -35.30 13.46 -45.46
CA THR B 95 -35.17 14.09 -46.77
C THR B 95 -36.52 14.71 -47.14
N GLU B 96 -36.72 15.96 -46.75
CA GLU B 96 -37.89 16.73 -47.12
C GLU B 96 -37.47 17.90 -48.00
N LYS B 97 -38.34 18.25 -48.94
CA LYS B 97 -38.04 19.30 -49.91
C LYS B 97 -38.60 20.67 -49.52
N SER B 98 -39.71 20.71 -48.80
CA SER B 98 -40.38 21.96 -48.46
C SER B 98 -40.69 22.03 -46.96
N ASN B 99 -39.78 21.52 -46.14
CA ASN B 99 -39.94 21.55 -44.67
C ASN B 99 -41.26 20.93 -44.25
N ILE B 100 -41.48 19.69 -44.69
CA ILE B 100 -42.74 19.00 -44.41
C ILE B 100 -42.90 18.74 -42.92
N ILE B 101 -41.79 18.61 -42.19
CA ILE B 101 -41.86 18.28 -40.78
C ILE B 101 -42.60 19.38 -40.00
N ARG B 102 -43.25 18.99 -38.91
CA ARG B 102 -44.00 19.90 -38.07
C ARG B 102 -43.43 20.00 -36.67
N GLY B 103 -43.23 18.87 -35.99
CA GLY B 103 -42.71 18.89 -34.64
C GLY B 103 -42.53 17.53 -34.01
N TRP B 104 -41.61 17.45 -33.05
CA TRP B 104 -41.34 16.20 -32.34
C TRP B 104 -42.14 16.15 -31.04
N ILE B 105 -42.31 14.94 -30.53
CA ILE B 105 -42.82 14.70 -29.18
C ILE B 105 -41.94 13.65 -28.53
N PHE B 106 -41.37 13.99 -27.37
CA PHE B 106 -40.46 13.10 -26.66
C PHE B 106 -40.96 12.86 -25.24
N GLY B 107 -40.53 11.75 -24.67
CA GLY B 107 -40.85 11.42 -23.29
C GLY B 107 -41.06 9.92 -23.13
N THR B 108 -41.00 9.49 -21.87
CA THR B 108 -41.31 8.10 -21.55
C THR B 108 -42.81 7.87 -21.52
N THR B 109 -43.52 8.63 -20.69
CA THR B 109 -44.97 8.50 -20.63
C THR B 109 -45.61 8.91 -21.96
N LEU B 110 -45.11 9.99 -22.56
CA LEU B 110 -45.57 10.49 -23.85
C LEU B 110 -47.06 10.87 -23.85
N ASP B 111 -47.69 10.94 -22.68
CA ASP B 111 -49.11 11.21 -22.56
C ASP B 111 -49.37 12.26 -21.48
N SER B 112 -48.57 13.34 -21.52
CA SER B 112 -48.70 14.53 -20.69
C SER B 112 -48.45 14.27 -19.20
N LYS B 113 -48.02 13.07 -18.82
CA LYS B 113 -47.69 12.82 -17.42
C LYS B 113 -46.50 13.68 -16.99
N THR B 114 -45.50 13.79 -17.85
CA THR B 114 -44.33 14.64 -17.62
C THR B 114 -44.30 15.73 -18.68
N GLN B 115 -43.28 16.59 -18.59
CA GLN B 115 -43.13 17.70 -19.53
C GLN B 115 -42.75 17.16 -20.90
N SER B 116 -43.71 17.12 -21.81
CA SER B 116 -43.46 16.67 -23.18
C SER B 116 -42.70 17.75 -23.95
N LEU B 117 -42.42 17.46 -25.22
CA LEU B 117 -41.64 18.35 -26.07
C LEU B 117 -42.42 18.66 -27.34
N LEU B 118 -42.34 19.90 -27.79
CA LEU B 118 -42.94 20.33 -29.05
C LEU B 118 -41.92 21.20 -29.78
N ILE B 119 -41.07 20.55 -30.58
CA ILE B 119 -40.01 21.23 -31.30
C ILE B 119 -40.59 21.60 -32.67
N VAL B 120 -41.23 22.76 -32.73
CA VAL B 120 -41.85 23.24 -33.95
C VAL B 120 -40.81 24.00 -34.77
N ASN B 121 -40.71 23.66 -36.05
CA ASN B 121 -39.74 24.28 -36.96
C ASN B 121 -40.50 25.14 -37.95
N ASN B 122 -40.51 26.45 -37.73
CA ASN B 122 -41.15 27.40 -38.61
C ASN B 122 -40.10 28.03 -39.53
N ALA B 123 -40.56 28.97 -40.37
CA ALA B 123 -39.67 29.60 -41.34
C ALA B 123 -38.72 30.60 -40.69
N THR B 124 -39.16 31.33 -39.68
CA THR B 124 -38.35 32.39 -39.08
C THR B 124 -38.07 32.18 -37.61
N ASN B 125 -39.06 31.79 -36.82
CA ASN B 125 -38.90 31.65 -35.38
C ASN B 125 -39.37 30.27 -34.93
N VAL B 126 -38.60 29.67 -34.03
CA VAL B 126 -38.94 28.38 -33.45
C VAL B 126 -38.92 28.51 -31.93
N VAL B 127 -39.87 27.86 -31.28
CA VAL B 127 -39.94 27.82 -29.82
C VAL B 127 -39.79 26.37 -29.37
N ILE B 128 -38.76 26.11 -28.58
CA ILE B 128 -38.56 24.78 -28.00
C ILE B 128 -39.28 24.81 -26.66
N LYS B 129 -40.59 24.63 -26.72
CA LYS B 129 -41.44 24.76 -25.54
C LYS B 129 -41.59 23.38 -24.91
N VAL B 130 -41.47 23.31 -23.59
CA VAL B 130 -41.44 22.04 -22.87
C VAL B 130 -42.53 22.10 -21.80
N CYS B 131 -43.70 21.54 -22.13
CA CYS B 131 -44.82 21.46 -21.22
C CYS B 131 -45.34 20.02 -21.19
N GLU B 132 -46.25 19.76 -20.25
CA GLU B 132 -47.01 18.51 -20.27
C GLU B 132 -48.11 18.64 -21.34
N PHE B 133 -47.66 18.59 -22.60
CA PHE B 133 -48.50 18.87 -23.75
C PHE B 133 -49.65 17.87 -23.87
N GLN B 134 -50.87 18.36 -23.66
CA GLN B 134 -52.07 17.56 -23.82
C GLN B 134 -52.82 18.00 -25.07
N PHE B 135 -53.20 17.03 -25.90
CA PHE B 135 -53.93 17.31 -27.14
C PHE B 135 -54.62 16.01 -27.54
N CYS B 136 -55.10 15.96 -28.78
CA CYS B 136 -55.66 14.73 -29.31
C CYS B 136 -54.58 13.65 -29.39
N ASN B 137 -55.03 12.40 -29.56
CA ASN B 137 -54.09 11.30 -29.69
C ASN B 137 -53.27 11.36 -30.97
N ASP B 138 -53.65 12.22 -31.91
CA ASP B 138 -52.91 12.44 -33.15
C ASP B 138 -52.65 13.94 -33.28
N PRO B 139 -51.72 14.47 -32.49
CA PRO B 139 -51.46 15.92 -32.54
C PRO B 139 -50.89 16.34 -33.88
N PHE B 140 -51.14 17.59 -34.23
CA PHE B 140 -50.66 18.15 -35.48
C PHE B 140 -50.10 19.55 -35.23
N LEU B 141 -49.20 19.97 -36.11
CA LEU B 141 -48.59 21.29 -36.01
C LEU B 141 -48.33 21.87 -37.39
N SER B 155 -51.07 22.62 -43.01
CA SER B 155 -50.66 23.62 -42.02
C SER B 155 -51.73 23.81 -40.95
N GLU B 156 -52.44 22.73 -40.64
CA GLU B 156 -53.47 22.74 -39.60
C GLU B 156 -52.90 22.13 -38.34
N PHE B 157 -52.84 22.93 -37.26
CA PHE B 157 -52.21 22.51 -36.03
C PHE B 157 -53.22 21.87 -35.09
N ARG B 158 -52.78 20.82 -34.39
CA ARG B 158 -53.60 20.16 -33.38
C ARG B 158 -52.84 19.86 -32.10
N VAL B 159 -51.51 19.96 -32.08
CA VAL B 159 -50.75 19.69 -30.86
C VAL B 159 -51.01 20.78 -29.81
N TYR B 160 -51.32 22.00 -30.26
CA TYR B 160 -51.50 23.12 -29.35
C TYR B 160 -52.92 23.16 -28.80
N SER B 161 -53.56 22.01 -28.73
CA SER B 161 -54.95 21.90 -28.26
C SER B 161 -54.95 22.05 -26.74
N SER B 162 -54.77 23.29 -26.28
CA SER B 162 -54.84 23.66 -24.87
C SER B 162 -53.85 22.84 -24.04
N ALA B 163 -52.58 22.89 -24.42
CA ALA B 163 -51.52 22.23 -23.67
C ALA B 163 -51.37 22.86 -22.29
N ASN B 164 -51.74 22.12 -21.24
CA ASN B 164 -51.75 22.63 -19.88
C ASN B 164 -50.59 22.05 -19.08
N ASN B 165 -50.47 22.52 -17.84
CA ASN B 165 -49.47 22.06 -16.89
C ASN B 165 -48.05 22.26 -17.45
N CYS B 166 -47.76 23.50 -17.82
CA CYS B 166 -46.45 23.85 -18.33
C CYS B 166 -45.43 23.90 -17.20
N THR B 167 -44.24 23.36 -17.46
CA THR B 167 -43.18 23.35 -16.47
C THR B 167 -41.83 23.79 -17.02
N PHE B 168 -41.73 24.12 -18.31
CA PHE B 168 -40.47 24.61 -18.88
C PHE B 168 -40.76 25.45 -20.10
N GLU B 169 -39.77 26.27 -20.47
CA GLU B 169 -39.88 27.17 -21.61
C GLU B 169 -38.50 27.41 -22.19
N TYR B 170 -38.43 27.49 -23.51
CA TYR B 170 -37.16 27.77 -24.18
C TYR B 170 -37.44 28.23 -25.62
N VAL B 171 -36.57 29.09 -26.13
CA VAL B 171 -36.62 29.55 -27.51
C VAL B 171 -35.21 29.53 -28.07
N SER B 172 -35.11 29.49 -29.40
CA SER B 172 -33.82 29.43 -30.08
C SER B 172 -34.00 29.86 -31.53
N GLN B 173 -32.90 29.76 -32.29
CA GLN B 173 -32.87 30.11 -33.70
C GLN B 173 -33.51 29.02 -34.55
N PRO B 174 -34.08 29.37 -35.70
CA PRO B 174 -34.81 28.39 -36.50
C PRO B 174 -33.91 27.28 -37.02
N PHE B 175 -34.50 26.09 -37.16
CA PHE B 175 -33.83 24.91 -37.68
C PHE B 175 -34.39 24.60 -39.07
N LEU B 176 -33.49 24.40 -40.03
CA LEU B 176 -33.86 24.12 -41.42
C LEU B 176 -34.77 25.21 -41.98
N LYS B 187 -34.34 16.84 -50.42
CA LYS B 187 -33.28 17.60 -51.06
C LYS B 187 -32.30 18.14 -50.02
N ASN B 188 -32.47 17.69 -48.77
CA ASN B 188 -31.60 18.13 -47.69
C ASN B 188 -31.56 17.01 -46.65
N LEU B 189 -30.45 16.28 -46.59
CA LEU B 189 -30.28 15.20 -45.63
C LEU B 189 -30.12 15.82 -44.25
N ARG B 190 -31.19 15.82 -43.47
CA ARG B 190 -31.21 16.43 -42.15
C ARG B 190 -30.73 15.41 -41.12
N GLU B 191 -29.52 15.60 -40.61
CA GLU B 191 -28.92 14.71 -39.64
C GLU B 191 -29.18 15.29 -38.25
N PHE B 192 -30.23 14.80 -37.59
CA PHE B 192 -30.74 15.38 -36.37
C PHE B 192 -30.65 14.35 -35.23
N VAL B 193 -29.55 14.39 -34.49
CA VAL B 193 -29.37 13.50 -33.35
C VAL B 193 -30.10 14.09 -32.14
N PHE B 194 -31.01 13.32 -31.55
CA PHE B 194 -31.72 13.70 -30.35
C PHE B 194 -31.44 12.67 -29.26
N LYS B 195 -30.72 13.08 -28.22
CA LYS B 195 -30.37 12.18 -27.14
C LYS B 195 -30.33 12.95 -25.83
N ASN B 196 -30.84 12.32 -24.77
CA ASN B 196 -30.86 12.91 -23.43
C ASN B 196 -29.88 12.15 -22.55
N ILE B 197 -28.92 12.87 -21.96
CA ILE B 197 -27.92 12.28 -21.08
C ILE B 197 -27.82 13.15 -19.83
N ASP B 198 -28.05 12.53 -18.67
CA ASP B 198 -27.89 13.19 -17.37
C ASP B 198 -28.70 14.49 -17.28
N GLY B 199 -29.99 14.39 -17.57
CA GLY B 199 -30.85 15.56 -17.51
C GLY B 199 -30.74 16.53 -18.66
N TYR B 200 -29.52 16.92 -19.02
CA TYR B 200 -29.31 17.80 -20.17
C TYR B 200 -29.75 17.11 -21.45
N PHE B 201 -30.88 17.49 -22.00
CA PHE B 201 -31.26 16.99 -23.32
C PHE B 201 -30.46 17.77 -24.36
N LYS B 202 -29.72 17.06 -25.20
CA LYS B 202 -28.76 17.67 -26.10
C LYS B 202 -29.29 17.58 -27.53
N ILE B 203 -29.27 18.70 -28.23
CA ILE B 203 -29.90 18.83 -29.54
C ILE B 203 -28.79 18.95 -30.59
N TYR B 204 -28.81 18.07 -31.58
CA TYR B 204 -27.80 18.05 -32.63
C TYR B 204 -28.48 18.15 -33.98
N SER B 205 -27.91 18.97 -34.87
CA SER B 205 -28.40 19.15 -36.22
C SER B 205 -27.24 19.12 -37.19
N LYS B 206 -27.53 18.73 -38.44
CA LYS B 206 -26.52 18.73 -39.50
C LYS B 206 -27.23 18.70 -40.84
N HIS B 207 -27.02 19.73 -41.66
CA HIS B 207 -27.66 19.85 -42.96
C HIS B 207 -26.61 19.63 -44.04
N THR B 208 -26.92 18.73 -44.98
CA THR B 208 -26.01 18.34 -46.04
C THR B 208 -26.72 18.39 -47.38
N PRO B 209 -25.98 18.58 -48.48
CA PRO B 209 -26.63 18.72 -49.79
C PRO B 209 -26.89 17.39 -50.49
N ILE B 210 -26.87 16.28 -49.74
CA ILE B 210 -27.15 14.98 -50.33
C ILE B 210 -28.58 14.97 -50.85
N ASN B 211 -28.74 14.61 -52.13
CA ASN B 211 -30.04 14.64 -52.80
C ASN B 211 -30.34 13.25 -53.36
N LEU B 212 -30.84 12.37 -52.49
CA LEU B 212 -31.32 11.04 -52.87
C LEU B 212 -30.28 10.25 -53.66
N VAL B 213 -30.74 9.24 -54.39
CA VAL B 213 -29.93 8.41 -55.28
C VAL B 213 -28.85 7.65 -54.50
N ARG B 214 -28.03 8.38 -53.74
CA ARG B 214 -26.92 7.75 -53.03
C ARG B 214 -27.41 6.73 -52.00
N ASP B 215 -28.56 7.00 -51.38
CA ASP B 215 -29.15 6.11 -50.38
C ASP B 215 -28.19 5.91 -49.20
N LEU B 216 -27.96 7.02 -48.49
CA LEU B 216 -27.12 7.06 -47.29
C LEU B 216 -25.71 6.57 -47.58
N PRO B 217 -24.91 7.34 -48.30
CA PRO B 217 -23.52 6.93 -48.54
C PRO B 217 -22.67 7.05 -47.29
N GLN B 218 -21.36 6.88 -47.43
CA GLN B 218 -20.45 6.98 -46.29
C GLN B 218 -20.59 8.35 -45.62
N GLY B 219 -21.14 8.35 -44.42
CA GLY B 219 -21.42 9.59 -43.72
C GLY B 219 -20.30 10.03 -42.79
N PHE B 220 -19.09 10.18 -43.33
CA PHE B 220 -17.95 10.60 -42.53
C PHE B 220 -18.12 11.98 -41.91
N SER B 221 -19.14 12.74 -42.32
CA SER B 221 -19.36 14.06 -41.76
C SER B 221 -19.61 13.99 -40.27
N ALA B 222 -19.06 14.94 -39.53
CA ALA B 222 -19.20 15.00 -38.09
C ALA B 222 -20.59 15.51 -37.71
N LEU B 223 -20.83 15.69 -36.41
CA LEU B 223 -22.14 16.12 -35.90
C LEU B 223 -21.90 17.08 -34.75
N GLU B 224 -21.95 18.39 -35.03
CA GLU B 224 -21.70 19.35 -33.96
C GLU B 224 -22.97 19.59 -33.14
N PRO B 225 -22.81 19.92 -31.85
CA PRO B 225 -23.98 20.22 -31.01
C PRO B 225 -24.48 21.62 -31.27
N LEU B 226 -25.67 21.72 -31.87
CA LEU B 226 -26.26 23.04 -32.11
C LEU B 226 -26.66 23.72 -30.81
N VAL B 227 -27.08 22.95 -29.81
CA VAL B 227 -27.37 23.49 -28.48
C VAL B 227 -27.39 22.34 -27.50
N ASP B 228 -27.01 22.62 -26.26
CA ASP B 228 -26.97 21.62 -25.18
C ASP B 228 -27.67 22.27 -23.98
N LEU B 229 -28.92 21.86 -23.74
CA LEU B 229 -29.79 22.62 -22.86
C LEU B 229 -30.47 21.74 -21.82
N PRO B 230 -30.67 22.27 -20.61
CA PRO B 230 -31.18 21.44 -19.49
C PRO B 230 -32.69 21.26 -19.46
N ILE B 231 -33.23 20.23 -20.12
CA ILE B 231 -34.64 19.90 -19.90
C ILE B 231 -34.82 19.09 -18.62
N GLY B 232 -34.22 17.90 -18.56
CA GLY B 232 -34.28 17.10 -17.36
C GLY B 232 -35.50 16.19 -17.25
N ILE B 233 -35.71 15.34 -18.25
CA ILE B 233 -36.77 14.34 -18.20
C ILE B 233 -36.35 13.13 -19.03
N ASN B 234 -36.67 11.94 -18.55
CA ASN B 234 -36.35 10.72 -19.26
C ASN B 234 -37.24 10.55 -20.48
N ILE B 235 -36.67 9.95 -21.53
CA ILE B 235 -37.35 9.74 -22.80
C ILE B 235 -37.19 8.29 -23.22
N THR B 236 -38.30 7.63 -23.58
CA THR B 236 -38.23 6.31 -24.17
C THR B 236 -39.16 6.11 -25.36
N ARG B 237 -39.91 7.13 -25.76
CA ARG B 237 -40.82 7.02 -26.88
C ARG B 237 -40.85 8.34 -27.63
N PHE B 238 -41.12 8.28 -28.94
CA PHE B 238 -41.27 9.48 -29.75
C PHE B 238 -42.05 9.12 -31.01
N GLN B 239 -42.34 10.14 -31.82
CA GLN B 239 -42.87 9.95 -33.17
C GLN B 239 -42.52 11.18 -33.99
N THR B 240 -41.95 10.96 -35.17
CA THR B 240 -41.55 12.06 -36.05
C THR B 240 -42.69 12.39 -36.99
N LEU B 241 -43.18 13.62 -36.92
CA LEU B 241 -44.25 14.07 -37.79
C LEU B 241 -43.68 14.55 -39.12
N LEU B 242 -44.57 14.86 -40.06
CA LEU B 242 -44.18 15.32 -41.38
C LEU B 242 -45.35 16.03 -42.06
N ALA B 263 -41.78 11.95 -47.02
CA ALA B 263 -41.92 10.56 -46.63
C ALA B 263 -40.64 9.78 -46.89
N ALA B 264 -39.52 10.29 -46.37
CA ALA B 264 -38.23 9.62 -46.53
C ALA B 264 -37.37 9.98 -45.32
N TYR B 265 -37.37 9.10 -44.32
CA TYR B 265 -36.58 9.33 -43.11
C TYR B 265 -36.21 7.98 -42.50
N TYR B 266 -35.19 8.01 -41.64
CA TYR B 266 -34.61 6.81 -41.07
C TYR B 266 -34.46 6.96 -39.56
N VAL B 267 -34.32 5.83 -38.89
CA VAL B 267 -34.15 5.79 -37.43
C VAL B 267 -33.12 4.73 -37.08
N GLY B 268 -32.08 5.14 -36.35
CA GLY B 268 -31.09 4.21 -35.83
C GLY B 268 -31.11 4.20 -34.31
N TYR B 269 -30.46 3.22 -33.69
CA TYR B 269 -30.47 3.06 -32.24
C TYR B 269 -29.06 3.06 -31.70
N LEU B 270 -28.84 3.81 -30.62
CA LEU B 270 -27.54 3.85 -29.97
C LEU B 270 -27.38 2.66 -29.02
N GLN B 271 -26.16 2.48 -28.54
CA GLN B 271 -25.82 1.42 -27.60
C GLN B 271 -24.53 1.82 -26.89
N PRO B 272 -24.25 1.23 -25.71
CA PRO B 272 -23.04 1.63 -24.97
C PRO B 272 -21.77 1.20 -25.69
N ARG B 273 -21.43 1.93 -26.74
CA ARG B 273 -20.31 1.60 -27.63
C ARG B 273 -19.10 2.45 -27.30
N THR B 274 -17.94 1.95 -27.70
CA THR B 274 -16.67 2.66 -27.57
C THR B 274 -16.19 3.08 -28.94
N PHE B 275 -15.93 4.37 -29.12
CA PHE B 275 -15.53 4.92 -30.40
C PHE B 275 -14.14 5.53 -30.30
N LEU B 276 -13.40 5.42 -31.40
CA LEU B 276 -12.06 6.02 -31.53
C LEU B 276 -12.16 7.12 -32.58
N LEU B 277 -12.42 8.34 -32.13
CA LEU B 277 -12.60 9.49 -33.01
C LEU B 277 -11.26 9.95 -33.57
N LYS B 278 -11.33 10.70 -34.67
CA LYS B 278 -10.15 11.26 -35.32
C LYS B 278 -10.42 12.73 -35.63
N TYR B 279 -9.80 13.62 -34.88
CA TYR B 279 -9.99 15.04 -35.09
C TYR B 279 -9.07 15.54 -36.21
N ASN B 280 -9.46 16.66 -36.81
CA ASN B 280 -8.71 17.26 -37.91
C ASN B 280 -7.77 18.33 -37.36
N GLU B 281 -6.98 18.92 -38.26
CA GLU B 281 -6.05 20.02 -37.90
C GLU B 281 -6.85 21.11 -37.17
N ASN B 282 -8.06 21.39 -37.65
CA ASN B 282 -8.94 22.42 -37.04
C ASN B 282 -9.97 21.74 -36.12
N GLY B 283 -9.57 20.66 -35.44
CA GLY B 283 -10.40 20.09 -34.35
C GLY B 283 -11.77 19.68 -34.85
N THR B 284 -11.89 19.32 -36.13
CA THR B 284 -13.14 18.72 -36.58
C THR B 284 -12.98 17.22 -36.69
N ILE B 285 -14.05 16.49 -36.37
CA ILE B 285 -14.01 15.03 -36.43
C ILE B 285 -14.00 14.63 -37.91
N THR B 286 -12.82 14.21 -38.40
CA THR B 286 -12.73 13.76 -39.79
C THR B 286 -13.43 12.43 -39.97
N ASP B 287 -13.18 11.48 -39.07
CA ASP B 287 -13.79 10.16 -39.16
C ASP B 287 -13.77 9.52 -37.77
N ALA B 288 -14.62 8.50 -37.61
CA ALA B 288 -14.69 7.74 -36.37
C ALA B 288 -14.67 6.26 -36.71
N VAL B 289 -14.20 5.46 -35.75
CA VAL B 289 -14.07 4.02 -35.93
C VAL B 289 -14.67 3.32 -34.72
N ASP B 290 -15.67 2.47 -34.98
CA ASP B 290 -16.22 1.58 -33.97
C ASP B 290 -15.24 0.44 -33.69
N CYS B 291 -15.45 -0.24 -32.56
CA CYS B 291 -14.72 -1.47 -32.29
C CYS B 291 -15.60 -2.54 -31.65
N ALA B 292 -16.84 -2.67 -32.11
CA ALA B 292 -17.64 -3.86 -31.89
C ALA B 292 -18.07 -4.50 -33.20
N LEU B 293 -17.61 -3.96 -34.34
CA LEU B 293 -17.98 -4.48 -35.65
C LEU B 293 -17.19 -5.72 -36.00
N ASP B 294 -15.87 -5.60 -36.09
CA ASP B 294 -14.99 -6.71 -36.42
C ASP B 294 -13.75 -6.61 -35.54
N PRO B 295 -13.05 -7.73 -35.33
CA PRO B 295 -11.85 -7.69 -34.48
C PRO B 295 -10.77 -6.75 -35.03
N LEU B 296 -10.76 -6.48 -36.33
CA LEU B 296 -9.89 -5.44 -36.86
C LEU B 296 -10.21 -4.10 -36.22
N SER B 297 -11.49 -3.80 -36.06
CA SER B 297 -11.90 -2.59 -35.37
C SER B 297 -11.49 -2.62 -33.90
N GLU B 298 -11.56 -3.79 -33.27
CA GLU B 298 -11.12 -3.91 -31.89
C GLU B 298 -9.63 -3.59 -31.76
N THR B 299 -8.81 -4.08 -32.69
CA THR B 299 -7.41 -3.70 -32.70
C THR B 299 -7.23 -2.21 -33.00
N LYS B 300 -8.14 -1.63 -33.80
CA LYS B 300 -8.08 -0.19 -34.05
C LYS B 300 -8.27 0.59 -32.75
N CYS B 301 -9.24 0.19 -31.93
CA CYS B 301 -9.39 0.82 -30.61
C CYS B 301 -8.19 0.55 -29.72
N THR B 302 -7.69 -0.69 -29.72
CA THR B 302 -6.62 -1.06 -28.79
C THR B 302 -5.33 -0.31 -29.09
N LEU B 303 -4.94 -0.23 -30.37
CA LEU B 303 -3.68 0.39 -30.75
C LEU B 303 -3.74 1.91 -30.81
N LYS B 304 -4.92 2.50 -30.66
CA LYS B 304 -5.10 3.95 -30.67
C LYS B 304 -4.57 4.56 -31.97
N SER B 305 -4.93 3.94 -33.09
CA SER B 305 -4.54 4.43 -34.40
C SER B 305 -5.47 3.85 -35.44
N PHE B 306 -5.80 4.66 -36.46
CA PHE B 306 -6.65 4.17 -37.54
C PHE B 306 -5.97 3.04 -38.30
N THR B 307 -4.67 3.16 -38.54
CA THR B 307 -3.92 2.13 -39.25
C THR B 307 -3.19 1.26 -38.23
N VAL B 308 -3.49 -0.03 -38.22
CA VAL B 308 -2.85 -1.00 -37.35
C VAL B 308 -1.93 -1.86 -38.20
N GLU B 309 -0.68 -1.99 -37.76
CA GLU B 309 0.33 -2.71 -38.54
C GLU B 309 0.10 -4.21 -38.47
N LYS B 310 0.76 -4.92 -39.38
CA LYS B 310 0.62 -6.37 -39.45
C LYS B 310 1.21 -7.03 -38.22
N GLY B 311 0.50 -8.00 -37.66
CA GLY B 311 1.00 -8.72 -36.51
C GLY B 311 -0.14 -9.37 -35.75
N ILE B 312 0.12 -9.63 -34.46
CA ILE B 312 -0.84 -10.24 -33.56
C ILE B 312 -1.00 -9.33 -32.35
N TYR B 313 -2.23 -9.17 -31.87
CA TYR B 313 -2.52 -8.24 -30.80
C TYR B 313 -3.47 -8.88 -29.80
N GLN B 314 -3.15 -8.71 -28.51
CA GLN B 314 -3.99 -9.21 -27.42
C GLN B 314 -5.15 -8.24 -27.24
N THR B 315 -6.17 -8.40 -28.10
CA THR B 315 -7.27 -7.44 -28.12
C THR B 315 -8.20 -7.61 -26.92
N SER B 316 -8.51 -8.84 -26.55
CA SER B 316 -9.45 -9.12 -25.46
C SER B 316 -9.32 -10.59 -25.10
N ASN B 317 -10.24 -11.08 -24.27
CA ASN B 317 -10.28 -12.47 -23.88
C ASN B 317 -11.72 -12.98 -24.01
N PHE B 318 -11.85 -14.25 -24.41
CA PHE B 318 -13.15 -14.84 -24.66
C PHE B 318 -13.69 -15.50 -23.40
N ARG B 319 -14.84 -15.02 -22.93
CA ARG B 319 -15.53 -15.59 -21.78
C ARG B 319 -16.71 -16.41 -22.30
N VAL B 320 -16.67 -17.71 -22.07
CA VAL B 320 -17.79 -18.57 -22.47
C VAL B 320 -18.97 -18.20 -21.59
N GLN B 321 -19.96 -17.54 -22.16
CA GLN B 321 -21.08 -17.04 -21.39
C GLN B 321 -21.88 -18.22 -20.82
N PRO B 322 -22.41 -18.08 -19.60
CA PRO B 322 -23.28 -19.14 -19.07
C PRO B 322 -24.53 -19.29 -19.92
N THR B 323 -25.01 -20.53 -20.01
CA THR B 323 -26.15 -20.80 -20.88
C THR B 323 -27.48 -20.68 -20.14
N GLU B 324 -27.57 -21.20 -18.91
CA GLU B 324 -28.76 -21.02 -18.09
C GLU B 324 -28.34 -21.00 -16.62
N SER B 325 -29.28 -20.63 -15.77
CA SER B 325 -29.04 -20.47 -14.35
C SER B 325 -29.74 -21.57 -13.55
N ILE B 326 -29.12 -22.00 -12.46
CA ILE B 326 -29.66 -23.03 -11.59
C ILE B 326 -29.51 -22.59 -10.14
N VAL B 327 -30.37 -23.14 -9.29
CA VAL B 327 -30.28 -22.94 -7.84
C VAL B 327 -30.42 -24.31 -7.18
N ARG B 328 -29.42 -24.69 -6.40
CA ARG B 328 -29.38 -26.01 -5.77
C ARG B 328 -29.35 -25.83 -4.25
N PHE B 329 -30.52 -25.85 -3.64
CA PHE B 329 -30.65 -25.79 -2.19
C PHE B 329 -31.10 -27.14 -1.65
N PRO B 330 -30.79 -27.45 -0.39
CA PRO B 330 -31.33 -28.66 0.23
C PRO B 330 -32.86 -28.64 0.24
N ASN B 331 -33.44 -29.82 0.08
CA ASN B 331 -34.89 -29.97 -0.02
C ASN B 331 -35.61 -29.76 1.31
N ILE B 332 -34.92 -29.45 2.39
CA ILE B 332 -35.57 -29.24 3.68
C ILE B 332 -36.13 -27.82 3.72
N THR B 333 -37.37 -27.66 3.26
CA THR B 333 -38.02 -26.36 3.16
C THR B 333 -38.98 -26.09 4.31
N ASN B 334 -38.67 -26.60 5.50
CA ASN B 334 -39.52 -26.36 6.66
C ASN B 334 -39.49 -24.89 7.04
N LEU B 335 -40.65 -24.36 7.44
CA LEU B 335 -40.73 -22.97 7.86
C LEU B 335 -40.00 -22.78 9.18
N CYS B 336 -39.10 -21.79 9.20
CA CYS B 336 -38.29 -21.57 10.39
C CYS B 336 -39.13 -21.04 11.55
N PRO B 337 -38.83 -21.44 12.78
CA PRO B 337 -39.49 -20.89 13.97
C PRO B 337 -39.01 -19.50 14.37
N PHE B 338 -38.92 -18.59 13.41
CA PHE B 338 -38.80 -17.18 13.74
C PHE B 338 -40.11 -16.69 14.34
N GLY B 339 -40.09 -16.34 15.61
CA GLY B 339 -41.29 -16.08 16.36
C GLY B 339 -41.19 -16.74 17.72
N GLU B 340 -40.46 -17.85 17.72
CA GLU B 340 -40.15 -18.54 18.99
C GLU B 340 -38.94 -17.77 19.53
N VAL B 341 -38.53 -16.73 18.79
CA VAL B 341 -37.40 -15.87 19.24
C VAL B 341 -37.81 -14.41 19.07
N PHE B 342 -38.05 -13.95 17.84
CA PHE B 342 -38.35 -12.52 17.59
C PHE B 342 -39.69 -12.15 18.24
N ASN B 343 -40.73 -12.94 17.93
CA ASN B 343 -42.10 -12.63 18.40
C ASN B 343 -42.32 -13.25 19.78
N ALA B 344 -41.37 -14.08 20.21
CA ALA B 344 -41.32 -14.51 21.62
C ALA B 344 -40.79 -13.36 22.46
N THR B 345 -41.18 -13.33 23.73
CA THR B 345 -40.93 -12.14 24.56
C THR B 345 -40.11 -12.48 25.80
N ARG B 346 -40.05 -13.74 26.20
CA ARG B 346 -39.34 -14.03 27.46
C ARG B 346 -37.82 -13.99 27.23
N PHE B 347 -37.30 -12.83 26.84
CA PHE B 347 -35.87 -12.71 26.68
C PHE B 347 -35.20 -12.77 28.05
N ALA B 348 -34.30 -13.72 28.23
CA ALA B 348 -33.65 -13.89 29.52
C ALA B 348 -32.75 -12.71 29.83
N SER B 349 -32.35 -12.62 31.10
CA SER B 349 -31.50 -11.53 31.55
C SER B 349 -30.15 -11.56 30.83
N VAL B 350 -29.45 -10.42 30.88
CA VAL B 350 -28.22 -10.27 30.11
C VAL B 350 -27.16 -11.26 30.59
N TYR B 351 -27.02 -11.40 31.91
CA TYR B 351 -25.96 -12.26 32.44
C TYR B 351 -26.19 -13.72 32.10
N ALA B 352 -27.43 -14.12 31.82
CA ALA B 352 -27.78 -15.50 31.51
C ALA B 352 -28.69 -15.55 30.29
N TRP B 353 -28.27 -14.88 29.22
CA TRP B 353 -29.12 -14.72 28.05
C TRP B 353 -29.46 -16.06 27.42
N ASN B 354 -30.57 -16.09 26.69
CA ASN B 354 -31.01 -17.30 26.02
C ASN B 354 -30.35 -17.43 24.66
N ARG B 355 -30.48 -18.62 24.07
CA ARG B 355 -29.93 -18.87 22.74
C ARG B 355 -30.67 -20.05 22.14
N LYS B 356 -31.10 -19.91 20.89
CA LYS B 356 -31.82 -20.94 20.17
C LYS B 356 -30.98 -21.47 19.02
N ARG B 357 -30.88 -22.80 18.94
CA ARG B 357 -30.18 -23.44 17.83
C ARG B 357 -31.14 -23.54 16.65
N ILE B 358 -30.96 -22.67 15.67
CA ILE B 358 -31.82 -22.63 14.49
C ILE B 358 -31.37 -23.71 13.51
N SER B 359 -32.26 -24.64 13.21
CA SER B 359 -31.94 -25.74 12.31
C SER B 359 -33.21 -26.20 11.61
N ASN B 360 -33.02 -26.82 10.44
CA ASN B 360 -34.12 -27.32 9.61
C ASN B 360 -35.14 -26.21 9.35
N CYS B 361 -34.67 -25.15 8.68
CA CYS B 361 -35.41 -23.91 8.55
C CYS B 361 -35.43 -23.47 7.10
N VAL B 362 -36.14 -22.36 6.85
CA VAL B 362 -35.99 -21.58 5.63
C VAL B 362 -35.55 -20.18 6.04
N ALA B 363 -34.43 -19.74 5.47
CA ALA B 363 -33.86 -18.45 5.85
C ALA B 363 -34.50 -17.31 5.06
N ASP B 364 -35.83 -17.22 5.09
CA ASP B 364 -36.51 -16.12 4.43
C ASP B 364 -36.36 -14.86 5.25
N TYR B 365 -35.29 -14.10 5.00
CA TYR B 365 -34.99 -12.90 5.77
C TYR B 365 -35.73 -11.67 5.26
N SER B 366 -36.53 -11.80 4.20
CA SER B 366 -37.35 -10.69 3.76
C SER B 366 -38.35 -10.28 4.83
N VAL B 367 -38.72 -11.21 5.72
CA VAL B 367 -39.59 -10.86 6.84
C VAL B 367 -38.94 -9.77 7.69
N LEU B 368 -37.62 -9.87 7.88
CA LEU B 368 -36.91 -8.88 8.68
C LEU B 368 -36.55 -7.65 7.86
N TYR B 369 -36.06 -7.84 6.63
CA TYR B 369 -35.59 -6.72 5.83
C TYR B 369 -36.74 -5.83 5.37
N ASN B 370 -37.80 -6.44 4.84
CA ASN B 370 -38.93 -5.66 4.34
C ASN B 370 -39.63 -4.92 5.48
N SER B 371 -39.81 -5.58 6.62
CA SER B 371 -40.45 -4.94 7.76
C SER B 371 -39.56 -3.87 8.35
N ALA B 372 -40.15 -2.72 8.65
CA ALA B 372 -39.44 -1.62 9.30
C ALA B 372 -39.73 -1.54 10.79
N SER B 373 -40.30 -2.60 11.37
CA SER B 373 -40.63 -2.59 12.79
C SER B 373 -39.39 -2.44 13.65
N PHE B 374 -38.31 -3.13 13.28
CA PHE B 374 -37.06 -3.04 14.04
C PHE B 374 -36.47 -1.64 13.92
N SER B 375 -36.07 -1.06 15.05
CA SER B 375 -35.51 0.29 15.04
C SER B 375 -34.18 0.33 14.31
N THR B 376 -33.29 -0.60 14.62
CA THR B 376 -31.97 -0.66 13.99
C THR B 376 -31.72 -2.07 13.48
N PHE B 377 -31.11 -2.16 12.30
CA PHE B 377 -30.72 -3.43 11.69
C PHE B 377 -29.27 -3.28 11.25
N LYS B 378 -28.35 -3.51 12.18
CA LYS B 378 -26.92 -3.32 11.93
C LYS B 378 -26.32 -4.69 11.60
N CYS B 379 -26.00 -4.91 10.34
CA CYS B 379 -25.43 -6.16 9.87
C CYS B 379 -23.93 -6.00 9.72
N TYR B 380 -23.18 -6.88 10.39
CA TYR B 380 -21.72 -6.86 10.35
C TYR B 380 -21.24 -8.06 9.56
N GLY B 381 -20.52 -7.81 8.47
CA GLY B 381 -20.02 -8.87 7.62
C GLY B 381 -20.98 -9.38 6.58
N VAL B 382 -22.24 -8.90 6.58
CA VAL B 382 -23.22 -9.28 5.59
C VAL B 382 -24.14 -8.08 5.41
N SER B 383 -25.09 -8.15 4.47
CA SER B 383 -25.95 -7.02 4.19
C SER B 383 -27.42 -7.42 4.32
N PRO B 384 -28.27 -6.49 4.74
CA PRO B 384 -29.69 -6.81 4.98
C PRO B 384 -30.41 -7.43 3.79
N THR B 385 -30.39 -6.72 2.66
CA THR B 385 -31.16 -7.17 1.50
C THR B 385 -30.66 -8.50 0.95
N LYS B 386 -29.34 -8.69 0.92
CA LYS B 386 -28.75 -9.90 0.35
C LYS B 386 -28.49 -10.96 1.42
N LEU B 387 -29.53 -11.31 2.17
CA LEU B 387 -29.46 -12.40 3.14
C LEU B 387 -30.09 -13.68 2.64
N ASN B 388 -31.14 -13.60 1.84
CA ASN B 388 -31.88 -14.76 1.36
C ASN B 388 -31.18 -15.48 0.22
N ASP B 389 -29.93 -15.15 -0.08
CA ASP B 389 -29.17 -15.78 -1.14
C ASP B 389 -28.00 -16.59 -0.59
N LEU B 390 -28.11 -17.05 0.65
CA LEU B 390 -27.05 -17.84 1.27
C LEU B 390 -27.67 -18.90 2.16
N CYS B 391 -26.90 -19.95 2.42
CA CYS B 391 -27.25 -20.97 3.39
C CYS B 391 -26.22 -20.94 4.52
N PHE B 392 -26.67 -21.23 5.73
CA PHE B 392 -25.86 -20.98 6.92
C PHE B 392 -25.61 -22.30 7.63
N THR B 393 -24.33 -22.62 7.85
CA THR B 393 -23.97 -23.89 8.48
C THR B 393 -24.62 -24.02 9.84
N ASN B 394 -24.48 -23.00 10.69
CA ASN B 394 -25.11 -22.97 11.99
C ASN B 394 -25.26 -21.53 12.44
N VAL B 395 -26.47 -21.15 12.84
CA VAL B 395 -26.75 -19.81 13.32
C VAL B 395 -27.46 -19.92 14.67
N TYR B 396 -27.34 -18.84 15.44
CA TYR B 396 -27.97 -18.76 16.74
C TYR B 396 -28.60 -17.39 16.88
N ALA B 397 -29.52 -17.27 17.83
CA ALA B 397 -30.35 -16.08 17.98
C ALA B 397 -30.24 -15.55 19.41
N ASP B 398 -29.00 -15.35 19.87
CA ASP B 398 -28.72 -14.86 21.20
C ASP B 398 -29.65 -13.73 21.59
N SER B 399 -30.42 -13.93 22.64
CA SER B 399 -31.56 -13.08 22.97
C SER B 399 -31.41 -12.52 24.38
N PHE B 400 -31.47 -11.19 24.49
CA PHE B 400 -31.41 -10.52 25.78
C PHE B 400 -32.01 -9.14 25.63
N VAL B 401 -32.28 -8.50 26.76
CA VAL B 401 -32.85 -7.16 26.80
C VAL B 401 -31.93 -6.27 27.61
N ILE B 402 -31.61 -5.09 27.05
CA ILE B 402 -30.61 -4.20 27.65
C ILE B 402 -31.20 -2.83 27.87
N ARG B 403 -30.37 -1.90 28.38
CA ARG B 403 -30.86 -0.58 28.78
C ARG B 403 -31.38 0.25 27.63
N GLY B 404 -31.06 -0.14 26.39
CA GLY B 404 -31.53 0.63 25.24
C GLY B 404 -30.56 1.70 24.81
N ASP B 405 -30.18 2.59 25.72
CA ASP B 405 -29.16 3.58 25.40
C ASP B 405 -27.81 2.95 25.12
N GLU B 406 -27.57 1.73 25.63
CA GLU B 406 -26.30 1.04 25.48
C GLU B 406 -26.34 0.01 24.35
N VAL B 407 -27.18 0.23 23.34
CA VAL B 407 -27.09 -0.58 22.12
C VAL B 407 -25.80 -0.31 21.37
N ARG B 408 -25.12 0.79 21.69
CA ARG B 408 -23.87 1.13 21.00
C ARG B 408 -22.76 0.15 21.35
N GLN B 409 -22.79 -0.43 22.55
CA GLN B 409 -21.75 -1.37 22.95
C GLN B 409 -22.06 -2.81 22.57
N ILE B 410 -23.16 -3.04 21.85
CA ILE B 410 -23.38 -4.35 21.21
C ILE B 410 -22.71 -4.25 19.84
N ALA B 411 -21.40 -4.49 19.83
CA ALA B 411 -20.57 -4.27 18.66
C ALA B 411 -19.33 -5.14 18.79
N PRO B 412 -18.59 -5.37 17.68
CA PRO B 412 -17.40 -6.22 17.75
C PRO B 412 -16.41 -5.80 18.84
N GLY B 413 -16.11 -4.51 18.94
CA GLY B 413 -15.25 -4.04 20.01
C GLY B 413 -15.79 -2.82 20.72
N GLN B 414 -16.14 -2.99 21.99
CA GLN B 414 -16.62 -1.91 22.85
C GLN B 414 -16.26 -2.23 24.30
N THR B 415 -16.29 -1.21 25.14
CA THR B 415 -15.91 -1.32 26.54
C THR B 415 -16.93 -0.63 27.43
N GLY B 416 -18.21 -0.91 27.19
CA GLY B 416 -19.29 -0.34 27.98
C GLY B 416 -19.49 -1.09 29.28
N LYS B 417 -20.67 -0.87 29.88
CA LYS B 417 -20.97 -1.50 31.16
C LYS B 417 -21.25 -2.99 30.99
N ILE B 418 -22.26 -3.34 30.19
CA ILE B 418 -22.61 -4.74 29.99
C ILE B 418 -21.51 -5.47 29.22
N ALA B 419 -20.87 -4.78 28.28
CA ALA B 419 -19.82 -5.42 27.49
C ALA B 419 -18.62 -5.79 28.33
N ASP B 420 -18.51 -5.29 29.56
CA ASP B 420 -17.37 -5.61 30.40
C ASP B 420 -17.44 -7.05 30.90
N TYR B 421 -18.50 -7.39 31.64
CA TYR B 421 -18.61 -8.73 32.22
C TYR B 421 -20.05 -9.24 32.20
N ASN B 422 -20.83 -8.85 31.19
CA ASN B 422 -22.17 -9.41 31.01
C ASN B 422 -22.26 -10.21 29.71
N TYR B 423 -21.94 -9.60 28.57
CA TYR B 423 -21.92 -10.32 27.29
C TYR B 423 -21.02 -9.53 26.34
N LYS B 424 -19.89 -10.12 25.97
CA LYS B 424 -18.92 -9.47 25.11
C LYS B 424 -18.97 -10.08 23.72
N LEU B 425 -19.10 -9.22 22.70
CA LEU B 425 -19.09 -9.73 21.34
C LEU B 425 -17.66 -9.85 20.83
N PRO B 426 -17.37 -10.89 20.05
CA PRO B 426 -16.01 -11.06 19.52
C PRO B 426 -15.68 -9.97 18.51
N ASP B 427 -14.37 -9.73 18.36
CA ASP B 427 -13.91 -8.74 17.40
C ASP B 427 -14.20 -9.16 15.96
N ASP B 428 -14.47 -10.44 15.73
CA ASP B 428 -14.77 -10.92 14.39
C ASP B 428 -16.21 -11.37 14.31
N PHE B 429 -17.11 -10.62 14.94
CA PHE B 429 -18.54 -10.95 14.92
C PHE B 429 -19.11 -10.70 13.53
N THR B 430 -19.59 -11.77 12.89
CA THR B 430 -20.28 -11.67 11.60
C THR B 430 -21.76 -11.94 11.85
N GLY B 431 -22.54 -10.89 12.01
CA GLY B 431 -23.95 -11.07 12.30
C GLY B 431 -24.72 -9.79 12.09
N CYS B 432 -26.02 -9.87 12.41
CA CYS B 432 -26.93 -8.74 12.28
C CYS B 432 -27.59 -8.50 13.64
N VAL B 433 -27.12 -7.47 14.34
CA VAL B 433 -27.71 -7.09 15.61
C VAL B 433 -29.03 -6.39 15.33
N ILE B 434 -30.12 -6.90 15.90
CA ILE B 434 -31.46 -6.37 15.69
C ILE B 434 -31.97 -5.84 17.02
N ALA B 435 -32.29 -4.55 17.07
CA ALA B 435 -32.88 -3.94 18.24
C ALA B 435 -34.03 -3.03 17.81
N TRP B 436 -35.03 -2.93 18.67
CA TRP B 436 -36.19 -2.10 18.40
C TRP B 436 -36.68 -1.49 19.71
N ASN B 437 -37.63 -0.56 19.59
CA ASN B 437 -38.15 0.12 20.77
C ASN B 437 -39.04 -0.82 21.56
N SER B 438 -38.43 -1.79 22.23
CA SER B 438 -39.15 -2.79 23.00
C SER B 438 -39.55 -2.30 24.38
N ASN B 439 -39.48 -0.99 24.62
CA ASN B 439 -40.00 -0.44 25.86
C ASN B 439 -41.47 -0.79 26.04
N ASN B 440 -42.20 -0.89 24.93
CA ASN B 440 -43.60 -1.33 24.99
C ASN B 440 -43.70 -2.77 25.48
N LEU B 441 -42.81 -3.64 24.99
CA LEU B 441 -42.88 -5.06 25.34
C LEU B 441 -42.38 -5.36 26.74
N ASP B 442 -41.63 -4.44 27.36
CA ASP B 442 -41.11 -4.62 28.71
C ASP B 442 -41.45 -3.40 29.57
N SER B 443 -42.64 -2.84 29.37
CA SER B 443 -43.09 -1.66 30.15
C SER B 443 -43.58 -2.13 31.52
N LYS B 444 -42.67 -2.46 32.44
CA LYS B 444 -43.16 -2.82 33.78
C LYS B 444 -43.03 -1.63 34.71
N VAL B 445 -44.18 -1.06 35.13
CA VAL B 445 -44.18 0.11 36.06
C VAL B 445 -43.56 -0.32 37.39
N GLY B 446 -42.68 0.50 37.95
CA GLY B 446 -41.97 0.11 39.18
C GLY B 446 -40.75 -0.72 38.85
N GLY B 447 -40.53 -1.00 37.56
CA GLY B 447 -39.36 -1.77 37.12
C GLY B 447 -39.63 -3.26 37.12
N ASN B 448 -39.47 -3.91 35.98
CA ASN B 448 -39.37 -5.39 35.99
C ASN B 448 -38.05 -5.77 36.65
N TYR B 449 -38.12 -6.33 37.86
CA TYR B 449 -36.88 -6.66 38.60
C TYR B 449 -36.47 -8.10 38.28
N ASN B 450 -36.76 -8.57 37.06
CA ASN B 450 -36.36 -9.94 36.63
C ASN B 450 -35.20 -9.82 35.65
N TYR B 451 -35.04 -8.65 35.02
CA TYR B 451 -33.89 -8.50 34.15
C TYR B 451 -32.68 -8.09 34.98
N LEU B 452 -31.60 -8.86 34.89
CA LEU B 452 -30.42 -8.71 35.73
C LEU B 452 -29.26 -8.17 34.91
N TYR B 453 -28.15 -7.90 35.62
CA TYR B 453 -26.89 -7.47 35.03
C TYR B 453 -25.81 -7.56 36.10
N ARG B 454 -24.61 -7.93 35.68
CA ARG B 454 -23.47 -8.04 36.59
C ARG B 454 -22.88 -6.65 36.79
N LEU B 455 -23.32 -5.97 37.84
CA LEU B 455 -22.83 -4.62 38.10
C LEU B 455 -21.34 -4.62 38.41
N PHE B 456 -20.88 -5.59 39.21
CA PHE B 456 -19.49 -5.66 39.62
C PHE B 456 -18.75 -6.62 38.71
N ARG B 457 -18.00 -6.07 37.75
CA ARG B 457 -17.21 -6.86 36.82
C ARG B 457 -16.01 -7.43 37.58
N LYS B 458 -16.10 -8.70 37.95
CA LYS B 458 -15.01 -9.33 38.69
C LYS B 458 -13.73 -9.39 37.86
N SER B 459 -13.85 -9.72 36.58
CA SER B 459 -12.70 -9.79 35.69
C SER B 459 -13.17 -9.56 34.26
N ASN B 460 -12.24 -9.66 33.31
CA ASN B 460 -12.58 -9.52 31.91
C ASN B 460 -13.39 -10.73 31.44
N LEU B 461 -14.33 -10.48 30.53
CA LEU B 461 -15.20 -11.52 30.00
C LEU B 461 -14.75 -11.92 28.60
N LYS B 462 -14.52 -13.23 28.48
CA LYS B 462 -14.19 -13.89 27.21
C LYS B 462 -15.39 -13.76 26.24
N PRO B 463 -15.22 -13.53 24.90
CA PRO B 463 -16.38 -13.39 24.01
C PRO B 463 -17.30 -14.60 24.06
N PHE B 464 -18.61 -14.34 23.97
CA PHE B 464 -19.67 -15.34 23.92
C PHE B 464 -19.80 -16.15 25.20
N GLU B 465 -19.10 -15.75 26.27
CA GLU B 465 -19.18 -16.49 27.52
C GLU B 465 -20.46 -16.12 28.28
N ARG B 466 -20.77 -16.94 29.29
CA ARG B 466 -21.94 -16.71 30.12
C ARG B 466 -21.68 -17.33 31.48
N ASP B 467 -21.74 -16.52 32.54
CA ASP B 467 -21.51 -16.98 33.90
C ASP B 467 -22.79 -16.82 34.71
N ILE B 468 -23.21 -17.89 35.37
CA ILE B 468 -24.41 -17.88 36.23
C ILE B 468 -23.98 -18.42 37.58
N SER B 469 -23.58 -17.53 38.48
CA SER B 469 -23.15 -17.92 39.83
C SER B 469 -23.18 -16.68 40.70
N THR B 470 -23.91 -16.74 41.81
CA THR B 470 -24.05 -15.61 42.72
C THR B 470 -23.10 -15.78 43.90
N GLU B 471 -22.25 -14.76 44.12
CA GLU B 471 -21.31 -14.77 45.22
C GLU B 471 -20.90 -13.33 45.50
N ILE B 472 -20.76 -12.99 46.78
CA ILE B 472 -20.42 -11.62 47.16
C ILE B 472 -19.03 -11.29 46.66
N TYR B 473 -18.89 -10.14 46.00
CA TYR B 473 -17.61 -9.68 45.48
C TYR B 473 -16.96 -8.81 46.56
N GLN B 474 -15.98 -9.38 47.25
CA GLN B 474 -15.30 -8.66 48.33
C GLN B 474 -14.43 -7.54 47.77
N ALA B 475 -14.55 -6.35 48.37
CA ALA B 475 -13.71 -5.21 48.00
C ALA B 475 -12.76 -4.81 49.11
N GLY B 476 -12.74 -5.52 50.23
CA GLY B 476 -11.85 -5.19 51.32
C GLY B 476 -10.93 -6.34 51.71
N SER B 477 -10.88 -7.37 50.86
CA SER B 477 -10.02 -8.54 51.07
C SER B 477 -10.31 -9.21 52.41
N THR B 478 -11.59 -9.49 52.64
CA THR B 478 -12.04 -10.12 53.87
C THR B 478 -12.93 -11.32 53.54
N PRO B 479 -12.92 -12.35 54.38
CA PRO B 479 -13.78 -13.52 54.13
C PRO B 479 -15.26 -13.16 54.27
N CYS B 480 -15.99 -13.17 53.17
CA CYS B 480 -17.40 -12.78 53.21
C CYS B 480 -18.22 -13.76 54.04
N ASN B 481 -18.07 -15.06 53.76
CA ASN B 481 -18.86 -16.10 54.41
C ASN B 481 -20.36 -15.80 54.27
N GLY B 482 -20.74 -15.32 53.10
CA GLY B 482 -22.09 -14.85 52.87
C GLY B 482 -22.11 -13.41 52.40
N VAL B 483 -22.74 -12.53 53.18
CA VAL B 483 -22.78 -11.11 52.86
C VAL B 483 -22.38 -10.31 54.09
N GLU B 484 -22.10 -11.03 55.19
CA GLU B 484 -21.79 -10.36 56.45
C GLU B 484 -20.49 -9.58 56.39
N GLY B 485 -19.55 -10.01 55.54
CA GLY B 485 -18.25 -9.36 55.49
C GLY B 485 -18.34 -7.95 54.93
N PHE B 486 -17.33 -7.15 55.29
CA PHE B 486 -17.28 -5.77 54.82
C PHE B 486 -17.05 -5.72 53.32
N ASN B 487 -17.75 -4.79 52.66
CA ASN B 487 -17.65 -4.56 51.22
C ASN B 487 -18.03 -5.79 50.40
N CYS B 488 -18.74 -6.74 51.00
CA CYS B 488 -19.22 -7.92 50.29
C CYS B 488 -20.56 -7.56 49.67
N TYR B 489 -20.54 -7.09 48.42
CA TYR B 489 -21.73 -6.63 47.74
C TYR B 489 -22.31 -7.73 46.86
N PHE B 490 -23.62 -7.70 46.69
CA PHE B 490 -24.28 -8.68 45.83
C PHE B 490 -23.91 -8.40 44.38
N PRO B 491 -23.45 -9.42 43.63
CA PRO B 491 -22.88 -9.17 42.30
C PRO B 491 -23.90 -8.76 41.25
N LEU B 492 -25.20 -8.92 41.50
CA LEU B 492 -26.21 -8.70 40.49
C LEU B 492 -27.25 -7.71 41.01
N GLN B 493 -27.74 -6.84 40.11
CA GLN B 493 -28.80 -5.90 40.44
C GLN B 493 -29.88 -5.95 39.37
N SER B 494 -31.02 -5.31 39.66
CA SER B 494 -32.08 -5.12 38.69
C SER B 494 -32.29 -3.64 38.44
N TYR B 495 -32.04 -3.23 37.20
CA TYR B 495 -32.29 -1.83 36.78
C TYR B 495 -33.80 -1.66 36.79
N GLY B 496 -34.49 -2.58 36.13
CA GLY B 496 -35.96 -2.49 36.05
C GLY B 496 -36.42 -2.12 34.66
N PHE B 497 -35.66 -1.27 33.96
CA PHE B 497 -36.07 -0.78 32.62
C PHE B 497 -37.52 -0.30 32.72
N GLN B 498 -37.80 0.64 33.62
CA GLN B 498 -39.19 1.15 33.85
C GLN B 498 -39.74 1.77 32.57
N PRO B 499 -41.08 1.87 32.38
CA PRO B 499 -41.65 2.34 31.10
C PRO B 499 -41.41 3.80 30.71
N THR B 500 -42.13 4.73 31.34
CA THR B 500 -42.07 6.13 30.91
C THR B 500 -40.82 6.77 31.50
N ASN B 501 -39.70 6.58 30.82
CA ASN B 501 -38.45 7.23 31.15
C ASN B 501 -37.70 7.54 29.86
N GLY B 502 -36.43 7.91 29.99
CA GLY B 502 -35.62 8.21 28.84
C GLY B 502 -35.12 6.97 28.13
N VAL B 503 -34.30 7.19 27.11
CA VAL B 503 -33.73 6.08 26.35
C VAL B 503 -32.85 5.22 27.24
N GLY B 504 -32.30 5.81 28.30
CA GLY B 504 -31.51 5.02 29.24
C GLY B 504 -32.32 3.92 29.91
N TYR B 505 -33.57 4.22 30.29
CA TYR B 505 -34.42 3.25 30.93
C TYR B 505 -35.41 2.60 29.98
N GLN B 506 -35.33 2.91 28.68
CA GLN B 506 -36.20 2.27 27.70
C GLN B 506 -35.52 1.02 27.17
N PRO B 507 -36.06 -0.18 27.45
CA PRO B 507 -35.38 -1.41 27.03
C PRO B 507 -35.48 -1.63 25.53
N TYR B 508 -34.34 -1.93 24.91
CA TYR B 508 -34.28 -2.31 23.50
C TYR B 508 -33.94 -3.80 23.46
N ARG B 509 -34.95 -4.63 23.16
CA ARG B 509 -34.82 -6.07 23.28
C ARG B 509 -33.94 -6.61 22.14
N VAL B 510 -32.64 -6.66 22.40
CA VAL B 510 -31.66 -6.96 21.36
C VAL B 510 -31.63 -8.46 21.11
N VAL B 511 -31.78 -8.85 19.85
CA VAL B 511 -31.59 -10.23 19.42
C VAL B 511 -30.35 -10.27 18.54
N VAL B 512 -29.41 -11.13 18.90
CA VAL B 512 -28.11 -11.20 18.27
C VAL B 512 -28.07 -12.46 17.42
N LEU B 513 -28.01 -12.28 16.09
CA LEU B 513 -27.95 -13.39 15.15
C LEU B 513 -26.50 -13.63 14.77
N SER B 514 -25.89 -14.64 15.37
CA SER B 514 -24.51 -15.00 15.06
C SER B 514 -24.52 -16.03 13.94
N PHE B 515 -24.04 -15.63 12.77
CA PHE B 515 -24.03 -16.50 11.62
C PHE B 515 -22.69 -17.22 11.52
N GLU B 516 -22.46 -17.92 10.41
CA GLU B 516 -21.20 -18.59 10.15
C GLU B 516 -21.01 -18.69 8.64
N LEU B 517 -19.75 -18.64 8.22
CA LEU B 517 -19.44 -18.76 6.80
C LEU B 517 -19.76 -20.17 6.30
N LEU B 518 -19.86 -20.29 4.98
CA LEU B 518 -20.16 -21.58 4.37
C LEU B 518 -18.95 -22.49 4.51
N HIS B 519 -19.01 -23.39 5.49
CA HIS B 519 -17.93 -24.34 5.72
C HIS B 519 -18.43 -25.73 6.10
N ALA B 520 -19.73 -25.98 6.02
CA ALA B 520 -20.33 -27.20 6.53
C ALA B 520 -21.72 -27.33 5.94
N PRO B 521 -22.34 -28.50 6.06
CA PRO B 521 -23.75 -28.63 5.64
C PRO B 521 -24.63 -27.65 6.41
N ALA B 522 -25.59 -27.08 5.71
CA ALA B 522 -26.47 -26.06 6.26
C ALA B 522 -27.89 -26.61 6.39
N THR B 523 -28.45 -26.51 7.59
CA THR B 523 -29.84 -26.88 7.82
C THR B 523 -30.80 -25.72 7.63
N VAL B 524 -30.29 -24.51 7.46
CA VAL B 524 -31.11 -23.32 7.20
C VAL B 524 -30.70 -22.75 5.85
N CYS B 525 -31.70 -22.43 5.03
CA CYS B 525 -31.45 -22.01 3.67
C CYS B 525 -32.48 -20.98 3.23
N GLY B 526 -32.11 -20.20 2.23
CA GLY B 526 -32.98 -19.16 1.72
C GLY B 526 -34.23 -19.71 1.08
N PRO B 527 -35.22 -18.84 0.83
CA PRO B 527 -36.47 -19.31 0.22
C PRO B 527 -36.35 -19.46 -1.29
N LYS B 528 -35.12 -19.51 -1.79
CA LYS B 528 -34.88 -19.65 -3.22
C LYS B 528 -35.56 -20.91 -3.76
N LYS B 529 -36.22 -20.78 -4.89
CA LYS B 529 -36.87 -21.92 -5.53
C LYS B 529 -35.81 -22.79 -6.19
N SER B 530 -35.60 -23.99 -5.65
CA SER B 530 -34.57 -24.87 -6.17
C SER B 530 -34.93 -25.37 -7.57
N THR B 531 -33.90 -25.61 -8.36
CA THR B 531 -34.07 -26.13 -9.71
C THR B 531 -33.24 -27.40 -9.88
N ASN B 532 -33.09 -27.88 -11.12
CA ASN B 532 -32.27 -29.04 -11.39
C ASN B 532 -30.81 -28.62 -11.57
N LEU B 533 -29.95 -29.60 -11.83
CA LEU B 533 -28.55 -29.35 -12.09
C LEU B 533 -28.23 -29.63 -13.56
N VAL B 534 -27.08 -29.15 -14.00
CA VAL B 534 -26.62 -29.30 -15.38
C VAL B 534 -25.17 -29.75 -15.37
N LYS B 535 -24.85 -30.72 -16.22
CA LYS B 535 -23.52 -31.32 -16.26
C LYS B 535 -22.84 -31.01 -17.58
N ASN B 536 -21.53 -30.76 -17.51
CA ASN B 536 -20.70 -30.54 -18.69
C ASN B 536 -21.20 -29.39 -19.55
N LYS B 537 -21.71 -28.34 -18.90
CA LYS B 537 -22.15 -27.14 -19.60
C LYS B 537 -21.85 -25.93 -18.74
N CYS B 538 -21.43 -24.83 -19.38
CA CYS B 538 -21.20 -23.59 -18.66
C CYS B 538 -22.49 -23.06 -18.07
N VAL B 539 -22.59 -23.10 -16.74
CA VAL B 539 -23.79 -22.73 -16.02
C VAL B 539 -23.39 -21.89 -14.81
N ASN B 540 -24.07 -20.77 -14.61
CA ASN B 540 -23.95 -20.05 -13.35
C ASN B 540 -24.87 -20.68 -12.32
N PHE B 541 -24.35 -20.88 -11.11
CA PHE B 541 -24.99 -21.71 -10.12
C PHE B 541 -25.00 -21.02 -8.77
N ASN B 542 -25.96 -21.40 -7.93
CA ASN B 542 -26.02 -20.97 -6.54
C ASN B 542 -26.21 -22.24 -5.69
N PHE B 543 -25.11 -22.90 -5.38
CA PHE B 543 -25.13 -24.06 -4.49
C PHE B 543 -25.18 -23.55 -3.06
N ASN B 544 -26.37 -23.63 -2.46
CA ASN B 544 -26.66 -23.32 -1.06
C ASN B 544 -25.80 -22.19 -0.51
N GLY B 545 -25.72 -21.08 -1.23
CA GLY B 545 -25.00 -19.90 -0.81
C GLY B 545 -23.84 -19.52 -1.70
N LEU B 546 -23.08 -20.51 -2.16
CA LEU B 546 -21.93 -20.25 -3.00
C LEU B 546 -22.37 -19.86 -4.41
N THR B 547 -21.72 -18.84 -4.96
CA THR B 547 -22.01 -18.35 -6.30
C THR B 547 -20.81 -18.58 -7.21
N GLY B 548 -21.08 -18.94 -8.46
CA GLY B 548 -19.99 -19.17 -9.39
C GLY B 548 -20.53 -19.44 -10.78
N THR B 549 -19.63 -19.94 -11.63
CA THR B 549 -19.98 -20.27 -13.00
C THR B 549 -18.97 -21.28 -13.53
N GLY B 550 -19.46 -22.42 -14.00
CA GLY B 550 -18.59 -23.45 -14.53
C GLY B 550 -19.38 -24.68 -14.92
N VAL B 551 -18.65 -25.73 -15.27
CA VAL B 551 -19.23 -27.01 -15.64
C VAL B 551 -19.24 -27.92 -14.41
N LEU B 552 -20.37 -28.56 -14.16
CA LEU B 552 -20.58 -29.38 -12.96
C LEU B 552 -20.45 -30.84 -13.36
N THR B 553 -19.21 -31.34 -13.38
CA THR B 553 -18.96 -32.71 -13.78
C THR B 553 -19.41 -33.67 -12.66
N GLU B 554 -19.15 -34.96 -12.87
CA GLU B 554 -19.54 -36.00 -11.93
C GLU B 554 -18.35 -36.87 -11.56
N SER B 555 -17.17 -36.27 -11.49
CA SER B 555 -15.96 -37.00 -11.16
C SER B 555 -16.04 -37.57 -9.74
N ASN B 556 -15.36 -38.69 -9.53
CA ASN B 556 -15.46 -39.44 -8.29
C ASN B 556 -14.60 -38.82 -7.20
N LYS B 557 -15.21 -38.58 -6.03
CA LYS B 557 -14.49 -38.15 -4.84
C LYS B 557 -15.27 -38.64 -3.63
N LYS B 558 -14.56 -38.77 -2.52
CA LYS B 558 -15.15 -39.24 -1.27
C LYS B 558 -15.21 -38.07 -0.29
N PHE B 559 -16.42 -37.76 0.18
CA PHE B 559 -16.64 -36.67 1.12
C PHE B 559 -16.98 -37.24 2.48
N LEU B 560 -16.29 -36.74 3.51
CA LEU B 560 -16.64 -37.12 4.86
C LEU B 560 -18.00 -36.51 5.24
N PRO B 561 -18.76 -37.18 6.10
CA PRO B 561 -20.13 -36.72 6.38
C PRO B 561 -20.21 -35.30 6.90
N PHE B 562 -19.23 -34.86 7.68
CA PHE B 562 -19.24 -33.50 8.22
C PHE B 562 -18.69 -32.47 7.24
N GLN B 563 -18.12 -32.89 6.12
CA GLN B 563 -17.50 -32.00 5.15
C GLN B 563 -18.48 -31.73 4.01
N GLN B 564 -18.77 -30.45 3.78
CA GLN B 564 -19.71 -30.08 2.73
C GLN B 564 -19.06 -30.00 1.36
N PHE B 565 -17.91 -29.34 1.27
CA PHE B 565 -17.31 -29.06 -0.03
C PHE B 565 -15.80 -28.98 0.10
N GLY B 566 -15.13 -29.15 -1.04
CA GLY B 566 -13.69 -29.09 -1.10
C GLY B 566 -13.18 -27.72 -1.54
N ARG B 567 -11.85 -27.59 -1.51
CA ARG B 567 -11.20 -26.34 -1.87
C ARG B 567 -9.86 -26.64 -2.50
N ASP B 568 -9.41 -25.75 -3.38
CA ASP B 568 -8.09 -25.82 -3.99
C ASP B 568 -7.10 -25.01 -3.16
N ILE B 569 -5.93 -24.73 -3.72
CA ILE B 569 -4.92 -23.94 -3.02
C ILE B 569 -5.49 -22.57 -2.63
N ALA B 570 -6.17 -21.91 -3.57
CA ALA B 570 -6.85 -20.66 -3.29
C ALA B 570 -8.17 -20.96 -2.60
N ASP B 571 -8.99 -19.92 -2.41
CA ASP B 571 -10.35 -20.13 -1.89
C ASP B 571 -11.36 -20.26 -3.02
N THR B 572 -11.07 -21.14 -3.97
CA THR B 572 -12.01 -21.48 -5.05
C THR B 572 -12.39 -22.95 -4.88
N THR B 573 -13.69 -23.20 -4.75
CA THR B 573 -14.19 -24.51 -4.36
C THR B 573 -14.20 -25.42 -5.57
N ASP B 574 -13.23 -26.33 -5.65
CA ASP B 574 -13.17 -27.27 -6.76
C ASP B 574 -14.32 -28.26 -6.72
N ALA B 575 -14.66 -28.77 -5.54
CA ALA B 575 -15.68 -29.80 -5.39
C ALA B 575 -16.74 -29.32 -4.42
N VAL B 576 -18.00 -29.52 -4.79
CA VAL B 576 -19.13 -29.21 -3.92
C VAL B 576 -20.11 -30.38 -3.95
N ARG B 577 -20.60 -30.77 -2.78
CA ARG B 577 -21.55 -31.86 -2.67
C ARG B 577 -22.95 -31.32 -2.93
N ASP B 578 -23.59 -31.83 -3.98
CA ASP B 578 -24.91 -31.36 -4.37
C ASP B 578 -25.95 -31.69 -3.30
N PRO B 579 -26.67 -30.71 -2.78
CA PRO B 579 -27.76 -31.01 -1.87
C PRO B 579 -28.88 -31.77 -2.56
N GLN B 580 -29.66 -32.49 -1.76
CA GLN B 580 -30.78 -33.31 -2.19
C GLN B 580 -30.32 -34.57 -2.91
N THR B 581 -29.03 -34.67 -3.18
CA THR B 581 -28.46 -35.86 -3.81
C THR B 581 -27.18 -36.34 -3.15
N LEU B 582 -26.46 -35.48 -2.43
CA LEU B 582 -25.16 -35.80 -1.82
C LEU B 582 -24.15 -36.28 -2.87
N GLU B 583 -24.36 -35.91 -4.13
CA GLU B 583 -23.45 -36.28 -5.20
C GLU B 583 -22.20 -35.40 -5.17
N ILE B 584 -21.17 -35.85 -5.88
CA ILE B 584 -19.92 -35.12 -5.99
C ILE B 584 -19.87 -34.45 -7.35
N LEU B 585 -19.66 -33.14 -7.35
CA LEU B 585 -19.56 -32.36 -8.58
C LEU B 585 -18.29 -31.54 -8.53
N ASP B 586 -17.36 -31.83 -9.44
CA ASP B 586 -16.10 -31.10 -9.51
C ASP B 586 -16.31 -29.85 -10.35
N ILE B 587 -16.37 -28.69 -9.68
CA ILE B 587 -16.57 -27.43 -10.37
C ILE B 587 -15.31 -27.10 -11.17
N THR B 588 -15.47 -26.94 -12.49
CA THR B 588 -14.38 -26.60 -13.37
C THR B 588 -14.69 -25.30 -14.09
N PRO B 589 -13.74 -24.36 -14.14
CA PRO B 589 -14.01 -23.09 -14.83
C PRO B 589 -14.27 -23.30 -16.31
N CYS B 590 -15.03 -22.36 -16.88
CA CYS B 590 -15.38 -22.43 -18.29
C CYS B 590 -14.13 -22.34 -19.16
N SER B 591 -14.31 -22.65 -20.44
CA SER B 591 -13.22 -22.65 -21.41
C SER B 591 -12.88 -21.23 -21.85
N PHE B 592 -12.43 -20.43 -20.90
CA PHE B 592 -12.04 -19.06 -21.21
C PHE B 592 -10.62 -19.03 -21.77
N GLY B 593 -10.27 -17.90 -22.36
CA GLY B 593 -8.95 -17.72 -22.91
C GLY B 593 -8.86 -16.39 -23.62
N GLY B 594 -7.62 -15.96 -23.83
CA GLY B 594 -7.40 -14.71 -24.51
C GLY B 594 -7.84 -14.76 -25.96
N VAL B 595 -8.02 -13.58 -26.54
CA VAL B 595 -8.42 -13.43 -27.93
C VAL B 595 -7.38 -12.58 -28.63
N SER B 596 -6.81 -13.11 -29.71
CA SER B 596 -5.85 -12.39 -30.53
C SER B 596 -6.50 -12.04 -31.87
N VAL B 597 -5.76 -11.28 -32.68
CA VAL B 597 -6.22 -10.87 -33.99
C VAL B 597 -5.08 -11.07 -34.99
N ILE B 598 -5.38 -11.75 -36.09
CA ILE B 598 -4.43 -11.94 -37.18
C ILE B 598 -4.83 -10.98 -38.29
N THR B 599 -4.23 -9.79 -38.27
CA THR B 599 -4.48 -8.82 -39.32
C THR B 599 -3.20 -8.54 -40.09
N PRO B 600 -3.28 -8.44 -41.42
CA PRO B 600 -2.07 -8.19 -42.23
C PRO B 600 -1.72 -6.72 -42.41
N GLY B 601 -2.40 -5.81 -41.74
CA GLY B 601 -2.13 -4.40 -41.90
C GLY B 601 -3.17 -3.70 -42.76
N THR B 602 -3.75 -2.62 -42.25
CA THR B 602 -4.77 -1.90 -43.00
C THR B 602 -4.22 -1.37 -44.31
N ASN B 603 -2.95 -0.96 -44.33
CA ASN B 603 -2.33 -0.48 -45.56
C ASN B 603 -2.16 -1.58 -46.60
N THR B 604 -2.32 -2.84 -46.22
CA THR B 604 -2.20 -3.97 -47.15
C THR B 604 -3.53 -4.66 -47.41
N SER B 605 -4.31 -4.95 -46.37
CA SER B 605 -5.59 -5.63 -46.53
C SER B 605 -6.49 -5.25 -45.37
N ASN B 606 -7.65 -5.88 -45.29
CA ASN B 606 -8.58 -5.65 -44.19
C ASN B 606 -9.20 -6.92 -43.64
N GLN B 607 -8.86 -8.09 -44.17
CA GLN B 607 -9.42 -9.33 -43.67
C GLN B 607 -8.89 -9.61 -42.25
N VAL B 608 -9.79 -9.98 -41.36
CA VAL B 608 -9.46 -10.20 -39.95
C VAL B 608 -9.68 -11.67 -39.62
N ALA B 609 -8.74 -12.25 -38.87
CA ALA B 609 -8.81 -13.63 -38.42
C ALA B 609 -8.72 -13.63 -36.90
N VAL B 610 -9.88 -13.51 -36.23
CA VAL B 610 -9.90 -13.51 -34.78
C VAL B 610 -9.44 -14.86 -34.27
N LEU B 611 -8.86 -14.87 -33.08
CA LEU B 611 -8.19 -16.04 -32.53
C LEU B 611 -8.85 -16.46 -31.23
N TYR B 612 -8.84 -17.76 -30.97
CA TYR B 612 -9.42 -18.34 -29.75
C TYR B 612 -8.41 -19.35 -29.21
N GLN B 613 -7.61 -18.91 -28.24
CA GLN B 613 -6.47 -19.69 -27.76
C GLN B 613 -6.83 -20.46 -26.49
N ASP B 614 -6.21 -21.64 -26.35
CA ASP B 614 -6.42 -22.53 -25.21
C ASP B 614 -7.89 -22.92 -25.05
N VAL B 615 -8.62 -22.98 -26.16
CA VAL B 615 -10.08 -23.35 -26.14
C VAL B 615 -10.36 -24.38 -27.23
N ASN B 616 -11.16 -25.41 -26.94
CA ASN B 616 -11.59 -26.37 -27.99
C ASN B 616 -12.74 -25.69 -28.72
N CYS B 617 -12.68 -25.60 -30.05
CA CYS B 617 -13.74 -24.84 -30.75
C CYS B 617 -15.03 -25.66 -30.82
N THR B 618 -15.08 -26.83 -30.17
CA THR B 618 -16.37 -27.52 -30.22
C THR B 618 -17.48 -26.61 -29.71
N GLU B 619 -17.16 -25.72 -28.79
CA GLU B 619 -18.06 -24.65 -28.35
C GLU B 619 -17.55 -23.31 -28.86
N VAL B 620 -18.46 -22.51 -29.41
CA VAL B 620 -18.10 -21.22 -29.98
C VAL B 620 -17.66 -20.25 -28.89
N SER B 640 -16.06 -18.34 -40.78
CA SER B 640 -15.09 -18.88 -41.74
C SER B 640 -14.65 -20.28 -41.32
N ASN B 641 -13.72 -20.86 -42.09
CA ASN B 641 -13.20 -22.18 -41.76
C ASN B 641 -12.47 -22.15 -40.43
N VAL B 642 -12.68 -23.17 -39.62
CA VAL B 642 -12.22 -23.22 -38.24
C VAL B 642 -11.13 -24.28 -38.14
N PHE B 643 -9.96 -23.88 -37.64
CA PHE B 643 -8.79 -24.76 -37.53
C PHE B 643 -8.33 -24.81 -36.09
N GLN B 644 -7.92 -26.00 -35.64
CA GLN B 644 -7.55 -26.26 -34.26
C GLN B 644 -6.06 -26.57 -34.15
N THR B 645 -5.45 -26.14 -33.06
CA THR B 645 -4.06 -26.44 -32.77
C THR B 645 -3.87 -26.50 -31.26
N ARG B 646 -2.63 -26.75 -30.84
CA ARG B 646 -2.33 -26.86 -29.41
C ARG B 646 -2.58 -25.54 -28.70
N ALA B 647 -2.19 -24.43 -29.33
CA ALA B 647 -2.39 -23.11 -28.71
C ALA B 647 -3.87 -22.75 -28.60
N GLY B 648 -4.72 -23.34 -29.42
CA GLY B 648 -6.13 -23.02 -29.42
C GLY B 648 -6.74 -23.40 -30.76
N CYS B 649 -7.97 -22.97 -30.94
CA CYS B 649 -8.67 -23.18 -32.21
C CYS B 649 -8.84 -21.84 -32.89
N LEU B 650 -8.27 -21.71 -34.09
CA LEU B 650 -8.19 -20.43 -34.80
C LEU B 650 -9.20 -20.43 -35.93
N ILE B 651 -10.03 -19.39 -35.98
CA ILE B 651 -11.01 -19.21 -37.04
C ILE B 651 -10.56 -18.06 -37.92
N GLY B 652 -11.19 -17.94 -39.08
CA GLY B 652 -10.78 -16.95 -40.05
C GLY B 652 -9.54 -17.31 -40.82
N ALA B 653 -9.05 -18.55 -40.72
CA ALA B 653 -7.87 -18.98 -41.44
C ALA B 653 -8.02 -20.45 -41.79
N GLU B 654 -7.24 -20.88 -42.78
CA GLU B 654 -7.28 -22.25 -43.29
C GLU B 654 -5.88 -22.84 -43.24
N HIS B 655 -5.77 -24.04 -42.70
CA HIS B 655 -4.50 -24.74 -42.65
C HIS B 655 -4.03 -25.12 -44.06
N VAL B 656 -2.72 -25.08 -44.27
CA VAL B 656 -2.12 -25.51 -45.52
C VAL B 656 -0.98 -26.47 -45.20
N ASN B 657 -0.81 -27.48 -46.05
CA ASN B 657 0.21 -28.50 -45.81
C ASN B 657 1.61 -27.98 -46.12
N ASN B 658 1.73 -27.03 -47.05
CA ASN B 658 3.04 -26.48 -47.38
C ASN B 658 3.60 -25.70 -46.21
N SER B 659 4.94 -25.67 -46.13
CA SER B 659 5.63 -24.99 -45.03
C SER B 659 5.95 -23.57 -45.45
N TYR B 660 5.45 -22.60 -44.68
CA TYR B 660 5.68 -21.19 -44.93
C TYR B 660 6.39 -20.55 -43.74
N GLU B 661 7.18 -19.52 -44.02
CA GLU B 661 7.90 -18.80 -42.98
C GLU B 661 6.90 -18.10 -42.06
N CYS B 662 7.32 -17.90 -40.80
CA CYS B 662 6.43 -17.39 -39.77
C CYS B 662 6.36 -15.88 -39.85
N ASP B 663 5.18 -15.36 -40.19
CA ASP B 663 4.94 -13.92 -40.25
C ASP B 663 4.20 -13.42 -39.01
N ILE B 664 3.04 -13.99 -38.73
CA ILE B 664 2.27 -13.68 -37.54
C ILE B 664 2.18 -14.95 -36.70
N PRO B 665 3.03 -15.08 -35.67
CA PRO B 665 3.01 -16.29 -34.83
C PRO B 665 1.76 -16.33 -33.97
N ILE B 666 1.00 -17.42 -34.10
CA ILE B 666 -0.16 -17.65 -33.25
C ILE B 666 0.25 -18.27 -31.92
N GLY B 667 0.98 -19.36 -31.97
CA GLY B 667 1.38 -20.08 -30.77
C GLY B 667 1.42 -21.56 -31.09
N ALA B 668 2.29 -22.28 -30.39
CA ALA B 668 2.47 -23.72 -30.57
C ALA B 668 2.78 -24.06 -32.02
N GLY B 669 3.65 -23.27 -32.64
CA GLY B 669 4.15 -23.56 -33.97
C GLY B 669 3.27 -23.14 -35.12
N ILE B 670 2.13 -22.49 -34.84
CA ILE B 670 1.20 -22.08 -35.89
C ILE B 670 1.49 -20.62 -36.22
N CYS B 671 1.77 -20.35 -37.49
CA CYS B 671 2.08 -19.01 -37.97
C CYS B 671 1.26 -18.69 -39.21
N ALA B 672 0.93 -17.42 -39.38
CA ALA B 672 0.08 -16.97 -40.48
C ALA B 672 0.89 -16.20 -41.53
N VAL B 684 -2.38 -11.89 -44.63
CA VAL B 684 -3.12 -12.30 -45.81
C VAL B 684 -2.17 -12.90 -46.83
N ALA B 685 -2.63 -13.90 -47.57
CA ALA B 685 -1.82 -14.54 -48.60
C ALA B 685 -2.76 -15.00 -49.71
N SER B 686 -2.66 -14.35 -50.88
CA SER B 686 -3.54 -14.62 -52.01
C SER B 686 -5.00 -14.42 -51.61
N GLN B 687 -5.32 -13.17 -51.25
CA GLN B 687 -6.67 -12.75 -50.85
C GLN B 687 -7.30 -13.70 -49.84
N SER B 688 -6.48 -14.23 -48.93
CA SER B 688 -6.96 -15.10 -47.88
C SER B 688 -5.95 -15.13 -46.75
N ILE B 689 -6.44 -15.46 -45.55
CA ILE B 689 -5.60 -15.58 -44.36
C ILE B 689 -5.39 -17.06 -44.09
N ILE B 690 -4.13 -17.45 -43.96
CA ILE B 690 -3.77 -18.85 -43.74
C ILE B 690 -3.25 -19.02 -42.32
N ALA B 691 -3.09 -20.28 -41.92
CA ALA B 691 -2.52 -20.65 -40.63
C ALA B 691 -1.81 -21.98 -40.80
N TYR B 692 -0.51 -21.93 -41.04
CA TYR B 692 0.26 -23.10 -41.44
C TYR B 692 1.14 -23.58 -40.28
N THR B 693 1.80 -24.71 -40.52
CA THR B 693 2.88 -25.13 -39.64
C THR B 693 4.12 -24.33 -39.98
N MET B 694 4.78 -23.79 -38.96
CA MET B 694 5.91 -22.91 -39.18
C MET B 694 7.01 -23.63 -39.96
N SER B 695 7.52 -22.96 -40.98
CA SER B 695 8.65 -23.48 -41.76
C SER B 695 9.92 -23.01 -41.08
N LEU B 696 10.60 -23.93 -40.40
CA LEU B 696 11.80 -23.57 -39.66
C LEU B 696 12.93 -23.11 -40.56
N GLY B 697 12.71 -23.06 -41.87
CA GLY B 697 13.72 -22.70 -42.83
C GLY B 697 13.90 -23.78 -43.88
N ALA B 698 14.73 -23.48 -44.86
CA ALA B 698 15.07 -24.47 -45.86
C ALA B 698 15.74 -25.67 -45.19
N GLU B 699 15.17 -26.85 -45.40
CA GLU B 699 15.70 -28.08 -44.82
C GLU B 699 16.97 -28.46 -45.58
N ASN B 700 18.03 -27.69 -45.33
CA ASN B 700 19.32 -27.88 -45.99
C ASN B 700 20.02 -29.06 -45.34
N SER B 701 19.76 -30.26 -45.85
CA SER B 701 20.48 -31.44 -45.40
C SER B 701 21.89 -31.43 -45.97
N VAL B 702 22.84 -30.84 -45.24
CA VAL B 702 24.20 -30.73 -45.73
C VAL B 702 24.80 -32.12 -45.91
N ALA B 703 25.44 -32.34 -47.06
CA ALA B 703 25.93 -33.65 -47.43
C ALA B 703 27.27 -33.91 -46.75
N TYR B 704 27.20 -34.25 -45.47
CA TYR B 704 28.40 -34.57 -44.73
C TYR B 704 29.00 -35.89 -45.22
N SER B 705 30.32 -35.97 -45.15
CA SER B 705 31.03 -37.21 -45.40
C SER B 705 32.37 -37.15 -44.66
N ASN B 706 32.95 -38.33 -44.44
CA ASN B 706 34.22 -38.39 -43.72
C ASN B 706 35.36 -37.78 -44.51
N ASN B 707 35.16 -37.49 -45.80
CA ASN B 707 36.19 -36.85 -46.62
C ASN B 707 35.60 -35.75 -47.49
N SER B 708 34.60 -35.04 -46.98
CA SER B 708 33.95 -33.97 -47.73
C SER B 708 34.27 -32.63 -47.08
N ILE B 709 34.79 -31.69 -47.88
CA ILE B 709 35.11 -30.35 -47.43
C ILE B 709 34.48 -29.34 -48.38
N ALA B 710 33.99 -28.24 -47.83
CA ALA B 710 33.48 -27.12 -48.60
C ALA B 710 34.37 -25.91 -48.36
N ILE B 711 34.79 -25.26 -49.44
CA ILE B 711 35.64 -24.08 -49.34
C ILE B 711 34.99 -22.93 -50.10
N PRO B 712 34.80 -21.77 -49.49
CA PRO B 712 34.20 -20.65 -50.22
C PRO B 712 35.22 -19.96 -51.11
N THR B 713 34.86 -19.75 -52.37
CA THR B 713 35.82 -19.18 -53.36
C THR B 713 35.74 -17.67 -53.33
N ASN B 714 34.77 -17.13 -52.56
CA ASN B 714 34.43 -15.68 -52.62
C ASN B 714 33.81 -15.29 -51.30
N PHE B 715 33.32 -14.05 -51.20
CA PHE B 715 32.83 -13.49 -49.93
C PHE B 715 31.94 -12.27 -50.20
N THR B 716 31.48 -11.62 -49.13
CA THR B 716 30.57 -10.49 -49.23
C THR B 716 30.81 -9.59 -48.04
N ILE B 717 31.36 -8.40 -48.29
CA ILE B 717 31.59 -7.43 -47.23
C ILE B 717 30.30 -6.68 -46.97
N SER B 718 29.47 -7.21 -46.06
CA SER B 718 28.14 -6.68 -45.80
C SER B 718 28.13 -5.96 -44.46
N VAL B 719 27.66 -4.73 -44.46
CA VAL B 719 27.61 -3.91 -43.25
C VAL B 719 26.26 -4.16 -42.58
N THR B 720 26.19 -5.24 -41.79
CA THR B 720 25.02 -5.48 -40.97
C THR B 720 24.91 -4.36 -39.94
N THR B 721 23.73 -3.76 -39.84
CA THR B 721 23.52 -2.61 -38.97
C THR B 721 22.64 -3.04 -37.80
N GLU B 722 23.21 -3.06 -36.61
CA GLU B 722 22.47 -3.31 -35.38
C GLU B 722 22.43 -2.04 -34.55
N ILE B 723 21.32 -1.83 -33.86
CA ILE B 723 21.06 -0.58 -33.16
C ILE B 723 20.85 -0.89 -31.69
N LEU B 724 21.54 -0.14 -30.83
CA LEU B 724 21.51 -0.38 -29.39
C LEU B 724 21.08 0.89 -28.68
N PRO B 725 20.03 0.84 -27.86
CA PRO B 725 19.64 2.01 -27.08
C PRO B 725 20.60 2.28 -25.93
N VAL B 726 21.46 3.30 -26.09
CA VAL B 726 22.49 3.54 -25.09
C VAL B 726 21.95 4.39 -23.94
N SER B 727 21.28 5.49 -24.26
CA SER B 727 20.81 6.42 -23.24
C SER B 727 19.38 6.83 -23.57
N MET B 728 18.45 6.49 -22.68
CA MET B 728 17.09 6.98 -22.80
C MET B 728 17.05 8.49 -22.57
N THR B 729 15.86 9.07 -22.70
CA THR B 729 15.68 10.45 -22.33
C THR B 729 15.86 10.61 -20.82
N LYS B 730 16.69 11.58 -20.42
CA LYS B 730 17.00 11.77 -19.00
C LYS B 730 15.83 12.43 -18.27
N THR B 731 14.74 11.67 -18.17
CA THR B 731 13.57 12.17 -17.46
C THR B 731 13.91 12.42 -16.00
N SER B 732 13.47 13.57 -15.50
CA SER B 732 13.81 14.00 -14.15
C SER B 732 12.56 14.50 -13.43
N VAL B 733 11.51 13.69 -13.43
CA VAL B 733 10.28 14.03 -12.71
C VAL B 733 10.63 14.44 -11.28
N ASP B 734 10.31 15.68 -10.93
CA ASP B 734 10.64 16.22 -9.62
C ASP B 734 9.56 15.91 -8.59
N CYS B 735 8.84 14.81 -8.80
CA CYS B 735 7.74 14.38 -7.95
C CYS B 735 6.64 15.43 -7.92
N THR B 736 6.69 16.41 -8.83
CA THR B 736 5.63 17.39 -8.97
C THR B 736 4.31 16.77 -9.39
N MET B 737 4.36 15.55 -9.93
CA MET B 737 3.19 14.68 -9.91
C MET B 737 2.57 14.62 -8.51
N TYR B 738 3.39 14.29 -7.51
CA TYR B 738 2.91 14.14 -6.15
C TYR B 738 2.68 15.48 -5.45
N ILE B 739 3.60 16.45 -5.62
CA ILE B 739 3.35 17.78 -5.05
C ILE B 739 2.14 18.42 -5.71
N CYS B 740 1.82 18.00 -6.94
CA CYS B 740 0.57 18.36 -7.60
C CYS B 740 0.48 19.84 -7.90
N GLY B 741 1.45 20.37 -8.64
CA GLY B 741 1.36 21.74 -9.13
C GLY B 741 1.34 22.79 -8.04
N ASP B 742 2.25 22.67 -7.07
CA ASP B 742 2.43 23.67 -6.01
C ASP B 742 1.17 23.82 -5.17
N SER B 743 0.67 22.69 -4.67
CA SER B 743 -0.44 22.67 -3.73
C SER B 743 0.12 22.49 -2.32
N THR B 744 -0.19 23.44 -1.44
CA THR B 744 0.37 23.40 -0.10
C THR B 744 -0.12 22.20 0.69
N GLU B 745 -1.41 21.86 0.55
CA GLU B 745 -1.96 20.72 1.28
C GLU B 745 -1.28 19.42 0.86
N CYS B 746 -1.16 19.18 -0.44
CA CYS B 746 -0.52 17.96 -0.91
C CYS B 746 0.96 17.95 -0.57
N SER B 747 1.60 19.12 -0.57
CA SER B 747 3.00 19.20 -0.14
C SER B 747 3.13 18.78 1.32
N ASN B 748 2.23 19.25 2.18
CA ASN B 748 2.26 18.86 3.58
C ASN B 748 2.00 17.37 3.74
N LEU B 749 1.10 16.81 2.93
CA LEU B 749 0.89 15.37 2.96
C LEU B 749 2.15 14.62 2.57
N LEU B 750 2.89 15.13 1.57
CA LEU B 750 4.13 14.49 1.17
C LEU B 750 5.25 14.69 2.18
N LEU B 751 5.13 15.67 3.08
CA LEU B 751 6.06 15.73 4.19
C LEU B 751 5.92 14.52 5.11
N GLN B 752 4.78 13.84 5.07
CA GLN B 752 4.64 12.52 5.66
C GLN B 752 5.24 11.51 4.68
N TYR B 753 4.96 10.22 4.89
CA TYR B 753 5.47 9.14 4.04
C TYR B 753 7.00 9.10 4.04
N GLY B 754 7.62 9.62 5.08
CA GLY B 754 9.07 9.62 5.15
C GLY B 754 9.69 10.34 3.98
N SER B 755 10.58 9.66 3.28
CA SER B 755 11.31 10.22 2.14
C SER B 755 11.06 9.44 0.87
N PHE B 756 9.79 9.07 0.60
CA PHE B 756 9.47 8.46 -0.68
C PHE B 756 9.76 9.42 -1.82
N CYS B 757 9.36 10.68 -1.67
CA CYS B 757 9.63 11.66 -2.73
C CYS B 757 11.13 11.82 -2.94
N THR B 758 11.88 11.92 -1.84
CA THR B 758 13.33 11.99 -1.95
C THR B 758 13.89 10.72 -2.56
N GLN B 759 13.32 9.56 -2.21
CA GLN B 759 13.82 8.30 -2.75
C GLN B 759 13.67 8.23 -4.26
N LEU B 760 12.47 8.59 -4.76
CA LEU B 760 12.25 8.56 -6.20
C LEU B 760 13.07 9.62 -6.92
N ASN B 761 13.20 10.81 -6.33
CA ASN B 761 14.02 11.83 -6.96
C ASN B 761 15.47 11.39 -7.03
N ARG B 762 15.99 10.77 -5.96
CA ARG B 762 17.34 10.25 -5.98
C ARG B 762 17.50 9.13 -6.99
N ALA B 763 16.52 8.24 -7.09
CA ALA B 763 16.60 7.17 -8.07
C ALA B 763 16.62 7.72 -9.49
N LEU B 764 15.80 8.73 -9.78
CA LEU B 764 15.76 9.29 -11.13
C LEU B 764 17.03 10.08 -11.44
N THR B 765 17.56 10.81 -10.47
CA THR B 765 18.81 11.52 -10.73
C THR B 765 19.98 10.56 -10.88
N GLY B 766 19.96 9.45 -10.14
CA GLY B 766 20.97 8.42 -10.34
C GLY B 766 20.82 7.77 -11.70
N ILE B 767 19.58 7.59 -12.16
CA ILE B 767 19.34 7.11 -13.51
C ILE B 767 19.94 8.06 -14.53
N ALA B 768 19.69 9.36 -14.36
CA ALA B 768 20.20 10.34 -15.31
C ALA B 768 21.73 10.33 -15.34
N VAL B 769 22.36 10.26 -14.17
CA VAL B 769 23.81 10.08 -14.13
C VAL B 769 24.21 8.79 -14.80
N GLU B 770 23.35 7.77 -14.73
CA GLU B 770 23.65 6.51 -15.39
C GLU B 770 23.69 6.68 -16.90
N GLN B 771 22.73 7.41 -17.49
CA GLN B 771 22.81 7.61 -18.94
C GLN B 771 23.98 8.51 -19.30
N ASP B 772 24.33 9.48 -18.44
CA ASP B 772 25.53 10.26 -18.70
C ASP B 772 26.77 9.37 -18.74
N LYS B 773 26.86 8.43 -17.79
CA LYS B 773 27.98 7.49 -17.80
C LYS B 773 27.90 6.56 -19.01
N ASN B 774 26.70 6.18 -19.42
CA ASN B 774 26.54 5.32 -20.59
C ASN B 774 27.10 6.01 -21.84
N THR B 775 26.70 7.26 -22.07
CA THR B 775 27.15 7.99 -23.25
C THR B 775 28.59 8.45 -23.13
N GLN B 776 29.14 8.51 -21.92
CA GLN B 776 30.57 8.77 -21.74
C GLN B 776 31.41 7.50 -21.76
N GLU B 777 30.78 6.33 -21.74
CA GLU B 777 31.49 5.06 -21.89
C GLU B 777 31.43 4.52 -23.30
N VAL B 778 30.34 4.75 -24.03
CA VAL B 778 30.23 4.28 -25.39
C VAL B 778 30.86 5.25 -26.37
N PHE B 779 30.72 6.55 -26.15
CA PHE B 779 31.26 7.56 -27.06
C PHE B 779 32.60 8.12 -26.57
N ALA B 780 32.69 8.48 -25.29
CA ALA B 780 33.88 9.12 -24.76
C ALA B 780 34.97 8.13 -24.42
N GLN B 781 34.93 6.92 -24.98
CA GLN B 781 36.04 5.99 -24.83
C GLN B 781 37.34 6.59 -25.34
N VAL B 782 37.25 7.46 -26.34
CA VAL B 782 38.44 8.16 -26.84
C VAL B 782 38.89 9.19 -25.82
N LYS B 783 40.19 9.49 -25.83
CA LYS B 783 40.78 10.45 -24.91
C LYS B 783 40.97 11.83 -25.53
N GLN B 784 41.38 11.88 -26.79
CA GLN B 784 41.59 13.14 -27.49
C GLN B 784 40.77 13.14 -28.77
N ILE B 785 40.15 14.28 -29.09
CA ILE B 785 39.24 14.40 -30.22
C ILE B 785 40.08 14.51 -31.49
N TYR B 786 40.28 13.39 -32.17
CA TYR B 786 40.97 13.40 -33.46
C TYR B 786 40.05 13.93 -34.54
N LYS B 787 40.65 14.49 -35.58
CA LYS B 787 39.90 15.05 -36.70
C LYS B 787 40.48 14.53 -38.01
N THR B 788 39.61 14.08 -38.90
CA THR B 788 40.02 13.65 -40.22
C THR B 788 40.58 14.82 -41.01
N PRO B 789 41.54 14.58 -41.90
CA PRO B 789 42.07 15.67 -42.72
C PRO B 789 41.07 16.08 -43.78
N PRO B 790 41.22 17.27 -44.36
CA PRO B 790 40.27 17.71 -45.40
C PRO B 790 40.20 16.76 -46.57
N ILE B 791 41.31 16.11 -46.94
CA ILE B 791 41.27 15.09 -47.98
C ILE B 791 40.57 13.85 -47.47
N LYS B 792 39.97 13.10 -48.39
CA LYS B 792 39.24 11.88 -48.03
C LYS B 792 39.75 10.66 -48.81
N ASP B 793 40.98 10.73 -49.33
CA ASP B 793 41.55 9.58 -50.00
C ASP B 793 41.78 8.45 -49.01
N PHE B 794 41.06 7.35 -49.18
CA PHE B 794 41.17 6.19 -48.30
C PHE B 794 41.40 4.92 -49.11
N GLY B 795 42.28 5.00 -50.11
CA GLY B 795 42.62 3.82 -50.90
C GLY B 795 41.47 3.20 -51.63
N GLY B 796 40.60 4.01 -52.22
CA GLY B 796 39.43 3.54 -52.93
C GLY B 796 38.18 3.44 -52.10
N PHE B 797 38.28 3.51 -50.77
CA PHE B 797 37.07 3.33 -49.91
C PHE B 797 36.35 4.67 -49.80
N ASN B 798 35.05 4.72 -50.13
CA ASN B 798 34.27 5.98 -49.98
C ASN B 798 33.74 6.07 -48.55
N PHE B 799 33.52 7.28 -48.06
CA PHE B 799 33.13 7.45 -46.64
C PHE B 799 32.28 8.70 -46.45
N SER B 800 32.13 9.55 -47.47
CA SER B 800 31.38 10.80 -47.30
C SER B 800 30.03 10.57 -46.63
N GLN B 801 29.53 9.34 -46.61
CA GLN B 801 28.21 9.08 -46.04
C GLN B 801 28.24 9.09 -44.52
N ILE B 802 29.36 8.69 -43.92
CA ILE B 802 29.42 8.57 -42.46
C ILE B 802 30.30 9.66 -41.86
N LEU B 803 31.22 10.20 -42.64
CA LEU B 803 32.02 11.32 -42.16
C LEU B 803 31.16 12.57 -42.04
N PRO B 804 31.45 13.44 -41.08
CA PRO B 804 30.63 14.66 -40.92
C PRO B 804 30.67 15.51 -42.17
N ASP B 805 29.53 16.13 -42.48
CA ASP B 805 29.39 16.92 -43.70
C ASP B 805 29.47 18.40 -43.36
N PRO B 806 30.53 19.10 -43.77
CA PRO B 806 30.62 20.54 -43.46
C PRO B 806 29.52 21.37 -44.07
N SER B 807 28.98 20.96 -45.23
CA SER B 807 27.98 21.78 -45.92
C SER B 807 26.72 21.92 -45.10
N LYS B 808 26.15 20.80 -44.66
CA LYS B 808 24.93 20.85 -43.87
C LYS B 808 25.25 21.36 -42.46
N PRO B 809 24.26 21.96 -41.79
CA PRO B 809 24.48 22.42 -40.41
C PRO B 809 24.53 21.24 -39.45
N SER B 810 24.98 21.54 -38.22
CA SER B 810 25.21 20.61 -37.12
C SER B 810 26.40 19.69 -37.37
N LYS B 811 27.04 19.79 -38.53
CA LYS B 811 28.26 19.02 -38.85
C LYS B 811 28.04 17.52 -38.65
N ARG B 812 26.87 17.04 -39.04
CA ARG B 812 26.57 15.62 -38.97
C ARG B 812 26.92 14.96 -40.31
N SER B 813 26.49 13.72 -40.50
CA SER B 813 26.79 12.94 -41.67
C SER B 813 25.50 12.54 -42.38
N PRO B 814 25.56 12.27 -43.68
CA PRO B 814 24.35 11.82 -44.39
C PRO B 814 23.71 10.61 -43.76
N ILE B 815 24.48 9.57 -43.46
CA ILE B 815 23.93 8.42 -42.74
C ILE B 815 23.39 8.86 -41.40
N GLU B 816 24.13 9.71 -40.70
CA GLU B 816 23.66 10.26 -39.43
C GLU B 816 22.39 11.08 -39.63
N ASP B 817 22.31 11.82 -40.75
CA ASP B 817 21.15 12.67 -40.98
C ASP B 817 19.90 11.83 -41.19
N LEU B 818 19.99 10.75 -42.00
CA LEU B 818 18.86 9.85 -42.13
C LEU B 818 18.53 9.16 -40.81
N LEU B 819 19.55 8.75 -40.06
CA LEU B 819 19.29 8.11 -38.77
C LEU B 819 18.59 9.07 -37.81
N PHE B 820 18.82 10.37 -37.95
CA PHE B 820 18.21 11.34 -37.06
C PHE B 820 16.79 11.71 -37.49
N ASN B 821 16.58 11.96 -38.79
CA ASN B 821 15.26 12.41 -39.23
C ASN B 821 14.30 11.27 -39.54
N LYS B 822 14.78 10.02 -39.58
CA LYS B 822 13.91 8.88 -39.84
C LYS B 822 13.25 8.34 -38.57
N VAL B 823 13.66 8.81 -37.39
CA VAL B 823 13.04 8.40 -36.15
C VAL B 823 11.92 9.36 -35.82
N THR B 824 11.03 8.94 -34.91
CA THR B 824 9.98 9.81 -34.39
C THR B 824 10.46 10.37 -33.06
N LEU B 825 11.41 11.30 -33.15
CA LEU B 825 12.05 11.87 -31.97
C LEU B 825 11.23 13.03 -31.42
N ASN B 853 3.78 19.15 -16.76
CA ASN B 853 3.75 19.80 -15.45
C ASN B 853 4.65 19.07 -14.44
N GLY B 854 5.91 19.51 -14.35
CA GLY B 854 6.87 18.94 -13.45
C GLY B 854 7.65 17.78 -14.01
N LEU B 855 7.28 17.28 -15.19
CA LEU B 855 7.99 16.17 -15.80
C LEU B 855 9.09 16.68 -16.72
N THR B 856 9.94 17.57 -16.21
CA THR B 856 10.98 18.16 -17.04
C THR B 856 12.03 17.11 -17.40
N VAL B 857 12.64 17.29 -18.57
CA VAL B 857 13.67 16.39 -19.07
C VAL B 857 14.99 17.15 -19.07
N LEU B 858 15.96 16.65 -18.30
CA LEU B 858 17.28 17.27 -18.28
C LEU B 858 17.96 17.05 -19.62
N PRO B 859 18.50 18.09 -20.24
CA PRO B 859 19.30 17.89 -21.45
C PRO B 859 20.52 17.04 -21.16
N PRO B 860 20.93 16.19 -22.09
CA PRO B 860 22.14 15.40 -21.87
C PRO B 860 23.35 16.31 -21.72
N LEU B 861 24.27 15.92 -20.83
CA LEU B 861 25.49 16.70 -20.66
C LEU B 861 26.26 16.77 -21.97
N LEU B 862 26.37 15.66 -22.67
CA LEU B 862 26.90 15.63 -24.03
C LEU B 862 25.76 15.98 -24.98
N THR B 863 25.78 17.19 -25.52
CA THR B 863 24.72 17.60 -26.42
C THR B 863 24.78 16.79 -27.72
N ASP B 864 23.69 16.88 -28.49
CA ASP B 864 23.66 16.19 -29.77
C ASP B 864 24.83 16.61 -30.64
N GLU B 865 25.21 17.88 -30.59
CA GLU B 865 26.41 18.32 -31.27
C GLU B 865 27.66 17.71 -30.66
N MET B 866 27.74 17.66 -29.32
CA MET B 866 28.91 17.07 -28.68
C MET B 866 28.93 15.55 -28.83
N ILE B 867 27.76 14.91 -28.80
CA ILE B 867 27.70 13.48 -29.07
C ILE B 867 28.18 13.21 -30.49
N ALA B 868 27.72 14.03 -31.45
CA ALA B 868 28.21 13.90 -32.81
C ALA B 868 29.72 14.15 -32.90
N GLN B 869 30.24 15.03 -32.04
CA GLN B 869 31.68 15.28 -32.04
C GLN B 869 32.46 14.08 -31.54
N TYR B 870 31.97 13.44 -30.47
CA TYR B 870 32.56 12.17 -30.04
C TYR B 870 32.50 11.11 -31.13
N THR B 871 31.36 11.00 -31.82
CA THR B 871 31.26 10.00 -32.88
C THR B 871 32.22 10.32 -34.02
N SER B 872 32.37 11.60 -34.37
CA SER B 872 33.31 11.98 -35.40
C SER B 872 34.74 11.69 -34.97
N ALA B 873 35.06 11.94 -33.70
CA ALA B 873 36.38 11.62 -33.19
C ALA B 873 36.64 10.12 -33.24
N LEU B 874 35.65 9.31 -32.86
CA LEU B 874 35.80 7.87 -32.92
C LEU B 874 35.99 7.40 -34.35
N LEU B 875 35.22 7.95 -35.28
CA LEU B 875 35.38 7.60 -36.69
C LEU B 875 36.76 7.99 -37.20
N ALA B 876 37.23 9.18 -36.83
CA ALA B 876 38.55 9.62 -37.23
C ALA B 876 39.64 8.71 -36.69
N GLY B 877 39.50 8.30 -35.43
CA GLY B 877 40.47 7.39 -34.85
C GLY B 877 40.45 6.02 -35.50
N THR B 878 39.26 5.53 -35.84
CA THR B 878 39.16 4.21 -36.48
C THR B 878 39.64 4.25 -37.91
N ILE B 879 39.50 5.38 -38.59
CA ILE B 879 39.87 5.47 -39.99
C ILE B 879 41.34 5.80 -40.17
N THR B 880 41.80 6.85 -39.49
CA THR B 880 43.17 7.32 -39.61
C THR B 880 44.12 6.58 -38.67
N SER B 881 43.71 6.36 -37.43
CA SER B 881 44.54 5.67 -36.45
C SER B 881 44.19 4.20 -36.27
N GLY B 882 42.95 3.81 -36.59
CA GLY B 882 42.56 2.42 -36.49
C GLY B 882 42.20 1.99 -35.09
N TRP B 883 42.67 0.81 -34.70
CA TRP B 883 42.36 0.23 -33.39
C TRP B 883 43.33 0.69 -32.30
N THR B 884 44.37 1.42 -32.66
CA THR B 884 45.41 1.74 -31.68
C THR B 884 44.99 2.84 -30.72
N PHE B 885 44.17 3.80 -31.18
CA PHE B 885 43.84 4.95 -30.34
C PHE B 885 43.14 4.55 -29.04
N GLY B 886 42.49 3.39 -29.01
CA GLY B 886 41.88 2.93 -27.79
C GLY B 886 42.85 2.40 -26.75
N ALA B 887 44.04 1.99 -27.18
CA ALA B 887 45.04 1.48 -26.25
C ALA B 887 45.81 2.61 -25.59
N GLY B 888 46.54 3.38 -26.37
CA GLY B 888 47.31 4.48 -25.86
C GLY B 888 47.23 5.70 -26.77
N PRO B 889 48.37 6.23 -27.16
CA PRO B 889 48.37 7.28 -28.18
C PRO B 889 47.99 6.71 -29.54
N ALA B 890 47.29 7.53 -30.32
CA ALA B 890 46.86 7.09 -31.64
C ALA B 890 48.05 6.98 -32.58
N LEU B 891 48.05 5.93 -33.40
CA LEU B 891 49.09 5.68 -34.38
C LEU B 891 48.48 5.77 -35.77
N GLN B 892 49.03 6.64 -36.61
CA GLN B 892 48.48 6.85 -37.94
C GLN B 892 48.66 5.60 -38.78
N ILE B 893 47.56 5.12 -39.36
CA ILE B 893 47.61 3.97 -40.27
C ILE B 893 46.67 4.22 -41.45
N PRO B 894 47.14 4.00 -42.68
CA PRO B 894 46.22 4.09 -43.83
C PRO B 894 45.11 3.08 -43.72
N PHE B 895 43.93 3.45 -44.20
CA PHE B 895 42.77 2.56 -44.10
C PHE B 895 42.97 1.21 -44.77
N PRO B 896 43.58 1.10 -45.95
CA PRO B 896 43.85 -0.24 -46.49
C PRO B 896 44.64 -1.12 -45.53
N MET B 897 45.59 -0.54 -44.79
CA MET B 897 46.34 -1.34 -43.82
C MET B 897 45.47 -1.77 -42.66
N GLN B 898 44.59 -0.90 -42.18
CA GLN B 898 43.72 -1.29 -41.07
C GLN B 898 42.78 -2.40 -41.50
N MET B 899 42.23 -2.32 -42.71
CA MET B 899 41.36 -3.38 -43.16
C MET B 899 42.12 -4.66 -43.47
N ALA B 900 43.38 -4.55 -43.92
CA ALA B 900 44.22 -5.73 -44.07
C ALA B 900 44.46 -6.39 -42.73
N TYR B 901 44.74 -5.60 -41.70
CA TYR B 901 44.90 -6.15 -40.35
C TYR B 901 43.62 -6.81 -39.87
N ARG B 902 42.47 -6.23 -40.20
CA ARG B 902 41.22 -6.80 -39.74
C ARG B 902 40.84 -8.06 -40.50
N PHE B 903 41.32 -8.23 -41.74
CA PHE B 903 41.30 -9.56 -42.33
C PHE B 903 42.25 -10.50 -41.60
N ASN B 904 43.48 -10.05 -41.31
CA ASN B 904 44.45 -10.91 -40.66
C ASN B 904 43.94 -11.40 -39.30
N GLY B 905 43.09 -10.61 -38.65
CA GLY B 905 42.54 -10.96 -37.36
C GLY B 905 41.35 -11.89 -37.36
N ILE B 906 40.87 -12.31 -38.53
CA ILE B 906 39.77 -13.26 -38.62
C ILE B 906 40.18 -14.53 -39.37
N GLY B 907 41.47 -14.85 -39.37
CA GLY B 907 41.94 -16.04 -40.05
C GLY B 907 42.01 -15.91 -41.55
N VAL B 908 41.79 -14.73 -42.10
CA VAL B 908 41.86 -14.48 -43.54
C VAL B 908 43.16 -13.74 -43.83
N THR B 909 43.92 -14.25 -44.79
CA THR B 909 45.23 -13.69 -45.06
C THR B 909 45.09 -12.25 -45.57
N GLN B 910 46.11 -11.44 -45.33
CA GLN B 910 46.05 -10.02 -45.68
C GLN B 910 46.00 -9.79 -47.18
N ASN B 911 46.57 -10.70 -47.97
CA ASN B 911 46.60 -10.52 -49.41
C ASN B 911 45.19 -10.47 -50.00
N VAL B 912 44.25 -11.18 -49.37
CA VAL B 912 42.86 -11.23 -49.85
C VAL B 912 42.32 -9.84 -50.12
N LEU B 913 42.82 -8.84 -49.40
CA LEU B 913 42.33 -7.48 -49.62
C LEU B 913 43.13 -6.77 -50.72
N TYR B 914 44.46 -6.79 -50.62
CA TYR B 914 45.26 -6.01 -51.55
C TYR B 914 45.13 -6.50 -52.98
N GLU B 915 45.06 -7.81 -53.19
CA GLU B 915 44.68 -8.30 -54.51
C GLU B 915 43.18 -8.22 -54.79
N ASN B 916 42.41 -7.57 -53.92
CA ASN B 916 40.98 -7.40 -54.18
C ASN B 916 40.49 -6.04 -53.69
N GLN B 917 41.38 -5.05 -53.60
CA GLN B 917 41.05 -3.81 -52.91
C GLN B 917 39.92 -3.07 -53.59
N LYS B 918 39.94 -2.98 -54.93
CA LYS B 918 38.91 -2.24 -55.64
C LYS B 918 37.53 -2.87 -55.47
N LEU B 919 37.46 -4.19 -55.62
CA LEU B 919 36.17 -4.87 -55.47
C LEU B 919 35.66 -4.76 -54.04
N ILE B 920 36.55 -4.92 -53.05
CA ILE B 920 36.11 -4.81 -51.66
C ILE B 920 35.64 -3.40 -51.35
N ALA B 921 36.35 -2.39 -51.86
CA ALA B 921 35.94 -1.01 -51.64
C ALA B 921 34.58 -0.74 -52.30
N ASN B 922 34.38 -1.25 -53.52
CA ASN B 922 33.09 -1.08 -54.18
C ASN B 922 31.98 -1.77 -53.40
N GLN B 923 32.24 -2.97 -52.89
CA GLN B 923 31.25 -3.68 -52.09
C GLN B 923 30.93 -2.90 -50.82
N PHE B 924 31.95 -2.32 -50.19
CA PHE B 924 31.72 -1.53 -48.97
C PHE B 924 30.88 -0.30 -49.27
N ASN B 925 31.22 0.43 -50.34
CA ASN B 925 30.45 1.62 -50.68
C ASN B 925 29.02 1.27 -51.07
N SER B 926 28.84 0.20 -51.86
CA SER B 926 27.49 -0.22 -52.22
C SER B 926 26.72 -0.70 -51.00
N ALA B 927 27.39 -1.30 -50.03
CA ALA B 927 26.72 -1.73 -48.82
C ALA B 927 26.28 -0.52 -47.98
N ILE B 928 27.12 0.53 -47.94
CA ILE B 928 26.72 1.76 -47.27
C ILE B 928 25.51 2.37 -47.97
N GLY B 929 25.52 2.38 -49.29
CA GLY B 929 24.36 2.88 -50.03
C GLY B 929 23.11 2.04 -49.78
N LYS B 930 23.27 0.72 -49.71
CA LYS B 930 22.14 -0.16 -49.47
C LYS B 930 21.57 0.04 -48.08
N ILE B 931 22.43 0.20 -47.08
CA ILE B 931 21.89 0.45 -45.74
C ILE B 931 21.30 1.85 -45.65
N GLN B 932 21.81 2.80 -46.44
CA GLN B 932 21.17 4.11 -46.51
C GLN B 932 19.77 4.02 -47.09
N ASP B 933 19.60 3.24 -48.15
CA ASP B 933 18.30 3.05 -48.77
C ASP B 933 17.42 2.05 -48.05
N SER B 934 17.97 1.35 -47.05
CA SER B 934 17.17 0.49 -46.17
C SER B 934 16.66 1.25 -44.95
N LEU B 935 17.51 2.09 -44.35
CA LEU B 935 17.06 2.95 -43.27
C LEU B 935 15.96 3.88 -43.75
N SER B 936 16.13 4.46 -44.93
CA SER B 936 15.05 5.17 -45.60
C SER B 936 14.21 4.18 -46.40
N SER B 937 13.00 4.61 -46.77
CA SER B 937 12.06 3.84 -47.57
C SER B 937 11.68 2.50 -46.93
N THR B 938 12.07 2.27 -45.69
CA THR B 938 11.74 1.06 -44.95
C THR B 938 11.81 1.37 -43.47
N PRO B 939 10.68 1.72 -42.83
CA PRO B 939 10.72 2.15 -41.43
C PRO B 939 11.21 1.06 -40.47
N SER B 940 11.03 -0.21 -40.82
CA SER B 940 11.39 -1.30 -39.93
C SER B 940 12.90 -1.45 -39.74
N ALA B 941 13.71 -0.77 -40.55
CA ALA B 941 15.16 -0.92 -40.46
C ALA B 941 15.68 -0.47 -39.10
N LEU B 942 15.22 0.69 -38.63
CA LEU B 942 15.62 1.23 -37.33
C LEU B 942 14.49 0.91 -36.37
N GLY B 943 14.49 -0.31 -35.84
CA GLY B 943 13.41 -0.75 -34.99
C GLY B 943 13.68 -0.63 -33.51
N LYS B 944 14.83 -1.13 -33.06
CA LYS B 944 15.11 -1.21 -31.63
C LYS B 944 15.10 0.17 -30.98
N LEU B 945 15.85 1.11 -31.53
CA LEU B 945 15.93 2.45 -30.95
C LEU B 945 14.59 3.17 -31.03
N GLN B 946 13.90 3.04 -32.15
CA GLN B 946 12.58 3.65 -32.27
C GLN B 946 11.62 3.05 -31.27
N ASP B 947 11.68 1.73 -31.07
CA ASP B 947 10.83 1.09 -30.07
C ASP B 947 11.17 1.56 -28.66
N VAL B 948 12.45 1.82 -28.39
CA VAL B 948 12.83 2.32 -27.06
C VAL B 948 12.32 3.73 -26.84
N VAL B 949 12.45 4.59 -27.85
CA VAL B 949 11.92 5.95 -27.73
C VAL B 949 10.41 5.91 -27.55
N ASN B 950 9.72 5.05 -28.32
CA ASN B 950 8.29 4.91 -28.17
C ASN B 950 7.91 4.32 -26.81
N GLN B 951 8.75 3.45 -26.26
CA GLN B 951 8.50 2.90 -24.93
C GLN B 951 8.60 3.97 -23.86
N ASN B 952 9.63 4.83 -23.96
CA ASN B 952 9.73 5.95 -23.02
C ASN B 952 8.55 6.89 -23.16
N ALA B 953 8.15 7.19 -24.40
CA ALA B 953 6.99 8.05 -24.63
C ALA B 953 5.72 7.41 -24.08
N GLN B 954 5.58 6.09 -24.24
CA GLN B 954 4.45 5.38 -23.69
C GLN B 954 4.43 5.45 -22.17
N ALA B 955 5.62 5.33 -21.55
CA ALA B 955 5.70 5.45 -20.11
C ALA B 955 5.24 6.82 -19.65
N LEU B 956 5.72 7.88 -20.32
CA LEU B 956 5.30 9.23 -19.94
C LEU B 956 3.82 9.46 -20.19
N ASN B 957 3.30 8.93 -21.30
CA ASN B 957 1.88 9.09 -21.62
C ASN B 957 1.01 8.36 -20.60
N THR B 958 1.41 7.16 -20.21
CA THR B 958 0.71 6.47 -19.14
C THR B 958 0.80 7.26 -17.84
N LEU B 959 1.95 7.89 -17.58
CA LEU B 959 2.10 8.69 -16.38
C LEU B 959 1.11 9.84 -16.35
N VAL B 960 1.01 10.60 -17.44
CA VAL B 960 0.08 11.72 -17.47
C VAL B 960 -1.37 11.24 -17.45
N LYS B 961 -1.64 10.10 -18.09
CA LYS B 961 -2.98 9.53 -17.98
C LYS B 961 -3.31 9.17 -16.54
N GLN B 962 -2.32 8.69 -15.78
CA GLN B 962 -2.52 8.48 -14.36
C GLN B 962 -2.81 9.80 -13.65
N LEU B 963 -2.11 10.86 -14.06
CA LEU B 963 -2.51 12.18 -13.59
C LEU B 963 -3.98 12.44 -13.86
N SER B 964 -4.49 11.94 -14.98
CA SER B 964 -5.91 12.06 -15.31
C SER B 964 -6.76 10.91 -14.79
N SER B 965 -6.20 10.01 -13.98
CA SER B 965 -6.90 8.85 -13.47
C SER B 965 -7.41 9.07 -12.05
N ASN B 966 -8.51 8.39 -11.73
CA ASN B 966 -9.16 8.61 -10.44
C ASN B 966 -8.32 8.08 -9.29
N PHE B 967 -7.82 6.84 -9.40
CA PHE B 967 -7.19 6.14 -8.29
C PHE B 967 -8.12 6.12 -7.08
N GLY B 968 -9.40 5.85 -7.32
CA GLY B 968 -10.39 6.11 -6.31
C GLY B 968 -10.76 7.59 -6.30
N ALA B 969 -11.14 8.08 -5.12
CA ALA B 969 -11.51 9.49 -4.95
C ALA B 969 -12.66 9.88 -5.87
N ILE B 970 -12.93 11.18 -5.97
CA ILE B 970 -14.03 11.63 -6.82
C ILE B 970 -13.54 12.10 -8.19
N SER B 971 -12.35 12.69 -8.26
CA SER B 971 -11.84 13.20 -9.54
C SER B 971 -10.33 13.26 -9.48
N SER B 972 -9.72 13.31 -10.66
CA SER B 972 -8.27 13.37 -10.79
C SER B 972 -7.72 14.79 -10.81
N VAL B 973 -8.57 15.80 -10.87
CA VAL B 973 -8.11 17.18 -10.88
C VAL B 973 -7.86 17.63 -9.45
N LEU B 974 -6.62 18.00 -9.15
CA LEU B 974 -6.28 18.41 -7.79
C LEU B 974 -6.98 19.69 -7.40
N ASN B 975 -7.10 20.63 -8.33
CA ASN B 975 -7.83 21.86 -8.03
C ASN B 975 -9.29 21.56 -7.71
N ASP B 976 -9.89 20.62 -8.44
CA ASP B 976 -11.29 20.27 -8.18
C ASP B 976 -11.45 19.62 -6.82
N ILE B 977 -10.63 18.61 -6.52
CA ILE B 977 -10.77 17.92 -5.24
C ILE B 977 -10.39 18.82 -4.08
N LEU B 978 -9.58 19.84 -4.32
CA LEU B 978 -9.15 20.76 -3.27
C LEU B 978 -10.17 21.84 -3.00
N SER B 979 -10.71 22.48 -4.04
CA SER B 979 -11.65 23.58 -3.84
C SER B 979 -13.01 23.07 -3.40
N ARG B 980 -13.47 21.96 -3.99
CA ARG B 980 -14.80 21.45 -3.71
C ARG B 980 -14.92 20.89 -2.29
N LEU B 981 -13.82 20.42 -1.71
CA LEU B 981 -13.86 19.73 -0.42
C LEU B 981 -13.12 20.54 0.65
N ASP B 982 -13.69 20.51 1.88
CA ASP B 982 -13.29 21.01 3.20
C ASP B 982 -12.27 20.06 3.84
N PRO B 983 -11.48 20.57 4.79
CA PRO B 983 -10.25 19.88 5.22
C PRO B 983 -10.41 18.39 5.50
N PRO B 984 -11.45 17.92 6.25
CA PRO B 984 -11.43 16.50 6.65
C PRO B 984 -11.52 15.50 5.49
N GLU B 985 -12.61 15.56 4.72
CA GLU B 985 -12.71 14.61 3.62
C GLU B 985 -11.90 15.02 2.40
N ALA B 986 -11.58 16.31 2.24
CA ALA B 986 -10.52 16.67 1.30
C ALA B 986 -9.24 15.94 1.65
N GLU B 987 -8.93 15.87 2.95
CA GLU B 987 -7.75 15.17 3.42
C GLU B 987 -7.80 13.70 3.06
N VAL B 988 -8.92 13.03 3.38
CA VAL B 988 -8.97 11.58 3.17
C VAL B 988 -8.95 11.26 1.67
N GLN B 989 -9.70 12.02 0.87
CA GLN B 989 -9.74 11.75 -0.57
C GLN B 989 -8.40 12.08 -1.23
N ILE B 990 -7.77 13.18 -0.83
CA ILE B 990 -6.47 13.51 -1.39
C ILE B 990 -5.43 12.50 -0.91
N ASP B 991 -5.64 11.88 0.25
CA ASP B 991 -4.73 10.82 0.69
C ASP B 991 -4.89 9.59 -0.19
N ARG B 992 -6.12 9.22 -0.51
CA ARG B 992 -6.33 8.13 -1.46
C ARG B 992 -5.71 8.45 -2.81
N LEU B 993 -5.88 9.68 -3.28
CA LEU B 993 -5.36 10.06 -4.59
C LEU B 993 -3.84 10.14 -4.57
N ILE B 994 -3.23 10.55 -3.46
CA ILE B 994 -1.78 10.63 -3.43
C ILE B 994 -1.19 9.24 -3.26
N THR B 995 -1.89 8.33 -2.58
CA THR B 995 -1.46 6.93 -2.59
C THR B 995 -1.52 6.37 -4.00
N GLY B 996 -2.58 6.71 -4.74
CA GLY B 996 -2.67 6.26 -6.13
C GLY B 996 -1.56 6.83 -7.01
N ARG B 997 -1.29 8.13 -6.89
CA ARG B 997 -0.23 8.74 -7.68
C ARG B 997 1.14 8.26 -7.24
N LEU B 998 1.32 7.97 -5.95
CA LEU B 998 2.57 7.39 -5.48
C LEU B 998 2.76 5.99 -6.03
N GLN B 999 1.68 5.19 -6.06
CA GLN B 999 1.77 3.88 -6.70
C GLN B 999 2.11 4.00 -8.17
N SER B 1000 1.48 4.95 -8.87
CA SER B 1000 1.76 5.13 -10.28
C SER B 1000 3.19 5.56 -10.52
N LEU B 1001 3.67 6.54 -9.74
CA LEU B 1001 5.02 7.05 -9.92
C LEU B 1001 6.06 6.04 -9.47
N GLN B 1002 5.75 5.25 -8.44
CA GLN B 1002 6.67 4.21 -8.00
C GLN B 1002 6.74 3.07 -9.00
N THR B 1003 5.61 2.69 -9.59
CA THR B 1003 5.63 1.71 -10.66
C THR B 1003 6.40 2.25 -11.86
N TYR B 1004 6.21 3.53 -12.18
CA TYR B 1004 6.98 4.15 -13.26
C TYR B 1004 8.47 4.12 -12.94
N VAL B 1005 8.85 4.45 -11.71
CA VAL B 1005 10.26 4.51 -11.35
C VAL B 1005 10.87 3.13 -11.31
N THR B 1006 10.15 2.14 -10.79
CA THR B 1006 10.69 0.78 -10.72
C THR B 1006 10.78 0.15 -12.10
N GLN B 1007 9.73 0.29 -12.91
CA GLN B 1007 9.78 -0.22 -14.27
C GLN B 1007 10.82 0.52 -15.10
N GLN B 1008 11.03 1.81 -14.83
CA GLN B 1008 12.06 2.54 -15.54
C GLN B 1008 13.45 2.20 -15.02
N LEU B 1009 13.57 1.78 -13.76
CA LEU B 1009 14.83 1.25 -13.27
C LEU B 1009 15.14 -0.09 -13.92
N ILE B 1010 14.13 -0.93 -14.11
CA ILE B 1010 14.33 -2.18 -14.83
C ILE B 1010 14.70 -1.91 -16.28
N ARG B 1011 14.00 -0.98 -16.93
CA ARG B 1011 14.34 -0.63 -18.30
C ARG B 1011 15.68 0.07 -18.38
N ALA B 1012 16.08 0.78 -17.33
CA ALA B 1012 17.39 1.40 -17.29
C ALA B 1012 18.48 0.38 -17.06
N ALA B 1013 18.18 -0.70 -16.34
CA ALA B 1013 19.11 -1.82 -16.25
C ALA B 1013 19.25 -2.51 -17.58
N GLU B 1014 18.15 -2.68 -18.31
CA GLU B 1014 18.22 -3.22 -19.66
C GLU B 1014 19.01 -2.31 -20.58
N ILE B 1015 18.76 -1.00 -20.50
CA ILE B 1015 19.48 -0.02 -21.29
C ILE B 1015 20.95 0.03 -20.89
N ARG B 1016 21.25 -0.17 -19.61
CA ARG B 1016 22.63 -0.17 -19.14
C ARG B 1016 23.35 -1.43 -19.57
N ALA B 1017 22.66 -2.56 -19.62
CA ALA B 1017 23.25 -3.77 -20.19
C ALA B 1017 23.53 -3.57 -21.67
N SER B 1018 22.58 -2.95 -22.39
CA SER B 1018 22.82 -2.65 -23.80
C SER B 1018 23.92 -1.62 -23.98
N ALA B 1019 24.08 -0.71 -23.03
CA ALA B 1019 25.13 0.31 -23.11
C ALA B 1019 26.50 -0.28 -22.78
N ASN B 1020 26.56 -1.21 -21.83
CA ASN B 1020 27.79 -1.95 -21.59
C ASN B 1020 28.14 -2.80 -22.80
N LEU B 1021 27.12 -3.38 -23.45
CA LEU B 1021 27.37 -4.11 -24.69
C LEU B 1021 27.87 -3.17 -25.78
N ALA B 1022 27.30 -1.97 -25.86
CA ALA B 1022 27.74 -1.00 -26.86
C ALA B 1022 29.18 -0.55 -26.59
N ALA B 1023 29.51 -0.30 -25.34
CA ALA B 1023 30.88 0.06 -24.99
C ALA B 1023 31.83 -1.10 -25.22
N THR B 1024 31.37 -2.32 -25.00
CA THR B 1024 32.20 -3.49 -25.29
C THR B 1024 32.45 -3.62 -26.78
N LYS B 1025 31.42 -3.38 -27.60
CA LYS B 1025 31.62 -3.38 -29.04
C LYS B 1025 32.53 -2.23 -29.47
N MET B 1026 32.41 -1.07 -28.83
CA MET B 1026 33.27 0.05 -29.13
C MET B 1026 34.72 -0.29 -28.83
N SER B 1027 34.95 -0.93 -27.69
CA SER B 1027 36.30 -1.28 -27.27
C SER B 1027 36.84 -2.47 -28.06
N GLU B 1028 35.95 -3.28 -28.65
CA GLU B 1028 36.34 -4.53 -29.27
C GLU B 1028 36.08 -4.58 -30.76
N CYS B 1029 35.19 -3.74 -31.28
CA CYS B 1029 34.81 -3.81 -32.68
C CYS B 1029 35.03 -2.47 -33.36
N VAL B 1030 34.87 -1.38 -32.61
CA VAL B 1030 35.15 -0.05 -33.17
C VAL B 1030 36.65 0.23 -33.14
N LEU B 1031 37.22 0.30 -31.93
CA LEU B 1031 38.66 0.51 -31.76
C LEU B 1031 39.40 -0.80 -31.59
N GLY B 1032 39.09 -1.76 -32.45
CA GLY B 1032 39.66 -3.08 -32.35
C GLY B 1032 38.85 -4.05 -33.19
N GLN B 1033 39.34 -5.28 -33.24
CA GLN B 1033 38.63 -6.36 -33.91
C GLN B 1033 38.32 -7.45 -32.90
N SER B 1034 37.05 -7.82 -32.80
CA SER B 1034 36.60 -8.82 -31.84
C SER B 1034 36.69 -10.20 -32.46
N LYS B 1035 37.39 -11.11 -31.80
CA LYS B 1035 37.48 -12.49 -32.24
C LYS B 1035 36.28 -13.31 -31.78
N ARG B 1036 35.37 -12.71 -31.02
CA ARG B 1036 34.15 -13.40 -30.60
C ARG B 1036 33.30 -13.71 -31.82
N VAL B 1037 32.99 -14.99 -32.03
CA VAL B 1037 32.25 -15.38 -33.21
C VAL B 1037 30.79 -14.98 -33.06
N ASP B 1038 30.25 -14.33 -34.10
CA ASP B 1038 28.85 -13.91 -34.13
C ASP B 1038 28.52 -12.97 -32.97
N PHE B 1039 29.40 -12.01 -32.74
CA PHE B 1039 29.20 -10.99 -31.71
C PHE B 1039 28.98 -9.61 -32.30
N CYS B 1040 29.86 -9.17 -33.19
CA CYS B 1040 29.73 -7.88 -33.88
C CYS B 1040 29.45 -8.17 -35.35
N GLY B 1041 28.17 -8.30 -35.68
CA GLY B 1041 27.75 -8.61 -37.02
C GLY B 1041 27.81 -10.10 -37.32
N LYS B 1042 26.82 -10.60 -38.06
CA LYS B 1042 26.76 -12.02 -38.37
C LYS B 1042 27.84 -12.40 -39.38
N GLY B 1043 28.97 -12.85 -38.88
CA GLY B 1043 30.09 -13.23 -39.73
C GLY B 1043 31.39 -12.92 -39.04
N TYR B 1044 32.49 -13.13 -39.77
CA TYR B 1044 33.82 -12.83 -39.26
C TYR B 1044 33.99 -11.31 -39.24
N HIS B 1045 33.92 -10.73 -38.04
CA HIS B 1045 33.79 -9.29 -37.90
C HIS B 1045 35.05 -8.56 -38.35
N LEU B 1046 34.87 -7.45 -39.06
CA LEU B 1046 35.98 -6.62 -39.53
C LEU B 1046 36.17 -5.38 -38.67
N MET B 1047 35.16 -4.52 -38.61
CA MET B 1047 35.16 -3.33 -37.77
C MET B 1047 33.77 -2.73 -37.84
N SER B 1048 33.51 -1.75 -37.00
CA SER B 1048 32.20 -1.12 -36.96
C SER B 1048 32.36 0.38 -36.84
N PHE B 1049 31.51 1.12 -37.56
CA PHE B 1049 31.54 2.57 -37.54
C PHE B 1049 30.39 3.07 -36.68
N PRO B 1050 30.65 3.72 -35.56
CA PRO B 1050 29.56 4.30 -34.77
C PRO B 1050 28.88 5.42 -35.50
N GLN B 1051 27.58 5.57 -35.23
CA GLN B 1051 26.81 6.70 -35.74
C GLN B 1051 25.94 7.23 -34.61
N SER B 1052 25.92 8.56 -34.46
CA SER B 1052 25.22 9.17 -33.34
C SER B 1052 23.72 9.15 -33.54
N ALA B 1053 23.12 7.97 -33.50
CA ALA B 1053 21.67 7.88 -33.55
C ALA B 1053 21.08 8.51 -32.28
N PRO B 1054 19.91 9.12 -32.38
CA PRO B 1054 19.35 9.84 -31.23
C PRO B 1054 19.00 8.88 -30.10
N HIS B 1055 19.50 9.20 -28.90
CA HIS B 1055 19.24 8.40 -27.70
C HIS B 1055 19.65 6.94 -27.90
N GLY B 1056 20.82 6.75 -28.49
CA GLY B 1056 21.32 5.42 -28.76
C GLY B 1056 22.59 5.48 -29.59
N VAL B 1057 22.82 4.41 -30.34
CA VAL B 1057 23.97 4.36 -31.25
C VAL B 1057 23.68 3.31 -32.30
N VAL B 1058 24.33 3.46 -33.46
CA VAL B 1058 24.20 2.52 -34.57
C VAL B 1058 25.58 2.11 -35.01
N PHE B 1059 25.83 0.81 -35.08
CA PHE B 1059 27.10 0.27 -35.54
C PHE B 1059 26.91 -0.26 -36.94
N LEU B 1060 27.76 0.19 -37.87
CA LEU B 1060 27.80 -0.40 -39.21
C LEU B 1060 28.83 -1.52 -39.19
N HIS B 1061 28.40 -2.67 -38.67
CA HIS B 1061 29.31 -3.78 -38.45
C HIS B 1061 29.78 -4.33 -39.78
N VAL B 1062 30.95 -3.90 -40.22
CA VAL B 1062 31.55 -4.48 -41.42
C VAL B 1062 31.97 -5.91 -41.11
N THR B 1063 31.48 -6.85 -41.92
CA THR B 1063 31.72 -8.26 -41.67
C THR B 1063 32.16 -8.95 -42.95
N TYR B 1064 32.91 -10.04 -42.78
CA TYR B 1064 33.36 -10.87 -43.89
C TYR B 1064 32.47 -12.10 -43.90
N VAL B 1065 31.53 -12.16 -44.83
CA VAL B 1065 30.60 -13.26 -44.96
C VAL B 1065 30.95 -14.03 -46.24
N PRO B 1066 31.44 -15.26 -46.15
CA PRO B 1066 31.83 -15.99 -47.35
C PRO B 1066 30.62 -16.35 -48.20
N ALA B 1067 30.90 -16.72 -49.45
CA ALA B 1067 29.87 -17.13 -50.39
C ALA B 1067 30.53 -17.91 -51.52
N GLN B 1068 29.68 -18.49 -52.37
CA GLN B 1068 30.15 -19.28 -53.55
C GLN B 1068 31.06 -20.40 -53.04
N GLU B 1069 30.50 -21.31 -52.24
CA GLU B 1069 31.23 -22.49 -51.73
C GLU B 1069 31.53 -23.45 -52.89
N LYS B 1070 32.57 -24.26 -52.73
CA LYS B 1070 32.90 -25.30 -53.75
C LYS B 1070 33.41 -26.54 -53.01
N ASN B 1071 32.79 -27.69 -53.28
CA ASN B 1071 33.06 -28.91 -52.47
C ASN B 1071 34.30 -29.59 -53.04
N PHE B 1072 35.26 -29.91 -52.16
CA PHE B 1072 36.47 -30.69 -52.52
C PHE B 1072 36.55 -31.95 -51.65
N THR B 1073 37.59 -32.75 -51.86
CA THR B 1073 37.81 -33.97 -51.05
C THR B 1073 38.89 -33.66 -50.01
N THR B 1074 38.62 -33.94 -48.73
CA THR B 1074 39.58 -33.58 -47.66
C THR B 1074 40.21 -34.84 -47.07
N ALA B 1075 41.36 -34.65 -46.43
CA ALA B 1075 42.06 -35.64 -45.62
C ALA B 1075 42.50 -35.00 -44.31
N PRO B 1076 42.51 -35.76 -43.21
CA PRO B 1076 42.98 -35.19 -41.93
C PRO B 1076 44.46 -34.85 -41.93
N ALA B 1077 45.26 -35.43 -42.81
CA ALA B 1077 46.68 -35.13 -42.88
C ALA B 1077 47.21 -35.59 -44.23
N ILE B 1078 48.52 -35.41 -44.42
CA ILE B 1078 49.24 -35.87 -45.59
C ILE B 1078 50.47 -36.62 -45.13
N CYS B 1079 50.68 -37.82 -45.68
CA CYS B 1079 51.86 -38.62 -45.37
C CYS B 1079 52.84 -38.54 -46.53
N HIS B 1080 54.05 -38.06 -46.26
CA HIS B 1080 55.15 -38.09 -47.20
C HIS B 1080 56.37 -38.65 -46.51
N ASP B 1081 57.16 -39.43 -47.25
CA ASP B 1081 58.34 -40.10 -46.73
C ASP B 1081 58.01 -40.97 -45.51
N GLY B 1082 56.81 -41.54 -45.49
CA GLY B 1082 56.40 -42.44 -44.43
C GLY B 1082 56.00 -41.76 -43.14
N LYS B 1083 55.97 -40.43 -43.08
CA LYS B 1083 55.61 -39.70 -41.88
C LYS B 1083 54.53 -38.69 -42.22
N ALA B 1084 53.65 -38.43 -41.26
CA ALA B 1084 52.52 -37.55 -41.49
C ALA B 1084 52.99 -36.11 -41.68
N HIS B 1085 52.09 -35.29 -42.21
CA HIS B 1085 52.37 -33.86 -42.38
C HIS B 1085 51.04 -33.11 -42.20
N PHE B 1086 50.79 -32.68 -41.02
CA PHE B 1086 49.66 -31.84 -40.68
C PHE B 1086 49.88 -30.43 -41.20
N PRO B 1087 48.84 -29.72 -41.62
CA PRO B 1087 49.03 -28.39 -42.17
C PRO B 1087 49.18 -27.34 -41.07
N ARG B 1088 50.12 -26.43 -41.28
CA ARG B 1088 50.37 -25.39 -40.28
C ARG B 1088 49.15 -24.47 -40.14
N GLU B 1089 48.55 -24.08 -41.26
CA GLU B 1089 47.32 -23.30 -41.23
C GLU B 1089 46.37 -23.85 -42.28
N GLY B 1090 45.08 -23.66 -42.04
CA GLY B 1090 44.08 -24.06 -43.00
C GLY B 1090 43.81 -25.55 -43.01
N VAL B 1091 43.09 -25.98 -44.04
CA VAL B 1091 42.68 -27.37 -44.19
C VAL B 1091 43.32 -27.94 -45.44
N PHE B 1092 43.13 -29.25 -45.63
CA PHE B 1092 43.62 -29.92 -46.84
C PHE B 1092 42.46 -30.10 -47.81
N VAL B 1093 42.66 -29.77 -49.09
CA VAL B 1093 41.59 -29.90 -50.12
C VAL B 1093 42.18 -30.55 -51.37
N SER B 1094 41.37 -31.29 -52.12
CA SER B 1094 41.88 -31.88 -53.40
C SER B 1094 41.42 -31.03 -54.58
N ASN B 1095 41.83 -31.41 -55.79
CA ASN B 1095 41.29 -30.83 -57.06
C ASN B 1095 40.42 -31.92 -57.69
N GLY B 1096 40.10 -32.94 -56.91
CA GLY B 1096 39.76 -34.29 -57.38
C GLY B 1096 41.02 -35.06 -57.74
N THR B 1097 42.12 -34.35 -58.00
CA THR B 1097 43.35 -34.96 -58.56
C THR B 1097 44.58 -34.44 -57.82
N HIS B 1098 44.79 -33.12 -57.84
CA HIS B 1098 46.02 -32.51 -57.28
C HIS B 1098 45.70 -31.92 -55.91
N TRP B 1099 46.46 -32.30 -54.89
CA TRP B 1099 46.12 -31.93 -53.53
C TRP B 1099 46.63 -30.53 -53.21
N PHE B 1100 45.88 -29.83 -52.37
CA PHE B 1100 46.22 -28.44 -52.02
C PHE B 1100 45.90 -28.19 -50.56
N VAL B 1101 46.62 -27.24 -49.97
CA VAL B 1101 46.32 -26.71 -48.65
C VAL B 1101 45.86 -25.27 -48.83
N THR B 1102 44.72 -24.94 -48.23
CA THR B 1102 44.13 -23.63 -48.38
C THR B 1102 43.69 -23.10 -47.03
N GLN B 1103 43.67 -21.77 -46.91
CA GLN B 1103 43.21 -21.15 -45.68
C GLN B 1103 41.72 -21.44 -45.47
N ARG B 1104 41.32 -21.46 -44.20
CA ARG B 1104 40.04 -22.07 -43.83
C ARG B 1104 38.83 -21.28 -44.31
N ASN B 1105 39.00 -20.02 -44.72
CA ASN B 1105 37.83 -19.19 -45.01
C ASN B 1105 37.94 -18.46 -46.34
N PHE B 1106 38.74 -18.96 -47.27
CA PHE B 1106 38.84 -18.42 -48.61
C PHE B 1106 39.61 -19.39 -49.48
N TYR B 1107 39.09 -19.66 -50.67
CA TYR B 1107 39.74 -20.63 -51.57
C TYR B 1107 40.98 -19.99 -52.15
N GLU B 1108 42.11 -20.25 -51.49
CA GLU B 1108 43.43 -19.82 -51.97
C GLU B 1108 44.36 -21.02 -51.96
N PRO B 1109 44.17 -21.94 -52.90
CA PRO B 1109 44.93 -23.20 -52.86
C PRO B 1109 46.38 -23.00 -53.30
N GLN B 1110 47.30 -23.50 -52.50
CA GLN B 1110 48.70 -23.60 -52.87
C GLN B 1110 49.18 -25.01 -52.58
N ILE B 1111 50.16 -25.48 -53.35
CA ILE B 1111 50.69 -26.81 -53.13
C ILE B 1111 51.34 -26.88 -51.75
N ILE B 1112 51.15 -28.01 -51.07
CA ILE B 1112 51.54 -28.13 -49.67
C ILE B 1112 53.06 -28.01 -49.55
N THR B 1113 53.51 -27.22 -48.59
CA THR B 1113 54.93 -26.96 -48.37
C THR B 1113 55.24 -27.12 -46.89
N THR B 1114 56.52 -27.37 -46.59
CA THR B 1114 56.95 -27.39 -45.19
C THR B 1114 56.75 -26.04 -44.53
N ASP B 1115 56.65 -24.96 -45.32
CA ASP B 1115 56.35 -23.65 -44.75
C ASP B 1115 54.96 -23.61 -44.13
N ASN B 1116 54.04 -24.45 -44.60
CA ASN B 1116 52.70 -24.52 -44.03
C ASN B 1116 52.30 -25.95 -43.68
N THR B 1117 53.27 -26.81 -43.39
CA THR B 1117 52.97 -28.10 -42.78
C THR B 1117 54.11 -28.47 -41.84
N PHE B 1118 53.80 -29.36 -40.89
CA PHE B 1118 54.78 -29.83 -39.92
C PHE B 1118 54.62 -31.32 -39.73
N VAL B 1119 55.73 -31.99 -39.44
CA VAL B 1119 55.76 -33.43 -39.28
C VAL B 1119 55.66 -33.79 -37.80
N SER B 1120 54.91 -34.85 -37.51
CA SER B 1120 54.78 -35.33 -36.14
C SER B 1120 54.40 -36.81 -36.19
N GLY B 1121 55.38 -37.67 -35.92
CA GLY B 1121 55.12 -39.10 -35.96
C GLY B 1121 55.07 -39.63 -37.39
N ASN B 1122 54.42 -40.77 -37.56
CA ASN B 1122 54.27 -41.41 -38.86
C ASN B 1122 52.80 -41.63 -39.17
N CYS B 1123 52.52 -42.04 -40.40
CA CYS B 1123 51.15 -42.20 -40.89
C CYS B 1123 50.63 -43.62 -40.70
N ASP B 1124 51.10 -44.32 -39.68
CA ASP B 1124 50.58 -45.65 -39.36
C ASP B 1124 49.50 -45.62 -38.29
N VAL B 1125 49.50 -44.59 -37.44
CA VAL B 1125 48.56 -44.53 -36.32
C VAL B 1125 47.37 -43.65 -36.68
N VAL B 1126 47.57 -42.69 -37.57
CA VAL B 1126 46.50 -41.77 -37.95
C VAL B 1126 45.61 -42.43 -38.99
N ILE B 1127 44.30 -42.39 -38.76
CA ILE B 1127 43.33 -42.96 -39.68
C ILE B 1127 42.84 -41.87 -40.62
N GLY B 1128 42.49 -42.27 -41.83
CA GLY B 1128 42.11 -41.34 -42.87
C GLY B 1128 43.28 -40.70 -43.59
N ILE B 1129 44.51 -41.03 -43.21
CA ILE B 1129 45.68 -40.43 -43.84
C ILE B 1129 45.68 -40.77 -45.33
N VAL B 1130 45.95 -39.74 -46.14
CA VAL B 1130 46.12 -39.85 -47.62
C VAL B 1130 47.58 -39.53 -47.95
N ASN B 1131 48.25 -40.51 -48.56
CA ASN B 1131 49.61 -40.32 -49.09
C ASN B 1131 49.53 -39.23 -50.16
N ASN B 1132 50.40 -38.24 -50.06
CA ASN B 1132 50.55 -37.27 -51.19
C ASN B 1132 51.95 -36.64 -51.08
N THR B 1133 52.54 -36.23 -52.21
CA THR B 1133 53.84 -35.59 -52.16
C THR B 1133 53.68 -34.14 -51.71
N VAL B 1134 54.65 -33.66 -50.93
CA VAL B 1134 54.63 -32.31 -50.40
C VAL B 1134 55.75 -31.52 -51.03
N TYR B 1135 55.42 -30.36 -51.61
CA TYR B 1135 56.37 -29.51 -52.31
C TYR B 1135 57.22 -28.81 -51.26
N ASP B 1136 58.36 -29.41 -50.94
CA ASP B 1136 59.26 -28.83 -49.97
C ASP B 1136 59.97 -27.63 -50.58
N PRO B 1137 59.84 -26.43 -50.01
CA PRO B 1137 60.46 -25.25 -50.64
C PRO B 1137 61.97 -25.31 -50.73
N LEU B 1138 62.62 -26.12 -49.89
CA LEU B 1138 64.08 -26.25 -49.98
C LEU B 1138 64.49 -27.06 -51.19
N GLN B 1139 63.60 -27.94 -51.68
CA GLN B 1139 63.96 -28.82 -52.80
C GLN B 1139 64.32 -28.07 -54.07
N PRO B 1140 63.57 -27.07 -54.53
CA PRO B 1140 63.99 -26.36 -55.75
C PRO B 1140 65.35 -25.71 -55.64
N GLU B 1141 65.72 -25.21 -54.47
CA GLU B 1141 67.05 -24.65 -54.27
C GLU B 1141 68.11 -25.71 -54.02
N LEU B 1142 67.70 -26.94 -53.70
CA LEU B 1142 68.67 -28.01 -53.54
C LEU B 1142 69.41 -28.30 -54.84
N ASP B 1143 68.69 -28.30 -55.96
CA ASP B 1143 69.30 -28.56 -57.26
C ASP B 1143 70.02 -27.33 -57.79
N ALA C 27 1.44 -43.79 36.15
CA ALA C 27 2.77 -43.52 35.64
C ALA C 27 2.72 -42.53 34.48
N TYR C 28 3.88 -42.23 33.91
CA TYR C 28 4.00 -41.29 32.80
C TYR C 28 4.48 -42.05 31.57
N THR C 29 3.79 -41.88 30.46
CA THR C 29 4.19 -42.51 29.20
C THR C 29 4.11 -41.48 28.09
N ASN C 30 4.82 -41.77 26.99
CA ASN C 30 5.02 -40.81 25.91
C ASN C 30 3.79 -40.78 25.01
N SER C 31 3.07 -39.65 25.02
CA SER C 31 1.98 -39.41 24.09
C SER C 31 2.58 -39.07 22.73
N PHE C 32 2.63 -40.06 21.84
CA PHE C 32 3.51 -39.96 20.68
C PHE C 32 3.02 -38.94 19.67
N THR C 33 1.84 -39.17 19.08
CA THR C 33 1.38 -38.32 17.98
C THR C 33 -0.12 -37.99 18.04
N ARG C 34 -0.82 -38.38 19.10
CA ARG C 34 -2.26 -38.15 19.15
C ARG C 34 -2.57 -36.66 19.28
N GLY C 35 -3.86 -36.33 19.24
CA GLY C 35 -4.34 -34.98 19.47
C GLY C 35 -4.74 -34.21 18.24
N VAL C 36 -4.37 -34.67 17.04
CA VAL C 36 -4.66 -33.93 15.81
C VAL C 36 -6.09 -34.20 15.38
N TYR C 37 -6.68 -33.23 14.69
CA TYR C 37 -8.04 -33.38 14.17
C TYR C 37 -8.27 -32.36 13.07
N TYR C 38 -9.33 -32.60 12.29
CA TYR C 38 -9.71 -31.75 11.16
C TYR C 38 -10.13 -30.37 11.66
N PRO C 39 -9.31 -29.35 11.45
CA PRO C 39 -9.59 -28.03 12.06
C PRO C 39 -10.69 -27.23 11.36
N ASP C 40 -10.67 -27.19 10.03
CA ASP C 40 -11.42 -26.19 9.28
C ASP C 40 -12.78 -26.66 8.80
N LYS C 41 -13.16 -27.92 9.07
CA LYS C 41 -14.50 -28.41 8.84
C LYS C 41 -14.81 -28.59 7.35
N VAL C 42 -13.91 -28.14 6.48
CA VAL C 42 -14.13 -28.20 5.04
C VAL C 42 -13.30 -29.33 4.45
N PHE C 43 -13.76 -29.84 3.31
CA PHE C 43 -12.99 -30.85 2.60
C PHE C 43 -11.82 -30.22 1.88
N ARG C 44 -10.70 -30.94 1.82
CA ARG C 44 -9.51 -30.46 1.14
C ARG C 44 -8.72 -31.69 0.66
N SER C 45 -7.88 -31.48 -0.34
CA SER C 45 -7.13 -32.58 -0.94
C SER C 45 -5.72 -32.15 -1.29
N SER C 46 -4.74 -32.95 -0.83
CA SER C 46 -3.33 -32.78 -1.19
C SER C 46 -2.81 -31.38 -0.88
N VAL C 47 -3.33 -30.75 0.17
CA VAL C 47 -2.91 -29.42 0.58
C VAL C 47 -2.40 -29.48 2.01
N LEU C 48 -1.31 -28.78 2.26
CA LEU C 48 -0.69 -28.75 3.59
C LEU C 48 -1.14 -27.49 4.35
N HIS C 49 -2.43 -27.44 4.66
CA HIS C 49 -3.00 -26.28 5.30
C HIS C 49 -2.55 -26.16 6.75
N SER C 50 -1.49 -25.38 6.99
CA SER C 50 -1.02 -25.16 8.35
C SER C 50 -1.97 -24.25 9.10
N THR C 51 -2.21 -24.57 10.37
CA THR C 51 -3.13 -23.80 11.19
C THR C 51 -2.70 -23.88 12.65
N GLN C 52 -3.17 -22.93 13.44
CA GLN C 52 -2.90 -22.90 14.88
C GLN C 52 -4.21 -22.88 15.65
N ASP C 53 -4.35 -23.81 16.59
CA ASP C 53 -5.47 -23.93 17.52
C ASP C 53 -4.93 -24.49 18.82
N LEU C 54 -5.83 -24.64 19.79
CA LEU C 54 -5.48 -25.27 21.05
C LEU C 54 -5.30 -26.76 20.80
N PHE C 55 -4.04 -27.21 20.78
CA PHE C 55 -3.67 -28.51 20.28
C PHE C 55 -2.78 -29.24 21.28
N LEU C 56 -2.76 -30.57 21.17
CA LEU C 56 -1.88 -31.38 21.99
C LEU C 56 -0.51 -31.51 21.33
N PRO C 57 0.55 -31.02 21.95
CA PRO C 57 1.89 -31.17 21.37
C PRO C 57 2.31 -32.62 21.31
N PHE C 58 3.14 -32.94 20.32
CA PHE C 58 3.71 -34.27 20.21
C PHE C 58 4.62 -34.55 21.40
N PHE C 59 4.71 -35.81 21.78
CA PHE C 59 5.64 -36.29 22.81
C PHE C 59 5.49 -35.49 24.11
N SER C 60 4.31 -35.60 24.70
CA SER C 60 4.00 -34.95 25.96
C SER C 60 3.76 -36.00 27.04
N ASN C 61 3.80 -35.55 28.30
CA ASN C 61 3.60 -36.42 29.44
C ASN C 61 2.12 -36.51 29.79
N VAL C 62 1.68 -37.71 30.14
CA VAL C 62 0.28 -37.98 30.44
C VAL C 62 0.16 -38.63 31.80
N THR C 63 -0.96 -38.37 32.47
CA THR C 63 -1.22 -38.92 33.81
C THR C 63 -2.08 -40.17 33.70
N TRP C 64 -1.49 -41.22 33.14
CA TRP C 64 -2.19 -42.48 32.98
C TRP C 64 -2.44 -43.13 34.33
N PHE C 65 -3.67 -43.59 34.55
CA PHE C 65 -4.04 -44.32 35.73
C PHE C 65 -4.39 -45.76 35.35
N HIS C 66 -3.93 -46.71 36.16
CA HIS C 66 -4.22 -48.12 35.93
C HIS C 66 -5.72 -48.39 35.91
N ASP C 80 -9.49 -44.81 41.00
CA ASP C 80 -8.99 -43.49 41.36
C ASP C 80 -9.02 -42.55 40.15
N ASN C 81 -9.83 -41.50 40.24
CA ASN C 81 -9.96 -40.55 39.16
C ASN C 81 -9.29 -39.24 39.53
N PRO C 82 -8.16 -38.89 38.92
CA PRO C 82 -7.49 -37.64 39.26
C PRO C 82 -8.25 -36.44 38.69
N VAL C 83 -8.67 -35.54 39.58
CA VAL C 83 -9.34 -34.32 39.14
C VAL C 83 -8.28 -33.38 38.59
N LEU C 84 -8.11 -33.40 37.27
CA LEU C 84 -7.03 -32.73 36.57
C LEU C 84 -7.50 -31.38 36.03
N PRO C 85 -6.67 -30.34 36.13
CA PRO C 85 -7.06 -29.01 35.65
C PRO C 85 -7.19 -28.97 34.14
N PHE C 86 -8.35 -28.54 33.67
CA PHE C 86 -8.60 -28.30 32.25
C PHE C 86 -7.92 -26.98 31.89
N ASN C 87 -6.61 -27.03 31.63
CA ASN C 87 -5.81 -25.81 31.49
C ASN C 87 -6.27 -24.95 30.32
N ASP C 88 -6.16 -25.47 29.09
CA ASP C 88 -6.65 -24.78 27.90
C ASP C 88 -7.17 -25.81 26.90
N GLY C 89 -7.86 -26.81 27.43
CA GLY C 89 -8.21 -27.97 26.64
C GLY C 89 -7.41 -29.19 27.04
N VAL C 90 -8.05 -30.36 26.96
CA VAL C 90 -7.44 -31.61 27.38
C VAL C 90 -7.72 -32.68 26.32
N TYR C 91 -6.90 -33.72 26.35
CA TYR C 91 -7.01 -34.84 25.44
C TYR C 91 -7.20 -36.12 26.24
N PHE C 92 -8.37 -36.73 26.11
CA PHE C 92 -8.73 -37.90 26.91
C PHE C 92 -8.91 -39.11 26.03
N ALA C 93 -8.36 -40.24 26.45
CA ALA C 93 -8.52 -41.50 25.75
C ALA C 93 -8.62 -42.63 26.77
N SER C 94 -9.38 -43.65 26.41
CA SER C 94 -9.57 -44.83 27.25
C SER C 94 -8.50 -45.86 26.87
N THR C 95 -8.58 -47.12 27.32
CA THR C 95 -7.65 -48.15 26.90
C THR C 95 -8.46 -49.22 26.18
N GLU C 96 -7.81 -50.34 25.82
CA GLU C 96 -8.51 -51.41 25.13
C GLU C 96 -9.13 -52.29 26.19
N LYS C 97 -8.35 -53.00 27.02
CA LYS C 97 -8.80 -53.71 28.20
C LYS C 97 -9.98 -54.65 27.94
N SER C 98 -10.28 -54.91 26.66
CA SER C 98 -11.51 -55.62 26.24
C SER C 98 -12.70 -54.92 26.90
N ASN C 99 -13.70 -55.66 27.37
CA ASN C 99 -14.87 -55.17 28.12
C ASN C 99 -15.45 -53.86 27.59
N ILE C 100 -15.92 -53.00 28.49
CA ILE C 100 -16.53 -51.73 28.15
C ILE C 100 -16.01 -50.69 29.15
N ILE C 101 -16.00 -49.43 28.73
CA ILE C 101 -15.51 -48.34 29.57
C ILE C 101 -16.69 -47.75 30.34
N ARG C 102 -17.82 -48.48 30.34
CA ARG C 102 -19.02 -48.15 31.11
C ARG C 102 -19.48 -46.70 30.93
N GLY C 103 -19.24 -45.87 31.94
CA GLY C 103 -19.74 -44.51 31.95
C GLY C 103 -18.63 -43.51 32.24
N TRP C 104 -18.90 -42.26 31.91
CA TRP C 104 -17.90 -41.21 31.91
C TRP C 104 -18.44 -39.97 32.63
N ILE C 105 -17.62 -39.39 33.50
CA ILE C 105 -18.02 -38.25 34.31
C ILE C 105 -17.01 -37.11 34.10
N PHE C 106 -17.52 -35.93 33.73
CA PHE C 106 -16.68 -34.76 33.55
C PHE C 106 -17.23 -33.58 34.35
N GLY C 107 -16.67 -32.39 34.14
CA GLY C 107 -17.10 -31.22 34.87
C GLY C 107 -15.97 -30.50 35.57
N THR C 108 -16.07 -29.16 35.64
CA THR C 108 -15.06 -28.32 36.34
C THR C 108 -14.87 -28.84 37.77
N THR C 109 -15.81 -28.54 38.67
CA THR C 109 -15.67 -28.79 40.09
C THR C 109 -16.91 -29.48 40.66
N LEU C 110 -18.03 -29.37 39.97
CA LEU C 110 -19.34 -29.83 40.45
C LEU C 110 -19.75 -29.11 41.74
N ASP C 111 -19.22 -27.91 41.97
CA ASP C 111 -19.42 -27.19 43.23
C ASP C 111 -20.09 -25.83 43.04
N SER C 112 -20.86 -25.66 41.96
CA SER C 112 -21.70 -24.50 41.72
C SER C 112 -20.93 -23.21 41.49
N LYS C 113 -19.60 -23.25 41.59
CA LYS C 113 -18.82 -22.05 41.28
C LYS C 113 -18.91 -21.68 39.80
N THR C 114 -19.01 -22.70 38.96
CA THR C 114 -19.31 -22.53 37.51
C THR C 114 -20.58 -23.33 37.24
N GLN C 115 -21.18 -23.14 36.07
CA GLN C 115 -22.12 -24.17 35.58
C GLN C 115 -21.28 -25.39 35.18
N SER C 116 -21.82 -26.57 35.44
CA SER C 116 -21.13 -27.85 35.35
C SER C 116 -21.25 -28.42 33.93
N LEU C 117 -20.80 -29.66 33.76
CA LEU C 117 -20.80 -30.33 32.46
C LEU C 117 -20.69 -31.83 32.69
N LEU C 118 -21.39 -32.61 31.86
CA LEU C 118 -21.47 -34.05 32.04
C LEU C 118 -21.79 -34.74 30.72
N ILE C 119 -21.02 -35.77 30.39
CA ILE C 119 -21.10 -36.47 29.10
C ILE C 119 -21.29 -37.98 29.28
N VAL C 120 -22.06 -38.39 30.29
CA VAL C 120 -22.27 -39.82 30.53
C VAL C 120 -22.82 -40.50 29.28
N ASN C 121 -22.52 -41.79 29.15
CA ASN C 121 -23.01 -42.65 28.08
C ASN C 121 -23.80 -43.80 28.70
N ASN C 122 -25.07 -43.93 28.32
CA ASN C 122 -25.90 -45.02 28.83
C ASN C 122 -27.15 -45.15 27.97
N ALA C 123 -27.74 -46.35 28.03
CA ALA C 123 -29.02 -46.66 27.40
C ALA C 123 -29.16 -46.12 25.99
N THR C 124 -28.11 -46.27 25.18
CA THR C 124 -28.08 -45.80 23.80
C THR C 124 -28.45 -44.32 23.70
N ASN C 125 -27.90 -43.54 24.62
CA ASN C 125 -28.11 -42.10 24.62
C ASN C 125 -26.90 -41.44 25.26
N VAL C 126 -26.71 -40.15 24.96
CA VAL C 126 -25.58 -39.37 25.46
C VAL C 126 -26.16 -38.13 26.13
N VAL C 127 -26.17 -38.13 27.47
CA VAL C 127 -26.60 -36.95 28.21
C VAL C 127 -25.44 -35.97 28.24
N ILE C 128 -25.63 -34.79 27.66
CA ILE C 128 -24.57 -33.79 27.56
C ILE C 128 -25.08 -32.61 28.39
N LYS C 129 -25.96 -32.91 29.34
CA LYS C 129 -26.53 -31.89 30.21
C LYS C 129 -25.44 -31.24 31.06
N VAL C 130 -25.65 -29.96 31.37
CA VAL C 130 -24.69 -29.14 32.09
C VAL C 130 -25.09 -29.00 33.55
N CYS C 131 -25.85 -29.97 34.05
CA CYS C 131 -26.45 -29.85 35.37
C CYS C 131 -25.38 -29.97 36.43
N GLU C 132 -25.65 -29.37 37.61
CA GLU C 132 -24.70 -29.48 38.73
C GLU C 132 -24.92 -30.83 39.43
N PHE C 133 -24.25 -31.85 38.88
CA PHE C 133 -24.46 -33.21 39.33
C PHE C 133 -23.81 -33.44 40.69
N GLN C 134 -24.13 -34.59 41.29
CA GLN C 134 -23.62 -34.93 42.62
C GLN C 134 -22.10 -34.99 42.63
N PHE C 135 -21.50 -34.43 43.69
CA PHE C 135 -20.07 -34.58 43.91
C PHE C 135 -19.80 -35.88 44.66
N CYS C 136 -19.37 -36.91 43.93
CA CYS C 136 -19.15 -38.23 44.51
C CYS C 136 -17.94 -38.87 43.86
N ASN C 137 -17.06 -39.45 44.68
CA ASN C 137 -15.87 -40.11 44.18
C ASN C 137 -16.14 -41.52 43.65
N ASP C 138 -17.33 -42.06 43.88
CA ASP C 138 -17.69 -43.42 43.44
C ASP C 138 -19.05 -43.39 42.73
N PRO C 139 -19.14 -42.75 41.56
CA PRO C 139 -20.42 -42.72 40.85
C PRO C 139 -20.60 -43.90 39.91
N PHE C 140 -21.69 -43.90 39.14
CA PHE C 140 -21.96 -44.95 38.19
C PHE C 140 -21.99 -44.40 36.76
N PHE C 157 -26.62 -44.88 38.55
CA PHE C 157 -26.74 -43.43 38.47
C PHE C 157 -26.51 -42.79 39.83
N ARG C 158 -25.33 -43.04 40.42
CA ARG C 158 -25.03 -42.52 41.74
C ARG C 158 -24.93 -40.99 41.72
N VAL C 159 -24.23 -40.44 40.73
CA VAL C 159 -24.04 -39.00 40.65
C VAL C 159 -24.96 -38.34 39.61
N TYR C 160 -25.85 -39.10 38.99
CA TYR C 160 -26.74 -38.55 37.96
C TYR C 160 -27.99 -37.93 38.60
N SER C 161 -27.77 -36.86 39.34
CA SER C 161 -28.87 -36.17 40.03
C SER C 161 -28.58 -34.68 40.17
N SER C 162 -29.39 -34.01 41.01
CA SER C 162 -29.35 -32.54 41.25
C SER C 162 -29.52 -31.75 39.94
N ALA C 163 -30.78 -31.56 39.53
CA ALA C 163 -31.11 -30.81 38.30
C ALA C 163 -30.99 -29.31 38.57
N ASN C 164 -29.76 -28.78 38.48
CA ASN C 164 -29.49 -27.34 38.68
C ASN C 164 -28.88 -26.76 37.41
N ASN C 165 -29.71 -26.09 36.60
CA ASN C 165 -29.31 -25.23 35.45
C ASN C 165 -28.65 -26.08 34.34
N CYS C 166 -29.47 -26.81 33.59
CA CYS C 166 -29.03 -27.72 32.51
C CYS C 166 -29.24 -27.04 31.16
N THR C 167 -28.73 -27.67 30.09
CA THR C 167 -28.99 -27.25 28.69
C THR C 167 -29.82 -28.30 27.97
N PHE C 168 -29.19 -29.33 27.40
CA PHE C 168 -29.87 -30.18 26.39
C PHE C 168 -29.48 -31.65 26.56
N GLU C 169 -29.56 -32.40 25.46
CA GLU C 169 -29.32 -33.83 25.41
C GLU C 169 -29.31 -34.29 23.96
N TYR C 170 -28.45 -35.26 23.65
CA TYR C 170 -28.36 -35.85 22.32
C TYR C 170 -28.58 -37.36 22.40
N VAL C 171 -29.14 -37.91 21.32
CA VAL C 171 -29.50 -39.32 21.28
C VAL C 171 -29.04 -39.89 19.93
N SER C 172 -29.34 -41.17 19.69
CA SER C 172 -29.01 -41.86 18.45
C SER C 172 -27.50 -41.87 18.21
N GLN C 173 -26.72 -41.99 19.28
CA GLN C 173 -25.26 -42.08 19.19
C GLN C 173 -24.75 -42.93 20.34
N PRO C 174 -24.97 -44.25 20.28
CA PRO C 174 -24.45 -45.12 21.34
C PRO C 174 -23.02 -45.58 21.06
N PHE C 175 -22.14 -44.64 20.73
CA PHE C 175 -20.76 -44.98 20.44
C PHE C 175 -20.04 -45.42 21.71
N LEU C 176 -19.24 -46.48 21.60
CA LEU C 176 -18.52 -47.06 22.73
C LEU C 176 -19.46 -47.45 23.86
N LYS C 187 -10.87 -54.48 22.99
CA LYS C 187 -9.76 -54.09 22.13
C LYS C 187 -10.17 -52.92 21.23
N ASN C 188 -10.21 -51.72 21.81
CA ASN C 188 -10.60 -50.52 21.09
C ASN C 188 -9.87 -49.35 21.73
N LEU C 189 -10.10 -48.15 21.21
CA LEU C 189 -9.43 -46.96 21.73
C LEU C 189 -10.22 -45.70 21.40
N ARG C 190 -10.95 -45.17 22.38
CA ARG C 190 -11.83 -44.02 22.18
C ARG C 190 -11.03 -42.75 22.29
N GLU C 191 -10.80 -42.09 21.16
CA GLU C 191 -10.03 -40.84 21.13
C GLU C 191 -10.98 -39.65 21.23
N PHE C 192 -10.79 -38.83 22.27
CA PHE C 192 -11.67 -37.71 22.55
C PHE C 192 -10.86 -36.43 22.67
N VAL C 193 -11.47 -35.30 22.32
CA VAL C 193 -10.88 -33.98 22.51
C VAL C 193 -11.92 -33.07 23.14
N PHE C 194 -11.53 -32.37 24.20
CA PHE C 194 -12.38 -31.41 24.88
C PHE C 194 -11.72 -30.04 24.79
N LYS C 195 -12.42 -29.08 24.20
CA LYS C 195 -11.87 -27.74 24.00
C LYS C 195 -13.00 -26.72 24.07
N ASN C 196 -12.70 -25.56 24.64
CA ASN C 196 -13.65 -24.46 24.77
C ASN C 196 -13.01 -23.23 24.14
N ILE C 197 -13.34 -22.97 22.87
CA ILE C 197 -12.81 -21.83 22.12
C ILE C 197 -13.98 -20.96 21.70
N ASP C 198 -13.87 -19.66 21.98
CA ASP C 198 -14.90 -18.67 21.63
C ASP C 198 -16.25 -19.01 22.27
N GLY C 199 -16.23 -19.73 23.39
CA GLY C 199 -17.42 -20.04 24.12
C GLY C 199 -18.21 -21.23 23.61
N TYR C 200 -17.77 -21.86 22.53
CA TYR C 200 -18.47 -23.00 21.94
C TYR C 200 -17.64 -24.26 22.23
N PHE C 201 -18.14 -25.08 23.14
CA PHE C 201 -17.42 -26.30 23.53
C PHE C 201 -17.40 -27.29 22.38
N LYS C 202 -16.27 -27.97 22.21
CA LYS C 202 -16.07 -28.87 21.08
C LYS C 202 -15.76 -30.27 21.57
N ILE C 203 -16.35 -31.26 20.91
CA ILE C 203 -16.14 -32.67 21.21
C ILE C 203 -15.74 -33.37 19.92
N TYR C 204 -14.72 -34.22 20.01
CA TYR C 204 -14.24 -34.99 18.87
C TYR C 204 -14.18 -36.45 19.24
N SER C 205 -14.33 -37.32 18.24
CA SER C 205 -14.37 -38.75 18.50
C SER C 205 -13.75 -39.50 17.33
N LYS C 206 -12.90 -40.49 17.65
CA LYS C 206 -12.38 -41.41 16.65
C LYS C 206 -12.05 -42.71 17.37
N HIS C 207 -12.96 -43.68 17.28
CA HIS C 207 -12.77 -44.97 17.94
C HIS C 207 -12.04 -45.92 17.00
N THR C 208 -10.93 -46.48 17.47
CA THR C 208 -10.09 -47.35 16.66
C THR C 208 -9.67 -48.55 17.52
N PRO C 209 -9.78 -49.77 17.00
CA PRO C 209 -9.31 -50.93 17.75
C PRO C 209 -7.80 -50.91 17.92
N ILE C 210 -7.32 -51.43 19.05
CA ILE C 210 -5.90 -51.51 19.36
C ILE C 210 -5.66 -52.78 20.16
N ASN C 211 -4.80 -53.66 19.63
CA ASN C 211 -4.51 -54.91 20.33
C ASN C 211 -3.60 -54.68 21.53
N LEU C 212 -2.57 -53.85 21.37
CA LEU C 212 -1.62 -53.61 22.44
C LEU C 212 -2.20 -52.67 23.49
N VAL C 213 -1.88 -52.93 24.74
CA VAL C 213 -2.33 -52.10 25.85
C VAL C 213 -1.20 -51.55 26.70
N ARG C 214 -0.03 -52.20 26.72
CA ARG C 214 1.09 -51.69 27.52
C ARG C 214 1.69 -50.44 26.89
N ASP C 215 2.20 -50.57 25.67
CA ASP C 215 2.79 -49.45 24.95
C ASP C 215 1.77 -48.90 23.95
N LEU C 216 1.59 -47.59 23.97
CA LEU C 216 0.62 -46.94 23.08
C LEU C 216 1.12 -47.05 21.64
N PRO C 217 0.32 -47.58 20.72
CA PRO C 217 0.80 -47.78 19.35
C PRO C 217 1.02 -46.47 18.62
N GLN C 218 1.88 -46.52 17.61
CA GLN C 218 2.16 -45.36 16.77
C GLN C 218 1.03 -45.19 15.74
N GLY C 219 1.26 -44.33 14.77
CA GLY C 219 0.27 -44.03 13.76
C GLY C 219 -0.47 -42.73 14.05
N PHE C 220 -0.94 -42.10 12.98
CA PHE C 220 -1.61 -40.81 13.06
C PHE C 220 -3.11 -41.02 12.88
N SER C 221 -3.89 -40.54 13.84
CA SER C 221 -5.35 -40.60 13.79
C SER C 221 -5.89 -39.21 14.06
N ALA C 222 -6.59 -38.64 13.09
CA ALA C 222 -7.16 -37.31 13.20
C ALA C 222 -8.63 -37.41 13.55
N LEU C 223 -9.05 -36.66 14.55
CA LEU C 223 -10.40 -36.77 15.09
C LEU C 223 -11.37 -35.91 14.28
N GLU C 224 -12.66 -36.13 14.52
CA GLU C 224 -13.71 -35.47 13.78
C GLU C 224 -14.69 -34.78 14.73
N PRO C 225 -15.19 -33.60 14.39
CA PRO C 225 -16.14 -32.89 15.27
C PRO C 225 -17.56 -33.47 15.21
N LEU C 226 -17.77 -34.53 15.98
CA LEU C 226 -19.07 -35.19 16.01
C LEU C 226 -20.17 -34.29 16.54
N VAL C 227 -19.82 -33.26 17.32
CA VAL C 227 -20.79 -32.30 17.81
C VAL C 227 -20.03 -31.04 18.23
N ASP C 228 -20.70 -29.89 18.15
CA ASP C 228 -20.12 -28.60 18.48
C ASP C 228 -21.04 -27.94 19.49
N LEU C 229 -20.81 -28.20 20.77
CA LEU C 229 -21.71 -27.76 21.82
C LEU C 229 -21.59 -26.26 22.06
N PRO C 230 -22.71 -25.51 22.03
CA PRO C 230 -22.70 -24.11 22.48
C PRO C 230 -23.01 -23.99 23.97
N ILE C 231 -22.15 -24.58 24.81
CA ILE C 231 -22.44 -24.69 26.23
C ILE C 231 -22.48 -23.32 26.89
N GLY C 232 -21.62 -22.40 26.46
CA GLY C 232 -21.58 -21.06 27.04
C GLY C 232 -21.19 -21.03 28.51
N ILE C 233 -20.25 -21.90 28.93
CA ILE C 233 -19.78 -21.94 30.35
C ILE C 233 -18.26 -21.75 30.38
N ASN C 234 -17.68 -21.75 31.59
CA ASN C 234 -16.21 -21.85 31.78
C ASN C 234 -15.88 -23.29 32.16
N ILE C 235 -14.72 -23.80 31.72
CA ILE C 235 -14.30 -25.17 32.13
C ILE C 235 -12.85 -25.12 32.60
N THR C 236 -12.61 -25.49 33.86
CA THR C 236 -11.28 -25.24 34.49
C THR C 236 -10.75 -26.51 35.17
N ARG C 237 -11.49 -27.62 35.11
CA ARG C 237 -10.98 -28.92 35.52
C ARG C 237 -11.91 -30.00 34.99
N PHE C 238 -11.51 -31.26 35.18
CA PHE C 238 -12.32 -32.40 34.76
C PHE C 238 -11.73 -33.66 35.39
N GLN C 239 -12.38 -34.79 35.14
CA GLN C 239 -11.96 -36.08 35.65
C GLN C 239 -12.63 -37.15 34.79
N THR C 240 -12.57 -38.41 35.25
CA THR C 240 -13.29 -39.49 34.57
C THR C 240 -13.51 -40.61 35.59
N LEU C 241 -14.76 -40.82 35.97
CA LEU C 241 -15.12 -41.86 36.92
C LEU C 241 -16.08 -42.85 36.26
N LEU C 242 -15.72 -44.12 36.30
CA LEU C 242 -16.50 -45.17 35.64
C LEU C 242 -17.49 -45.76 36.64
N ALA C 243 -18.14 -46.86 36.25
CA ALA C 243 -19.08 -47.57 37.12
C ALA C 243 -18.33 -48.64 37.89
N LEU C 244 -19.08 -49.53 38.56
CA LEU C 244 -18.51 -50.59 39.37
C LEU C 244 -18.94 -51.94 38.80
N HIS C 245 -17.98 -52.85 38.67
CA HIS C 245 -18.27 -54.20 38.21
C HIS C 245 -17.34 -55.21 38.90
N GLY C 261 -7.71 -53.99 41.50
CA GLY C 261 -7.45 -53.20 40.30
C GLY C 261 -8.60 -53.20 39.31
N ALA C 262 -8.50 -52.37 38.29
CA ALA C 262 -9.54 -52.25 37.28
C ALA C 262 -8.91 -51.76 35.98
N ALA C 263 -9.75 -51.33 35.04
CA ALA C 263 -9.27 -50.88 33.74
C ALA C 263 -8.56 -49.53 33.86
N ALA C 264 -8.03 -49.07 32.74
CA ALA C 264 -7.19 -47.89 32.68
C ALA C 264 -7.72 -46.88 31.66
N TYR C 265 -7.19 -45.65 31.76
CA TYR C 265 -7.50 -44.59 30.81
C TYR C 265 -6.40 -43.54 30.87
N TYR C 266 -6.24 -42.80 29.77
CA TYR C 266 -5.19 -41.79 29.65
C TYR C 266 -5.79 -40.39 29.68
N VAL C 267 -4.96 -39.43 30.07
CA VAL C 267 -5.33 -38.01 30.12
C VAL C 267 -4.13 -37.18 29.69
N GLY C 268 -4.35 -36.24 28.79
CA GLY C 268 -3.28 -35.37 28.34
C GLY C 268 -3.59 -33.89 28.47
N TYR C 269 -2.78 -33.04 27.84
CA TYR C 269 -2.94 -31.59 27.87
C TYR C 269 -3.01 -31.06 26.45
N LEU C 270 -3.30 -29.75 26.34
CA LEU C 270 -3.12 -29.02 25.10
C LEU C 270 -2.31 -27.76 25.40
N GLN C 271 -1.80 -27.15 24.34
CA GLN C 271 -1.12 -25.86 24.42
C GLN C 271 -1.43 -25.07 23.16
N PRO C 272 -1.41 -23.74 23.25
CA PRO C 272 -1.50 -22.92 22.02
C PRO C 272 -0.33 -23.24 21.11
N ARG C 273 -0.65 -23.81 19.94
CA ARG C 273 0.37 -24.44 19.12
C ARG C 273 -0.05 -24.38 17.66
N THR C 274 0.90 -24.67 16.78
CA THR C 274 0.65 -24.75 15.35
C THR C 274 1.27 -26.03 14.79
N PHE C 275 0.53 -26.68 13.90
CA PHE C 275 0.99 -27.86 13.19
C PHE C 275 0.95 -27.61 11.69
N LEU C 276 1.30 -28.66 10.93
CA LEU C 276 1.21 -28.65 9.49
C LEU C 276 0.55 -29.96 9.07
N LEU C 277 -0.70 -29.86 8.61
CA LEU C 277 -1.56 -31.03 8.41
C LEU C 277 -1.51 -31.44 6.95
N LYS C 278 -1.14 -32.69 6.70
CA LYS C 278 -1.05 -33.24 5.35
C LYS C 278 -2.28 -34.12 5.11
N TYR C 279 -3.10 -33.70 4.15
CA TYR C 279 -4.35 -34.41 3.80
C TYR C 279 -4.01 -35.40 2.69
N ASN C 280 -4.84 -36.43 2.48
CA ASN C 280 -4.49 -37.42 1.43
C ASN C 280 -5.28 -37.10 0.16
N GLU C 281 -5.38 -38.07 -0.75
CA GLU C 281 -6.16 -37.85 -2.00
C GLU C 281 -7.65 -37.93 -1.69
N ASN C 282 -8.01 -38.55 -0.57
CA ASN C 282 -9.43 -38.63 -0.13
C ASN C 282 -9.68 -37.64 1.01
N GLY C 283 -8.78 -36.67 1.16
CA GLY C 283 -8.91 -35.67 2.23
C GLY C 283 -8.83 -36.30 3.61
N THR C 284 -8.04 -37.37 3.74
CA THR C 284 -7.82 -37.99 5.07
C THR C 284 -6.47 -37.53 5.62
N ILE C 285 -6.44 -37.00 6.85
CA ILE C 285 -5.17 -36.48 7.43
C ILE C 285 -4.24 -37.67 7.70
N THR C 286 -3.52 -38.12 6.66
CA THR C 286 -2.60 -39.23 6.81
C THR C 286 -1.31 -38.86 7.52
N ASP C 287 -1.03 -37.56 7.70
CA ASP C 287 0.21 -37.13 8.31
C ASP C 287 -0.01 -35.81 9.01
N ALA C 288 0.86 -35.52 9.97
CA ALA C 288 0.87 -34.25 10.69
C ALA C 288 2.23 -34.08 11.34
N VAL C 289 2.73 -32.85 11.35
CA VAL C 289 4.03 -32.55 11.94
C VAL C 289 3.91 -31.30 12.79
N ASP C 290 4.57 -31.30 13.94
CA ASP C 290 4.66 -30.12 14.76
C ASP C 290 5.74 -29.20 14.24
N CYS C 291 5.85 -28.03 14.86
CA CYS C 291 7.08 -27.25 14.72
C CYS C 291 7.60 -26.62 15.99
N ALA C 292 6.77 -26.42 17.02
CA ALA C 292 7.27 -25.89 18.29
C ALA C 292 8.09 -26.91 19.07
N LEU C 293 8.11 -28.18 18.65
CA LEU C 293 8.82 -29.23 19.38
C LEU C 293 10.29 -29.28 19.00
N ASP C 294 10.58 -29.55 17.73
CA ASP C 294 11.88 -29.83 17.18
C ASP C 294 12.30 -28.71 16.24
N PRO C 295 13.55 -28.26 16.29
CA PRO C 295 14.03 -27.36 15.23
C PRO C 295 13.92 -27.97 13.84
N LEU C 296 14.11 -29.29 13.73
CA LEU C 296 13.74 -29.98 12.49
C LEU C 296 12.26 -29.77 12.19
N SER C 297 11.42 -29.86 13.22
CA SER C 297 10.00 -29.58 13.04
C SER C 297 9.77 -28.12 12.70
N GLU C 298 10.60 -27.21 13.23
CA GLU C 298 10.53 -25.81 12.80
C GLU C 298 10.78 -25.68 11.31
N THR C 299 11.78 -26.39 10.79
CA THR C 299 12.04 -26.33 9.35
C THR C 299 10.90 -26.92 8.55
N LYS C 300 10.31 -28.00 9.04
CA LYS C 300 9.12 -28.55 8.40
C LYS C 300 7.96 -27.56 8.44
N CYS C 301 7.91 -26.73 9.48
CA CYS C 301 6.84 -25.76 9.65
C CYS C 301 7.00 -24.60 8.68
N THR C 302 8.21 -24.05 8.59
CA THR C 302 8.43 -22.83 7.81
C THR C 302 8.36 -23.10 6.31
N LEU C 303 9.04 -24.16 5.85
CA LEU C 303 9.08 -24.45 4.43
C LEU C 303 7.77 -25.03 3.91
N LYS C 304 6.81 -25.29 4.78
CA LYS C 304 5.50 -25.81 4.40
C LYS C 304 5.63 -27.13 3.62
N SER C 305 6.49 -28.01 4.12
CA SER C 305 6.68 -29.31 3.50
C SER C 305 7.13 -30.29 4.57
N PHE C 306 6.88 -31.57 4.31
CA PHE C 306 7.30 -32.64 5.20
C PHE C 306 8.72 -33.10 4.93
N THR C 307 9.40 -32.51 3.95
CA THR C 307 10.75 -32.90 3.59
C THR C 307 11.66 -31.67 3.58
N VAL C 308 12.86 -31.83 4.14
CA VAL C 308 13.88 -30.80 4.13
C VAL C 308 15.17 -31.43 3.64
N GLU C 309 16.09 -30.59 3.16
CA GLU C 309 17.30 -31.07 2.52
C GLU C 309 18.50 -30.35 3.11
N LYS C 310 19.67 -30.57 2.48
CA LYS C 310 20.89 -29.85 2.81
C LYS C 310 20.64 -28.35 2.81
N GLY C 311 20.86 -27.72 3.96
CA GLY C 311 20.79 -26.27 3.99
C GLY C 311 20.30 -25.67 5.29
N ILE C 312 20.97 -24.59 5.71
CA ILE C 312 20.50 -23.82 6.86
C ILE C 312 19.24 -23.06 6.47
N TYR C 313 18.22 -23.16 7.32
CA TYR C 313 16.92 -22.53 7.06
C TYR C 313 16.61 -21.55 8.17
N GLN C 314 16.37 -20.29 7.80
CA GLN C 314 15.93 -19.30 8.77
C GLN C 314 14.53 -19.66 9.24
N THR C 315 14.34 -19.77 10.55
CA THR C 315 13.07 -20.19 11.12
C THR C 315 12.37 -19.05 11.85
N SER C 316 13.01 -18.46 12.85
CA SER C 316 12.42 -17.40 13.64
C SER C 316 13.56 -16.60 14.28
N ASN C 317 13.21 -15.79 15.28
CA ASN C 317 14.19 -15.00 16.02
C ASN C 317 14.10 -15.36 17.49
N PHE C 318 15.24 -15.70 18.09
CA PHE C 318 15.27 -16.08 19.49
C PHE C 318 15.16 -14.82 20.34
N ARG C 319 13.98 -14.62 20.93
CA ARG C 319 13.71 -13.47 21.78
C ARG C 319 13.59 -13.90 23.23
N VAL C 320 14.25 -13.16 24.12
CA VAL C 320 14.15 -13.41 25.55
C VAL C 320 12.94 -12.66 26.08
N GLN C 321 11.99 -13.42 26.65
CA GLN C 321 10.76 -12.82 27.12
C GLN C 321 10.99 -11.98 28.37
N PRO C 322 10.20 -10.94 28.58
CA PRO C 322 10.32 -10.15 29.80
C PRO C 322 9.91 -10.96 31.03
N THR C 323 10.49 -10.59 32.17
CA THR C 323 10.21 -11.32 33.41
C THR C 323 8.92 -10.83 34.07
N GLU C 324 8.88 -9.56 34.47
CA GLU C 324 7.74 -9.02 35.21
C GLU C 324 7.66 -7.51 34.96
N SER C 325 6.42 -7.03 34.83
CA SER C 325 6.20 -5.64 34.44
C SER C 325 6.63 -4.68 35.55
N ILE C 326 7.23 -3.56 35.16
CA ILE C 326 7.64 -2.52 36.09
C ILE C 326 7.07 -1.19 35.63
N VAL C 327 6.50 -0.44 36.56
CA VAL C 327 5.95 0.88 36.29
C VAL C 327 6.65 1.87 37.21
N ARG C 328 7.28 2.89 36.63
CA ARG C 328 7.97 3.93 37.40
C ARG C 328 7.38 5.28 37.01
N PHE C 329 6.32 5.66 37.70
CA PHE C 329 5.78 7.01 37.61
C PHE C 329 6.51 7.91 38.60
N PRO C 330 6.48 9.23 38.37
CA PRO C 330 7.20 10.14 39.26
C PRO C 330 6.75 10.08 40.71
N ASN C 331 7.48 10.78 41.58
CA ASN C 331 7.21 10.72 43.02
C ASN C 331 5.90 11.40 43.40
N ILE C 332 5.29 12.15 42.47
CA ILE C 332 4.04 12.83 42.77
C ILE C 332 2.95 11.81 43.07
N THR C 333 2.09 12.15 44.03
CA THR C 333 0.98 11.28 44.42
C THR C 333 -0.33 12.01 44.64
N ASN C 334 -0.37 13.34 44.48
CA ASN C 334 -1.60 14.09 44.67
C ASN C 334 -2.58 13.80 43.53
N LEU C 335 -3.83 14.18 43.76
CA LEU C 335 -4.90 13.99 42.78
C LEU C 335 -5.29 15.35 42.22
N CYS C 336 -5.22 15.48 40.90
CA CYS C 336 -5.54 16.75 40.27
C CYS C 336 -7.05 17.01 40.28
N PRO C 337 -7.47 18.27 40.37
CA PRO C 337 -8.91 18.59 40.39
C PRO C 337 -9.53 18.60 39.00
N PHE C 338 -9.86 17.42 38.50
CA PHE C 338 -10.67 17.35 37.26
C PHE C 338 -12.08 17.87 37.57
N GLY C 339 -12.40 17.96 38.87
CA GLY C 339 -13.69 18.55 39.26
C GLY C 339 -13.70 20.04 39.00
N GLU C 340 -12.50 20.61 38.85
CA GLU C 340 -12.35 22.04 38.47
C GLU C 340 -12.28 22.14 36.95
N VAL C 341 -12.87 21.16 36.24
CA VAL C 341 -13.24 21.39 34.81
C VAL C 341 -14.57 20.70 34.50
N PHE C 342 -14.72 19.42 34.89
CA PHE C 342 -15.95 18.68 34.52
C PHE C 342 -17.05 19.06 35.50
N ASN C 343 -16.74 18.98 36.80
CA ASN C 343 -17.74 19.41 37.80
C ASN C 343 -17.90 20.92 37.66
N ALA C 344 -16.86 21.61 37.18
CA ALA C 344 -17.05 23.05 36.87
C ALA C 344 -18.11 23.07 35.77
N THR C 345 -19.25 23.69 36.02
CA THR C 345 -20.37 23.61 35.06
C THR C 345 -20.63 25.00 34.47
N ARG C 346 -20.05 26.03 35.10
CA ARG C 346 -20.08 27.42 34.55
C ARG C 346 -19.00 27.49 33.48
N PHE C 347 -19.29 26.86 32.36
CA PHE C 347 -18.41 26.88 31.21
C PHE C 347 -18.33 28.30 30.67
N ALA C 348 -17.36 28.55 29.80
CA ALA C 348 -17.16 29.88 29.24
C ALA C 348 -17.59 29.88 27.78
N SER C 349 -18.38 30.88 27.41
CA SER C 349 -18.95 30.94 26.07
C SER C 349 -17.86 30.87 25.01
N VAL C 350 -18.20 30.30 23.85
CA VAL C 350 -17.23 30.05 22.81
C VAL C 350 -16.62 31.34 22.27
N TYR C 351 -17.29 32.48 22.44
CA TYR C 351 -16.71 33.75 22.04
C TYR C 351 -15.43 34.04 22.80
N ALA C 352 -15.45 33.82 24.12
CA ALA C 352 -14.25 33.96 24.97
C ALA C 352 -14.30 32.80 25.97
N TRP C 353 -13.71 31.68 25.58
CA TRP C 353 -13.76 30.47 26.40
C TRP C 353 -12.58 30.43 27.38
N ASN C 354 -12.65 29.48 28.31
CA ASN C 354 -11.65 29.35 29.36
C ASN C 354 -10.90 28.04 29.20
N ARG C 355 -9.58 28.11 29.36
CA ARG C 355 -8.72 26.94 29.32
C ARG C 355 -8.03 26.79 30.66
N LYS C 356 -8.08 25.58 31.22
CA LYS C 356 -7.54 25.30 32.54
C LYS C 356 -6.26 24.49 32.38
N ARG C 357 -5.22 24.91 33.09
CA ARG C 357 -3.92 24.27 33.05
C ARG C 357 -3.75 23.39 34.29
N ILE C 358 -3.28 22.16 34.09
CA ILE C 358 -3.20 21.18 35.17
C ILE C 358 -1.89 20.42 35.05
N SER C 359 -1.29 20.10 36.19
CA SER C 359 0.03 19.46 36.20
C SER C 359 0.33 18.92 37.58
N ASN C 360 1.42 18.15 37.66
CA ASN C 360 2.03 17.71 38.93
C ASN C 360 1.05 16.89 39.77
N CYS C 361 0.71 15.72 39.22
CA CYS C 361 -0.14 14.77 39.94
C CYS C 361 -0.14 13.44 39.19
N VAL C 362 -0.84 12.47 39.76
CA VAL C 362 -1.07 11.17 39.14
C VAL C 362 -2.57 10.90 39.05
N ALA C 363 -3.34 11.97 38.81
CA ALA C 363 -4.80 11.88 38.86
C ALA C 363 -5.33 10.82 37.90
N ASP C 364 -6.34 10.09 38.36
CA ASP C 364 -6.88 8.96 37.62
C ASP C 364 -7.94 9.40 36.62
N TYR C 365 -7.96 8.71 35.47
CA TYR C 365 -9.01 8.86 34.48
C TYR C 365 -10.12 7.84 34.63
N SER C 366 -10.05 6.99 35.67
CA SER C 366 -11.00 5.90 35.82
C SER C 366 -12.42 6.42 36.03
N VAL C 367 -12.56 7.47 36.84
CA VAL C 367 -13.89 7.98 37.16
C VAL C 367 -14.59 8.51 35.90
N LEU C 368 -13.85 9.17 35.03
CA LEU C 368 -14.44 9.63 33.77
C LEU C 368 -14.62 8.50 32.76
N TYR C 369 -13.74 7.50 32.80
CA TYR C 369 -13.80 6.44 31.79
C TYR C 369 -14.94 5.47 32.07
N ASN C 370 -15.00 4.93 33.29
CA ASN C 370 -16.01 3.93 33.62
C ASN C 370 -17.41 4.54 33.64
N SER C 371 -17.62 5.52 34.52
CA SER C 371 -18.93 6.14 34.65
C SER C 371 -19.21 7.05 33.47
N ALA C 372 -19.88 6.51 32.45
CA ALA C 372 -20.16 7.26 31.22
C ALA C 372 -21.36 8.16 31.42
N SER C 373 -21.18 9.16 32.29
CA SER C 373 -22.20 10.16 32.55
C SER C 373 -22.13 11.28 31.53
N PHE C 374 -22.33 10.91 30.27
CA PHE C 374 -22.23 11.85 29.16
C PHE C 374 -23.19 11.40 28.06
N SER C 375 -23.03 11.98 26.87
CA SER C 375 -23.85 11.61 25.73
C SER C 375 -23.00 11.34 24.50
N THR C 376 -21.81 11.94 24.46
CA THR C 376 -20.89 11.76 23.34
C THR C 376 -19.47 11.75 23.88
N PHE C 377 -18.74 10.69 23.58
CA PHE C 377 -17.36 10.51 24.04
C PHE C 377 -16.53 10.14 22.81
N LYS C 378 -16.09 11.15 22.06
CA LYS C 378 -15.32 10.95 20.84
C LYS C 378 -13.87 11.31 21.12
N CYS C 379 -12.98 10.34 20.97
CA CYS C 379 -11.56 10.53 21.27
C CYS C 379 -10.74 10.34 20.00
N TYR C 380 -9.92 11.33 19.68
CA TYR C 380 -8.93 11.24 18.62
C TYR C 380 -7.56 11.20 19.27
N GLY C 381 -6.74 10.23 18.87
CA GLY C 381 -5.48 10.01 19.54
C GLY C 381 -5.59 8.95 20.61
N VAL C 382 -5.80 9.37 21.86
CA VAL C 382 -5.99 8.45 22.97
C VAL C 382 -7.35 7.78 22.85
N SER C 383 -7.57 6.74 23.65
CA SER C 383 -8.83 6.02 23.73
C SER C 383 -9.29 6.02 25.18
N PRO C 384 -10.61 5.89 25.40
CA PRO C 384 -11.11 5.97 26.79
C PRO C 384 -10.52 4.92 27.73
N THR C 385 -10.19 3.74 27.22
CA THR C 385 -9.68 2.67 28.06
C THR C 385 -8.18 2.77 28.32
N LYS C 386 -7.41 3.21 27.34
CA LYS C 386 -5.95 3.29 27.46
C LYS C 386 -5.48 4.59 28.11
N LEU C 387 -6.41 5.48 28.47
CA LEU C 387 -6.02 6.76 29.06
C LEU C 387 -5.29 6.58 30.38
N ASN C 388 -5.57 5.49 31.10
CA ASN C 388 -4.98 5.27 32.41
C ASN C 388 -3.53 4.81 32.35
N ASP C 389 -3.03 4.44 31.18
CA ASP C 389 -1.68 3.89 31.06
C ASP C 389 -0.62 4.94 30.80
N LEU C 390 -0.99 6.08 30.21
CA LEU C 390 -0.04 7.08 29.76
C LEU C 390 0.04 8.25 30.74
N CYS C 391 1.24 8.79 30.88
CA CYS C 391 1.47 10.04 31.60
C CYS C 391 1.84 11.12 30.60
N PHE C 392 1.22 12.30 30.74
CA PHE C 392 1.23 13.32 29.70
C PHE C 392 2.10 14.49 30.09
N THR C 393 2.70 15.13 29.08
CA THR C 393 3.56 16.29 29.31
C THR C 393 2.76 17.47 29.85
N ASN C 394 1.56 17.67 29.32
CA ASN C 394 0.70 18.78 29.75
C ASN C 394 -0.71 18.54 29.24
N VAL C 395 -1.69 19.00 29.99
CA VAL C 395 -3.11 18.82 29.66
C VAL C 395 -3.81 20.16 29.76
N TYR C 396 -4.51 20.52 28.69
CA TYR C 396 -5.38 21.69 28.67
C TYR C 396 -6.80 21.21 28.41
N ALA C 397 -7.72 21.60 29.28
CA ALA C 397 -9.12 21.20 29.18
C ALA C 397 -9.93 22.40 28.68
N ASP C 398 -10.11 22.47 27.36
CA ASP C 398 -10.95 23.51 26.79
C ASP C 398 -12.38 23.34 27.26
N SER C 399 -13.06 24.47 27.48
CA SER C 399 -14.42 24.45 28.03
C SER C 399 -15.24 25.54 27.34
N PHE C 400 -16.36 25.13 26.74
CA PHE C 400 -17.28 26.08 26.11
C PHE C 400 -18.62 25.39 25.93
N VAL C 401 -19.55 26.09 25.29
CA VAL C 401 -20.87 25.54 25.03
C VAL C 401 -21.20 25.70 23.55
N ILE C 402 -22.13 24.88 23.09
CA ILE C 402 -22.59 24.92 21.71
C ILE C 402 -23.97 24.27 21.67
N ARG C 403 -24.73 24.55 20.62
CA ARG C 403 -26.07 24.00 20.49
C ARG C 403 -26.02 22.48 20.37
N GLY C 404 -27.19 21.85 20.49
CA GLY C 404 -27.27 20.42 20.28
C GLY C 404 -26.82 20.03 18.88
N ASP C 405 -27.28 20.77 17.88
CA ASP C 405 -26.74 20.64 16.54
C ASP C 405 -25.36 21.32 16.48
N GLU C 406 -24.67 21.09 15.37
CA GLU C 406 -23.33 21.61 15.13
C GLU C 406 -22.30 21.08 16.13
N VAL C 407 -22.66 20.07 16.91
CA VAL C 407 -21.69 19.45 17.82
C VAL C 407 -20.60 18.75 17.02
N ARG C 408 -20.94 18.27 15.82
CA ARG C 408 -19.93 17.66 14.95
C ARG C 408 -18.90 18.66 14.48
N GLN C 409 -19.18 19.96 14.57
CA GLN C 409 -18.18 20.97 14.25
C GLN C 409 -17.03 21.01 15.25
N ILE C 410 -17.18 20.33 16.39
CA ILE C 410 -16.06 20.18 17.33
C ILE C 410 -15.30 18.94 16.89
N ALA C 411 -14.44 19.13 15.90
CA ALA C 411 -13.71 18.05 15.24
C ALA C 411 -12.65 18.68 14.34
N PRO C 412 -11.53 17.99 14.09
CA PRO C 412 -10.47 18.60 13.28
C PRO C 412 -10.88 18.81 11.84
N GLY C 413 -11.05 20.07 11.45
CA GLY C 413 -11.35 20.41 10.07
C GLY C 413 -12.82 20.56 9.74
N GLN C 414 -13.69 19.98 10.57
CA GLN C 414 -15.13 20.03 10.32
C GLN C 414 -15.61 21.46 10.23
N THR C 415 -16.25 21.80 9.10
CA THR C 415 -16.63 23.18 8.83
C THR C 415 -17.89 23.56 9.61
N GLY C 416 -18.30 24.81 9.45
CA GLY C 416 -19.43 25.36 10.16
C GLY C 416 -19.08 26.76 10.67
N LYS C 417 -20.13 27.55 10.95
CA LYS C 417 -19.91 28.92 11.39
C LYS C 417 -19.14 28.98 12.69
N ILE C 418 -19.49 28.10 13.65
CA ILE C 418 -18.76 28.07 14.92
C ILE C 418 -17.31 27.68 14.68
N ALA C 419 -17.08 26.69 13.82
CA ALA C 419 -15.70 26.30 13.50
C ALA C 419 -15.01 27.36 12.64
N ASP C 420 -15.76 28.09 11.82
CA ASP C 420 -15.15 29.08 10.94
C ASP C 420 -14.74 30.34 11.68
N TYR C 421 -15.46 30.73 12.73
CA TYR C 421 -15.18 32.00 13.40
C TYR C 421 -14.91 31.84 14.88
N ASN C 422 -15.64 30.95 15.56
CA ASN C 422 -15.59 30.90 17.01
C ASN C 422 -14.44 30.03 17.53
N TYR C 423 -14.43 28.75 17.18
CA TYR C 423 -13.43 27.83 17.72
C TYR C 423 -13.11 26.78 16.66
N LYS C 424 -11.85 26.69 16.28
CA LYS C 424 -11.39 25.77 15.25
C LYS C 424 -10.33 24.86 15.84
N LEU C 425 -10.65 23.59 16.00
CA LEU C 425 -9.66 22.62 16.44
C LEU C 425 -8.61 22.41 15.35
N PRO C 426 -7.36 22.19 15.73
CA PRO C 426 -6.31 21.95 14.74
C PRO C 426 -6.56 20.65 13.99
N ASP C 427 -6.01 20.60 12.77
CA ASP C 427 -6.18 19.40 11.95
C ASP C 427 -5.55 18.19 12.61
N ASP C 428 -4.39 18.35 13.22
CA ASP C 428 -3.73 17.26 13.95
C ASP C 428 -4.11 17.28 15.43
N PHE C 429 -5.42 17.28 15.69
CA PHE C 429 -5.91 17.27 17.06
C PHE C 429 -5.62 15.92 17.72
N THR C 430 -5.44 15.96 19.04
CA THR C 430 -5.21 14.75 19.83
C THR C 430 -5.85 14.95 21.20
N GLY C 431 -6.96 14.25 21.45
CA GLY C 431 -7.63 14.36 22.73
C GLY C 431 -9.00 13.73 22.67
N CYS C 432 -9.75 13.93 23.75
CA CYS C 432 -11.10 13.39 23.90
C CYS C 432 -12.09 14.54 23.98
N VAL C 433 -13.24 14.36 23.32
CA VAL C 433 -14.32 15.34 23.33
C VAL C 433 -15.49 14.73 24.07
N ILE C 434 -16.02 15.46 25.04
CA ILE C 434 -17.09 14.98 25.91
C ILE C 434 -18.22 15.99 25.85
N ALA C 435 -19.24 15.70 25.04
CA ALA C 435 -20.41 16.57 24.93
C ALA C 435 -21.50 16.11 25.89
N TRP C 436 -21.15 16.07 27.17
CA TRP C 436 -22.05 15.53 28.18
C TRP C 436 -23.31 16.38 28.30
N ASN C 437 -24.42 15.73 28.63
CA ASN C 437 -25.73 16.33 28.45
C ASN C 437 -25.94 17.52 29.39
N SER C 438 -26.32 18.66 28.82
CA SER C 438 -26.76 19.82 29.58
C SER C 438 -28.07 20.34 28.97
N ASN C 439 -29.17 19.70 29.36
CA ASN C 439 -30.50 20.26 29.15
C ASN C 439 -30.97 21.04 30.37
N ASN C 440 -30.17 21.01 31.44
CA ASN C 440 -30.52 21.59 32.72
C ASN C 440 -29.42 22.45 33.33
N LEU C 441 -28.19 22.35 32.85
CA LEU C 441 -27.07 23.15 33.34
C LEU C 441 -26.79 24.35 32.46
N ASP C 442 -26.69 24.15 31.14
CA ASP C 442 -26.44 25.26 30.23
C ASP C 442 -27.60 26.24 30.25
N SER C 443 -28.83 25.74 30.27
CA SER C 443 -30.02 26.59 30.27
C SER C 443 -31.20 25.89 30.93
N TYR C 449 -28.79 32.81 27.33
CA TYR C 449 -28.73 34.14 27.92
C TYR C 449 -27.30 34.67 27.94
N ASN C 450 -26.58 34.39 29.03
CA ASN C 450 -25.20 34.81 29.14
C ASN C 450 -24.29 34.02 28.19
N TYR C 451 -24.66 32.79 27.85
CA TYR C 451 -23.83 31.93 27.01
C TYR C 451 -23.98 32.38 25.56
N LEU C 452 -23.26 33.43 25.23
CA LEU C 452 -23.33 34.01 23.89
C LEU C 452 -22.50 33.20 22.92
N TYR C 453 -22.70 33.48 21.63
CA TYR C 453 -21.93 32.83 20.57
C TYR C 453 -21.96 33.74 19.34
N ARG C 454 -20.96 33.56 18.48
CA ARG C 454 -20.86 34.36 17.27
C ARG C 454 -20.81 33.47 16.03
N ASN C 460 -11.69 33.33 8.76
CA ASN C 460 -11.10 32.14 9.38
C ASN C 460 -10.24 32.53 10.58
N LEU C 461 -9.97 31.55 11.45
CA LEU C 461 -9.19 31.78 12.66
C LEU C 461 -8.19 30.64 12.82
N LYS C 462 -7.14 30.93 13.59
CA LYS C 462 -6.06 29.93 13.78
C LYS C 462 -6.54 28.75 14.62
N PRO C 463 -5.89 27.58 14.56
CA PRO C 463 -6.23 26.49 15.46
C PRO C 463 -6.00 27.01 16.89
N PHE C 464 -6.90 26.67 17.81
CA PHE C 464 -6.78 27.13 19.22
C PHE C 464 -6.59 28.65 19.23
N GLU C 465 -7.40 29.39 18.48
CA GLU C 465 -7.33 30.84 18.45
C GLU C 465 -8.22 31.43 19.55
N ARG C 466 -8.01 32.73 19.80
CA ARG C 466 -8.75 33.44 20.84
C ARG C 466 -8.70 34.92 20.54
N ASP C 467 -9.86 35.49 20.20
CA ASP C 467 -9.95 36.93 19.91
C ASP C 467 -11.39 37.36 20.17
N ILE C 468 -11.58 38.15 21.22
CA ILE C 468 -12.89 38.69 21.58
C ILE C 468 -12.85 40.20 21.38
N SER C 469 -13.71 40.71 20.51
CA SER C 469 -13.75 42.13 20.22
C SER C 469 -15.08 42.47 19.59
N THR C 470 -15.41 43.77 19.58
CA THR C 470 -16.62 44.28 18.96
C THR C 470 -16.26 45.49 18.11
N GLU C 471 -16.79 45.54 16.89
CA GLU C 471 -16.52 46.65 15.98
C GLU C 471 -17.81 47.37 15.61
N ASN C 487 -26.65 50.62 8.44
CA ASN C 487 -26.25 49.31 7.93
C ASN C 487 -25.00 48.83 8.66
N CYS C 488 -25.10 48.70 9.97
CA CYS C 488 -23.99 48.25 10.80
C CYS C 488 -23.91 46.74 10.81
N TYR C 489 -22.98 46.20 11.59
CA TYR C 489 -22.78 44.76 11.69
C TYR C 489 -22.06 44.45 12.99
N PHE C 490 -22.67 43.62 13.83
CA PHE C 490 -22.10 43.23 15.10
C PHE C 490 -22.49 41.78 15.39
N PRO C 491 -21.55 40.92 15.79
CA PRO C 491 -21.86 39.50 15.94
C PRO C 491 -22.38 39.12 17.33
N LEU C 492 -22.80 40.11 18.11
CA LEU C 492 -23.28 39.86 19.47
C LEU C 492 -24.61 39.12 19.40
N GLN C 493 -24.58 37.81 19.63
CA GLN C 493 -25.76 36.97 19.62
C GLN C 493 -25.79 36.11 20.88
N SER C 494 -26.99 35.91 21.42
CA SER C 494 -27.18 35.12 22.63
C SER C 494 -28.19 34.00 22.35
N TYR C 495 -28.54 33.28 23.41
CA TYR C 495 -29.47 32.16 23.29
C TYR C 495 -30.15 31.95 24.63
N GLY C 496 -31.41 32.37 24.74
CA GLY C 496 -32.18 32.19 25.95
C GLY C 496 -33.02 30.92 25.95
N PHE C 497 -32.36 29.76 26.02
CA PHE C 497 -33.07 28.49 26.02
C PHE C 497 -33.57 28.14 27.41
N GLN C 498 -34.47 27.17 27.47
CA GLN C 498 -35.04 26.71 28.73
C GLN C 498 -35.52 25.27 28.62
N VAL C 503 -35.31 19.96 22.11
CA VAL C 503 -34.07 19.24 22.36
C VAL C 503 -33.14 19.37 21.15
N GLY C 504 -33.73 19.51 19.96
CA GLY C 504 -32.93 19.67 18.77
C GLY C 504 -32.13 20.95 18.76
N TYR C 505 -32.75 22.06 19.17
CA TYR C 505 -32.09 23.35 19.25
C TYR C 505 -31.51 23.62 20.62
N GLN C 506 -31.65 22.70 21.56
CA GLN C 506 -31.21 22.94 22.93
C GLN C 506 -29.68 22.92 23.00
N PRO C 507 -29.06 23.90 23.66
CA PRO C 507 -27.61 23.89 23.79
C PRO C 507 -27.13 22.85 24.79
N TYR C 508 -25.86 22.49 24.68
CA TYR C 508 -25.30 21.45 25.53
C TYR C 508 -24.01 21.94 26.18
N ARG C 509 -23.31 21.05 26.87
CA ARG C 509 -22.02 21.36 27.47
C ARG C 509 -20.95 20.53 26.78
N VAL C 510 -19.92 21.20 26.27
CA VAL C 510 -18.86 20.56 25.50
C VAL C 510 -17.54 20.87 26.16
N VAL C 511 -16.83 19.83 26.59
CA VAL C 511 -15.50 19.96 27.18
C VAL C 511 -14.51 19.19 26.32
N VAL C 512 -13.38 19.81 26.03
CA VAL C 512 -12.37 19.25 25.15
C VAL C 512 -11.05 19.18 25.91
N LEU C 513 -10.45 17.99 25.95
CA LEU C 513 -9.14 17.79 26.55
C LEU C 513 -8.11 17.72 25.43
N SER C 514 -7.10 18.58 25.49
CA SER C 514 -6.04 18.63 24.50
C SER C 514 -4.75 18.13 25.13
N PHE C 515 -4.29 16.96 24.71
CA PHE C 515 -3.06 16.36 25.21
C PHE C 515 -1.91 16.64 24.25
N GLU C 516 -0.72 16.76 24.83
CA GLU C 516 0.52 16.82 24.06
C GLU C 516 1.49 15.82 24.67
N LEU C 517 1.95 14.87 23.86
CA LEU C 517 2.73 13.74 24.35
C LEU C 517 4.15 13.80 23.82
N LEU C 518 5.10 13.38 24.66
CA LEU C 518 6.51 13.21 24.27
C LEU C 518 7.13 14.53 23.80
N HIS C 519 6.89 15.59 24.55
CA HIS C 519 7.48 16.89 24.26
C HIS C 519 8.17 17.53 25.45
N ALA C 520 7.98 17.02 26.65
CA ALA C 520 8.51 17.61 27.88
C ALA C 520 8.40 16.60 29.02
N PRO C 521 9.01 16.85 30.18
CA PRO C 521 8.77 15.97 31.33
C PRO C 521 7.29 15.81 31.64
N ALA C 522 6.79 14.58 31.53
CA ALA C 522 5.39 14.32 31.81
C ALA C 522 5.06 14.66 33.25
N THR C 523 3.91 15.29 33.45
CA THR C 523 3.57 15.81 34.77
C THR C 523 2.28 15.24 35.33
N VAL C 524 1.29 14.95 34.48
CA VAL C 524 0.04 14.34 34.91
C VAL C 524 0.03 12.90 34.43
N CYS C 525 -0.08 11.97 35.37
CA CYS C 525 0.07 10.54 35.13
C CYS C 525 -1.25 9.83 35.40
N GLY C 526 -1.24 8.50 35.37
CA GLY C 526 -2.42 7.71 35.64
C GLY C 526 -2.42 7.11 37.02
N PRO C 527 -3.46 6.34 37.34
CA PRO C 527 -3.57 5.76 38.68
C PRO C 527 -2.68 4.55 38.92
N LYS C 528 -2.01 4.04 37.89
CA LYS C 528 -1.20 2.83 38.01
C LYS C 528 -0.15 2.99 39.09
N LYS C 529 -0.10 2.04 40.03
CA LYS C 529 0.83 2.11 41.13
C LYS C 529 2.26 1.91 40.65
N SER C 530 3.18 2.66 41.24
CA SER C 530 4.59 2.54 40.89
C SER C 530 5.14 1.19 41.33
N THR C 531 6.13 0.70 40.60
CA THR C 531 6.74 -0.59 40.85
C THR C 531 8.25 -0.43 40.90
N ASN C 532 8.90 -1.24 41.75
CA ASN C 532 10.33 -1.14 41.95
C ASN C 532 11.08 -1.32 40.64
N LEU C 533 12.11 -0.50 40.44
CA LEU C 533 12.92 -0.55 39.23
C LEU C 533 13.82 -1.79 39.25
N VAL C 534 14.10 -2.31 38.06
CA VAL C 534 15.00 -3.44 37.88
C VAL C 534 16.04 -3.08 36.84
N LYS C 535 17.19 -3.75 36.91
CA LYS C 535 18.31 -3.45 36.03
C LYS C 535 18.96 -4.74 35.56
N ASN C 536 19.64 -4.65 34.41
CA ASN C 536 20.45 -5.73 33.86
C ASN C 536 19.63 -7.00 33.63
N LYS C 537 18.33 -6.83 33.38
CA LYS C 537 17.44 -7.96 33.09
C LYS C 537 16.43 -7.54 32.04
N CYS C 538 16.10 -8.46 31.14
CA CYS C 538 15.07 -8.21 30.12
C CYS C 538 13.72 -8.08 30.82
N VAL C 539 13.24 -6.85 30.94
CA VAL C 539 12.01 -6.57 31.67
C VAL C 539 11.18 -5.57 30.89
N ASN C 540 9.89 -5.87 30.70
CA ASN C 540 8.99 -4.90 30.10
C ASN C 540 8.68 -3.79 31.09
N PHE C 541 8.64 -2.56 30.59
CA PHE C 541 8.64 -1.38 31.44
C PHE C 541 7.56 -0.40 30.98
N ASN C 542 7.38 0.64 31.78
CA ASN C 542 6.44 1.72 31.46
C ASN C 542 6.90 2.94 32.24
N PHE C 543 7.58 3.85 31.56
CA PHE C 543 8.12 5.07 32.17
C PHE C 543 7.34 6.25 31.59
N ASN C 544 6.36 6.74 32.35
CA ASN C 544 5.49 7.84 31.97
C ASN C 544 4.66 7.53 30.72
N GLY C 545 4.62 6.27 30.30
CA GLY C 545 3.90 5.87 29.11
C GLY C 545 4.78 5.34 27.99
N LEU C 546 6.10 5.36 28.17
CA LEU C 546 7.02 4.83 27.16
C LEU C 546 6.98 3.30 27.17
N THR C 547 5.87 2.72 26.72
CA THR C 547 5.72 1.27 26.75
C THR C 547 6.77 0.60 25.88
N GLY C 548 7.38 -0.44 26.42
CA GLY C 548 8.40 -1.18 25.68
C GLY C 548 9.04 -2.21 26.59
N THR C 549 9.91 -3.01 25.97
CA THR C 549 10.62 -4.07 26.66
C THR C 549 12.12 -3.92 26.37
N GLY C 550 12.94 -4.09 27.40
CA GLY C 550 14.37 -3.99 27.22
C GLY C 550 15.09 -4.19 28.54
N VAL C 551 16.42 -4.10 28.46
CA VAL C 551 17.30 -4.24 29.61
C VAL C 551 17.87 -2.86 29.95
N LEU C 552 17.83 -2.51 31.22
CA LEU C 552 18.18 -1.17 31.68
C LEU C 552 19.59 -1.19 32.25
N THR C 553 20.51 -0.53 31.54
CA THR C 553 21.91 -0.44 31.95
C THR C 553 22.29 1.02 32.15
N GLU C 554 23.49 1.23 32.67
CA GLU C 554 24.02 2.56 32.89
C GLU C 554 24.94 2.97 31.74
N SER C 555 24.93 4.26 31.43
CA SER C 555 25.76 4.80 30.35
C SER C 555 26.51 6.03 30.84
N ASN C 556 27.70 6.23 30.26
CA ASN C 556 28.52 7.39 30.60
C ASN C 556 27.91 8.70 30.12
N LYS C 557 26.90 8.66 29.24
CA LYS C 557 26.24 9.88 28.81
C LYS C 557 25.53 10.55 29.98
N LYS C 558 25.51 11.88 29.95
CA LYS C 558 24.88 12.67 31.00
C LYS C 558 23.71 13.45 30.41
N PHE C 559 22.53 13.28 31.01
CA PHE C 559 21.36 14.05 30.63
C PHE C 559 21.52 15.49 31.12
N LEU C 560 21.23 16.45 30.25
CA LEU C 560 21.23 17.84 30.68
C LEU C 560 20.13 18.05 31.71
N PRO C 561 20.34 18.95 32.67
CA PRO C 561 19.32 19.13 33.74
C PRO C 561 17.95 19.49 33.20
N PHE C 562 17.89 20.26 32.12
CA PHE C 562 16.60 20.57 31.51
C PHE C 562 16.03 19.40 30.72
N GLN C 563 16.89 18.49 30.27
CA GLN C 563 16.46 17.38 29.44
C GLN C 563 15.68 16.35 30.26
N GLN C 564 14.82 15.59 29.57
CA GLN C 564 14.03 14.55 30.21
C GLN C 564 14.40 13.15 29.71
N PHE C 565 14.31 12.91 28.40
CA PHE C 565 14.56 11.59 27.86
C PHE C 565 15.14 11.71 26.46
N GLY C 566 16.02 10.77 26.12
CA GLY C 566 16.71 10.79 24.85
C GLY C 566 16.00 9.98 23.79
N ARG C 567 16.66 9.90 22.63
CA ARG C 567 16.13 9.18 21.48
C ARG C 567 17.26 8.89 20.52
N ASP C 568 16.98 7.99 19.57
CA ASP C 568 17.85 7.70 18.45
C ASP C 568 17.11 7.94 17.14
N ILE C 569 17.80 7.62 16.04
CA ILE C 569 17.12 7.52 14.77
C ILE C 569 16.06 6.42 14.85
N ALA C 570 15.07 6.50 13.97
CA ALA C 570 13.89 5.62 13.97
C ALA C 570 13.11 5.75 15.27
N ASP C 571 13.06 6.98 15.81
CA ASP C 571 12.31 7.33 17.02
C ASP C 571 12.38 6.26 18.10
N THR C 572 13.56 5.70 18.31
CA THR C 572 13.77 4.71 19.36
C THR C 572 14.34 5.42 20.59
N THR C 573 13.64 5.29 21.71
CA THR C 573 14.05 5.95 22.96
C THR C 573 15.08 5.08 23.67
N ASP C 574 16.31 5.13 23.16
CA ASP C 574 17.38 4.31 23.75
C ASP C 574 17.65 4.71 25.19
N ALA C 575 17.70 6.02 25.46
CA ALA C 575 18.06 6.52 26.77
C ALA C 575 16.90 7.31 27.36
N VAL C 576 16.51 6.96 28.57
CA VAL C 576 15.49 7.69 29.31
C VAL C 576 15.98 7.88 30.74
N ARG C 577 15.94 9.11 31.23
CA ARG C 577 16.24 9.39 32.63
C ARG C 577 15.03 8.98 33.44
N ASP C 578 15.17 7.90 34.20
CA ASP C 578 14.02 7.32 34.89
C ASP C 578 13.45 8.31 35.91
N PRO C 579 12.16 8.56 35.89
CA PRO C 579 11.57 9.50 36.86
C PRO C 579 11.60 8.92 38.26
N GLN C 580 11.43 9.81 39.24
CA GLN C 580 11.37 9.48 40.66
C GLN C 580 12.73 9.03 41.17
N THR C 581 13.71 8.94 40.26
CA THR C 581 15.10 8.72 40.62
C THR C 581 16.07 9.59 39.86
N LEU C 582 15.70 10.10 38.68
CA LEU C 582 16.54 10.99 37.88
C LEU C 582 17.91 10.36 37.60
N GLU C 583 17.88 9.09 37.21
CA GLU C 583 19.09 8.31 36.99
C GLU C 583 19.31 8.08 35.50
N ILE C 584 20.57 8.13 35.08
CA ILE C 584 20.90 7.88 33.69
C ILE C 584 20.69 6.40 33.39
N LEU C 585 19.98 6.12 32.29
CA LEU C 585 19.70 4.75 31.90
C LEU C 585 19.74 4.63 30.38
N ASP C 586 20.00 3.41 29.91
CA ASP C 586 19.99 3.10 28.49
C ASP C 586 19.08 1.90 28.28
N ILE C 587 18.10 2.05 27.39
CA ILE C 587 17.16 0.94 27.08
C ILE C 587 17.81 0.15 25.96
N THR C 588 18.71 -0.74 26.35
CA THR C 588 19.25 -1.71 25.39
C THR C 588 18.19 -2.77 25.12
N PRO C 589 17.94 -3.12 23.86
CA PRO C 589 16.96 -4.17 23.57
C PRO C 589 17.40 -5.50 24.16
N CYS C 590 16.41 -6.31 24.54
CA CYS C 590 16.68 -7.62 25.10
C CYS C 590 17.52 -8.47 24.16
N SER C 591 18.09 -9.53 24.71
CA SER C 591 18.91 -10.44 23.93
C SER C 591 18.10 -11.06 22.79
N PHE C 592 18.38 -10.65 21.57
CA PHE C 592 17.72 -11.19 20.39
C PHE C 592 18.78 -11.74 19.45
N GLY C 593 18.51 -12.90 18.87
CA GLY C 593 19.46 -13.52 17.98
C GLY C 593 18.77 -14.41 16.96
N GLY C 594 19.16 -14.29 15.70
CA GLY C 594 18.55 -15.08 14.65
C GLY C 594 18.77 -16.56 14.82
N VAL C 595 17.70 -17.28 15.17
CA VAL C 595 17.80 -18.72 15.36
C VAL C 595 17.61 -19.42 14.02
N SER C 596 18.54 -20.30 13.68
CA SER C 596 18.48 -21.04 12.43
C SER C 596 18.52 -22.53 12.72
N VAL C 597 18.63 -23.35 11.68
CA VAL C 597 18.67 -24.80 11.85
C VAL C 597 19.72 -25.37 10.89
N ILE C 598 20.57 -26.26 11.41
CA ILE C 598 21.49 -27.00 10.56
C ILE C 598 21.03 -28.44 10.52
N THR C 599 20.19 -28.79 9.54
CA THR C 599 19.62 -30.12 9.47
C THR C 599 20.18 -30.89 8.28
N PRO C 600 20.41 -32.19 8.43
CA PRO C 600 20.94 -32.99 7.33
C PRO C 600 19.89 -33.60 6.41
N GLY C 601 18.62 -33.21 6.53
CA GLY C 601 17.60 -33.74 5.64
C GLY C 601 16.87 -34.94 6.21
N THR C 602 15.53 -34.91 6.16
CA THR C 602 14.73 -36.01 6.68
C THR C 602 14.98 -37.31 5.93
N ASN C 603 15.48 -37.24 4.70
CA ASN C 603 15.78 -38.46 3.95
C ASN C 603 16.85 -39.28 4.63
N THR C 604 17.88 -38.62 5.16
CA THR C 604 19.01 -39.31 5.78
C THR C 604 18.85 -39.44 7.29
N SER C 605 18.69 -38.31 7.99
CA SER C 605 18.70 -38.31 9.44
C SER C 605 17.58 -37.42 9.95
N ASN C 606 17.51 -37.30 11.28
CA ASN C 606 16.59 -36.40 11.94
C ASN C 606 17.24 -35.58 13.04
N GLN C 607 18.48 -35.87 13.40
CA GLN C 607 19.19 -35.07 14.40
C GLN C 607 19.40 -33.66 13.86
N VAL C 608 19.25 -32.67 14.73
CA VAL C 608 19.17 -31.27 14.33
C VAL C 608 20.21 -30.46 15.09
N ALA C 609 20.77 -29.45 14.43
CA ALA C 609 21.69 -28.50 15.03
C ALA C 609 21.08 -27.10 14.93
N VAL C 610 21.28 -26.30 15.96
CA VAL C 610 20.67 -24.97 16.04
C VAL C 610 21.75 -23.91 16.11
N LEU C 611 21.54 -22.82 15.38
CA LEU C 611 22.45 -21.69 15.34
C LEU C 611 21.84 -20.52 16.08
N TYR C 612 22.68 -19.78 16.81
CA TYR C 612 22.28 -18.55 17.48
C TYR C 612 23.15 -17.42 16.94
N GLN C 613 22.54 -16.56 16.13
CA GLN C 613 23.29 -15.55 15.33
C GLN C 613 23.76 -14.42 16.24
N ASP C 614 25.06 -14.43 16.54
CA ASP C 614 25.83 -13.31 17.11
C ASP C 614 25.40 -13.13 18.57
N VAL C 615 25.35 -14.22 19.32
CA VAL C 615 25.06 -14.12 20.79
C VAL C 615 26.25 -14.73 21.54
N ASN C 616 26.75 -14.05 22.58
CA ASN C 616 27.83 -14.64 23.42
C ASN C 616 27.26 -15.91 24.04
N CYS C 617 28.06 -16.98 24.12
CA CYS C 617 27.53 -18.29 24.58
C CYS C 617 26.88 -18.16 25.96
N THR C 618 27.40 -17.27 26.81
CA THR C 618 26.86 -17.07 28.19
C THR C 618 25.33 -17.02 28.15
N GLU C 619 24.78 -15.99 27.51
CA GLU C 619 23.34 -16.03 27.16
C GLU C 619 23.13 -17.16 26.16
N VAL C 620 22.45 -18.23 26.59
CA VAL C 620 22.04 -19.35 25.76
C VAL C 620 21.64 -18.88 24.36
N ASN C 641 25.84 -29.47 23.44
CA ASN C 641 27.12 -28.77 23.46
C ASN C 641 26.99 -27.40 22.80
N VAL C 642 28.07 -26.62 22.83
CA VAL C 642 28.12 -25.31 22.19
C VAL C 642 29.48 -25.16 21.50
N PHE C 643 29.52 -24.34 20.45
CA PHE C 643 30.77 -24.05 19.76
C PHE C 643 30.68 -22.61 19.24
N GLN C 644 31.50 -21.73 19.82
CA GLN C 644 31.42 -20.31 19.49
C GLN C 644 32.00 -20.04 18.11
N THR C 645 31.27 -19.27 17.30
CA THR C 645 31.73 -18.81 16.01
C THR C 645 31.70 -17.28 15.99
N ARG C 646 32.33 -16.72 14.95
CA ARG C 646 32.20 -15.28 14.74
C ARG C 646 30.77 -14.89 14.38
N ALA C 647 29.96 -15.86 13.93
CA ALA C 647 28.55 -15.61 13.67
C ALA C 647 27.66 -15.94 14.87
N GLY C 648 28.20 -16.55 15.92
CA GLY C 648 27.44 -16.87 17.11
C GLY C 648 27.65 -18.31 17.54
N CYS C 649 27.21 -18.57 18.78
CA CYS C 649 27.34 -19.90 19.36
C CYS C 649 26.37 -20.86 18.71
N LEU C 650 26.87 -22.03 18.33
CA LEU C 650 26.14 -23.02 17.55
C LEU C 650 25.97 -24.29 18.38
N ILE C 651 24.78 -24.48 18.95
CA ILE C 651 24.50 -25.66 19.75
C ILE C 651 24.15 -26.82 18.81
N GLY C 652 24.10 -28.02 19.38
CA GLY C 652 23.76 -29.21 18.62
C GLY C 652 24.85 -29.74 17.74
N ALA C 653 26.07 -29.22 17.83
CA ALA C 653 27.17 -29.69 17.01
C ALA C 653 28.48 -29.44 17.74
N GLU C 654 29.52 -30.11 17.28
CA GLU C 654 30.84 -30.02 17.90
C GLU C 654 31.89 -29.75 16.82
N HIS C 655 32.90 -28.98 17.18
CA HIS C 655 33.95 -28.63 16.24
C HIS C 655 34.77 -29.85 15.85
N VAL C 656 35.30 -29.82 14.63
CA VAL C 656 36.16 -30.87 14.12
C VAL C 656 37.46 -30.23 13.66
N ASN C 657 38.58 -30.67 14.23
CA ASN C 657 39.90 -30.14 13.88
C ASN C 657 40.40 -30.77 12.58
N ASN C 658 39.63 -30.53 11.51
CA ASN C 658 39.97 -31.06 10.19
C ASN C 658 39.37 -30.12 9.14
N SER C 659 39.35 -30.58 7.89
CA SER C 659 38.87 -29.76 6.78
C SER C 659 38.15 -30.68 5.79
N TYR C 660 36.82 -30.60 5.78
CA TYR C 660 35.99 -31.29 4.81
C TYR C 660 35.26 -30.28 3.95
N GLU C 661 34.96 -30.65 2.71
CA GLU C 661 34.27 -29.74 1.81
C GLU C 661 32.95 -29.28 2.43
N CYS C 662 32.67 -27.99 2.32
CA CYS C 662 31.55 -27.39 3.02
C CYS C 662 30.24 -27.99 2.56
N ASP C 663 29.47 -28.51 3.50
CA ASP C 663 28.16 -29.10 3.20
C ASP C 663 27.04 -28.07 3.38
N ILE C 664 26.90 -27.53 4.58
CA ILE C 664 25.92 -26.52 4.90
C ILE C 664 26.65 -25.27 5.38
N PRO C 665 26.74 -24.23 4.56
CA PRO C 665 27.36 -22.99 5.02
C PRO C 665 26.66 -22.44 6.26
N ILE C 666 27.38 -22.46 7.38
CA ILE C 666 26.79 -22.10 8.67
C ILE C 666 26.95 -20.62 8.95
N GLY C 667 28.11 -20.06 8.64
CA GLY C 667 28.34 -18.62 8.76
C GLY C 667 29.70 -18.27 9.33
N ALA C 668 30.23 -17.13 8.88
CA ALA C 668 31.47 -16.56 9.41
C ALA C 668 32.64 -17.55 9.30
N GLY C 669 32.64 -18.34 8.23
CA GLY C 669 33.74 -19.25 7.96
C GLY C 669 33.65 -20.60 8.60
N ILE C 670 32.65 -20.84 9.44
CA ILE C 670 32.41 -22.15 10.04
C ILE C 670 31.21 -22.76 9.36
N CYS C 671 31.31 -24.04 8.98
CA CYS C 671 30.20 -24.70 8.31
C CYS C 671 30.31 -26.21 8.50
N ALA C 672 29.17 -26.88 8.34
CA ALA C 672 29.08 -28.32 8.53
C ALA C 672 29.44 -29.06 7.25
N VAL C 684 25.92 -33.86 8.60
CA VAL C 684 26.14 -35.08 9.36
C VAL C 684 27.36 -35.82 8.81
N ALA C 685 28.11 -36.46 9.71
CA ALA C 685 29.27 -37.24 9.31
C ALA C 685 29.42 -38.41 10.27
N SER C 686 29.57 -39.61 9.72
CA SER C 686 29.68 -40.84 10.51
C SER C 686 28.52 -40.97 11.49
N GLN C 687 27.31 -40.68 11.00
CA GLN C 687 26.09 -40.69 11.82
C GLN C 687 26.22 -39.77 13.02
N SER C 688 26.77 -38.57 12.80
CA SER C 688 26.91 -37.57 13.85
C SER C 688 26.95 -36.19 13.22
N ILE C 689 26.29 -35.24 13.87
CA ILE C 689 26.24 -33.86 13.40
C ILE C 689 27.52 -33.15 13.84
N ILE C 690 28.19 -32.51 12.88
CA ILE C 690 29.43 -31.79 13.14
C ILE C 690 29.28 -30.36 12.69
N ALA C 691 30.25 -29.53 13.09
CA ALA C 691 30.32 -28.14 12.64
C ALA C 691 31.79 -27.70 12.78
N TYR C 692 32.51 -27.71 11.67
CA TYR C 692 33.95 -27.55 11.68
C TYR C 692 34.35 -26.28 10.95
N THR C 693 35.65 -25.97 11.00
CA THR C 693 36.18 -24.84 10.26
C THR C 693 36.17 -25.17 8.77
N MET C 694 35.55 -24.29 7.98
CA MET C 694 35.30 -24.59 6.57
C MET C 694 36.58 -24.92 5.84
N SER C 695 36.59 -26.03 5.12
CA SER C 695 37.72 -26.37 4.29
C SER C 695 37.76 -25.46 3.08
N LEU C 696 38.97 -25.16 2.63
CA LEU C 696 39.17 -24.33 1.45
C LEU C 696 39.87 -25.12 0.34
N GLY C 697 39.69 -26.43 0.31
CA GLY C 697 40.34 -27.26 -0.68
C GLY C 697 41.77 -27.65 -0.36
N ALA C 698 42.19 -27.44 0.89
CA ALA C 698 43.54 -27.77 1.36
C ALA C 698 44.61 -26.95 0.66
N GLU C 699 45.83 -26.99 1.17
CA GLU C 699 46.94 -26.18 0.67
C GLU C 699 47.76 -27.04 -0.29
N ASN C 700 47.57 -26.83 -1.58
CA ASN C 700 48.36 -27.56 -2.57
C ASN C 700 49.84 -27.21 -2.45
N SER C 701 50.14 -25.93 -2.20
CA SER C 701 51.51 -25.45 -2.01
C SER C 701 52.37 -25.77 -3.23
N VAL C 702 52.00 -25.15 -4.37
CA VAL C 702 52.74 -25.37 -5.60
C VAL C 702 54.18 -24.92 -5.43
N ALA C 703 55.10 -25.74 -5.94
CA ALA C 703 56.53 -25.53 -5.70
C ALA C 703 57.06 -24.52 -6.71
N TYR C 704 57.24 -23.28 -6.27
CA TYR C 704 57.84 -22.24 -7.08
C TYR C 704 59.36 -22.30 -7.02
N SER C 705 59.99 -21.91 -8.12
CA SER C 705 61.43 -21.73 -8.18
C SER C 705 61.76 -20.90 -9.41
N ASN C 706 63.01 -20.45 -9.50
CA ASN C 706 63.47 -19.72 -10.67
C ASN C 706 63.43 -20.59 -11.92
N ASN C 707 63.34 -21.92 -11.76
CA ASN C 707 63.31 -22.82 -12.90
C ASN C 707 62.29 -23.94 -12.73
N SER C 708 61.25 -23.73 -11.92
CA SER C 708 60.26 -24.75 -11.63
C SER C 708 59.15 -24.67 -12.67
N ILE C 709 59.05 -25.68 -13.51
CA ILE C 709 58.02 -25.75 -14.56
C ILE C 709 57.30 -27.09 -14.45
N ALA C 710 55.98 -27.04 -14.58
CA ALA C 710 55.14 -28.22 -14.66
C ALA C 710 54.45 -28.22 -16.02
N ILE C 711 54.87 -29.13 -16.89
CA ILE C 711 54.25 -29.30 -18.21
C ILE C 711 53.48 -30.61 -18.21
N PRO C 712 52.20 -30.60 -18.58
CA PRO C 712 51.41 -31.83 -18.50
C PRO C 712 51.79 -32.80 -19.61
N THR C 713 51.98 -34.06 -19.22
CA THR C 713 52.26 -35.13 -20.17
C THR C 713 51.01 -35.85 -20.62
N ASN C 714 49.85 -35.49 -20.08
CA ASN C 714 48.61 -36.17 -20.40
C ASN C 714 47.44 -35.23 -20.16
N PHE C 715 46.29 -35.57 -20.73
CA PHE C 715 45.11 -34.74 -20.63
C PHE C 715 43.89 -35.63 -20.55
N THR C 716 42.80 -35.06 -20.05
CA THR C 716 41.50 -35.71 -20.08
C THR C 716 40.55 -34.82 -20.89
N ILE C 717 39.97 -35.38 -21.94
CA ILE C 717 39.01 -34.64 -22.77
C ILE C 717 37.65 -34.87 -22.10
N SER C 718 37.39 -34.08 -21.07
CA SER C 718 36.20 -34.23 -20.26
C SER C 718 35.15 -33.24 -20.71
N VAL C 719 33.89 -33.67 -20.69
CA VAL C 719 32.77 -32.80 -21.01
C VAL C 719 32.11 -32.38 -19.71
N THR C 720 31.83 -31.08 -19.59
CA THR C 720 31.23 -30.50 -18.42
C THR C 720 29.91 -29.86 -18.80
N THR C 721 28.89 -30.09 -18.00
CA THR C 721 27.56 -29.57 -18.28
C THR C 721 27.26 -28.45 -17.30
N GLU C 722 27.44 -27.21 -17.75
CA GLU C 722 26.95 -26.05 -17.00
C GLU C 722 25.59 -25.71 -17.63
N ILE C 723 24.54 -25.90 -16.85
CA ILE C 723 23.18 -25.76 -17.35
C ILE C 723 22.74 -24.32 -17.20
N LEU C 724 22.11 -23.77 -18.23
CA LEU C 724 21.65 -22.40 -18.21
C LEU C 724 20.17 -22.33 -18.58
N PRO C 725 19.41 -21.46 -17.92
CA PRO C 725 18.06 -21.16 -18.40
C PRO C 725 18.10 -20.15 -19.53
N VAL C 726 17.17 -20.30 -20.48
CA VAL C 726 16.99 -19.34 -21.55
C VAL C 726 15.59 -18.73 -21.53
N SER C 727 14.58 -19.52 -21.22
CA SER C 727 13.21 -19.03 -21.13
C SER C 727 12.56 -19.56 -19.86
N MET C 728 11.36 -19.08 -19.61
CA MET C 728 10.54 -19.53 -18.50
C MET C 728 9.14 -19.81 -19.02
N THR C 729 8.27 -20.26 -18.13
CA THR C 729 6.88 -20.50 -18.50
C THR C 729 6.19 -19.17 -18.73
N LYS C 730 5.79 -18.90 -19.97
CA LYS C 730 5.03 -17.69 -20.26
C LYS C 730 3.71 -17.73 -19.51
N THR C 731 3.35 -16.62 -18.86
CA THR C 731 2.15 -16.57 -18.06
C THR C 731 1.07 -15.67 -18.68
N SER C 732 1.38 -14.39 -18.87
CA SER C 732 0.43 -13.43 -19.45
C SER C 732 -0.95 -13.56 -18.82
N VAL C 733 -0.98 -13.52 -17.48
CA VAL C 733 -2.21 -13.77 -16.74
C VAL C 733 -3.21 -12.66 -17.03
N ASP C 734 -4.49 -13.03 -17.12
CA ASP C 734 -5.56 -12.07 -17.38
C ASP C 734 -5.84 -11.29 -16.10
N CYS C 735 -5.24 -10.11 -15.99
CA CYS C 735 -5.31 -9.36 -14.74
C CYS C 735 -6.74 -8.96 -14.41
N THR C 736 -7.51 -8.52 -15.42
CA THR C 736 -8.90 -8.17 -15.17
C THR C 736 -9.73 -9.38 -14.77
N MET C 737 -9.28 -10.59 -15.11
CA MET C 737 -9.93 -11.81 -14.64
C MET C 737 -9.30 -12.35 -13.36
N TYR C 738 -7.98 -12.21 -13.22
CA TYR C 738 -7.32 -12.66 -12.00
C TYR C 738 -7.83 -11.89 -10.80
N ILE C 739 -7.63 -10.56 -10.81
CA ILE C 739 -8.01 -9.76 -9.64
C ILE C 739 -9.52 -9.75 -9.46
N CYS C 740 -10.27 -9.64 -10.55
CA CYS C 740 -11.72 -9.63 -10.52
C CYS C 740 -12.23 -10.90 -11.20
N GLY C 741 -12.81 -11.80 -10.42
CA GLY C 741 -13.27 -13.06 -10.96
C GLY C 741 -14.54 -12.96 -11.77
N ASP C 742 -14.47 -12.27 -12.90
CA ASP C 742 -15.59 -12.06 -13.81
C ASP C 742 -16.75 -11.33 -13.14
N SER C 743 -16.49 -10.61 -12.05
CA SER C 743 -17.53 -9.85 -11.37
C SER C 743 -17.70 -8.51 -12.06
N THR C 744 -18.95 -8.17 -12.38
CA THR C 744 -19.22 -6.90 -13.06
C THR C 744 -18.86 -5.72 -12.16
N GLU C 745 -19.12 -5.84 -10.86
CA GLU C 745 -18.81 -4.76 -9.93
C GLU C 745 -17.31 -4.51 -9.84
N CYS C 746 -16.52 -5.58 -9.80
CA CYS C 746 -15.08 -5.43 -9.60
C CYS C 746 -14.42 -4.81 -10.82
N SER C 747 -14.95 -5.10 -12.00
CA SER C 747 -14.33 -4.60 -13.23
C SER C 747 -14.34 -3.07 -13.28
N ASN C 748 -15.46 -2.46 -12.90
CA ASN C 748 -15.53 -1.00 -12.90
C ASN C 748 -14.57 -0.39 -11.90
N LEU C 749 -14.54 -0.91 -10.68
CA LEU C 749 -13.65 -0.39 -9.64
C LEU C 749 -12.20 -0.71 -9.91
N LEU C 750 -11.90 -1.56 -10.90
CA LEU C 750 -10.53 -1.83 -11.30
C LEU C 750 -10.11 -0.95 -12.48
N LEU C 751 -10.98 -0.75 -13.46
CA LEU C 751 -10.68 0.21 -14.52
C LEU C 751 -10.70 1.64 -14.00
N GLN C 752 -11.29 1.87 -12.83
CA GLN C 752 -11.18 3.18 -12.19
C GLN C 752 -9.73 3.49 -11.80
N TYR C 753 -8.92 2.45 -11.58
CA TYR C 753 -7.54 2.65 -11.18
C TYR C 753 -6.65 3.18 -12.29
N GLY C 754 -7.18 3.30 -13.52
CA GLY C 754 -6.44 3.97 -14.58
C GLY C 754 -5.39 3.13 -15.26
N SER C 755 -5.82 2.08 -15.94
CA SER C 755 -4.94 1.30 -16.82
C SER C 755 -3.79 0.66 -16.07
N PHE C 756 -3.98 0.31 -14.80
CA PHE C 756 -3.00 -0.52 -14.12
C PHE C 756 -2.88 -1.87 -14.81
N CYS C 757 -4.01 -2.56 -14.98
CA CYS C 757 -4.00 -3.84 -15.66
C CYS C 757 -3.56 -3.73 -17.11
N THR C 758 -3.72 -2.57 -17.74
CA THR C 758 -3.15 -2.38 -19.07
C THR C 758 -1.63 -2.47 -19.04
N GLN C 759 -1.00 -1.79 -18.07
CA GLN C 759 0.45 -1.90 -17.92
C GLN C 759 0.86 -3.32 -17.54
N LEU C 760 0.09 -3.96 -16.66
CA LEU C 760 0.40 -5.34 -16.29
C LEU C 760 0.36 -6.27 -17.49
N ASN C 761 -0.70 -6.21 -18.29
CA ASN C 761 -0.79 -7.05 -19.47
C ASN C 761 0.30 -6.72 -20.47
N ARG C 762 0.61 -5.43 -20.65
CA ARG C 762 1.66 -5.06 -21.58
C ARG C 762 3.01 -5.60 -21.15
N ALA C 763 3.32 -5.49 -19.84
CA ALA C 763 4.59 -6.01 -19.34
C ALA C 763 4.65 -7.53 -19.46
N LEU C 764 3.54 -8.21 -19.16
CA LEU C 764 3.54 -9.67 -19.21
C LEU C 764 3.66 -10.17 -20.64
N THR C 765 2.96 -9.54 -21.58
CA THR C 765 3.10 -9.97 -22.97
C THR C 765 4.44 -9.57 -23.53
N GLY C 766 5.03 -8.47 -23.04
CA GLY C 766 6.36 -8.11 -23.45
C GLY C 766 7.40 -9.11 -22.98
N ILE C 767 7.28 -9.57 -21.73
CA ILE C 767 8.24 -10.57 -21.26
C ILE C 767 7.95 -11.92 -21.87
N ALA C 768 6.71 -12.19 -22.28
CA ALA C 768 6.42 -13.43 -22.99
C ALA C 768 7.05 -13.43 -24.38
N VAL C 769 6.85 -12.35 -25.12
CA VAL C 769 7.55 -12.18 -26.40
C VAL C 769 9.05 -12.18 -26.16
N GLU C 770 9.49 -11.74 -24.98
CA GLU C 770 10.90 -11.81 -24.64
C GLU C 770 11.35 -13.26 -24.47
N GLN C 771 10.52 -14.12 -23.87
CA GLN C 771 10.87 -15.54 -23.80
C GLN C 771 10.98 -16.14 -25.20
N ASP C 772 10.03 -15.80 -26.08
CA ASP C 772 10.11 -16.27 -27.46
C ASP C 772 11.37 -15.76 -28.14
N LYS C 773 11.71 -14.49 -27.88
CA LYS C 773 12.91 -13.90 -28.47
C LYS C 773 14.17 -14.55 -27.94
N ASN C 774 14.22 -14.86 -26.65
CA ASN C 774 15.37 -15.58 -26.09
C ASN C 774 15.50 -16.96 -26.73
N THR C 775 14.39 -17.67 -26.86
CA THR C 775 14.43 -18.99 -27.45
C THR C 775 14.93 -18.93 -28.89
N GLN C 776 14.45 -17.95 -29.66
CA GLN C 776 14.92 -17.79 -31.03
C GLN C 776 16.38 -17.36 -31.07
N GLU C 777 16.79 -16.48 -30.16
CA GLU C 777 18.16 -15.98 -30.17
C GLU C 777 19.14 -17.07 -29.79
N VAL C 778 18.74 -18.01 -28.94
CA VAL C 778 19.64 -19.08 -28.53
C VAL C 778 19.61 -20.25 -29.51
N PHE C 779 18.42 -20.68 -29.97
CA PHE C 779 18.33 -21.86 -30.80
C PHE C 779 18.34 -21.57 -32.28
N ALA C 780 17.86 -20.40 -32.72
CA ALA C 780 17.72 -20.08 -34.14
C ALA C 780 18.86 -19.21 -34.63
N GLN C 781 20.09 -19.43 -34.15
CA GLN C 781 21.23 -18.71 -34.68
C GLN C 781 21.45 -18.99 -36.16
N VAL C 782 20.88 -20.08 -36.69
CA VAL C 782 21.03 -20.46 -38.08
C VAL C 782 19.65 -20.50 -38.73
N LYS C 783 19.57 -20.03 -39.98
CA LYS C 783 18.31 -20.02 -40.69
C LYS C 783 17.95 -21.42 -41.21
N GLN C 784 18.84 -22.00 -42.02
CA GLN C 784 18.60 -23.33 -42.56
C GLN C 784 18.63 -24.38 -41.46
N ILE C 785 17.71 -25.33 -41.54
CA ILE C 785 17.65 -26.46 -40.62
C ILE C 785 18.38 -27.64 -41.25
N TYR C 786 19.34 -28.19 -40.53
CA TYR C 786 20.20 -29.25 -41.05
C TYR C 786 19.74 -30.59 -40.52
N LYS C 787 19.58 -31.55 -41.42
CA LYS C 787 19.27 -32.92 -41.03
C LYS C 787 20.57 -33.71 -40.92
N THR C 788 20.73 -34.40 -39.80
CA THR C 788 21.95 -35.17 -39.58
C THR C 788 22.05 -36.29 -40.63
N PRO C 789 23.26 -36.62 -41.07
CA PRO C 789 23.40 -37.65 -42.09
C PRO C 789 22.84 -38.97 -41.59
N PRO C 790 22.24 -39.76 -42.48
CA PRO C 790 21.74 -41.09 -42.07
C PRO C 790 22.82 -42.01 -41.54
N ILE C 791 24.04 -41.90 -42.08
CA ILE C 791 25.17 -42.74 -41.65
C ILE C 791 26.11 -41.87 -40.84
N LYS C 792 26.27 -42.23 -39.56
CA LYS C 792 27.08 -41.44 -38.63
C LYS C 792 28.45 -42.09 -38.46
N ASP C 793 29.30 -41.88 -39.48
CA ASP C 793 30.67 -42.38 -39.46
C ASP C 793 31.63 -41.30 -38.97
N PHE C 794 31.36 -40.82 -37.76
CA PHE C 794 32.10 -39.69 -37.19
C PHE C 794 33.37 -40.12 -36.48
N GLY C 795 34.22 -40.88 -37.16
CA GLY C 795 35.53 -41.23 -36.64
C GLY C 795 35.52 -41.90 -35.28
N GLY C 796 34.43 -42.61 -34.96
CA GLY C 796 34.29 -43.25 -33.67
C GLY C 796 33.59 -42.42 -32.63
N PHE C 797 33.27 -41.16 -32.92
CA PHE C 797 32.53 -40.29 -32.01
C PHE C 797 31.05 -40.61 -32.11
N ASN C 798 30.54 -41.36 -31.13
CA ASN C 798 29.09 -41.44 -30.98
C ASN C 798 28.49 -40.08 -30.69
N PHE C 799 27.41 -39.77 -31.41
CA PHE C 799 26.48 -38.74 -31.01
C PHE C 799 25.08 -39.31 -30.85
N SER C 800 24.95 -40.64 -30.83
CA SER C 800 23.64 -41.28 -30.69
C SER C 800 22.94 -40.84 -29.42
N GLN C 801 23.71 -40.56 -28.36
CA GLN C 801 23.10 -40.00 -27.15
C GLN C 801 22.54 -38.61 -27.40
N ILE C 802 23.23 -37.79 -28.20
CA ILE C 802 22.83 -36.40 -28.40
C ILE C 802 22.12 -36.16 -29.73
N LEU C 803 22.39 -36.97 -30.77
CA LEU C 803 21.64 -36.84 -32.00
C LEU C 803 20.23 -37.37 -31.82
N PRO C 804 19.28 -36.91 -32.64
CA PRO C 804 17.88 -37.31 -32.44
C PRO C 804 17.69 -38.82 -32.50
N ASP C 805 16.74 -39.31 -31.70
CA ASP C 805 16.50 -40.75 -31.58
C ASP C 805 15.43 -41.16 -32.59
N PRO C 806 15.77 -41.94 -33.62
CA PRO C 806 14.73 -42.38 -34.57
C PRO C 806 13.65 -43.23 -33.94
N SER C 807 14.00 -44.05 -32.95
CA SER C 807 13.00 -44.93 -32.32
C SER C 807 11.94 -44.11 -31.59
N LYS C 808 12.37 -43.08 -30.86
CA LYS C 808 11.41 -42.21 -30.18
C LYS C 808 10.58 -41.46 -31.21
N PRO C 809 9.26 -41.35 -31.01
CA PRO C 809 8.43 -40.65 -32.01
C PRO C 809 8.85 -39.21 -32.23
N SER C 810 9.35 -38.52 -31.20
CA SER C 810 9.83 -37.17 -31.34
C SER C 810 11.30 -37.18 -31.77
N LYS C 811 11.85 -35.99 -31.97
CA LYS C 811 13.26 -35.83 -32.30
C LYS C 811 14.15 -35.75 -31.08
N ARG C 812 13.59 -35.90 -29.89
CA ARG C 812 14.39 -35.81 -28.67
C ARG C 812 15.44 -36.91 -28.65
N SER C 813 16.68 -36.52 -28.34
CA SER C 813 17.77 -37.47 -28.26
C SER C 813 17.65 -38.28 -26.96
N PRO C 814 18.31 -39.43 -26.90
CA PRO C 814 18.32 -40.20 -25.64
C PRO C 814 18.78 -39.37 -24.45
N ILE C 815 19.81 -38.55 -24.61
CA ILE C 815 20.18 -37.65 -23.54
C ILE C 815 19.12 -36.57 -23.35
N GLU C 816 18.51 -36.11 -24.44
CA GLU C 816 17.41 -35.16 -24.32
C GLU C 816 16.21 -35.80 -23.63
N ASP C 817 15.94 -37.08 -23.94
CA ASP C 817 14.85 -37.78 -23.28
C ASP C 817 15.13 -37.94 -21.79
N LEU C 818 16.38 -38.25 -21.45
CA LEU C 818 16.78 -38.31 -20.04
C LEU C 818 16.58 -36.96 -19.36
N LEU C 819 17.00 -35.89 -20.02
CA LEU C 819 16.79 -34.55 -19.49
C LEU C 819 15.30 -34.30 -19.25
N PHE C 820 14.48 -34.59 -20.26
CA PHE C 820 13.05 -34.31 -20.17
C PHE C 820 12.39 -35.10 -19.05
N ASN C 821 12.77 -36.36 -18.89
CA ASN C 821 12.23 -37.16 -17.80
C ASN C 821 12.64 -36.58 -16.45
N LYS C 822 13.92 -36.21 -16.30
CA LYS C 822 14.45 -35.96 -14.97
C LYS C 822 14.21 -34.53 -14.50
N VAL C 823 14.03 -33.59 -15.44
CA VAL C 823 13.56 -32.26 -15.05
C VAL C 823 12.10 -32.32 -14.61
N THR C 824 11.31 -33.16 -15.27
CA THR C 824 9.90 -33.33 -14.95
C THR C 824 9.73 -33.86 -13.52
N GLN C 850 -1.58 -26.63 -14.21
CA GLN C 850 -2.99 -26.41 -13.87
C GLN C 850 -3.47 -25.06 -14.41
N LYS C 851 -4.78 -24.93 -14.57
CA LYS C 851 -5.39 -23.67 -14.99
C LYS C 851 -6.35 -23.20 -13.92
N PHE C 852 -6.21 -21.94 -13.52
CA PHE C 852 -6.95 -21.35 -12.42
C PHE C 852 -7.65 -20.08 -12.89
N ASN C 853 -8.15 -19.30 -11.94
CA ASN C 853 -8.74 -18.01 -12.26
C ASN C 853 -7.68 -17.05 -12.79
N GLY C 854 -7.89 -16.58 -14.01
CA GLY C 854 -6.98 -15.61 -14.60
C GLY C 854 -5.67 -16.20 -15.08
N LEU C 855 -5.03 -16.98 -14.22
CA LEU C 855 -3.73 -17.57 -14.57
C LEU C 855 -3.86 -18.45 -15.81
N THR C 856 -2.87 -18.34 -16.69
CA THR C 856 -2.82 -19.16 -17.88
C THR C 856 -1.37 -19.31 -18.30
N VAL C 857 -1.12 -20.28 -19.18
CA VAL C 857 0.21 -20.54 -19.69
C VAL C 857 0.13 -20.48 -21.21
N LEU C 858 0.75 -19.46 -21.79
CA LEU C 858 0.82 -19.37 -23.24
C LEU C 858 1.88 -20.33 -23.75
N PRO C 859 1.53 -21.25 -24.64
CA PRO C 859 2.53 -22.16 -25.19
C PRO C 859 3.57 -21.38 -25.97
N PRO C 860 4.83 -21.82 -25.94
CA PRO C 860 5.87 -21.14 -26.71
C PRO C 860 5.58 -21.25 -28.20
N LEU C 861 6.02 -20.24 -28.95
CA LEU C 861 5.87 -20.30 -30.40
C LEU C 861 6.58 -21.52 -30.96
N LEU C 862 7.81 -21.76 -30.51
CA LEU C 862 8.54 -22.97 -30.85
C LEU C 862 8.14 -24.06 -29.87
N THR C 863 7.44 -25.08 -30.34
CA THR C 863 7.01 -26.15 -29.45
C THR C 863 8.21 -26.95 -28.96
N ASP C 864 7.94 -27.85 -28.01
CA ASP C 864 9.01 -28.69 -27.47
C ASP C 864 9.65 -29.52 -28.57
N GLU C 865 8.85 -30.06 -29.49
CA GLU C 865 9.44 -30.74 -30.65
C GLU C 865 10.06 -29.73 -31.60
N MET C 866 9.53 -28.51 -31.69
CA MET C 866 10.13 -27.49 -32.54
C MET C 866 11.43 -26.96 -31.93
N ILE C 867 11.45 -26.75 -30.62
CA ILE C 867 12.68 -26.37 -29.95
C ILE C 867 13.72 -27.49 -30.10
N ALA C 868 13.28 -28.74 -29.95
CA ALA C 868 14.17 -29.87 -30.20
C ALA C 868 14.62 -29.92 -31.64
N GLN C 869 13.81 -29.41 -32.57
CA GLN C 869 14.20 -29.41 -33.98
C GLN C 869 15.30 -28.38 -34.23
N TYR C 870 15.16 -27.17 -33.68
CA TYR C 870 16.29 -26.24 -33.70
C TYR C 870 17.52 -26.83 -33.02
N THR C 871 17.34 -27.52 -31.89
CA THR C 871 18.48 -28.10 -31.19
C THR C 871 19.18 -29.15 -32.05
N SER C 872 18.40 -30.01 -32.71
CA SER C 872 18.96 -31.01 -33.60
C SER C 872 19.65 -30.37 -34.80
N ALA C 873 19.07 -29.30 -35.33
CA ALA C 873 19.71 -28.57 -36.42
C ALA C 873 21.05 -28.00 -35.98
N LEU C 874 21.09 -27.42 -34.78
CA LEU C 874 22.35 -26.86 -34.26
C LEU C 874 23.38 -27.95 -34.06
N LEU C 875 22.97 -29.09 -33.51
CA LEU C 875 23.91 -30.20 -33.31
C LEU C 875 24.42 -30.72 -34.64
N ALA C 876 23.53 -30.86 -35.63
CA ALA C 876 23.93 -31.35 -36.94
C ALA C 876 24.89 -30.37 -37.61
N GLY C 877 24.62 -29.08 -37.49
CA GLY C 877 25.54 -28.09 -38.02
C GLY C 877 26.88 -28.10 -37.31
N THR C 878 26.87 -28.36 -36.01
CA THR C 878 28.12 -28.39 -35.25
C THR C 878 28.95 -29.61 -35.60
N ILE C 879 28.31 -30.74 -35.89
CA ILE C 879 29.05 -31.97 -36.15
C ILE C 879 29.34 -32.18 -37.63
N THR C 880 28.64 -31.48 -38.51
CA THR C 880 28.83 -31.62 -39.95
C THR C 880 29.39 -30.37 -40.61
N SER C 881 28.83 -29.20 -40.29
CA SER C 881 29.37 -27.94 -40.78
C SER C 881 30.30 -27.28 -39.78
N GLY C 882 30.21 -27.64 -38.50
CA GLY C 882 31.14 -27.15 -37.49
C GLY C 882 30.82 -25.76 -36.99
N TRP C 883 31.70 -24.81 -37.30
CA TRP C 883 31.55 -23.43 -36.85
C TRP C 883 31.31 -22.45 -37.98
N THR C 884 31.45 -22.89 -39.23
CA THR C 884 31.30 -21.96 -40.35
C THR C 884 29.84 -21.60 -40.59
N PHE C 885 28.91 -22.47 -40.19
CA PHE C 885 27.51 -22.20 -40.46
C PHE C 885 26.95 -21.06 -39.63
N GLY C 886 27.70 -20.58 -38.65
CA GLY C 886 27.28 -19.40 -37.91
C GLY C 886 27.62 -18.08 -38.56
N ALA C 887 28.54 -18.09 -39.53
CA ALA C 887 28.93 -16.87 -40.24
C ALA C 887 28.15 -16.71 -41.54
N GLY C 888 28.27 -17.66 -42.45
CA GLY C 888 27.57 -17.61 -43.72
C GLY C 888 26.99 -18.95 -44.11
N PRO C 889 27.29 -19.40 -45.32
CA PRO C 889 26.87 -20.74 -45.72
C PRO C 889 27.58 -21.81 -44.94
N ALA C 890 26.87 -22.90 -44.67
CA ALA C 890 27.46 -24.03 -43.97
C ALA C 890 28.52 -24.68 -44.85
N LEU C 891 29.64 -25.06 -44.23
CA LEU C 891 30.74 -25.70 -44.94
C LEU C 891 30.91 -27.11 -44.39
N GLN C 892 30.81 -28.10 -45.26
CA GLN C 892 30.98 -29.49 -44.86
C GLN C 892 32.34 -29.70 -44.21
N ILE C 893 32.35 -30.05 -42.94
CA ILE C 893 33.59 -30.31 -42.21
C ILE C 893 33.49 -31.71 -41.59
N PRO C 894 34.43 -32.61 -41.89
CA PRO C 894 34.48 -33.87 -41.16
C PRO C 894 34.77 -33.60 -39.68
N PHE C 895 34.17 -34.42 -38.82
CA PHE C 895 34.33 -34.20 -37.38
C PHE C 895 35.78 -34.26 -36.92
N PRO C 896 36.62 -35.21 -37.35
CA PRO C 896 38.04 -35.12 -36.98
C PRO C 896 38.68 -33.81 -37.40
N MET C 897 38.32 -33.29 -38.58
CA MET C 897 38.88 -32.00 -38.99
C MET C 897 38.44 -30.88 -38.07
N GLN C 898 37.16 -30.85 -37.69
CA GLN C 898 36.68 -29.80 -36.81
C GLN C 898 37.34 -29.89 -35.44
N MET C 899 37.52 -31.10 -34.93
CA MET C 899 38.18 -31.25 -33.64
C MET C 899 39.66 -30.89 -33.72
N ALA C 900 40.31 -31.16 -34.85
CA ALA C 900 41.68 -30.71 -35.04
C ALA C 900 41.75 -29.19 -35.03
N TYR C 901 40.80 -28.53 -35.69
CA TYR C 901 40.74 -27.07 -35.68
C TYR C 901 40.50 -26.54 -34.28
N ARG C 902 39.66 -27.22 -33.51
CA ARG C 902 39.35 -26.74 -32.15
C ARG C 902 40.51 -26.99 -31.19
N PHE C 903 41.34 -28.01 -31.43
CA PHE C 903 42.63 -28.06 -30.74
C PHE C 903 43.52 -26.91 -31.15
N ASN C 904 43.67 -26.68 -32.46
CA ASN C 904 44.54 -25.61 -32.95
C ASN C 904 44.13 -24.26 -32.41
N GLY C 905 42.85 -24.09 -32.06
CA GLY C 905 42.36 -22.85 -31.52
C GLY C 905 42.57 -22.62 -30.04
N ILE C 906 43.19 -23.54 -29.32
CA ILE C 906 43.46 -23.34 -27.89
C ILE C 906 44.93 -23.57 -27.58
N GLY C 907 45.80 -23.34 -28.56
CA GLY C 907 47.22 -23.43 -28.29
C GLY C 907 47.77 -24.83 -28.15
N VAL C 908 47.01 -25.85 -28.54
CA VAL C 908 47.51 -27.22 -28.59
C VAL C 908 47.44 -27.70 -30.04
N THR C 909 48.54 -28.30 -30.48
CA THR C 909 48.69 -28.63 -31.90
C THR C 909 47.69 -29.72 -32.31
N GLN C 910 47.29 -29.68 -33.57
CA GLN C 910 46.28 -30.60 -34.10
C GLN C 910 46.70 -32.06 -34.03
N ASN C 911 48.00 -32.34 -34.12
CA ASN C 911 48.47 -33.72 -34.15
C ASN C 911 48.04 -34.50 -32.92
N VAL C 912 47.83 -33.81 -31.80
CA VAL C 912 47.37 -34.47 -30.58
C VAL C 912 46.07 -35.22 -30.84
N LEU C 913 45.17 -34.62 -31.62
CA LEU C 913 43.92 -35.30 -31.95
C LEU C 913 44.16 -36.59 -32.72
N TYR C 914 44.69 -36.48 -33.94
CA TYR C 914 44.73 -37.63 -34.83
C TYR C 914 45.66 -38.71 -34.32
N GLU C 915 46.67 -38.36 -33.53
CA GLU C 915 47.50 -39.37 -32.89
C GLU C 915 46.85 -39.94 -31.63
N ASN C 916 45.75 -39.35 -31.17
CA ASN C 916 44.97 -39.87 -30.05
C ASN C 916 43.50 -39.98 -30.40
N GLN C 917 43.20 -40.22 -31.69
CA GLN C 917 41.81 -40.19 -32.15
C GLN C 917 40.97 -41.25 -31.45
N LYS C 918 41.47 -42.48 -31.37
CA LYS C 918 40.74 -43.52 -30.65
C LYS C 918 40.63 -43.18 -29.17
N LEU C 919 41.73 -42.73 -28.57
CA LEU C 919 41.72 -42.40 -27.15
C LEU C 919 40.76 -41.26 -26.85
N ILE C 920 40.80 -40.20 -27.67
CA ILE C 920 39.89 -39.08 -27.43
C ILE C 920 38.45 -39.49 -27.68
N ALA C 921 38.20 -40.34 -28.68
CA ALA C 921 36.84 -40.80 -28.92
C ALA C 921 36.31 -41.59 -27.72
N ASN C 922 37.14 -42.50 -27.19
CA ASN C 922 36.73 -43.28 -26.03
C ASN C 922 36.52 -42.38 -24.82
N GLN C 923 37.39 -41.38 -24.64
CA GLN C 923 37.22 -40.44 -23.53
C GLN C 923 35.92 -39.65 -23.67
N PHE C 924 35.62 -39.20 -24.88
CA PHE C 924 34.38 -38.47 -25.13
C PHE C 924 33.17 -39.32 -24.82
N ASN C 925 33.18 -40.59 -25.27
CA ASN C 925 32.01 -41.44 -25.07
C ASN C 925 31.87 -41.86 -23.61
N SER C 926 32.99 -42.17 -22.94
CA SER C 926 32.92 -42.45 -21.52
C SER C 926 32.41 -41.23 -20.76
N ALA C 927 32.85 -40.04 -21.17
CA ALA C 927 32.38 -38.82 -20.53
C ALA C 927 30.88 -38.61 -20.72
N ILE C 928 30.38 -38.88 -21.92
CA ILE C 928 28.95 -38.69 -22.15
C ILE C 928 28.13 -39.73 -21.39
N GLY C 929 28.63 -40.97 -21.30
CA GLY C 929 27.97 -41.95 -20.47
C GLY C 929 27.97 -41.53 -19.01
N LYS C 930 29.07 -40.94 -18.54
CA LYS C 930 29.13 -40.44 -17.18
C LYS C 930 28.19 -39.27 -16.97
N ILE C 931 28.01 -38.43 -17.99
CA ILE C 931 27.02 -37.35 -17.90
C ILE C 931 25.62 -37.93 -17.74
N GLN C 932 25.30 -38.94 -18.54
CA GLN C 932 23.98 -39.58 -18.41
C GLN C 932 23.80 -40.17 -17.02
N ASP C 933 24.82 -40.86 -16.51
CA ASP C 933 24.71 -41.49 -15.21
C ASP C 933 24.58 -40.45 -14.09
N SER C 934 25.38 -39.38 -14.15
CA SER C 934 25.33 -38.34 -13.14
C SER C 934 23.99 -37.63 -13.14
N LEU C 935 23.45 -37.35 -14.33
CA LEU C 935 22.13 -36.76 -14.43
C LEU C 935 21.06 -37.73 -13.94
N SER C 936 21.31 -39.03 -14.05
CA SER C 936 20.34 -40.03 -13.64
C SER C 936 20.44 -40.42 -12.17
N SER C 937 21.49 -40.01 -11.48
CA SER C 937 21.67 -40.36 -10.07
C SER C 937 21.27 -39.23 -9.13
N THR C 938 21.84 -38.04 -9.32
CA THR C 938 21.60 -36.93 -8.42
C THR C 938 20.88 -35.80 -9.12
N PRO C 939 19.89 -35.17 -8.45
CA PRO C 939 19.28 -33.97 -9.03
C PRO C 939 20.22 -32.77 -9.10
N SER C 940 21.30 -32.77 -8.31
CA SER C 940 22.20 -31.63 -8.28
C SER C 940 22.87 -31.40 -9.62
N ALA C 941 22.94 -32.45 -10.46
CA ALA C 941 23.56 -32.29 -11.77
C ALA C 941 22.74 -31.37 -12.67
N LEU C 942 21.42 -31.58 -12.73
CA LEU C 942 20.54 -30.76 -13.54
C LEU C 942 19.68 -29.85 -12.65
N GLY C 943 20.24 -29.45 -11.51
CA GLY C 943 19.49 -28.64 -10.57
C GLY C 943 19.16 -27.24 -11.05
N LYS C 944 19.82 -26.76 -12.10
CA LYS C 944 19.67 -25.36 -12.50
C LYS C 944 18.26 -25.06 -13.01
N LEU C 945 17.86 -25.72 -14.10
CA LEU C 945 16.50 -25.52 -14.60
C LEU C 945 15.45 -26.01 -13.61
N GLN C 946 15.78 -27.04 -12.82
CA GLN C 946 14.85 -27.45 -11.79
C GLN C 946 14.59 -26.33 -10.80
N ASP C 947 15.65 -25.62 -10.41
CA ASP C 947 15.50 -24.49 -9.48
C ASP C 947 14.73 -23.35 -10.14
N VAL C 948 15.00 -23.05 -11.41
CA VAL C 948 14.29 -21.92 -12.02
C VAL C 948 12.82 -22.25 -12.23
N VAL C 949 12.52 -23.50 -12.61
CA VAL C 949 11.13 -23.92 -12.78
C VAL C 949 10.42 -23.94 -11.43
N ASN C 950 11.12 -24.38 -10.39
CA ASN C 950 10.54 -24.34 -9.04
C ASN C 950 10.33 -22.90 -8.58
N GLN C 951 11.22 -21.99 -8.97
CA GLN C 951 11.03 -20.58 -8.64
C GLN C 951 9.77 -20.04 -9.32
N ASN C 952 9.60 -20.35 -10.61
CA ASN C 952 8.41 -19.89 -11.32
C ASN C 952 7.15 -20.50 -10.74
N ALA C 953 7.18 -21.79 -10.42
CA ALA C 953 6.02 -22.45 -9.83
C ALA C 953 5.72 -21.91 -8.45
N GLN C 954 6.75 -21.61 -7.67
CA GLN C 954 6.55 -21.00 -6.36
C GLN C 954 5.94 -19.62 -6.48
N ALA C 955 6.40 -18.84 -7.46
CA ALA C 955 5.80 -17.52 -7.70
C ALA C 955 4.34 -17.66 -8.08
N LEU C 956 4.01 -18.62 -8.96
CA LEU C 956 2.62 -18.82 -9.34
C LEU C 956 1.78 -19.29 -8.16
N ASN C 957 2.33 -20.20 -7.34
CA ASN C 957 1.59 -20.72 -6.19
C ASN C 957 1.35 -19.64 -5.15
N THR C 958 2.35 -18.79 -4.87
CA THR C 958 2.09 -17.71 -3.93
C THR C 958 1.15 -16.68 -4.52
N LEU C 959 1.21 -16.46 -5.84
CA LEU C 959 0.27 -15.55 -6.48
C LEU C 959 -1.17 -16.05 -6.35
N VAL C 960 -1.38 -17.35 -6.56
CA VAL C 960 -2.73 -17.89 -6.45
C VAL C 960 -3.14 -18.07 -4.99
N LYS C 961 -2.18 -18.22 -4.07
CA LYS C 961 -2.51 -18.26 -2.65
C LYS C 961 -2.88 -16.88 -2.14
N GLN C 962 -2.39 -15.82 -2.79
CA GLN C 962 -2.83 -14.48 -2.44
C GLN C 962 -4.34 -14.34 -2.59
N LEU C 963 -4.96 -15.16 -3.44
CA LEU C 963 -6.41 -15.19 -3.51
C LEU C 963 -7.01 -15.56 -2.17
N SER C 964 -6.38 -16.51 -1.47
CA SER C 964 -6.82 -16.95 -0.15
C SER C 964 -6.34 -16.06 0.98
N SER C 965 -5.93 -14.83 0.66
CA SER C 965 -5.42 -13.89 1.65
C SER C 965 -6.41 -12.74 1.80
N ASN C 966 -6.71 -12.37 3.04
CA ASN C 966 -7.71 -11.35 3.28
C ASN C 966 -7.29 -10.01 2.70
N PHE C 967 -6.01 -9.65 2.86
CA PHE C 967 -5.49 -8.34 2.45
C PHE C 967 -6.26 -7.20 3.11
N GLY C 968 -6.78 -7.44 4.31
CA GLY C 968 -7.62 -6.47 4.99
C GLY C 968 -9.11 -6.67 4.78
N ALA C 969 -9.51 -7.53 3.85
CA ALA C 969 -10.93 -7.74 3.58
C ALA C 969 -11.50 -8.77 4.53
N ILE C 970 -12.83 -8.80 4.61
CA ILE C 970 -13.51 -9.71 5.53
C ILE C 970 -13.34 -11.15 5.07
N SER C 971 -13.36 -11.39 3.75
CA SER C 971 -13.26 -12.73 3.23
C SER C 971 -12.37 -12.74 2.00
N SER C 972 -11.51 -13.76 1.90
CA SER C 972 -10.59 -13.86 0.78
C SER C 972 -11.33 -14.21 -0.51
N VAL C 973 -12.31 -15.12 -0.43
CA VAL C 973 -13.06 -15.52 -1.61
C VAL C 973 -13.92 -14.37 -2.09
N LEU C 974 -13.91 -14.14 -3.41
CA LEU C 974 -14.56 -12.99 -4.02
C LEU C 974 -15.94 -13.31 -4.58
N ASN C 975 -16.09 -14.43 -5.28
CA ASN C 975 -17.31 -14.66 -6.06
C ASN C 975 -18.55 -14.73 -5.18
N ASP C 976 -18.47 -15.41 -4.04
CA ASP C 976 -19.68 -15.66 -3.27
C ASP C 976 -19.89 -14.63 -2.16
N ILE C 977 -19.00 -14.57 -1.18
CA ILE C 977 -19.20 -13.68 -0.04
C ILE C 977 -19.03 -12.23 -0.46
N LEU C 978 -17.97 -11.95 -1.21
CA LEU C 978 -17.80 -10.62 -1.76
C LEU C 978 -18.65 -10.48 -3.02
N SER C 979 -18.68 -9.26 -3.56
CA SER C 979 -19.62 -8.89 -4.62
C SER C 979 -21.06 -9.20 -4.22
N ARG C 980 -21.28 -9.34 -2.91
CA ARG C 980 -22.57 -9.72 -2.35
C ARG C 980 -22.95 -8.87 -1.14
N LEU C 981 -22.06 -7.99 -0.67
CA LEU C 981 -22.40 -7.08 0.41
C LEU C 981 -23.28 -5.95 -0.14
N ASP C 982 -23.65 -5.02 0.73
CA ASP C 982 -24.34 -3.82 0.29
C ASP C 982 -23.42 -3.02 -0.62
N PRO C 983 -23.93 -2.47 -1.72
CA PRO C 983 -23.06 -1.93 -2.77
C PRO C 983 -22.03 -0.94 -2.26
N PRO C 984 -22.37 -0.04 -1.29
CA PRO C 984 -21.31 0.79 -0.71
C PRO C 984 -20.23 0.00 0.02
N GLU C 985 -20.65 -0.80 1.01
CA GLU C 985 -19.68 -1.62 1.73
C GLU C 985 -19.06 -2.66 0.82
N ALA C 986 -19.81 -3.15 -0.17
CA ALA C 986 -19.22 -4.04 -1.16
C ALA C 986 -18.08 -3.36 -1.91
N GLU C 987 -18.29 -2.09 -2.30
CA GLU C 987 -17.22 -1.34 -2.94
C GLU C 987 -16.04 -1.14 -1.99
N VAL C 988 -16.30 -0.88 -0.72
CA VAL C 988 -15.21 -0.68 0.24
C VAL C 988 -14.36 -1.95 0.35
N GLN C 989 -15.01 -3.09 0.58
CA GLN C 989 -14.27 -4.33 0.73
C GLN C 989 -13.61 -4.78 -0.56
N ILE C 990 -14.27 -4.61 -1.71
CA ILE C 990 -13.63 -4.96 -2.97
C ILE C 990 -12.53 -3.96 -3.31
N ASP C 991 -12.55 -2.75 -2.75
CA ASP C 991 -11.43 -1.85 -2.92
C ASP C 991 -10.25 -2.31 -2.08
N ARG C 992 -10.51 -2.81 -0.87
CA ARG C 992 -9.44 -3.41 -0.09
C ARG C 992 -8.84 -4.61 -0.83
N LEU C 993 -9.70 -5.47 -1.40
CA LEU C 993 -9.21 -6.60 -2.16
C LEU C 993 -8.49 -6.17 -3.43
N ILE C 994 -8.99 -5.15 -4.12
CA ILE C 994 -8.35 -4.71 -5.36
C ILE C 994 -6.97 -4.15 -5.04
N THR C 995 -6.84 -3.41 -3.95
CA THR C 995 -5.55 -2.89 -3.55
C THR C 995 -4.60 -4.02 -3.17
N GLY C 996 -5.08 -4.96 -2.35
CA GLY C 996 -4.22 -6.05 -1.92
C GLY C 996 -3.77 -6.93 -3.06
N ARG C 997 -4.71 -7.34 -3.91
CA ARG C 997 -4.38 -8.21 -5.02
C ARG C 997 -3.60 -7.47 -6.10
N LEU C 998 -3.84 -6.17 -6.28
CA LEU C 998 -3.03 -5.40 -7.21
C LEU C 998 -1.60 -5.26 -6.70
N GLN C 999 -1.43 -5.05 -5.40
CA GLN C 999 -0.08 -5.01 -4.85
C GLN C 999 0.60 -6.37 -4.99
N SER C 1000 -0.13 -7.45 -4.74
CA SER C 1000 0.44 -8.79 -4.88
C SER C 1000 0.81 -9.07 -6.33
N LEU C 1001 -0.04 -8.68 -7.27
CA LEU C 1001 0.24 -8.90 -8.68
C LEU C 1001 1.36 -7.99 -9.17
N GLN C 1002 1.45 -6.78 -8.64
CA GLN C 1002 2.52 -5.87 -9.03
C GLN C 1002 3.86 -6.34 -8.49
N THR C 1003 3.89 -6.81 -7.25
CA THR C 1003 5.15 -7.37 -6.75
C THR C 1003 5.49 -8.68 -7.45
N TYR C 1004 4.47 -9.46 -7.82
CA TYR C 1004 4.72 -10.67 -8.60
C TYR C 1004 5.31 -10.33 -9.96
N VAL C 1005 4.77 -9.31 -10.63
CA VAL C 1005 5.26 -8.96 -11.95
C VAL C 1005 6.58 -8.23 -11.86
N THR C 1006 6.86 -7.56 -10.74
CA THR C 1006 8.17 -6.94 -10.56
C THR C 1006 9.24 -7.98 -10.31
N GLN C 1007 8.96 -8.95 -9.44
CA GLN C 1007 9.86 -10.07 -9.27
C GLN C 1007 10.00 -10.84 -10.57
N GLN C 1008 8.94 -10.91 -11.37
CA GLN C 1008 9.00 -11.58 -12.66
C GLN C 1008 9.79 -10.78 -13.68
N LEU C 1009 9.76 -9.45 -13.61
CA LEU C 1009 10.58 -8.64 -14.50
C LEU C 1009 12.04 -8.74 -14.13
N ILE C 1010 12.35 -8.76 -12.83
CA ILE C 1010 13.73 -8.96 -12.40
C ILE C 1010 14.21 -10.37 -12.78
N ARG C 1011 13.34 -11.37 -12.59
CA ARG C 1011 13.69 -12.73 -12.98
C ARG C 1011 13.84 -12.85 -14.48
N ALA C 1012 13.03 -12.10 -15.24
CA ALA C 1012 13.16 -12.10 -16.68
C ALA C 1012 14.42 -11.40 -17.12
N ALA C 1013 14.85 -10.36 -16.39
CA ALA C 1013 16.14 -9.75 -16.66
C ALA C 1013 17.27 -10.72 -16.37
N GLU C 1014 17.16 -11.51 -15.30
CA GLU C 1014 18.18 -12.50 -14.99
C GLU C 1014 18.21 -13.60 -16.04
N ILE C 1015 17.04 -14.12 -16.41
CA ILE C 1015 16.95 -15.13 -17.45
C ILE C 1015 17.38 -14.56 -18.79
N ARG C 1016 17.19 -13.27 -19.01
CA ARG C 1016 17.62 -12.65 -20.25
C ARG C 1016 19.13 -12.46 -20.27
N ALA C 1017 19.73 -12.15 -19.13
CA ALA C 1017 21.18 -12.14 -19.06
C ALA C 1017 21.74 -13.53 -19.30
N SER C 1018 21.13 -14.56 -18.72
CA SER C 1018 21.58 -15.92 -18.99
C SER C 1018 21.27 -16.35 -20.42
N ALA C 1019 20.24 -15.76 -21.03
CA ALA C 1019 19.90 -16.09 -22.42
C ALA C 1019 20.86 -15.42 -23.38
N ASN C 1020 21.28 -14.19 -23.08
CA ASN C 1020 22.37 -13.58 -23.85
C ASN C 1020 23.68 -14.33 -23.63
N LEU C 1021 23.88 -14.85 -22.42
CA LEU C 1021 25.04 -15.71 -22.19
C LEU C 1021 24.98 -16.97 -23.03
N ALA C 1022 23.81 -17.61 -23.10
CA ALA C 1022 23.66 -18.81 -23.90
C ALA C 1022 23.76 -18.50 -25.39
N ALA C 1023 23.23 -17.35 -25.81
CA ALA C 1023 23.35 -16.93 -27.20
C ALA C 1023 24.80 -16.65 -27.57
N THR C 1024 25.53 -15.98 -26.68
CA THR C 1024 26.95 -15.73 -26.93
C THR C 1024 27.77 -17.01 -26.84
N LYS C 1025 27.30 -18.00 -26.10
CA LYS C 1025 27.99 -19.28 -26.06
C LYS C 1025 27.76 -20.06 -27.34
N MET C 1026 26.50 -20.28 -27.70
CA MET C 1026 26.19 -20.95 -28.96
C MET C 1026 26.61 -20.14 -30.17
N SER C 1027 26.97 -18.88 -29.99
CA SER C 1027 27.62 -18.13 -31.04
C SER C 1027 29.14 -18.21 -30.95
N GLU C 1028 29.68 -18.52 -29.78
CA GLU C 1028 31.13 -18.61 -29.57
C GLU C 1028 31.57 -20.01 -29.18
N CYS C 1029 30.89 -20.63 -28.21
CA CYS C 1029 31.28 -21.97 -27.78
C CYS C 1029 30.98 -22.98 -28.87
N VAL C 1030 29.84 -22.85 -29.55
CA VAL C 1030 29.39 -23.80 -30.56
C VAL C 1030 29.79 -23.33 -31.95
N LEU C 1031 29.25 -22.19 -32.38
CA LEU C 1031 29.43 -21.58 -33.69
C LEU C 1031 30.85 -21.14 -33.95
N GLY C 1032 31.75 -21.39 -33.00
CA GLY C 1032 33.16 -21.09 -33.15
C GLY C 1032 33.95 -21.84 -32.10
N GLN C 1033 34.97 -21.19 -31.53
CA GLN C 1033 35.63 -21.72 -30.36
C GLN C 1033 36.11 -20.55 -29.53
N SER C 1034 35.66 -20.48 -28.28
CA SER C 1034 35.91 -19.32 -27.44
C SER C 1034 37.35 -19.34 -26.95
N LYS C 1035 38.09 -18.28 -27.26
CA LYS C 1035 39.38 -18.06 -26.64
C LYS C 1035 39.26 -17.48 -25.24
N ARG C 1036 38.04 -17.16 -24.81
CA ARG C 1036 37.79 -16.70 -23.45
C ARG C 1036 38.01 -17.87 -22.50
N VAL C 1037 39.17 -17.89 -21.85
CA VAL C 1037 39.47 -19.00 -20.94
C VAL C 1037 38.50 -18.98 -19.77
N ASP C 1038 38.04 -20.17 -19.39
CA ASP C 1038 37.02 -20.38 -18.36
C ASP C 1038 35.78 -19.56 -18.71
N PHE C 1039 35.25 -19.84 -19.90
CA PHE C 1039 33.94 -19.34 -20.31
C PHE C 1039 33.02 -20.45 -20.77
N CYS C 1040 33.54 -21.40 -21.54
CA CYS C 1040 32.80 -22.59 -21.96
C CYS C 1040 33.21 -23.82 -21.17
N GLY C 1041 33.39 -23.69 -19.86
CA GLY C 1041 33.73 -24.83 -19.03
C GLY C 1041 35.13 -24.72 -18.42
N LYS C 1042 35.32 -25.33 -17.27
CA LYS C 1042 36.61 -25.29 -16.59
C LYS C 1042 37.64 -26.02 -17.43
N GLY C 1043 38.55 -25.26 -18.04
CA GLY C 1043 39.59 -25.81 -18.89
C GLY C 1043 39.58 -25.17 -20.25
N TYR C 1044 40.55 -25.56 -21.06
CA TYR C 1044 40.63 -25.08 -22.44
C TYR C 1044 39.49 -25.67 -23.25
N HIS C 1045 38.61 -24.80 -23.76
CA HIS C 1045 37.37 -25.22 -24.38
C HIS C 1045 37.59 -25.78 -25.79
N LEU C 1046 36.73 -26.70 -26.18
CA LEU C 1046 36.77 -27.34 -27.49
C LEU C 1046 35.56 -27.02 -28.34
N MET C 1047 34.36 -27.31 -27.85
CA MET C 1047 33.11 -27.20 -28.59
C MET C 1047 31.99 -27.35 -27.58
N SER C 1048 30.75 -27.33 -28.07
CA SER C 1048 29.60 -27.44 -27.18
C SER C 1048 28.42 -28.05 -27.89
N PHE C 1049 27.51 -28.62 -27.12
CA PHE C 1049 26.27 -29.19 -27.64
C PHE C 1049 25.07 -28.62 -26.91
N PRO C 1050 24.23 -27.82 -27.56
CA PRO C 1050 22.93 -27.48 -26.97
C PRO C 1050 22.08 -28.73 -26.85
N GLN C 1051 21.27 -28.78 -25.79
CA GLN C 1051 20.27 -29.82 -25.63
C GLN C 1051 18.95 -29.17 -25.26
N SER C 1052 17.89 -29.53 -25.97
CA SER C 1052 16.62 -28.85 -25.79
C SER C 1052 15.94 -29.24 -24.49
N ALA C 1053 16.58 -28.94 -23.36
CA ALA C 1053 15.91 -29.13 -22.09
C ALA C 1053 14.85 -28.04 -21.93
N PRO C 1054 13.72 -28.38 -21.31
CA PRO C 1054 12.61 -27.42 -21.25
C PRO C 1054 12.97 -26.18 -20.43
N HIS C 1055 12.67 -25.02 -20.98
CA HIS C 1055 12.92 -23.73 -20.32
C HIS C 1055 14.39 -23.57 -19.96
N GLY C 1056 15.27 -23.96 -20.88
CA GLY C 1056 16.69 -23.81 -20.64
C GLY C 1056 17.48 -24.52 -21.72
N VAL C 1057 18.80 -24.52 -21.52
CA VAL C 1057 19.73 -25.26 -22.36
C VAL C 1057 20.76 -25.94 -21.45
N VAL C 1058 21.08 -27.18 -21.77
CA VAL C 1058 22.10 -27.93 -21.05
C VAL C 1058 23.29 -28.06 -21.99
N PHE C 1059 24.23 -27.13 -21.89
CA PHE C 1059 25.41 -27.18 -22.74
C PHE C 1059 26.36 -28.29 -22.30
N LEU C 1060 26.87 -29.03 -23.28
CA LEU C 1060 27.88 -30.06 -23.05
C LEU C 1060 29.24 -29.47 -23.40
N HIS C 1061 29.75 -28.67 -22.48
CA HIS C 1061 30.96 -27.87 -22.73
C HIS C 1061 32.18 -28.77 -22.73
N VAL C 1062 32.43 -29.39 -23.89
CA VAL C 1062 33.62 -30.22 -24.04
C VAL C 1062 34.85 -29.36 -23.85
N THR C 1063 35.76 -29.80 -22.99
CA THR C 1063 36.91 -29.00 -22.62
C THR C 1063 38.15 -29.88 -22.53
N TYR C 1064 39.31 -29.26 -22.77
CA TYR C 1064 40.60 -29.93 -22.69
C TYR C 1064 41.21 -29.62 -21.33
N VAL C 1065 41.39 -30.65 -20.51
CA VAL C 1065 41.89 -30.51 -19.15
C VAL C 1065 43.14 -31.36 -18.99
N PRO C 1066 44.31 -30.78 -18.77
CA PRO C 1066 45.49 -31.59 -18.49
C PRO C 1066 45.36 -32.34 -17.17
N ALA C 1067 45.94 -33.54 -17.12
CA ALA C 1067 45.83 -34.38 -15.93
C ALA C 1067 47.17 -34.70 -15.29
N GLN C 1068 48.11 -35.26 -16.04
CA GLN C 1068 49.36 -35.76 -15.49
C GLN C 1068 50.49 -34.81 -15.81
N GLU C 1069 51.23 -34.40 -14.79
CA GLU C 1069 52.28 -33.39 -14.89
C GLU C 1069 53.64 -34.03 -14.67
N LYS C 1070 54.68 -33.21 -14.78
CA LYS C 1070 56.05 -33.61 -14.50
C LYS C 1070 56.82 -32.38 -14.03
N ASN C 1071 58.05 -32.60 -13.58
CA ASN C 1071 58.92 -31.47 -13.17
C ASN C 1071 60.10 -31.40 -14.15
N PHE C 1072 60.47 -30.19 -14.56
CA PHE C 1072 61.54 -29.94 -15.50
C PHE C 1072 62.30 -28.68 -15.08
N THR C 1073 63.51 -28.53 -15.60
CA THR C 1073 64.31 -27.35 -15.40
C THR C 1073 64.15 -26.43 -16.61
N THR C 1074 63.68 -25.21 -16.37
CA THR C 1074 63.32 -24.29 -17.43
C THR C 1074 64.10 -22.99 -17.30
N ALA C 1075 64.28 -22.31 -18.43
CA ALA C 1075 64.93 -21.02 -18.47
C ALA C 1075 64.16 -20.09 -19.40
N PRO C 1076 64.08 -18.80 -19.06
CA PRO C 1076 63.33 -17.88 -19.94
C PRO C 1076 63.86 -17.82 -21.36
N ALA C 1077 65.17 -17.86 -21.53
CA ALA C 1077 65.78 -17.72 -22.85
C ALA C 1077 66.63 -18.94 -23.16
N ILE C 1078 67.30 -18.89 -24.31
CA ILE C 1078 68.28 -19.90 -24.71
C ILE C 1078 69.43 -19.19 -25.40
N CYS C 1079 70.65 -19.52 -25.02
CA CYS C 1079 71.86 -18.94 -25.57
C CYS C 1079 72.55 -19.94 -26.48
N HIS C 1080 72.81 -19.53 -27.72
CA HIS C 1080 73.68 -20.27 -28.63
C HIS C 1080 74.70 -19.31 -29.21
N ASP C 1081 75.95 -19.80 -29.32
CA ASP C 1081 77.09 -19.09 -29.89
C ASP C 1081 77.08 -17.59 -29.61
N GLY C 1082 76.84 -17.22 -28.36
CA GLY C 1082 76.80 -15.81 -27.99
C GLY C 1082 75.66 -15.06 -28.64
N LYS C 1083 74.47 -15.65 -28.67
CA LYS C 1083 73.34 -15.03 -29.36
C LYS C 1083 72.06 -15.63 -28.78
N ALA C 1084 71.16 -14.76 -28.33
CA ALA C 1084 69.95 -15.22 -27.67
C ALA C 1084 69.03 -15.96 -28.64
N HIS C 1085 68.13 -16.76 -28.08
CA HIS C 1085 67.19 -17.54 -28.89
C HIS C 1085 65.93 -17.75 -28.05
N PHE C 1086 64.83 -17.14 -28.47
CA PHE C 1086 63.57 -17.25 -27.75
C PHE C 1086 62.62 -18.15 -28.53
N PRO C 1087 61.68 -18.81 -27.86
CA PRO C 1087 60.85 -19.81 -28.56
C PRO C 1087 59.80 -19.15 -29.43
N ARG C 1088 59.68 -19.63 -30.67
CA ARG C 1088 58.58 -19.19 -31.53
C ARG C 1088 57.24 -19.59 -30.93
N GLU C 1089 57.15 -20.82 -30.44
CA GLU C 1089 55.97 -21.31 -29.74
C GLU C 1089 56.42 -22.37 -28.74
N GLY C 1090 55.75 -22.42 -27.61
CA GLY C 1090 56.10 -23.36 -26.56
C GLY C 1090 57.15 -22.81 -25.61
N VAL C 1091 57.42 -23.59 -24.57
CA VAL C 1091 58.29 -23.18 -23.48
C VAL C 1091 59.53 -24.06 -23.47
N PHE C 1092 60.69 -23.44 -23.31
CA PHE C 1092 61.92 -24.21 -23.16
C PHE C 1092 61.95 -24.89 -21.80
N VAL C 1093 62.07 -26.22 -21.81
CA VAL C 1093 62.21 -27.03 -20.61
C VAL C 1093 63.25 -28.09 -20.88
N SER C 1094 63.66 -28.79 -19.81
CA SER C 1094 64.65 -29.89 -19.92
C SER C 1094 64.29 -31.04 -18.98
N ASN C 1095 64.33 -32.27 -19.49
CA ASN C 1095 64.21 -33.48 -18.63
C ASN C 1095 65.42 -33.54 -17.69
N GLY C 1096 66.55 -32.98 -18.12
CA GLY C 1096 67.69 -32.67 -17.24
C GLY C 1096 68.92 -32.30 -18.06
N THR C 1097 69.38 -33.24 -18.89
CA THR C 1097 70.55 -33.06 -19.74
C THR C 1097 70.22 -32.59 -21.14
N HIS C 1098 69.00 -32.77 -21.63
CA HIS C 1098 68.57 -32.31 -22.94
C HIS C 1098 67.44 -31.31 -22.77
N TRP C 1099 67.60 -30.13 -23.37
CA TRP C 1099 66.59 -29.09 -23.31
C TRP C 1099 65.62 -29.22 -24.48
N PHE C 1100 64.34 -28.99 -24.20
CA PHE C 1100 63.30 -29.20 -25.18
C PHE C 1100 62.27 -28.08 -25.10
N VAL C 1101 61.69 -27.76 -26.25
CA VAL C 1101 60.54 -26.85 -26.34
C VAL C 1101 59.33 -27.66 -26.73
N THR C 1102 58.21 -27.39 -26.07
CA THR C 1102 56.98 -28.12 -26.33
C THR C 1102 55.80 -27.20 -26.10
N GLN C 1103 54.66 -27.58 -26.67
CA GLN C 1103 53.43 -26.84 -26.45
C GLN C 1103 53.22 -26.62 -24.96
N ARG C 1104 52.65 -25.47 -24.61
CA ARG C 1104 52.54 -25.11 -23.20
C ARG C 1104 51.69 -26.08 -22.41
N ASN C 1105 50.80 -26.81 -23.07
CA ASN C 1105 49.80 -27.63 -22.39
C ASN C 1105 49.78 -29.06 -22.88
N PHE C 1106 50.91 -29.56 -23.38
CA PHE C 1106 51.04 -30.97 -23.70
C PHE C 1106 52.52 -31.28 -23.85
N TYR C 1107 53.02 -32.25 -23.09
CA TYR C 1107 54.44 -32.57 -23.15
C TYR C 1107 54.76 -33.29 -24.46
N GLU C 1108 55.13 -32.53 -25.47
CA GLU C 1108 55.52 -33.06 -26.78
C GLU C 1108 56.85 -32.46 -27.15
N PRO C 1109 57.93 -32.90 -26.50
CA PRO C 1109 59.23 -32.27 -26.71
C PRO C 1109 59.74 -32.45 -28.14
N GLN C 1110 60.41 -31.43 -28.65
CA GLN C 1110 61.12 -31.51 -29.92
C GLN C 1110 62.50 -30.90 -29.73
N ILE C 1111 63.44 -31.34 -30.57
CA ILE C 1111 64.76 -30.72 -30.56
C ILE C 1111 64.60 -29.27 -30.98
N ILE C 1112 65.54 -28.43 -30.51
CA ILE C 1112 65.48 -27.00 -30.78
C ILE C 1112 66.18 -26.73 -32.11
N THR C 1113 65.46 -26.09 -33.03
CA THR C 1113 66.01 -25.65 -34.30
C THR C 1113 65.48 -24.25 -34.58
N THR C 1114 65.97 -23.65 -35.67
CA THR C 1114 65.56 -22.30 -36.02
C THR C 1114 64.06 -22.20 -36.30
N ASP C 1115 63.41 -23.33 -36.63
CA ASP C 1115 61.99 -23.29 -36.92
C ASP C 1115 61.18 -22.86 -35.70
N ASN C 1116 61.53 -23.33 -34.51
CA ASN C 1116 60.77 -23.06 -33.30
C ASN C 1116 61.38 -21.97 -32.44
N THR C 1117 62.40 -21.26 -32.94
CA THR C 1117 63.02 -20.19 -32.17
C THR C 1117 63.30 -18.99 -33.07
N PHE C 1118 63.33 -17.82 -32.45
CA PHE C 1118 63.72 -16.59 -33.13
C PHE C 1118 64.73 -15.85 -32.28
N VAL C 1119 65.57 -15.07 -32.94
CA VAL C 1119 66.71 -14.39 -32.31
C VAL C 1119 66.37 -12.92 -32.09
N SER C 1120 66.69 -12.43 -30.89
CA SER C 1120 66.55 -11.00 -30.59
C SER C 1120 67.44 -10.65 -29.41
N GLY C 1121 68.54 -9.95 -29.67
CA GLY C 1121 69.42 -9.51 -28.60
C GLY C 1121 70.71 -10.28 -28.50
N ASN C 1122 71.26 -10.39 -27.29
CA ASN C 1122 72.50 -11.09 -27.05
C ASN C 1122 72.42 -11.76 -25.69
N CYS C 1123 73.50 -12.42 -25.27
CA CYS C 1123 73.55 -13.22 -24.05
C CYS C 1123 74.21 -12.47 -22.90
N ASP C 1124 74.02 -11.16 -22.80
CA ASP C 1124 74.56 -10.40 -21.68
C ASP C 1124 73.56 -9.41 -21.11
N VAL C 1125 72.31 -9.41 -21.60
CA VAL C 1125 71.31 -8.48 -21.12
C VAL C 1125 70.19 -9.17 -20.35
N VAL C 1126 69.82 -10.40 -20.73
CA VAL C 1126 68.70 -11.10 -20.11
C VAL C 1126 69.20 -11.90 -18.90
N ILE C 1127 68.46 -11.81 -17.80
CA ILE C 1127 68.73 -12.59 -16.60
C ILE C 1127 67.92 -13.88 -16.67
N GLY C 1128 68.49 -14.96 -16.17
CA GLY C 1128 67.86 -16.26 -16.23
C GLY C 1128 68.20 -17.08 -17.44
N ILE C 1129 68.95 -16.53 -18.40
CA ILE C 1129 69.35 -17.29 -19.57
C ILE C 1129 70.37 -18.35 -19.19
N VAL C 1130 70.26 -19.52 -19.83
CA VAL C 1130 71.27 -20.57 -19.74
C VAL C 1130 71.61 -21.00 -21.16
N ASN C 1131 72.85 -21.44 -21.34
CA ASN C 1131 73.20 -21.96 -22.66
C ASN C 1131 72.57 -23.31 -22.94
N ASN C 1132 72.49 -23.63 -24.22
CA ASN C 1132 72.11 -24.92 -24.79
C ASN C 1132 72.59 -24.87 -26.23
N THR C 1133 72.19 -25.85 -27.03
CA THR C 1133 72.51 -25.84 -28.45
C THR C 1133 71.22 -25.87 -29.25
N VAL C 1134 71.18 -25.04 -30.29
CA VAL C 1134 70.06 -25.01 -31.23
C VAL C 1134 70.59 -25.45 -32.58
N TYR C 1135 69.95 -26.45 -33.17
CA TYR C 1135 70.43 -27.00 -34.42
C TYR C 1135 69.88 -26.22 -35.60
N ASP C 1136 70.41 -26.51 -36.77
CA ASP C 1136 70.02 -25.87 -38.01
C ASP C 1136 69.00 -26.72 -38.75
N PRO C 1137 67.87 -26.16 -39.17
CA PRO C 1137 66.94 -26.91 -40.01
C PRO C 1137 67.47 -27.09 -41.43
N LEU C 1138 68.71 -26.67 -41.66
CA LEU C 1138 69.31 -26.67 -42.99
C LEU C 1138 70.61 -27.46 -43.07
N GLN C 1139 71.43 -27.42 -42.01
CA GLN C 1139 72.72 -28.11 -42.08
C GLN C 1139 72.58 -29.62 -42.23
N PRO C 1140 71.76 -30.33 -41.43
CA PRO C 1140 71.53 -31.75 -41.75
C PRO C 1140 70.91 -31.96 -43.12
N GLU C 1141 70.06 -31.05 -43.57
CA GLU C 1141 69.58 -31.11 -44.96
C GLU C 1141 70.73 -30.94 -45.94
N LEU C 1142 71.63 -29.99 -45.66
CA LEU C 1142 72.83 -29.85 -46.48
C LEU C 1142 73.71 -31.09 -46.38
N ASP C 1143 73.87 -31.63 -45.18
CA ASP C 1143 74.71 -32.81 -44.98
C ASP C 1143 73.86 -34.08 -45.03
N GLU D 1 -52.39 23.96 45.22
CA GLU D 1 -51.57 25.17 45.15
C GLU D 1 -50.30 24.92 44.36
N VAL D 2 -49.72 25.99 43.81
CA VAL D 2 -48.46 25.88 43.09
C VAL D 2 -47.34 25.79 44.12
N GLN D 3 -47.03 24.57 44.54
CA GLN D 3 -46.05 24.35 45.59
C GLN D 3 -45.58 22.90 45.52
N LEU D 4 -44.51 22.63 46.26
CA LEU D 4 -43.97 21.28 46.43
C LEU D 4 -44.41 20.79 47.80
N VAL D 5 -45.53 20.08 47.83
CA VAL D 5 -46.20 19.73 49.08
C VAL D 5 -45.67 18.40 49.60
N GLN D 6 -45.88 18.18 50.90
CA GLN D 6 -45.52 16.92 51.55
C GLN D 6 -46.66 16.53 52.48
N SER D 7 -46.40 15.56 53.35
CA SER D 7 -47.38 15.14 54.34
C SER D 7 -47.39 16.10 55.53
N GLY D 8 -48.28 15.83 56.47
CA GLY D 8 -48.40 16.64 57.66
C GLY D 8 -47.32 16.36 58.69
N ALA D 9 -47.68 16.47 59.96
CA ALA D 9 -46.75 16.19 61.04
C ALA D 9 -46.35 14.72 61.02
N GLU D 10 -45.04 14.47 61.10
CA GLU D 10 -44.50 13.12 61.05
C GLU D 10 -43.75 12.83 62.33
N VAL D 11 -44.17 11.78 63.05
CA VAL D 11 -43.48 11.29 64.23
C VAL D 11 -43.19 9.80 64.02
N LYS D 12 -41.94 9.41 64.19
CA LYS D 12 -41.52 8.03 63.95
C LYS D 12 -40.45 7.66 64.96
N LYS D 13 -39.85 6.49 64.76
CA LYS D 13 -38.81 5.96 65.64
C LYS D 13 -37.56 5.65 64.83
N PRO D 14 -36.39 5.72 65.44
CA PRO D 14 -35.16 5.40 64.72
C PRO D 14 -35.09 3.92 64.36
N GLY D 15 -34.40 3.64 63.25
CA GLY D 15 -34.19 2.28 62.79
C GLY D 15 -35.10 1.85 61.66
N GLU D 16 -36.21 2.54 61.44
CA GLU D 16 -37.11 2.21 60.36
C GLU D 16 -36.76 3.01 59.11
N SER D 17 -37.09 2.42 57.96
CA SER D 17 -36.82 3.04 56.66
C SER D 17 -38.04 3.84 56.23
N LEU D 18 -37.82 5.11 55.90
CA LEU D 18 -38.91 6.02 55.54
C LEU D 18 -38.55 6.76 54.26
N LYS D 19 -39.46 6.74 53.29
CA LYS D 19 -39.33 7.48 52.05
C LYS D 19 -40.49 8.45 51.95
N ILE D 20 -40.22 9.73 52.22
CA ILE D 20 -41.25 10.75 52.15
C ILE D 20 -41.32 11.27 50.72
N SER D 21 -42.49 11.78 50.35
CA SER D 21 -42.76 12.20 48.99
C SER D 21 -43.07 13.70 48.94
N CYS D 22 -42.55 14.34 47.90
CA CYS D 22 -42.86 15.73 47.60
C CYS D 22 -43.52 15.80 46.23
N LYS D 23 -44.69 16.41 46.17
CA LYS D 23 -45.51 16.46 44.96
C LYS D 23 -45.37 17.82 44.29
N GLY D 24 -45.20 17.81 42.97
CA GLY D 24 -45.12 19.02 42.19
C GLY D 24 -46.38 19.22 41.36
N SER D 25 -46.92 20.44 41.41
CA SER D 25 -48.14 20.76 40.68
C SER D 25 -48.22 22.27 40.49
N GLY D 26 -48.79 22.67 39.35
CA GLY D 26 -49.03 24.07 39.06
C GLY D 26 -48.05 24.76 38.16
N TYR D 27 -47.13 24.02 37.54
CA TYR D 27 -46.14 24.64 36.65
C TYR D 27 -45.62 23.58 35.69
N SER D 28 -44.79 24.03 34.74
CA SER D 28 -44.14 23.16 33.78
C SER D 28 -42.85 22.64 34.39
N PHE D 29 -42.94 21.51 35.10
CA PHE D 29 -41.78 20.94 35.78
C PHE D 29 -40.73 20.43 34.81
N THR D 30 -41.09 20.20 33.54
CA THR D 30 -40.14 19.61 32.60
C THR D 30 -38.95 20.53 32.34
N SER D 31 -39.18 21.84 32.25
CA SER D 31 -38.14 22.78 31.90
C SER D 31 -37.37 23.31 33.10
N TYR D 32 -37.77 22.98 34.32
CA TYR D 32 -37.16 23.53 35.52
C TYR D 32 -36.54 22.44 36.38
N TRP D 33 -35.58 22.85 37.20
CA TRP D 33 -35.04 21.97 38.23
C TRP D 33 -36.01 21.86 39.39
N ILE D 34 -36.01 20.70 40.03
CA ILE D 34 -36.77 20.47 41.26
C ILE D 34 -35.90 19.72 42.25
N GLY D 35 -35.82 20.21 43.49
CA GLY D 35 -34.95 19.60 44.47
C GLY D 35 -35.41 19.72 45.92
N TRP D 36 -34.46 19.60 46.85
CA TRP D 36 -34.76 19.62 48.27
C TRP D 36 -33.76 20.50 48.98
N VAL D 37 -34.10 20.88 50.22
CA VAL D 37 -33.23 21.69 51.06
C VAL D 37 -33.33 21.19 52.50
N ARG D 38 -32.20 21.04 53.16
CA ARG D 38 -32.14 20.73 54.58
C ARG D 38 -31.86 21.99 55.38
N GLN D 39 -32.31 21.99 56.63
CA GLN D 39 -32.06 23.13 57.52
C GLN D 39 -32.15 22.64 58.96
N MET D 40 -31.02 22.61 59.64
CA MET D 40 -31.03 22.23 61.05
C MET D 40 -31.63 23.36 61.88
N PRO D 41 -32.33 23.03 62.97
CA PRO D 41 -32.98 24.06 63.78
C PRO D 41 -31.95 24.98 64.42
N GLY D 42 -31.99 26.26 64.04
CA GLY D 42 -31.04 27.22 64.55
C GLY D 42 -29.67 27.18 63.91
N LYS D 43 -29.53 26.51 62.76
CA LYS D 43 -28.29 26.51 62.01
C LYS D 43 -28.61 26.65 60.53
N GLY D 44 -27.59 27.07 59.77
CA GLY D 44 -27.79 27.41 58.38
C GLY D 44 -28.29 26.24 57.55
N LEU D 45 -29.13 26.58 56.58
CA LEU D 45 -29.75 25.57 55.73
C LEU D 45 -28.75 25.06 54.69
N GLU D 46 -28.96 23.83 54.23
CA GLU D 46 -28.08 23.19 53.27
C GLU D 46 -28.92 22.46 52.25
N TRP D 47 -28.82 22.87 50.99
CA TRP D 47 -29.45 22.12 49.91
C TRP D 47 -28.81 20.74 49.82
N MET D 48 -29.64 19.69 49.84
CA MET D 48 -29.12 18.32 49.87
C MET D 48 -28.97 17.73 48.47
N GLY D 49 -29.90 18.01 47.58
CA GLY D 49 -29.86 17.41 46.26
C GLY D 49 -30.95 17.99 45.39
N ILE D 50 -30.83 17.70 44.09
CA ILE D 50 -31.74 18.27 43.10
C ILE D 50 -31.77 17.33 41.90
N ILE D 51 -32.91 17.30 41.22
CA ILE D 51 -33.12 16.43 40.07
C ILE D 51 -33.82 17.23 38.98
N TYR D 52 -33.68 16.77 37.74
CA TYR D 52 -34.26 17.43 36.59
C TYR D 52 -35.29 16.53 35.94
N PRO D 53 -36.58 16.68 36.25
CA PRO D 53 -37.59 15.77 35.72
C PRO D 53 -37.76 15.83 34.20
N GLY D 54 -37.01 16.71 33.54
CA GLY D 54 -36.96 16.65 32.08
C GLY D 54 -36.38 15.34 31.58
N ASP D 55 -35.25 14.93 32.16
CA ASP D 55 -34.64 13.64 31.85
C ASP D 55 -34.22 12.86 33.09
N SER D 56 -34.62 13.30 34.29
CA SER D 56 -34.32 12.61 35.54
C SER D 56 -32.81 12.52 35.79
N ASP D 57 -32.16 13.67 35.79
CA ASP D 57 -30.73 13.74 36.10
C ASP D 57 -30.55 14.08 37.58
N THR D 58 -29.79 13.24 38.29
CA THR D 58 -29.70 13.30 39.75
C THR D 58 -28.42 14.00 40.18
N ARG D 59 -28.56 14.93 41.13
CA ARG D 59 -27.44 15.61 41.76
C ARG D 59 -27.70 15.73 43.26
N TYR D 60 -26.66 15.45 44.04
CA TYR D 60 -26.72 15.54 45.50
C TYR D 60 -25.60 16.43 46.02
N SER D 61 -25.74 16.86 47.27
CA SER D 61 -24.69 17.60 47.96
C SER D 61 -23.59 16.65 48.42
N PRO D 62 -22.33 17.10 48.42
CA PRO D 62 -21.26 16.26 48.98
C PRO D 62 -21.52 15.82 50.41
N SER D 63 -22.09 16.70 51.24
CA SER D 63 -22.38 16.33 52.62
C SER D 63 -23.60 15.43 52.71
N PHE D 64 -24.52 15.53 51.75
CA PHE D 64 -25.78 14.79 51.78
C PHE D 64 -25.93 13.82 50.62
N GLN D 65 -24.81 13.29 50.11
CA GLN D 65 -24.85 12.28 49.06
C GLN D 65 -24.81 10.88 49.67
N GLY D 66 -25.65 10.00 49.15
CA GLY D 66 -25.69 8.61 49.56
C GLY D 66 -26.50 8.34 50.81
N GLN D 67 -26.52 9.27 51.76
CA GLN D 67 -27.33 9.09 52.96
C GLN D 67 -28.81 9.05 52.63
N VAL D 68 -29.23 9.74 51.58
CA VAL D 68 -30.63 9.83 51.18
C VAL D 68 -30.75 9.50 49.71
N THR D 69 -31.90 8.97 49.31
CA THR D 69 -32.21 8.66 47.93
C THR D 69 -33.46 9.41 47.51
N ILE D 70 -33.42 10.05 46.35
CA ILE D 70 -34.55 10.78 45.80
C ILE D 70 -34.90 10.19 44.44
N SER D 71 -36.08 10.55 43.96
CA SER D 71 -36.52 10.14 42.62
C SER D 71 -37.62 11.09 42.16
N ALA D 72 -37.51 11.50 40.89
CA ALA D 72 -38.48 12.39 40.27
C ALA D 72 -39.49 11.54 39.51
N ASP D 73 -40.60 11.21 40.17
CA ASP D 73 -41.68 10.46 39.53
C ASP D 73 -42.45 11.40 38.60
N LYS D 74 -41.80 11.73 37.49
CA LYS D 74 -42.33 12.73 36.57
C LYS D 74 -43.66 12.32 35.95
N SER D 75 -43.96 11.02 35.92
CA SER D 75 -45.27 10.59 35.45
C SER D 75 -46.39 11.09 36.35
N ILE D 76 -46.08 11.39 37.61
CA ILE D 76 -47.06 11.92 38.55
C ILE D 76 -46.49 13.15 39.24
N SER D 77 -45.29 13.57 38.81
CA SER D 77 -44.62 14.77 39.32
C SER D 77 -44.43 14.69 40.84
N THR D 78 -43.66 13.69 41.26
CA THR D 78 -43.39 13.43 42.66
C THR D 78 -41.90 13.38 42.92
N ALA D 79 -41.46 13.99 44.01
CA ALA D 79 -40.08 13.95 44.46
C ALA D 79 -39.98 13.14 45.74
N TYR D 80 -39.15 12.11 45.73
CA TYR D 80 -38.96 11.23 46.87
C TYR D 80 -37.80 11.69 47.74
N LEU D 81 -37.75 11.12 48.94
CA LEU D 81 -36.64 11.36 49.87
C LEU D 81 -36.55 10.12 50.75
N GLN D 82 -35.64 9.21 50.41
CA GLN D 82 -35.60 7.88 51.01
C GLN D 82 -34.55 7.83 52.12
N TRP D 83 -34.98 7.44 53.32
CA TRP D 83 -34.09 7.19 54.44
C TRP D 83 -34.10 5.70 54.75
N SER D 84 -32.91 5.11 54.88
CA SER D 84 -32.80 3.70 55.21
C SER D 84 -32.66 3.49 56.72
N SER D 85 -31.92 4.36 57.40
CA SER D 85 -31.72 4.28 58.85
C SER D 85 -31.85 5.70 59.41
N LEU D 86 -33.06 6.05 59.84
CA LEU D 86 -33.29 7.37 60.41
C LEU D 86 -32.55 7.52 61.73
N LYS D 87 -31.94 8.68 61.93
CA LYS D 87 -31.09 8.94 63.07
C LYS D 87 -31.82 9.78 64.10
N ALA D 88 -31.45 9.61 65.37
CA ALA D 88 -32.03 10.43 66.43
C ALA D 88 -31.65 11.89 66.28
N SER D 89 -30.40 12.16 65.90
CA SER D 89 -29.91 13.51 65.70
C SER D 89 -30.32 14.10 64.36
N ASP D 90 -31.27 13.47 63.67
CA ASP D 90 -31.74 13.92 62.37
C ASP D 90 -32.88 14.93 62.46
N THR D 91 -33.24 15.35 63.67
CA THR D 91 -34.35 16.28 63.85
C THR D 91 -33.99 17.64 63.24
N ALA D 92 -34.77 18.07 62.26
CA ALA D 92 -34.57 19.35 61.58
C ALA D 92 -35.81 19.65 60.76
N MET D 93 -35.74 20.73 59.98
CA MET D 93 -36.80 21.12 59.06
C MET D 93 -36.30 20.88 57.63
N TYR D 94 -37.05 20.09 56.87
CA TYR D 94 -36.65 19.67 55.53
C TYR D 94 -37.55 20.35 54.52
N TYR D 95 -36.95 21.07 53.58
CA TYR D 95 -37.67 21.82 52.56
C TYR D 95 -37.43 21.16 51.21
N CYS D 96 -38.50 20.80 50.52
CA CYS D 96 -38.42 20.38 49.13
C CYS D 96 -38.82 21.56 48.26
N ALA D 97 -37.83 22.19 47.62
CA ALA D 97 -38.02 23.41 46.84
C ALA D 97 -37.37 23.24 45.48
N ARG D 98 -37.99 23.84 44.45
CA ARG D 98 -37.51 23.71 43.09
C ARG D 98 -36.79 24.98 42.67
N GLY D 99 -35.66 24.82 41.99
CA GLY D 99 -34.82 25.94 41.64
C GLY D 99 -34.74 26.23 40.16
N VAL D 100 -33.71 26.98 39.75
CA VAL D 100 -33.51 27.37 38.37
C VAL D 100 -32.05 27.18 38.00
N ALA D 101 -31.76 27.31 36.71
CA ALA D 101 -30.43 27.16 36.17
C ALA D 101 -29.86 28.52 35.78
N VAL D 102 -28.65 28.51 35.21
CA VAL D 102 -27.96 29.72 34.74
C VAL D 102 -27.75 30.68 35.90
N ASP D 103 -28.85 31.22 36.43
CA ASP D 103 -28.77 32.01 37.64
C ASP D 103 -28.51 31.15 38.87
N TRP D 104 -29.05 29.92 38.87
CA TRP D 104 -28.78 28.91 39.90
C TRP D 104 -29.20 29.39 41.28
N TYR D 105 -30.51 29.60 41.44
CA TYR D 105 -31.10 29.97 42.72
C TYR D 105 -32.41 29.21 42.88
N PHE D 106 -33.09 29.47 44.00
CA PHE D 106 -34.38 28.90 44.30
C PHE D 106 -35.43 29.99 44.20
N ASP D 107 -36.53 29.72 43.49
CA ASP D 107 -37.59 30.70 43.36
C ASP D 107 -38.89 30.31 44.04
N LEU D 108 -39.15 29.02 44.24
CA LEU D 108 -40.35 28.55 44.89
C LEU D 108 -39.97 27.52 45.94
N TRP D 109 -40.65 27.57 47.09
CA TRP D 109 -40.32 26.72 48.22
C TRP D 109 -41.56 26.00 48.72
N GLY D 110 -41.33 24.81 49.32
CA GLY D 110 -42.39 24.10 49.99
C GLY D 110 -42.51 24.49 51.46
N ARG D 111 -43.61 24.06 52.07
CA ARG D 111 -43.86 24.43 53.45
C ARG D 111 -42.93 23.71 54.43
N GLY D 112 -42.36 22.58 54.04
CA GLY D 112 -41.48 21.84 54.91
C GLY D 112 -42.23 20.83 55.78
N THR D 113 -41.48 19.88 56.31
CA THR D 113 -42.02 18.81 57.14
C THR D 113 -41.29 18.78 58.47
N LEU D 114 -42.05 18.72 59.56
CA LEU D 114 -41.48 18.66 60.91
C LEU D 114 -41.14 17.21 61.21
N VAL D 115 -39.94 16.81 60.81
CA VAL D 115 -39.47 15.43 61.00
C VAL D 115 -38.73 15.37 62.34
N THR D 116 -39.32 14.69 63.31
CA THR D 116 -38.73 14.51 64.64
C THR D 116 -38.65 13.02 64.93
N VAL D 117 -37.43 12.50 64.94
CA VAL D 117 -37.17 11.08 65.19
C VAL D 117 -36.35 10.97 66.46
N SER D 118 -36.85 10.21 67.43
CA SER D 118 -36.16 10.02 68.69
C SER D 118 -36.50 8.65 69.24
N SER D 119 -35.63 8.14 70.11
CA SER D 119 -35.82 6.80 70.67
C SER D 119 -37.10 6.68 71.48
N ALA D 120 -37.60 7.79 72.03
CA ALA D 120 -38.86 7.75 72.76
C ALA D 120 -40.02 7.49 71.80
N SER D 121 -40.99 6.70 72.27
CA SER D 121 -42.14 6.36 71.45
C SER D 121 -43.11 7.53 71.34
N VAL E 3 -20.41 28.36 54.84
CA VAL E 3 -19.33 28.43 53.87
C VAL E 3 -19.32 29.81 53.22
N LEU E 4 -20.42 30.55 53.39
CA LEU E 4 -20.55 31.93 52.92
C LEU E 4 -20.93 32.76 54.15
N THR E 5 -19.94 33.40 54.75
CA THR E 5 -20.16 34.09 56.02
C THR E 5 -21.14 35.25 55.87
N GLN E 6 -21.94 35.46 56.91
CA GLN E 6 -22.92 36.53 56.96
C GLN E 6 -22.93 37.13 58.35
N PRO E 7 -23.36 38.38 58.49
CA PRO E 7 -23.56 38.95 59.83
C PRO E 7 -24.67 38.22 60.56
N PRO E 8 -24.34 37.53 61.67
CA PRO E 8 -25.31 36.61 62.27
C PRO E 8 -26.61 37.27 62.72
N SER E 9 -26.56 38.51 63.20
CA SER E 9 -27.76 39.15 63.73
C SER E 9 -27.72 40.65 63.42
N VAL E 10 -28.85 41.19 62.97
CA VAL E 10 -29.00 42.60 62.67
C VAL E 10 -30.22 43.12 63.42
N SER E 11 -30.04 44.18 64.19
CA SER E 11 -31.13 44.82 64.92
C SER E 11 -31.27 46.26 64.45
N GLY E 12 -32.51 46.71 64.32
CA GLY E 12 -32.75 48.05 63.81
C GLY E 12 -34.14 48.58 64.09
N ALA E 13 -34.23 49.88 64.33
CA ALA E 13 -35.51 50.53 64.56
C ALA E 13 -36.30 50.64 63.26
N PRO E 14 -37.63 50.73 63.35
CA PRO E 14 -38.42 50.97 62.14
C PRO E 14 -38.03 52.28 61.47
N GLY E 15 -38.05 52.28 60.15
CA GLY E 15 -37.62 53.45 59.41
C GLY E 15 -36.12 53.62 59.32
N GLN E 16 -35.39 52.53 59.05
CA GLN E 16 -33.94 52.56 59.00
C GLN E 16 -33.45 51.88 57.74
N ARG E 17 -32.29 52.31 57.26
CA ARG E 17 -31.63 51.75 56.10
C ARG E 17 -30.46 50.89 56.55
N VAL E 18 -30.57 49.57 56.35
CA VAL E 18 -29.55 48.64 56.78
C VAL E 18 -29.08 47.82 55.58
N THR E 19 -27.89 47.26 55.70
CA THR E 19 -27.28 46.48 54.62
C THR E 19 -26.66 45.21 55.21
N ILE E 20 -26.77 44.12 54.46
CA ILE E 20 -26.24 42.83 54.87
C ILE E 20 -25.08 42.45 53.95
N SER E 21 -23.93 42.15 54.55
CA SER E 21 -22.72 41.84 53.81
C SER E 21 -22.68 40.35 53.50
N CYS E 22 -22.87 40.01 52.23
CA CYS E 22 -22.74 38.62 51.78
C CYS E 22 -21.29 38.33 51.42
N THR E 23 -20.46 38.28 52.46
CA THR E 23 -19.03 38.09 52.29
C THR E 23 -18.73 36.62 52.01
N GLY E 24 -17.80 36.38 51.08
CA GLY E 24 -17.34 35.05 50.75
C GLY E 24 -15.85 35.03 50.49
N SER E 25 -15.44 34.14 49.61
CA SER E 25 -14.06 34.02 49.17
C SER E 25 -13.96 34.37 47.69
N SER E 26 -12.74 34.26 47.14
CA SER E 26 -12.51 34.57 45.75
C SER E 26 -12.94 33.45 44.81
N SER E 27 -13.29 32.28 45.34
CA SER E 27 -13.71 31.16 44.52
C SER E 27 -15.21 30.88 44.59
N ASN E 28 -15.92 31.49 45.53
CA ASN E 28 -17.35 31.25 45.68
C ASN E 28 -18.19 32.51 45.43
N ILE E 29 -17.89 33.61 46.09
CA ILE E 29 -18.61 34.86 45.91
C ILE E 29 -17.86 35.82 45.01
N GLY E 30 -16.55 35.96 45.23
CA GLY E 30 -15.72 36.86 44.45
C GLY E 30 -15.27 36.33 43.11
N ALA E 31 -15.70 35.13 42.73
CA ALA E 31 -15.33 34.56 41.43
C ALA E 31 -16.01 35.24 40.26
N GLY E 32 -16.95 36.15 40.53
CA GLY E 32 -17.68 36.83 39.47
C GLY E 32 -19.02 36.19 39.12
N TYR E 33 -19.35 35.06 39.72
CA TYR E 33 -20.63 34.42 39.46
C TYR E 33 -21.75 35.19 40.14
N ASP E 34 -22.98 34.90 39.69
CA ASP E 34 -24.13 35.61 40.23
C ASP E 34 -24.33 35.30 41.71
N VAL E 35 -24.88 36.28 42.43
CA VAL E 35 -25.22 36.15 43.83
C VAL E 35 -26.70 36.46 43.99
N HIS E 36 -27.44 35.54 44.58
CA HIS E 36 -28.88 35.65 44.73
C HIS E 36 -29.22 35.68 46.21
N TRP E 37 -30.46 36.07 46.52
CA TRP E 37 -30.81 36.35 47.90
C TRP E 37 -32.24 35.90 48.15
N TYR E 38 -32.60 35.71 49.42
CA TYR E 38 -33.99 35.41 49.78
C TYR E 38 -34.38 36.14 51.06
N GLN E 39 -35.61 35.90 51.50
CA GLN E 39 -36.05 36.21 52.85
C GLN E 39 -36.57 34.92 53.47
N GLN E 40 -36.04 34.59 54.65
CA GLN E 40 -36.40 33.35 55.36
C GLN E 40 -37.18 33.78 56.61
N LEU E 41 -38.48 33.95 56.47
CA LEU E 41 -39.29 34.36 57.61
C LEU E 41 -39.27 33.26 58.68
N PRO E 42 -39.10 33.61 59.95
CA PRO E 42 -38.90 32.59 60.99
C PRO E 42 -40.13 31.73 61.16
N GLY E 43 -39.93 30.41 61.10
CA GLY E 43 -41.01 29.46 61.27
C GLY E 43 -41.84 29.19 60.03
N THR E 44 -41.56 29.87 58.92
CA THR E 44 -42.27 29.66 57.67
C THR E 44 -41.25 29.40 56.56
N ALA E 45 -41.76 29.16 55.35
CA ALA E 45 -40.93 28.86 54.21
C ALA E 45 -40.20 30.11 53.73
N PRO E 46 -38.98 29.96 53.22
CA PRO E 46 -38.27 31.10 52.64
C PRO E 46 -38.94 31.60 51.37
N LYS E 47 -38.70 32.87 51.06
CA LYS E 47 -39.23 33.49 49.86
C LYS E 47 -38.12 34.26 49.14
N LEU E 48 -38.20 34.27 47.82
CA LEU E 48 -37.18 34.92 47.00
C LEU E 48 -37.23 36.44 47.19
N LEU E 49 -36.05 37.05 47.34
CA LEU E 49 -35.94 38.50 47.45
C LEU E 49 -35.25 39.12 46.24
N ILE E 50 -34.02 38.68 45.94
CA ILE E 50 -33.22 39.25 44.86
C ILE E 50 -32.65 38.11 44.03
N TYR E 51 -32.73 38.24 42.71
CA TYR E 51 -32.13 37.28 41.80
C TYR E 51 -31.48 38.04 40.65
N GLY E 52 -30.22 37.71 40.37
CA GLY E 52 -29.47 38.40 39.34
C GLY E 52 -28.84 39.71 39.76
N ASN E 53 -29.00 40.10 41.03
CA ASN E 53 -28.41 41.30 41.62
C ASN E 53 -29.05 42.58 41.11
N SER E 54 -29.91 42.47 40.11
CA SER E 54 -30.62 43.64 39.60
C SER E 54 -32.09 43.40 39.29
N ASN E 55 -32.55 42.15 39.22
CA ASN E 55 -33.93 41.86 38.86
C ASN E 55 -34.80 41.77 40.11
N ARG E 56 -36.07 42.17 39.96
CA ARG E 56 -36.98 42.27 41.08
C ARG E 56 -38.17 41.33 40.87
N PRO E 57 -38.54 40.55 41.88
CA PRO E 57 -39.71 39.67 41.74
C PRO E 57 -41.00 40.46 41.76
N SER E 58 -42.05 39.81 41.28
CA SER E 58 -43.38 40.43 41.27
C SER E 58 -43.99 40.40 42.66
N GLY E 59 -44.52 41.53 43.11
CA GLY E 59 -45.17 41.63 44.40
C GLY E 59 -44.25 42.01 45.55
N VAL E 60 -42.94 42.07 45.33
CA VAL E 60 -42.02 42.43 46.41
C VAL E 60 -42.11 43.93 46.67
N PRO E 61 -42.08 44.38 47.93
CA PRO E 61 -41.97 45.82 48.19
C PRO E 61 -40.63 46.37 47.72
N ASP E 62 -40.64 47.64 47.32
CA ASP E 62 -39.45 48.28 46.78
C ASP E 62 -38.40 48.58 47.84
N ARG E 63 -38.74 48.41 49.12
CA ARG E 63 -37.81 48.73 50.21
C ARG E 63 -36.57 47.83 50.19
N PHE E 64 -36.63 46.69 49.51
CA PHE E 64 -35.54 45.73 49.47
C PHE E 64 -34.91 45.72 48.09
N SER E 65 -33.56 45.68 48.06
CA SER E 65 -32.82 45.62 46.80
C SER E 65 -31.49 44.92 47.05
N GLY E 66 -30.91 44.39 45.98
CA GLY E 66 -29.70 43.58 46.10
C GLY E 66 -28.58 44.12 45.23
N SER E 67 -27.35 43.84 45.64
CA SER E 67 -26.17 44.32 44.92
C SER E 67 -24.98 43.44 45.27
N LYS E 68 -23.93 43.56 44.46
CA LYS E 68 -22.69 42.83 44.66
C LYS E 68 -21.51 43.79 44.49
N SER E 69 -20.48 43.62 45.30
CA SER E 69 -19.28 44.46 45.25
C SER E 69 -18.05 43.57 45.40
N GLY E 70 -17.54 43.08 44.26
CA GLY E 70 -16.32 42.29 44.24
C GLY E 70 -16.41 40.97 44.98
N THR E 71 -15.64 40.83 46.05
CA THR E 71 -15.62 39.59 46.82
C THR E 71 -16.85 39.43 47.71
N SER E 72 -17.59 40.50 47.96
CA SER E 72 -18.75 40.46 48.82
C SER E 72 -19.96 41.06 48.10
N ALA E 73 -21.15 40.70 48.58
CA ALA E 73 -22.40 41.20 48.04
C ALA E 73 -23.17 41.89 49.16
N SER E 74 -23.96 42.90 48.78
CA SER E 74 -24.69 43.72 49.75
C SER E 74 -26.18 43.66 49.45
N LEU E 75 -26.99 43.53 50.50
CA LEU E 75 -28.44 43.64 50.41
C LEU E 75 -28.84 45.05 50.81
N ALA E 76 -29.54 45.76 49.92
CA ALA E 76 -30.02 47.10 50.19
C ALA E 76 -31.38 47.03 50.87
N ILE E 77 -31.44 47.37 52.16
CA ILE E 77 -32.69 47.46 52.90
C ILE E 77 -32.88 48.94 53.19
N THR E 78 -33.90 49.54 52.59
CA THR E 78 -34.23 50.94 52.82
C THR E 78 -35.60 51.02 53.48
N GLY E 79 -35.65 51.62 54.66
CA GLY E 79 -36.92 51.77 55.35
C GLY E 79 -37.39 50.54 56.09
N LEU E 80 -36.63 50.12 57.11
CA LEU E 80 -37.04 49.00 57.94
C LEU E 80 -38.40 49.26 58.58
N GLN E 81 -39.21 48.20 58.68
CA GLN E 81 -40.49 48.26 59.36
C GLN E 81 -40.59 47.09 60.34
N ALA E 82 -41.65 47.09 61.15
CA ALA E 82 -41.76 46.15 62.26
C ALA E 82 -41.90 44.70 61.81
N GLU E 83 -42.35 44.47 60.57
CA GLU E 83 -42.54 43.11 60.07
C GLU E 83 -41.23 42.45 59.64
N ASP E 84 -40.14 43.22 59.53
CA ASP E 84 -38.89 42.74 58.95
C ASP E 84 -38.07 41.86 59.89
N GLU E 85 -38.66 41.41 61.00
CA GLU E 85 -37.97 40.47 61.89
C GLU E 85 -37.94 39.10 61.23
N ALA E 86 -36.86 38.79 60.54
CA ALA E 86 -36.79 37.54 59.78
C ALA E 86 -35.34 37.12 59.60
N ASP E 87 -35.16 35.84 59.29
CA ASP E 87 -33.87 35.30 58.91
C ASP E 87 -33.63 35.59 57.44
N TYR E 88 -32.42 36.05 57.11
CA TYR E 88 -32.04 36.34 55.72
C TYR E 88 -30.77 35.57 55.40
N TYR E 89 -30.75 34.91 54.24
CA TYR E 89 -29.65 34.04 53.85
C TYR E 89 -29.18 34.32 52.44
N CYS E 90 -27.94 33.97 52.15
CA CYS E 90 -27.28 34.26 50.89
C CYS E 90 -27.51 33.19 49.84
N GLN E 91 -27.06 33.50 48.62
CA GLN E 91 -26.94 32.54 47.53
C GLN E 91 -25.75 32.89 46.65
N SER E 92 -25.26 31.88 45.95
CA SER E 92 -24.36 32.05 44.83
C SER E 92 -24.40 30.79 44.00
N TYR E 93 -23.55 30.74 42.98
CA TYR E 93 -23.35 29.54 42.19
C TYR E 93 -21.86 29.23 42.12
N ASP E 94 -21.52 27.97 42.38
CA ASP E 94 -20.14 27.51 42.34
C ASP E 94 -20.04 26.38 41.33
N SER E 95 -19.11 26.54 40.40
CA SER E 95 -18.87 25.52 39.35
C SER E 95 -17.95 24.45 39.93
N SER E 96 -16.67 24.80 40.15
CA SER E 96 -15.63 23.84 40.47
C SER E 96 -15.91 23.11 41.78
N LEU E 97 -16.78 23.65 42.62
CA LEU E 97 -17.08 23.05 43.93
C LEU E 97 -18.02 21.85 43.83
N SER E 98 -18.37 21.51 42.59
CA SER E 98 -19.32 20.43 42.18
C SER E 98 -20.76 20.85 42.45
N ALA E 99 -20.97 21.58 43.53
CA ALA E 99 -22.30 21.85 44.10
C ALA E 99 -22.92 22.98 43.28
N LEU E 100 -24.04 22.68 42.62
CA LEU E 100 -24.66 23.67 41.74
C LEU E 100 -25.18 24.88 42.52
N TYR E 101 -25.56 24.68 43.77
CA TYR E 101 -25.91 25.78 44.66
C TYR E 101 -25.01 25.79 45.88
N VAL E 102 -24.71 26.99 46.38
CA VAL E 102 -23.96 27.18 47.60
C VAL E 102 -24.75 28.11 48.51
N PHE E 103 -24.79 27.80 49.79
CA PHE E 103 -25.63 28.49 50.76
C PHE E 103 -24.80 29.24 51.78
N GLY E 104 -25.33 30.39 52.22
CA GLY E 104 -24.66 31.22 53.19
C GLY E 104 -24.87 30.73 54.61
N THR E 105 -24.08 31.31 55.52
CA THR E 105 -24.19 30.95 56.93
C THR E 105 -25.49 31.46 57.54
N GLY E 106 -25.83 32.72 57.29
CA GLY E 106 -27.12 33.25 57.72
C GLY E 106 -27.07 34.60 58.40
N THR E 107 -28.17 35.35 58.27
CA THR E 107 -28.29 36.67 58.88
C THR E 107 -29.66 36.81 59.53
N LYS E 108 -29.66 37.17 60.81
CA LYS E 108 -30.87 37.57 61.52
C LYS E 108 -31.06 39.07 61.37
N VAL E 109 -32.23 39.48 60.89
CA VAL E 109 -32.61 40.88 60.84
C VAL E 109 -33.84 41.05 61.72
N THR E 110 -33.72 41.87 62.75
CA THR E 110 -34.77 42.06 63.72
C THR E 110 -35.14 43.54 63.86
N VAL E 111 -36.44 43.80 63.94
CA VAL E 111 -36.98 45.14 64.11
C VAL E 111 -37.93 45.09 65.30
N LEU E 112 -37.82 46.07 66.19
CA LEU E 112 -38.69 46.15 67.35
C LEU E 112 -39.94 46.97 67.01
N GLU F 1 -61.30 8.57 38.25
CA GLU F 1 -61.32 7.14 38.53
C GLU F 1 -60.80 6.35 37.33
N VAL F 2 -60.33 5.15 37.59
CA VAL F 2 -59.86 4.24 36.54
C VAL F 2 -61.06 3.41 36.07
N GLN F 3 -61.59 3.77 34.91
CA GLN F 3 -62.76 3.09 34.38
C GLN F 3 -62.73 3.11 32.86
N LEU F 4 -63.17 2.01 32.26
CA LEU F 4 -63.19 1.83 30.81
C LEU F 4 -64.64 1.53 30.43
N VAL F 5 -65.37 2.56 29.96
CA VAL F 5 -66.79 2.45 29.69
C VAL F 5 -66.99 1.98 28.25
N GLN F 6 -68.20 1.52 27.95
CA GLN F 6 -68.50 0.97 26.63
C GLN F 6 -69.71 1.62 25.96
N SER F 7 -70.13 1.05 24.83
CA SER F 7 -71.30 1.51 24.11
C SER F 7 -72.47 0.56 24.37
N GLY F 8 -73.68 1.04 24.06
CA GLY F 8 -74.89 0.30 24.36
C GLY F 8 -75.14 -0.84 23.39
N ALA F 9 -76.22 -1.57 23.67
CA ALA F 9 -76.59 -2.71 22.84
C ALA F 9 -77.03 -2.24 21.46
N GLU F 10 -76.58 -2.96 20.43
CA GLU F 10 -76.87 -2.61 19.05
C GLU F 10 -77.31 -3.85 18.28
N VAL F 11 -78.27 -3.67 17.39
CA VAL F 11 -78.71 -4.72 16.47
C VAL F 11 -78.62 -4.16 15.06
N LYS F 12 -77.94 -4.89 14.18
CA LYS F 12 -77.64 -4.39 12.84
C LYS F 12 -77.26 -5.57 11.96
N LYS F 13 -76.81 -5.27 10.74
CA LYS F 13 -76.55 -6.27 9.72
C LYS F 13 -75.06 -6.36 9.41
N PRO F 14 -74.60 -7.50 8.90
CA PRO F 14 -73.19 -7.61 8.50
C PRO F 14 -72.84 -6.68 7.36
N GLY F 15 -71.59 -6.23 7.35
CA GLY F 15 -71.10 -5.39 6.26
C GLY F 15 -70.76 -3.97 6.68
N GLU F 16 -71.52 -3.44 7.63
CA GLU F 16 -71.32 -2.06 8.08
C GLU F 16 -70.47 -2.02 9.35
N SER F 17 -70.08 -0.81 9.73
CA SER F 17 -69.14 -0.61 10.82
C SER F 17 -69.85 -0.30 12.13
N LEU F 18 -69.23 -0.71 13.23
CA LEU F 18 -69.70 -0.41 14.58
C LEU F 18 -68.55 0.17 15.37
N LYS F 19 -68.69 1.42 15.80
CA LYS F 19 -67.63 2.15 16.49
C LYS F 19 -67.89 2.14 17.99
N ILE F 20 -66.85 1.85 18.77
CA ILE F 20 -66.94 1.73 20.21
C ILE F 20 -65.91 2.65 20.85
N SER F 21 -66.34 3.43 21.84
CA SER F 21 -65.46 4.32 22.58
C SER F 21 -65.23 3.75 23.99
N CYS F 22 -63.97 3.45 24.31
CA CYS F 22 -63.57 2.91 25.60
C CYS F 22 -62.57 3.90 26.21
N LYS F 23 -63.09 4.92 26.90
CA LYS F 23 -62.21 5.99 27.34
C LYS F 23 -61.36 5.52 28.52
N GLY F 24 -60.10 5.93 28.55
CA GLY F 24 -59.19 5.56 29.60
C GLY F 24 -58.80 6.75 30.45
N SER F 25 -58.75 6.55 31.76
CA SER F 25 -58.42 7.62 32.69
C SER F 25 -57.85 7.01 33.95
N GLY F 26 -57.14 7.85 34.72
CA GLY F 26 -56.52 7.40 35.95
C GLY F 26 -55.19 6.71 35.77
N TYR F 27 -54.71 6.56 34.54
CA TYR F 27 -53.41 5.97 34.28
C TYR F 27 -52.78 6.67 33.10
N SER F 28 -51.45 6.57 33.02
CA SER F 28 -50.70 7.09 31.88
C SER F 28 -51.04 6.28 30.64
N PHE F 29 -51.82 6.87 29.74
CA PHE F 29 -52.39 6.12 28.63
C PHE F 29 -51.31 5.59 27.69
N THR F 30 -50.31 6.40 27.39
CA THR F 30 -49.26 6.02 26.45
C THR F 30 -48.19 5.14 27.09
N SER F 31 -48.50 4.53 28.24
CA SER F 31 -47.54 3.70 28.95
C SER F 31 -48.09 2.35 29.36
N TYR F 32 -49.30 1.98 28.94
CA TYR F 32 -49.90 0.72 29.30
C TYR F 32 -50.44 0.02 28.05
N TRP F 33 -50.41 -1.30 28.09
CA TRP F 33 -50.89 -2.13 26.98
C TRP F 33 -52.40 -2.21 27.05
N ILE F 34 -53.09 -1.42 26.22
CA ILE F 34 -54.55 -1.45 26.11
C ILE F 34 -54.93 -2.41 24.99
N GLY F 35 -55.98 -3.20 25.21
CA GLY F 35 -56.35 -4.19 24.21
C GLY F 35 -57.78 -4.63 24.35
N TRP F 36 -58.23 -5.35 23.33
CA TRP F 36 -59.58 -5.87 23.24
C TRP F 36 -59.58 -7.39 23.36
N VAL F 37 -60.55 -7.92 24.08
CA VAL F 37 -60.74 -9.36 24.22
C VAL F 37 -62.22 -9.68 23.98
N ARG F 38 -62.47 -10.75 23.24
CA ARG F 38 -63.80 -11.14 22.83
C ARG F 38 -64.18 -12.47 23.47
N GLN F 39 -65.48 -12.62 23.74
CA GLN F 39 -65.99 -13.87 24.30
C GLN F 39 -67.29 -14.24 23.59
N MET F 40 -67.36 -15.46 23.08
CA MET F 40 -68.60 -15.94 22.51
C MET F 40 -69.63 -16.18 23.61
N PRO F 41 -70.92 -16.03 23.31
CA PRO F 41 -71.95 -16.26 24.32
C PRO F 41 -71.94 -17.70 24.82
N GLY F 42 -71.64 -17.86 26.11
CA GLY F 42 -71.58 -19.18 26.70
C GLY F 42 -70.28 -19.92 26.46
N LYS F 43 -69.26 -19.26 25.95
CA LYS F 43 -67.96 -19.87 25.68
C LYS F 43 -66.88 -19.19 26.50
N GLY F 44 -65.63 -19.52 26.19
CA GLY F 44 -64.49 -18.94 26.88
C GLY F 44 -64.10 -17.59 26.33
N LEU F 45 -63.08 -17.01 26.95
CA LEU F 45 -62.48 -15.78 26.45
C LEU F 45 -61.41 -16.10 25.43
N GLU F 46 -61.48 -15.43 24.28
CA GLU F 46 -60.48 -15.56 23.24
C GLU F 46 -59.85 -14.20 22.98
N TRP F 47 -58.52 -14.20 22.87
CA TRP F 47 -57.74 -12.98 22.73
C TRP F 47 -57.74 -12.50 21.29
N MET F 48 -58.00 -11.20 21.10
CA MET F 48 -57.93 -10.58 19.79
C MET F 48 -56.60 -9.85 19.58
N GLY F 49 -56.30 -8.88 20.43
CA GLY F 49 -55.05 -8.15 20.28
C GLY F 49 -54.93 -7.08 21.35
N ILE F 50 -53.69 -6.60 21.50
CA ILE F 50 -53.36 -5.51 22.42
C ILE F 50 -52.66 -4.43 21.62
N ILE F 51 -53.05 -3.19 21.84
CA ILE F 51 -52.49 -2.05 21.10
C ILE F 51 -51.81 -1.11 22.09
N TYR F 52 -50.68 -0.54 21.66
CA TYR F 52 -49.95 0.41 22.50
C TYR F 52 -50.20 1.82 21.99
N PRO F 53 -50.81 2.70 22.80
CA PRO F 53 -51.12 4.05 22.31
C PRO F 53 -49.91 4.85 21.91
N GLY F 54 -48.71 4.49 22.38
CA GLY F 54 -47.52 5.24 22.01
C GLY F 54 -47.21 5.14 20.53
N ASP F 55 -47.33 3.94 19.97
CA ASP F 55 -46.96 3.71 18.57
C ASP F 55 -48.04 2.98 17.78
N SER F 56 -49.22 2.78 18.36
CA SER F 56 -50.30 2.02 17.72
C SER F 56 -49.82 0.62 17.32
N ASP F 57 -48.97 0.03 18.15
CA ASP F 57 -48.42 -1.29 17.89
C ASP F 57 -49.46 -2.35 18.26
N THR F 58 -49.88 -3.14 17.28
CA THR F 58 -50.93 -4.13 17.47
C THR F 58 -50.40 -5.52 17.15
N ARG F 59 -50.59 -6.43 18.10
CA ARG F 59 -50.27 -7.86 17.88
C ARG F 59 -51.59 -8.62 17.89
N TYR F 60 -52.05 -9.07 16.71
CA TYR F 60 -53.38 -9.70 16.60
C TYR F 60 -53.28 -11.18 16.97
N SER F 61 -54.30 -11.96 16.60
CA SER F 61 -54.33 -13.40 16.94
C SER F 61 -54.35 -14.23 15.66
N PRO F 62 -53.71 -15.42 15.65
CA PRO F 62 -53.87 -16.38 14.57
C PRO F 62 -55.33 -16.47 14.10
N SER F 63 -56.23 -16.89 14.99
CA SER F 63 -57.60 -17.18 14.57
C SER F 63 -58.42 -15.93 14.33
N PHE F 64 -57.88 -14.75 14.57
CA PHE F 64 -58.61 -13.50 14.43
C PHE F 64 -57.77 -12.46 13.68
N GLN F 65 -57.14 -12.90 12.59
CA GLN F 65 -56.40 -11.95 11.72
C GLN F 65 -57.17 -11.76 10.41
N GLY F 66 -57.41 -10.49 10.05
CA GLY F 66 -58.20 -10.14 8.90
C GLY F 66 -59.69 -10.12 9.12
N GLN F 67 -60.15 -10.26 10.36
CA GLN F 67 -61.58 -10.29 10.66
C GLN F 67 -62.07 -9.05 11.39
N VAL F 68 -61.21 -8.36 12.14
CA VAL F 68 -61.62 -7.23 12.96
C VAL F 68 -60.64 -6.07 12.74
N THR F 69 -61.08 -4.89 13.15
CA THR F 69 -60.28 -3.67 13.05
C THR F 69 -60.13 -3.07 14.45
N ILE F 70 -58.90 -2.68 14.80
CA ILE F 70 -58.61 -2.07 16.08
C ILE F 70 -57.77 -0.84 15.87
N SER F 71 -57.89 0.12 16.79
CA SER F 71 -57.12 1.35 16.76
C SER F 71 -57.31 2.05 18.11
N ALA F 72 -56.64 3.18 18.28
CA ALA F 72 -56.76 3.96 19.49
C ALA F 72 -56.51 5.43 19.16
N ASP F 73 -56.99 6.30 20.03
CA ASP F 73 -56.85 7.75 19.87
C ASP F 73 -56.21 8.30 21.14
N LYS F 74 -54.90 8.53 21.08
CA LYS F 74 -54.20 9.10 22.23
C LYS F 74 -54.56 10.57 22.45
N SER F 75 -55.21 11.22 21.47
CA SER F 75 -55.65 12.59 21.65
C SER F 75 -56.70 12.69 22.74
N ILE F 76 -57.66 11.76 22.75
CA ILE F 76 -58.71 11.73 23.76
C ILE F 76 -58.56 10.53 24.70
N SER F 77 -57.46 9.80 24.60
CA SER F 77 -57.17 8.65 25.47
C SER F 77 -58.31 7.65 25.46
N THR F 78 -58.82 7.35 24.26
CA THR F 78 -59.95 6.44 24.10
C THR F 78 -59.57 5.33 23.12
N ALA F 79 -59.94 4.11 23.46
CA ALA F 79 -59.69 2.95 22.60
C ALA F 79 -60.80 2.81 21.58
N TYR F 80 -60.44 2.49 20.34
CA TYR F 80 -61.36 2.38 19.24
C TYR F 80 -61.47 0.93 18.77
N LEU F 81 -62.70 0.42 18.70
CA LEU F 81 -62.98 -0.85 18.06
C LEU F 81 -63.87 -0.59 16.84
N GLN F 82 -63.48 -1.15 15.70
CA GLN F 82 -64.17 -0.92 14.44
C GLN F 82 -64.29 -2.23 13.69
N TRP F 83 -65.26 -2.29 12.77
CA TRP F 83 -65.47 -3.47 11.95
C TRP F 83 -65.65 -3.04 10.50
N SER F 84 -64.88 -3.65 9.60
CA SER F 84 -65.06 -3.40 8.17
C SER F 84 -66.25 -4.16 7.61
N SER F 85 -66.55 -5.34 8.13
CA SER F 85 -67.71 -6.12 7.71
C SER F 85 -68.02 -7.12 8.80
N LEU F 86 -69.25 -7.13 9.29
CA LEU F 86 -69.65 -7.99 10.39
C LEU F 86 -70.10 -9.35 9.85
N LYS F 87 -70.61 -10.20 10.73
CA LYS F 87 -71.15 -11.50 10.35
C LYS F 87 -72.34 -11.81 11.24
N ALA F 88 -73.19 -12.73 10.76
CA ALA F 88 -74.35 -13.14 11.54
C ALA F 88 -73.94 -13.84 12.82
N SER F 89 -72.91 -14.70 12.74
CA SER F 89 -72.44 -15.42 13.92
C SER F 89 -71.64 -14.55 14.87
N ASP F 90 -71.29 -13.32 14.46
CA ASP F 90 -70.45 -12.44 15.27
C ASP F 90 -71.15 -11.91 16.52
N THR F 91 -72.38 -12.33 16.80
CA THR F 91 -73.08 -11.87 17.98
C THR F 91 -72.37 -12.38 19.23
N ALA F 92 -71.63 -11.51 19.90
CA ALA F 92 -70.84 -11.87 21.07
C ALA F 92 -70.47 -10.59 21.80
N MET F 93 -69.93 -10.75 23.01
CA MET F 93 -69.50 -9.63 23.83
C MET F 93 -68.00 -9.40 23.66
N TYR F 94 -67.61 -8.12 23.64
CA TYR F 94 -66.23 -7.72 23.42
C TYR F 94 -65.80 -6.80 24.55
N TYR F 95 -64.68 -7.13 25.20
CA TYR F 95 -64.19 -6.40 26.36
C TYR F 95 -62.90 -5.69 26.02
N CYS F 96 -62.81 -4.40 26.36
CA CYS F 96 -61.58 -3.63 26.25
C CYS F 96 -60.95 -3.57 27.65
N ALA F 97 -59.88 -4.34 27.84
CA ALA F 97 -59.22 -4.43 29.12
C ALA F 97 -57.74 -4.13 28.95
N ARG F 98 -57.19 -3.38 29.91
CA ARG F 98 -55.81 -2.92 29.83
C ARG F 98 -54.89 -3.90 30.52
N GLY F 99 -53.85 -4.34 29.80
CA GLY F 99 -52.83 -5.21 30.35
C GLY F 99 -51.53 -4.46 30.57
N VAL F 100 -50.56 -5.19 31.11
CA VAL F 100 -49.23 -4.67 31.38
C VAL F 100 -48.20 -5.60 30.76
N ALA F 101 -47.15 -5.02 30.19
CA ALA F 101 -46.05 -5.83 29.68
C ALA F 101 -45.34 -6.52 30.83
N VAL F 102 -44.75 -7.68 30.52
CA VAL F 102 -44.15 -8.57 31.51
C VAL F 102 -45.22 -9.10 32.45
N ASP F 103 -45.33 -10.43 32.53
CA ASP F 103 -46.33 -11.18 33.28
C ASP F 103 -47.68 -11.15 32.56
N TRP F 104 -47.80 -10.24 31.58
CA TRP F 104 -48.84 -10.30 30.54
C TRP F 104 -50.21 -10.72 31.06
N TYR F 105 -50.76 -9.89 31.93
CA TYR F 105 -52.11 -10.06 32.44
C TYR F 105 -52.86 -8.73 32.38
N PHE F 106 -54.18 -8.80 32.24
CA PHE F 106 -54.99 -7.59 32.35
C PHE F 106 -55.13 -7.25 33.83
N ASP F 107 -54.60 -6.11 34.23
CA ASP F 107 -54.79 -5.68 35.62
C ASP F 107 -56.19 -5.11 35.85
N LEU F 108 -56.80 -4.53 34.82
CA LEU F 108 -58.13 -3.94 34.90
C LEU F 108 -58.90 -4.28 33.63
N TRP F 109 -60.20 -4.52 33.79
CA TRP F 109 -61.07 -4.82 32.66
C TRP F 109 -62.14 -3.74 32.51
N GLY F 110 -62.47 -3.44 31.26
CA GLY F 110 -63.61 -2.60 30.96
C GLY F 110 -64.92 -3.37 31.10
N ARG F 111 -66.02 -2.61 31.01
CA ARG F 111 -67.33 -3.22 31.20
C ARG F 111 -67.65 -4.25 30.12
N GLY F 112 -67.32 -3.93 28.88
CA GLY F 112 -67.57 -4.83 27.76
C GLY F 112 -68.77 -4.38 26.94
N THR F 113 -68.73 -4.77 25.67
CA THR F 113 -69.75 -4.38 24.69
C THR F 113 -70.60 -5.59 24.35
N LEU F 114 -71.88 -5.54 24.71
CA LEU F 114 -72.83 -6.57 24.31
C LEU F 114 -73.44 -6.17 22.97
N VAL F 115 -73.05 -6.88 21.92
CA VAL F 115 -73.43 -6.54 20.55
C VAL F 115 -74.13 -7.73 19.92
N THR F 116 -75.30 -7.49 19.34
CA THR F 116 -76.05 -8.52 18.62
C THR F 116 -76.08 -8.14 17.15
N VAL F 117 -75.42 -8.93 16.31
CA VAL F 117 -75.34 -8.69 14.88
C VAL F 117 -75.88 -9.93 14.16
N SER F 118 -76.74 -9.71 13.18
CA SER F 118 -77.35 -10.79 12.42
C SER F 118 -77.73 -10.26 11.05
N SER F 119 -78.03 -11.19 10.14
CA SER F 119 -78.42 -10.80 8.79
C SER F 119 -79.66 -9.92 8.80
N ALA F 120 -80.61 -10.22 9.67
CA ALA F 120 -81.80 -9.38 9.82
C ALA F 120 -81.43 -8.05 10.47
N SER F 121 -82.17 -7.01 10.10
CA SER F 121 -81.93 -5.68 10.64
C SER F 121 -82.24 -5.62 12.14
N VAL G 3 -56.36 -23.31 24.70
CA VAL G 3 -55.16 -24.13 24.65
C VAL G 3 -54.89 -24.75 26.02
N LEU G 4 -55.21 -24.01 27.08
CA LEU G 4 -55.03 -24.49 28.44
C LEU G 4 -56.27 -25.30 28.82
N THR G 5 -56.11 -26.61 28.95
CA THR G 5 -57.21 -27.47 29.34
C THR G 5 -57.52 -27.32 30.82
N GLN G 6 -58.79 -27.50 31.17
CA GLN G 6 -59.25 -27.35 32.54
C GLN G 6 -60.50 -28.18 32.75
N PRO G 7 -60.78 -28.58 33.98
CA PRO G 7 -62.01 -29.34 34.26
C PRO G 7 -63.24 -28.51 33.94
N PRO G 8 -64.16 -29.02 33.11
CA PRO G 8 -65.34 -28.23 32.75
C PRO G 8 -66.23 -27.88 33.92
N SER G 9 -66.34 -28.75 34.92
CA SER G 9 -67.20 -28.50 36.08
C SER G 9 -66.49 -29.00 37.33
N VAL G 10 -66.34 -28.12 38.32
CA VAL G 10 -65.76 -28.46 39.61
C VAL G 10 -66.79 -28.14 40.69
N SER G 11 -67.08 -29.10 41.55
CA SER G 11 -68.07 -28.96 42.60
C SER G 11 -67.37 -28.81 43.95
N GLY G 12 -67.93 -27.95 44.80
CA GLY G 12 -67.35 -27.72 46.12
C GLY G 12 -68.38 -27.34 47.16
N ALA G 13 -68.37 -28.04 48.29
CA ALA G 13 -69.27 -27.74 49.39
C ALA G 13 -68.77 -26.52 50.16
N PRO G 14 -69.67 -25.80 50.83
CA PRO G 14 -69.24 -24.67 51.66
C PRO G 14 -68.29 -25.13 52.76
N GLY G 15 -67.29 -24.30 53.04
CA GLY G 15 -66.29 -24.62 54.04
C GLY G 15 -65.20 -25.56 53.58
N GLN G 16 -65.22 -25.98 52.31
CA GLN G 16 -64.25 -26.91 51.77
C GLN G 16 -63.22 -26.14 50.94
N ARG G 17 -62.01 -26.68 50.89
CA ARG G 17 -60.92 -26.12 50.10
C ARG G 17 -60.68 -27.03 48.90
N VAL G 18 -60.73 -26.44 47.71
CA VAL G 18 -60.55 -27.18 46.45
C VAL G 18 -59.53 -26.45 45.59
N THR G 19 -58.67 -27.20 44.93
CA THR G 19 -57.64 -26.66 44.06
C THR G 19 -58.15 -26.72 42.62
N ILE G 20 -58.40 -25.55 42.02
CA ILE G 20 -58.83 -25.48 40.63
C ILE G 20 -57.62 -25.82 39.76
N SER G 21 -57.62 -27.02 39.18
CA SER G 21 -56.46 -27.50 38.45
C SER G 21 -56.33 -26.77 37.12
N CYS G 22 -55.24 -26.01 36.97
CA CYS G 22 -54.90 -25.36 35.71
C CYS G 22 -53.83 -26.20 35.02
N THR G 23 -54.26 -27.28 34.38
CA THR G 23 -53.34 -28.17 33.69
C THR G 23 -53.01 -27.61 32.31
N GLY G 24 -51.73 -27.51 32.00
CA GLY G 24 -51.32 -26.91 30.74
C GLY G 24 -50.26 -27.68 29.99
N SER G 25 -49.81 -27.12 28.86
CA SER G 25 -48.80 -27.73 28.02
C SER G 25 -47.41 -27.41 28.57
N SER G 26 -46.38 -27.71 27.79
CA SER G 26 -44.99 -27.47 28.17
C SER G 26 -44.51 -26.07 27.79
N SER G 27 -45.36 -25.25 27.16
CA SER G 27 -45.00 -23.89 26.80
C SER G 27 -45.80 -22.84 27.55
N ASN G 28 -46.93 -23.22 28.17
CA ASN G 28 -47.80 -22.30 28.87
C ASN G 28 -47.61 -22.30 30.39
N ILE G 29 -47.45 -23.47 31.01
CA ILE G 29 -47.26 -23.58 32.45
C ILE G 29 -45.91 -24.21 32.78
N GLY G 30 -45.62 -25.37 32.17
CA GLY G 30 -44.41 -26.10 32.49
C GLY G 30 -43.12 -25.42 32.10
N ALA G 31 -43.17 -24.38 31.27
CA ALA G 31 -41.97 -23.68 30.83
C ALA G 31 -41.46 -22.68 31.86
N GLY G 32 -42.02 -22.68 33.07
CA GLY G 32 -41.64 -21.73 34.09
C GLY G 32 -42.31 -20.38 33.98
N TYR G 33 -43.23 -20.21 33.04
CA TYR G 33 -43.92 -18.94 32.88
C TYR G 33 -44.95 -18.76 33.99
N ASP G 34 -45.26 -17.50 34.28
CA ASP G 34 -46.16 -17.16 35.36
C ASP G 34 -47.61 -17.36 34.92
N VAL G 35 -48.48 -17.62 35.90
CA VAL G 35 -49.88 -17.98 35.64
C VAL G 35 -50.77 -16.97 36.35
N HIS G 36 -51.85 -16.57 35.68
CA HIS G 36 -52.78 -15.58 36.20
C HIS G 36 -54.20 -16.10 36.08
N TRP G 37 -55.07 -15.62 36.97
CA TRP G 37 -56.46 -16.07 37.05
C TRP G 37 -57.40 -14.88 37.00
N TYR G 38 -58.55 -15.07 36.35
CA TYR G 38 -59.62 -14.08 36.31
C TYR G 38 -60.91 -14.70 36.80
N GLN G 39 -61.65 -13.95 37.62
CA GLN G 39 -62.92 -14.43 38.20
C GLN G 39 -64.06 -13.98 37.30
N GLN G 40 -64.43 -14.84 36.36
CA GLN G 40 -65.55 -14.58 35.47
C GLN G 40 -66.85 -14.74 36.25
N LEU G 41 -67.28 -13.69 36.93
CA LEU G 41 -68.54 -13.74 37.65
C LEU G 41 -69.68 -13.77 36.64
N PRO G 42 -70.59 -14.75 36.74
CA PRO G 42 -71.64 -14.89 35.71
C PRO G 42 -72.48 -13.64 35.57
N GLY G 43 -72.78 -13.28 34.33
CA GLY G 43 -73.54 -12.08 34.03
C GLY G 43 -72.74 -10.79 34.03
N THR G 44 -71.44 -10.85 34.31
CA THR G 44 -70.58 -9.67 34.33
C THR G 44 -69.27 -10.02 33.63
N ALA G 45 -68.28 -9.11 33.76
CA ALA G 45 -66.95 -9.27 33.22
C ALA G 45 -66.02 -9.91 34.25
N PRO G 46 -65.03 -10.67 33.81
CA PRO G 46 -64.10 -11.29 34.75
C PRO G 46 -63.33 -10.27 35.56
N LYS G 47 -63.06 -10.63 36.82
CA LYS G 47 -62.32 -9.78 37.75
C LYS G 47 -61.03 -10.48 38.13
N LEU G 48 -59.93 -9.75 38.11
CA LEU G 48 -58.63 -10.31 38.48
C LEU G 48 -58.66 -10.81 39.92
N LEU G 49 -58.26 -12.07 40.11
CA LEU G 49 -58.30 -12.68 41.43
C LEU G 49 -56.92 -13.14 41.90
N ILE G 50 -56.18 -13.86 41.07
CA ILE G 50 -54.78 -14.22 41.34
C ILE G 50 -53.94 -13.91 40.11
N TYR G 51 -52.79 -13.27 40.33
CA TYR G 51 -51.78 -13.10 39.30
C TYR G 51 -50.41 -13.26 39.91
N GLY G 52 -49.48 -13.82 39.14
CA GLY G 52 -48.13 -14.04 39.61
C GLY G 52 -47.94 -15.28 40.46
N ASN G 53 -48.98 -16.09 40.65
CA ASN G 53 -48.97 -17.36 41.38
C ASN G 53 -48.84 -17.16 42.89
N SER G 54 -48.53 -15.93 43.31
CA SER G 54 -48.49 -15.63 44.74
C SER G 54 -49.07 -14.27 45.12
N ASN G 55 -49.30 -13.37 44.18
CA ASN G 55 -49.72 -12.02 44.50
C ASN G 55 -51.24 -11.90 44.47
N ARG G 56 -51.75 -11.02 45.34
CA ARG G 56 -53.19 -10.81 45.47
C ARG G 56 -53.46 -9.32 45.30
N PRO G 57 -54.29 -8.92 44.34
CA PRO G 57 -54.55 -7.49 44.14
C PRO G 57 -55.47 -6.95 45.23
N SER G 58 -55.61 -5.62 45.22
CA SER G 58 -56.47 -4.95 46.19
C SER G 58 -57.92 -5.39 46.01
N GLY G 59 -58.58 -5.68 47.13
CA GLY G 59 -59.95 -6.12 47.13
C GLY G 59 -60.15 -7.61 47.10
N VAL G 60 -59.08 -8.39 46.87
CA VAL G 60 -59.16 -9.84 46.84
C VAL G 60 -58.95 -10.35 48.26
N PRO G 61 -59.92 -11.05 48.85
CA PRO G 61 -59.73 -11.59 50.20
C PRO G 61 -58.65 -12.66 50.22
N ASP G 62 -58.01 -12.79 51.39
CA ASP G 62 -56.93 -13.76 51.56
C ASP G 62 -57.40 -15.21 51.46
N ARG G 63 -58.71 -15.46 51.56
CA ARG G 63 -59.21 -16.82 51.36
C ARG G 63 -58.97 -17.28 49.93
N PHE G 64 -59.04 -16.36 48.97
CA PHE G 64 -58.54 -16.66 47.63
C PHE G 64 -57.04 -16.86 47.66
N SER G 65 -56.55 -17.86 46.93
CA SER G 65 -55.12 -18.13 46.87
C SER G 65 -54.80 -18.84 45.56
N GLY G 66 -53.54 -18.77 45.18
CA GLY G 66 -53.07 -19.43 43.97
C GLY G 66 -51.74 -20.12 44.20
N SER G 67 -51.47 -21.11 43.36
CA SER G 67 -50.23 -21.86 43.46
C SER G 67 -49.91 -22.50 42.11
N LYS G 68 -48.64 -22.87 41.96
CA LYS G 68 -48.15 -23.54 40.76
C LYS G 68 -47.50 -24.86 41.17
N SER G 69 -47.77 -25.91 40.41
CA SER G 69 -47.23 -27.25 40.68
C SER G 69 -46.69 -27.82 39.37
N GLY G 70 -45.43 -27.53 39.08
CA GLY G 70 -44.80 -28.07 37.87
C GLY G 70 -45.50 -27.57 36.62
N THR G 71 -46.02 -28.51 35.83
CA THR G 71 -46.72 -28.20 34.59
C THR G 71 -48.16 -27.79 34.80
N SER G 72 -48.65 -27.84 36.05
CA SER G 72 -50.01 -27.47 36.36
C SER G 72 -50.04 -26.40 37.44
N ALA G 73 -51.14 -25.67 37.51
CA ALA G 73 -51.34 -24.64 38.51
C ALA G 73 -52.65 -24.89 39.24
N SER G 74 -52.71 -24.44 40.49
CA SER G 74 -53.87 -24.66 41.33
C SER G 74 -54.28 -23.36 42.01
N LEU G 75 -55.58 -23.11 42.05
CA LEU G 75 -56.14 -21.97 42.77
C LEU G 75 -56.83 -22.47 44.02
N ALA G 76 -56.23 -22.19 45.17
CA ALA G 76 -56.74 -22.66 46.46
C ALA G 76 -57.75 -21.65 47.00
N ILE G 77 -58.99 -22.09 47.17
CA ILE G 77 -60.07 -21.27 47.72
C ILE G 77 -60.56 -21.93 49.00
N THR G 78 -60.58 -21.16 50.09
CA THR G 78 -60.90 -21.67 51.42
C THR G 78 -62.21 -21.07 51.90
N GLY G 79 -63.08 -21.92 52.44
CA GLY G 79 -64.34 -21.47 52.98
C GLY G 79 -65.29 -20.95 51.92
N LEU G 80 -65.75 -21.83 51.05
CA LEU G 80 -66.64 -21.43 49.96
C LEU G 80 -67.93 -20.83 50.50
N GLN G 81 -68.32 -19.69 49.95
CA GLN G 81 -69.52 -18.97 50.35
C GLN G 81 -70.44 -18.80 49.15
N ALA G 82 -71.53 -18.05 49.35
CA ALA G 82 -72.50 -17.85 48.28
C ALA G 82 -71.92 -17.03 47.14
N GLU G 83 -71.09 -16.03 47.45
CA GLU G 83 -70.47 -15.23 46.41
C GLU G 83 -69.40 -16.00 45.63
N ASP G 84 -68.90 -17.10 46.18
CA ASP G 84 -67.85 -17.87 45.52
C ASP G 84 -68.36 -18.64 44.30
N GLU G 85 -69.66 -18.68 44.06
CA GLU G 85 -70.17 -19.30 42.84
C GLU G 85 -69.79 -18.41 41.68
N ALA G 86 -68.63 -18.68 41.10
CA ALA G 86 -68.07 -17.85 40.03
C ALA G 86 -67.24 -18.74 39.12
N ASP G 87 -66.98 -18.22 37.92
CA ASP G 87 -66.26 -18.95 36.89
C ASP G 87 -64.84 -18.42 36.75
N TYR G 88 -63.88 -19.32 36.56
CA TYR G 88 -62.46 -18.98 36.62
C TYR G 88 -61.74 -19.38 35.33
N TYR G 89 -60.96 -18.45 34.79
CA TYR G 89 -60.06 -18.71 33.66
C TYR G 89 -58.63 -18.46 34.09
N CYS G 90 -57.84 -19.52 34.18
CA CYS G 90 -56.39 -19.39 34.30
C CYS G 90 -55.79 -19.14 32.93
N GLN G 91 -54.84 -18.22 32.86
CA GLN G 91 -54.21 -17.91 31.60
C GLN G 91 -52.76 -17.51 31.85
N SER G 92 -51.95 -17.64 30.81
CA SER G 92 -50.51 -17.38 30.93
C SER G 92 -50.02 -16.84 29.59
N TYR G 93 -48.71 -16.86 29.39
CA TYR G 93 -48.07 -16.38 28.17
C TYR G 93 -47.43 -17.54 27.43
N ASP G 94 -47.59 -17.55 26.11
CA ASP G 94 -47.00 -18.58 25.25
C ASP G 94 -45.98 -17.94 24.34
N SER G 95 -44.73 -18.37 24.46
CA SER G 95 -43.67 -17.85 23.59
C SER G 95 -43.73 -18.48 22.20
N SER G 96 -44.06 -19.77 22.13
CA SER G 96 -43.95 -20.50 20.87
C SER G 96 -45.05 -20.16 19.89
N LEU G 97 -46.22 -19.73 20.36
CA LEU G 97 -47.36 -19.45 19.49
C LEU G 97 -47.40 -18.01 19.01
N SER G 98 -46.35 -17.26 19.38
CA SER G 98 -46.09 -15.82 19.10
C SER G 98 -47.03 -14.93 19.91
N ALA G 99 -48.21 -15.46 20.24
CA ALA G 99 -49.31 -14.70 20.82
C ALA G 99 -48.92 -14.29 22.22
N LEU G 100 -49.15 -13.01 22.54
CA LEU G 100 -48.88 -12.54 23.89
C LEU G 100 -49.74 -13.27 24.91
N TYR G 101 -50.99 -13.54 24.56
CA TYR G 101 -52.01 -13.97 25.51
C TYR G 101 -52.58 -15.31 25.08
N VAL G 102 -52.65 -16.25 26.01
CA VAL G 102 -53.34 -17.52 25.80
C VAL G 102 -54.24 -17.79 27.00
N PHE G 103 -55.51 -18.06 26.73
CA PHE G 103 -56.52 -18.22 27.77
C PHE G 103 -56.94 -19.67 27.90
N GLY G 104 -57.34 -20.04 29.12
CA GLY G 104 -57.70 -21.42 29.39
C GLY G 104 -59.07 -21.80 28.86
N THR G 105 -59.33 -23.11 28.89
CA THR G 105 -60.64 -23.61 28.47
C THR G 105 -61.73 -23.18 29.44
N GLY G 106 -61.41 -23.03 30.70
CA GLY G 106 -62.36 -22.56 31.69
C GLY G 106 -62.72 -23.64 32.69
N THR G 107 -63.18 -23.21 33.86
CA THR G 107 -63.58 -24.10 34.95
C THR G 107 -64.84 -23.54 35.59
N LYS G 108 -65.99 -24.14 35.27
CA LYS G 108 -67.24 -23.77 35.92
C LYS G 108 -67.26 -24.33 37.32
N VAL G 109 -67.53 -23.48 38.31
CA VAL G 109 -67.53 -23.86 39.72
C VAL G 109 -68.94 -23.68 40.27
N THR G 110 -69.47 -24.73 40.88
CA THR G 110 -70.79 -24.72 41.46
C THR G 110 -70.72 -25.10 42.94
N VAL G 111 -71.64 -24.55 43.72
CA VAL G 111 -71.69 -24.78 45.16
C VAL G 111 -72.74 -25.86 45.44
N LEU G 112 -72.34 -26.92 46.13
CA LEU G 112 -73.26 -27.99 46.47
C LEU G 112 -73.92 -27.74 47.83
#